data_6BCQ
#
_entry.id   6BCQ
#
_cell.length_a   1.000
_cell.length_b   1.000
_cell.length_c   1.000
_cell.angle_alpha   90.00
_cell.angle_beta   90.00
_cell.angle_gamma   90.00
#
_symmetry.space_group_name_H-M   'P 1'
#
loop_
_entity.id
_entity.type
_entity.pdbx_description
1 polymer 'Transient receptor potential cation channel subfamily M member 4'
2 non-polymer "ADENOSINE-5'-TRIPHOSPHATE"
#
_entity_poly.entity_id   1
_entity_poly.type   'polypeptide(L)'
_entity_poly.pdbx_seq_one_letter_code
;MVGPEKEQSWIPKIFRKKVCTTFIVDLSDDAGGTLCQCGQPRDAHPSVAVEDAFGAAVVTEWNSDEHTTEKPTDAYGDLD
FTYSGRKHSNFLRLSDRTDPATVYSLVTRSWGFRAPNLVVSVLGGSGGPVLQTWLQDLLRRGLVRAAQSTGAWIVTGGLH
TGIGRHVGVAVRDHQTASTGSSKVVAMGVAPWGVVRNRDMLINPKGSFPARYRWRGDPEDGVEFPLDYNYSAFFLVDDGT
YGRLGGENRFRLRFESYVAQQKTGVGGTGIDIPVLLLLIDGDEKMLKRIEDATQAQLPCLLVAGSGGAADCLVETLEDTL
APGSGGLRRGEARDRIRRYFPKGDPEVLQAQVERIMTRKELLTVYSSEDGSEEFETIVLRALVKACGSSEASAYLDELRL
AVAWNRVDIAQSELFRGDIQWRSFHLEASLMDALLNDRPEFVRLLISHGLSLGHFLTPVRLAQLYSAVSPNSLIRNLLDQ
ASHASSSKSPPVNGTVELRPPNVGQVLRTLLGETCAPRYPARNTRDSYLGQDHRENDSLLMDWANKQPSTDASFEQAPWS
DLLIWALLLNRAQMAIYFWEKGSNSVASALGACLLLRVMARLESEAEEAARRKDLAATFESMSVDLFGECYHNSEERAAR
LLLRRCPLWGEATCLQLAMQADARAFFAQDGVQSLLTQKWWGEMDSTTPIWALLLAFFCPPLIYTNLIVFRKSEEEPTQK
DLDFDMDSSINGAGPPGTVEPSAKVALERRQRRRPGRALCCGKFSKRWSDFWGAPVTAFLGNVVSYLLFLLLFAHVLLVD
FQPTKPSVSELLLYFWAFTLLCEELRQGLGGGWGSLASGGRGPDRAPLRHRLHLYLSDTWNQCDLLALTCFLLGVGCRLT
PGLFDLGRTVLCLDFMIFTLRLLHIFTVNKQLGPKIVIVSKMMKDVFFFLFFLCVWLVAYGVATEGILRPQDRSLPSILR
RVFYRPYLQIFGQIPQEEMDVALMIPGNCSMERGSWAHPEGPVAGSCVSQYANWLVVLLLIVFLLVANILLLNLLIAMFS
YTFSKVHGNSDLYWKAQRYSLIREFHSRPALAPPLIIISHVRLLIKWLRRCRRCRRANLPASPVFEHFRVCLSKEAERKL
LTWESVHKENFLLAQARDKRDSDSERLKRTSQKVDTALKQLGQIREYDRRLRGLEREVQHCSRVLTWMAEALSHSALLPP
GAPPPPSPTGSKDRNSKAYVDELTSRGRLEVLFQGPDYKDDDDKHHHHHHHHHH
;
_entity_poly.pdbx_strand_id   B,A,C,D
#
# COMPACT_ATOMS: atom_id res chain seq x y z
N PRO A 12 39.75 -35.53 27.12
CA PRO A 12 38.92 -34.32 26.93
C PRO A 12 38.22 -33.96 28.23
N LYS A 13 37.21 -34.76 28.57
CA LYS A 13 36.57 -34.64 29.87
C LYS A 13 37.36 -35.37 30.96
N ILE A 14 38.11 -36.41 30.59
CA ILE A 14 39.05 -37.03 31.49
C ILE A 14 40.25 -36.12 31.70
N PHE A 15 40.61 -35.36 30.66
CA PHE A 15 41.73 -34.42 30.66
C PHE A 15 41.59 -33.37 31.75
N ARG A 16 40.36 -32.98 32.08
CA ARG A 16 40.11 -31.99 33.12
C ARG A 16 40.51 -32.51 34.49
N LYS A 17 40.39 -33.83 34.71
CA LYS A 17 40.90 -34.45 35.92
C LYS A 17 42.40 -34.65 35.88
N LYS A 18 42.94 -35.03 34.72
CA LYS A 18 44.35 -35.36 34.64
C LYS A 18 45.25 -34.14 34.77
N VAL A 19 44.76 -32.96 34.40
CA VAL A 19 45.54 -31.75 34.61
C VAL A 19 45.35 -31.27 36.04
N CYS A 20 44.11 -31.04 36.43
CA CYS A 20 43.81 -30.43 37.72
C CYS A 20 44.04 -31.42 38.85
N THR A 21 45.05 -31.13 39.65
CA THR A 21 45.32 -31.88 40.86
C THR A 21 45.06 -30.98 42.06
N THR A 22 44.36 -31.55 43.04
CA THR A 22 43.89 -30.82 44.21
C THR A 22 44.51 -31.39 45.47
N PHE A 23 44.80 -30.53 46.43
CA PHE A 23 45.54 -30.92 47.62
C PHE A 23 44.65 -30.87 48.86
N ILE A 24 44.85 -31.86 49.74
CA ILE A 24 44.06 -31.99 50.95
C ILE A 24 44.92 -31.63 52.16
N THR A 68 50.91 -31.01 51.86
CA THR A 68 49.51 -31.33 51.60
C THR A 68 49.37 -32.42 50.55
N THR A 69 48.53 -33.40 50.85
CA THR A 69 48.35 -34.58 50.01
C THR A 69 47.62 -34.19 48.73
N GLU A 70 48.34 -34.11 47.62
CA GLU A 70 47.78 -33.67 46.35
C GLU A 70 47.29 -34.85 45.54
N LYS A 71 46.14 -34.68 44.89
CA LYS A 71 45.46 -35.73 44.14
C LYS A 71 44.72 -35.09 42.96
N PRO A 72 44.72 -35.73 41.79
CA PRO A 72 43.88 -35.27 40.68
C PRO A 72 42.40 -35.26 41.07
N THR A 73 41.68 -34.31 40.50
CA THR A 73 40.33 -34.01 40.97
C THR A 73 39.32 -34.97 40.37
N ASP A 74 38.05 -34.70 40.69
CA ASP A 74 36.92 -35.42 40.13
C ASP A 74 35.79 -34.49 39.70
N ALA A 75 35.77 -33.25 40.19
CA ALA A 75 34.61 -32.37 40.08
C ALA A 75 34.80 -31.44 38.90
N TYR A 76 34.45 -31.93 37.72
CA TYR A 76 34.28 -31.11 36.52
C TYR A 76 32.83 -31.28 36.10
N GLY A 77 32.12 -30.17 35.98
CA GLY A 77 30.67 -30.21 36.01
C GLY A 77 29.99 -29.57 34.83
N ASP A 78 28.97 -30.25 34.32
CA ASP A 78 27.94 -29.61 33.51
C ASP A 78 26.80 -29.21 34.44
N LEU A 79 27.12 -28.22 35.28
CA LEU A 79 26.27 -27.88 36.41
C LEU A 79 25.07 -27.07 35.96
N ASP A 80 23.93 -27.31 36.61
CA ASP A 80 22.73 -26.51 36.42
C ASP A 80 21.87 -26.60 37.67
N PHE A 81 20.77 -25.85 37.66
CA PHE A 81 19.99 -25.60 38.86
C PHE A 81 18.61 -26.22 38.75
N THR A 82 18.21 -26.78 39.82
CA THR A 82 16.95 -27.51 39.91
C THR A 82 15.76 -26.56 39.89
N TYR A 83 14.74 -26.92 39.11
CA TYR A 83 13.42 -26.29 39.11
C TYR A 83 13.48 -24.82 38.72
N SER A 84 14.44 -24.52 37.83
CA SER A 84 14.71 -23.18 37.31
C SER A 84 15.06 -23.22 35.82
N GLY A 85 14.97 -22.06 35.15
CA GLY A 85 15.23 -21.95 33.72
C GLY A 85 16.62 -21.61 33.21
N ARG A 86 17.60 -21.45 34.10
CA ARG A 86 18.96 -21.10 33.68
C ARG A 86 19.62 -22.17 32.80
N LYS A 87 20.40 -21.72 31.83
CA LYS A 87 21.11 -22.63 30.93
C LYS A 87 22.16 -23.34 31.75
N HIS A 88 22.58 -24.53 31.31
CA HIS A 88 23.57 -25.28 32.06
C HIS A 88 24.84 -24.45 32.19
N SER A 89 25.48 -24.44 33.41
CA SER A 89 26.67 -23.67 33.67
C SER A 89 27.88 -24.59 33.69
N ASN A 90 28.89 -24.23 32.91
CA ASN A 90 30.12 -24.99 32.91
C ASN A 90 30.87 -24.79 34.22
N PHE A 91 31.59 -25.81 34.65
CA PHE A 91 31.99 -25.87 36.04
C PHE A 91 33.24 -26.72 36.22
N LEU A 92 34.12 -26.28 37.13
CA LEU A 92 35.33 -27.02 37.48
C LEU A 92 35.77 -26.62 38.88
N ARG A 93 36.07 -27.62 39.70
CA ARG A 93 36.75 -27.43 40.98
C ARG A 93 38.25 -27.38 40.71
N LEU A 94 38.92 -26.41 41.31
CA LEU A 94 40.32 -26.16 41.00
C LEU A 94 41.10 -25.89 42.28
N SER A 95 42.34 -26.36 42.30
CA SER A 95 43.19 -26.11 43.44
C SER A 95 43.87 -24.75 43.32
N ASP A 96 44.30 -24.22 44.45
CA ASP A 96 45.09 -23.00 44.50
C ASP A 96 46.51 -23.32 44.04
N ARG A 97 47.28 -22.25 43.80
CA ARG A 97 48.69 -22.31 43.37
C ARG A 97 48.83 -23.02 42.03
N THR A 98 47.82 -22.88 41.17
CA THR A 98 47.86 -23.53 39.87
C THR A 98 48.19 -22.52 38.78
N ASP A 99 48.36 -23.03 37.57
CA ASP A 99 48.78 -22.21 36.45
C ASP A 99 47.58 -21.71 35.66
N PRO A 100 47.42 -20.39 35.48
CA PRO A 100 46.24 -19.87 34.79
C PRO A 100 46.27 -20.07 33.29
N ALA A 101 47.37 -20.58 32.73
CA ALA A 101 47.45 -20.80 31.28
C ALA A 101 46.48 -21.88 30.84
N THR A 102 46.55 -23.04 31.49
CA THR A 102 45.63 -24.13 31.17
C THR A 102 44.21 -23.83 31.60
N VAL A 103 44.00 -22.93 32.55
CA VAL A 103 42.66 -22.55 32.96
C VAL A 103 42.01 -21.68 31.90
N TYR A 104 42.78 -20.76 31.33
CA TYR A 104 42.27 -19.94 30.24
C TYR A 104 42.04 -20.78 28.99
N SER A 105 42.88 -21.79 28.75
CA SER A 105 42.65 -22.68 27.62
C SER A 105 41.42 -23.54 27.84
N LEU A 106 41.09 -23.86 29.10
CA LEU A 106 39.83 -24.50 29.40
C LEU A 106 38.66 -23.63 28.99
N VAL A 107 38.73 -22.33 29.30
CA VAL A 107 37.61 -21.42 29.08
C VAL A 107 37.40 -21.18 27.58
N THR A 108 38.48 -20.92 26.85
CA THR A 108 38.31 -20.57 25.45
C THR A 108 38.36 -21.75 24.49
N ARG A 109 38.70 -22.95 24.96
CA ARG A 109 38.61 -24.11 24.08
C ARG A 109 37.64 -25.18 24.54
N SER A 110 37.77 -25.66 25.78
CA SER A 110 37.01 -26.84 26.22
C SER A 110 35.56 -26.47 26.53
N TRP A 111 35.36 -25.40 27.28
CA TRP A 111 34.02 -24.83 27.40
C TRP A 111 33.66 -24.04 26.15
N GLY A 112 34.49 -23.05 25.83
CA GLY A 112 34.41 -22.27 24.62
C GLY A 112 33.73 -20.95 24.87
N PHE A 113 34.52 -19.94 25.18
CA PHE A 113 34.06 -18.56 25.38
C PHE A 113 34.92 -17.67 24.50
N ARG A 114 34.38 -16.52 24.12
CA ARG A 114 35.19 -15.61 23.34
C ARG A 114 36.07 -14.76 24.26
N ALA A 115 37.06 -14.12 23.66
CA ALA A 115 38.05 -13.38 24.43
C ALA A 115 37.44 -12.07 24.96
N PRO A 116 37.85 -11.65 26.15
CA PRO A 116 37.33 -10.38 26.68
C PRO A 116 37.88 -9.18 25.94
N ASN A 117 37.03 -8.20 25.74
CA ASN A 117 37.48 -6.88 25.33
C ASN A 117 37.72 -5.97 26.51
N LEU A 118 37.32 -6.40 27.71
CA LEU A 118 37.43 -5.65 28.95
C LEU A 118 37.15 -6.62 30.10
N VAL A 119 37.88 -6.46 31.20
CA VAL A 119 37.66 -7.27 32.40
C VAL A 119 37.52 -6.32 33.58
N VAL A 120 36.36 -6.35 34.22
CA VAL A 120 36.10 -5.57 35.42
C VAL A 120 35.80 -6.54 36.55
N SER A 121 36.57 -6.43 37.63
CA SER A 121 36.42 -7.30 38.80
C SER A 121 35.95 -6.47 39.98
N VAL A 122 34.79 -6.82 40.54
CA VAL A 122 34.09 -6.00 41.51
C VAL A 122 34.38 -6.52 42.91
N LEU A 123 34.69 -5.61 43.82
CA LEU A 123 34.98 -5.92 45.22
C LEU A 123 34.07 -5.10 46.13
N GLY A 124 34.00 -5.50 47.40
CA GLY A 124 33.22 -4.80 48.40
C GLY A 124 32.52 -5.77 49.34
N GLY A 125 31.47 -5.28 50.01
CA GLY A 125 30.65 -6.12 50.86
C GLY A 125 30.50 -5.68 52.30
N SER A 126 30.62 -4.37 52.56
CA SER A 126 30.47 -3.88 53.93
C SER A 126 29.00 -3.82 54.33
N GLY A 127 28.18 -3.10 53.55
CA GLY A 127 26.75 -3.08 53.78
C GLY A 127 26.13 -4.39 53.38
N GLY A 128 25.67 -5.17 54.37
CA GLY A 128 25.41 -6.58 54.17
C GLY A 128 24.23 -6.93 53.29
N PRO A 129 22.99 -6.78 53.80
CA PRO A 129 21.85 -7.37 53.10
C PRO A 129 21.34 -6.58 51.90
N VAL A 130 21.25 -5.25 52.02
CA VAL A 130 20.60 -4.42 51.01
C VAL A 130 21.50 -3.24 50.69
N LEU A 131 21.79 -3.05 49.41
CA LEU A 131 22.58 -1.93 48.93
C LEU A 131 21.65 -0.78 48.57
N GLN A 132 22.19 0.42 48.58
CA GLN A 132 21.44 1.60 48.19
C GLN A 132 21.08 1.54 46.71
N THR A 133 19.87 2.01 46.37
CA THR A 133 19.37 1.95 45.00
C THR A 133 20.12 2.84 44.04
N TRP A 134 20.80 3.87 44.54
CA TRP A 134 21.69 4.68 43.70
C TRP A 134 22.85 3.85 43.18
N LEU A 135 23.44 3.03 44.04
CA LEU A 135 24.46 2.10 43.59
C LEU A 135 23.90 0.93 42.82
N GLN A 136 22.65 0.54 43.07
CA GLN A 136 22.01 -0.49 42.26
C GLN A 136 21.76 0.00 40.84
N ASP A 137 21.41 1.28 40.69
CA ASP A 137 21.31 1.87 39.36
C ASP A 137 22.69 1.95 38.71
N LEU A 138 23.73 2.17 39.53
CA LEU A 138 25.09 2.19 39.01
C LEU A 138 25.53 0.82 38.51
N LEU A 139 25.15 -0.25 39.21
CA LEU A 139 25.50 -1.58 38.73
C LEU A 139 24.67 -1.98 37.52
N ARG A 140 23.36 -1.81 37.59
CA ARG A 140 22.47 -2.25 36.52
C ARG A 140 22.65 -1.47 35.23
N ARG A 141 22.70 -0.14 35.31
CA ARG A 141 22.77 0.68 34.12
C ARG A 141 24.13 1.34 33.92
N GLY A 142 25.12 1.03 34.76
CA GLY A 142 26.46 1.43 34.40
C GLY A 142 27.32 0.28 33.90
N LEU A 143 27.32 -0.82 34.65
CA LEU A 143 28.30 -1.88 34.46
C LEU A 143 27.78 -3.03 33.62
N VAL A 144 26.51 -3.41 33.78
CA VAL A 144 26.00 -4.58 33.10
C VAL A 144 25.72 -4.27 31.63
N ARG A 145 25.23 -3.07 31.33
CA ARG A 145 25.04 -2.71 29.94
C ARG A 145 26.35 -2.32 29.27
N ALA A 146 27.36 -1.96 30.05
CA ALA A 146 28.69 -1.81 29.47
C ALA A 146 29.28 -3.16 29.10
N ALA A 147 29.12 -4.16 29.97
CA ALA A 147 29.58 -5.51 29.64
C ALA A 147 28.70 -6.14 28.57
N GLN A 148 27.47 -5.68 28.42
CA GLN A 148 26.64 -6.14 27.31
C GLN A 148 27.14 -5.54 26.00
N SER A 149 27.55 -4.27 26.02
CA SER A 149 27.90 -3.59 24.79
C SER A 149 29.29 -3.99 24.29
N THR A 150 30.31 -3.85 25.15
CA THR A 150 31.68 -4.11 24.71
C THR A 150 31.94 -5.58 24.51
N GLY A 151 31.38 -6.42 25.36
CA GLY A 151 31.69 -7.83 25.36
C GLY A 151 32.80 -8.02 26.37
N ALA A 152 32.47 -8.49 27.56
CA ALA A 152 33.37 -8.31 28.67
C ALA A 152 33.08 -9.37 29.73
N TRP A 153 33.94 -9.41 30.74
CA TRP A 153 33.78 -10.33 31.86
C TRP A 153 33.59 -9.54 33.14
N ILE A 154 32.80 -10.11 34.05
CA ILE A 154 32.61 -9.56 35.38
C ILE A 154 33.03 -10.63 36.37
N VAL A 155 34.09 -10.36 37.13
CA VAL A 155 34.62 -11.30 38.10
C VAL A 155 34.15 -10.82 39.48
N THR A 156 33.32 -11.62 40.13
CA THR A 156 32.80 -11.31 41.45
C THR A 156 32.75 -12.63 42.21
N GLY A 157 32.49 -12.57 43.51
CA GLY A 157 32.19 -13.77 44.25
C GLY A 157 30.93 -14.44 43.74
N GLY A 158 30.98 -15.74 43.50
CA GLY A 158 29.87 -16.45 42.91
C GLY A 158 28.86 -16.99 43.91
N LEU A 159 28.73 -16.30 45.04
CA LEU A 159 27.83 -16.72 46.10
C LEU A 159 26.56 -15.89 46.08
N HIS A 160 25.67 -16.18 47.02
CA HIS A 160 24.43 -15.42 47.15
C HIS A 160 24.62 -14.36 48.24
N THR A 161 25.84 -14.27 48.76
CA THR A 161 26.16 -13.35 49.84
C THR A 161 27.08 -12.25 49.35
N GLY A 162 26.98 -11.10 50.00
CA GLY A 162 27.88 -9.99 49.70
C GLY A 162 27.52 -9.24 48.43
N ILE A 163 28.47 -9.14 47.51
CA ILE A 163 28.28 -8.31 46.33
C ILE A 163 27.62 -9.09 45.22
N GLY A 164 27.90 -10.40 45.13
CA GLY A 164 27.37 -11.22 44.06
C GLY A 164 25.87 -11.36 44.07
N ARG A 165 25.25 -11.17 45.24
CA ARG A 165 23.80 -11.06 45.30
C ARG A 165 23.30 -9.87 44.51
N HIS A 166 23.87 -8.68 44.77
CA HIS A 166 23.42 -7.47 44.08
C HIS A 166 23.84 -7.48 42.63
N VAL A 167 24.96 -8.14 42.31
CA VAL A 167 25.38 -8.28 40.92
C VAL A 167 24.40 -9.16 40.15
N GLY A 168 24.04 -10.31 40.70
CA GLY A 168 23.10 -11.19 40.03
C GLY A 168 21.71 -10.61 39.90
N VAL A 169 21.31 -9.78 40.87
CA VAL A 169 20.08 -9.01 40.71
C VAL A 169 20.21 -8.02 39.56
N ALA A 170 21.40 -7.43 39.39
CA ALA A 170 21.58 -6.46 38.32
C ALA A 170 21.61 -7.11 36.95
N VAL A 171 22.22 -8.29 36.83
CA VAL A 171 22.31 -8.96 35.54
C VAL A 171 20.94 -9.49 35.13
N ARG A 172 20.19 -10.04 36.09
CA ARG A 172 18.85 -10.55 35.77
C ARG A 172 17.89 -9.42 35.45
N ASP A 173 17.99 -8.30 36.15
CA ASP A 173 17.14 -7.15 35.87
C ASP A 173 17.47 -6.55 34.52
N HIS A 174 18.74 -6.57 34.11
CA HIS A 174 19.06 -6.02 32.81
C HIS A 174 18.63 -6.94 31.68
N GLN A 175 18.65 -8.25 31.90
CA GLN A 175 18.14 -9.17 30.88
C GLN A 175 16.64 -9.07 30.74
N THR A 176 15.95 -8.51 31.73
CA THR A 176 14.53 -8.23 31.57
C THR A 176 14.30 -7.16 30.51
N ALA A 177 14.90 -5.98 30.70
CA ALA A 177 14.56 -4.79 29.93
C ALA A 177 15.54 -4.49 28.80
N SER A 178 16.08 -5.52 28.15
CA SER A 178 16.99 -5.31 27.03
C SER A 178 16.96 -6.53 26.12
N THR A 179 16.83 -6.29 24.82
CA THR A 179 16.80 -7.34 23.81
C THR A 179 17.97 -7.15 22.87
N GLY A 180 19.13 -7.66 23.25
CA GLY A 180 20.32 -7.56 22.43
C GLY A 180 20.78 -8.91 21.91
N SER A 181 20.02 -9.95 22.27
CA SER A 181 20.21 -11.34 21.83
C SER A 181 21.57 -11.91 22.23
N SER A 182 22.12 -11.43 23.33
CA SER A 182 23.40 -11.96 23.81
C SER A 182 23.48 -11.74 25.31
N LYS A 183 23.87 -12.80 26.02
CA LYS A 183 23.97 -12.79 27.47
C LYS A 183 25.17 -11.97 27.93
N VAL A 184 25.25 -11.77 29.25
CA VAL A 184 26.36 -11.04 29.87
C VAL A 184 27.21 -12.06 30.61
N VAL A 185 28.46 -12.18 30.18
CA VAL A 185 29.33 -13.25 30.68
C VAL A 185 29.78 -12.87 32.08
N ALA A 186 29.12 -13.42 33.09
CA ALA A 186 29.47 -13.19 34.47
C ALA A 186 30.18 -14.43 35.00
N MET A 187 31.40 -14.26 35.49
CA MET A 187 32.20 -15.37 35.99
C MET A 187 32.44 -15.21 37.48
N GLY A 188 32.21 -16.29 38.22
CA GLY A 188 32.28 -16.22 39.66
C GLY A 188 33.26 -17.18 40.27
N VAL A 189 34.06 -16.69 41.21
CA VAL A 189 35.01 -17.51 41.95
C VAL A 189 34.56 -17.58 43.40
N ALA A 190 34.86 -18.69 44.06
CA ALA A 190 34.45 -18.93 45.44
C ALA A 190 35.32 -20.04 46.02
N PRO A 191 35.64 -19.99 47.32
CA PRO A 191 36.45 -21.06 47.89
C PRO A 191 35.63 -22.31 48.14
N TRP A 192 36.30 -23.46 48.02
CA TRP A 192 35.65 -24.76 48.11
C TRP A 192 35.08 -25.05 49.50
N GLY A 193 35.66 -24.46 50.55
CA GLY A 193 35.23 -24.81 51.90
C GLY A 193 33.91 -24.23 52.34
N VAL A 194 33.55 -23.05 51.84
CA VAL A 194 32.35 -22.32 52.28
C VAL A 194 31.12 -22.75 51.48
N VAL A 195 31.30 -23.64 50.51
CA VAL A 195 30.22 -24.10 49.64
C VAL A 195 29.17 -24.89 50.44
N ARG A 196 27.90 -24.55 50.23
CA ARG A 196 26.81 -25.22 50.94
C ARG A 196 26.71 -26.70 50.55
N ASN A 197 26.58 -26.98 49.27
CA ASN A 197 26.14 -28.29 48.82
C ASN A 197 27.17 -28.88 47.87
N ARG A 198 28.44 -28.83 48.27
CA ARG A 198 29.53 -29.40 47.47
C ARG A 198 29.50 -30.92 47.42
N ASP A 199 28.70 -31.56 48.27
CA ASP A 199 28.62 -33.01 48.34
C ASP A 199 28.00 -33.63 47.11
N MET A 200 27.25 -32.85 46.34
CA MET A 200 26.57 -33.36 45.16
C MET A 200 27.42 -33.19 43.90
N LEU A 201 28.72 -32.93 44.07
CA LEU A 201 29.66 -32.62 42.99
C LEU A 201 30.81 -33.62 42.92
N ILE A 202 30.55 -34.92 42.96
CA ILE A 202 31.61 -35.90 43.17
C ILE A 202 31.95 -36.69 41.91
N ASN A 203 30.94 -37.17 41.17
CA ASN A 203 31.04 -38.19 40.12
C ASN A 203 32.00 -37.83 38.99
N PRO A 204 33.01 -38.66 38.73
CA PRO A 204 33.99 -38.33 37.68
C PRO A 204 33.55 -38.71 36.27
N LYS A 205 32.25 -38.93 36.05
CA LYS A 205 31.77 -39.46 34.77
C LYS A 205 32.01 -38.49 33.61
N GLY A 206 31.34 -37.34 33.63
CA GLY A 206 31.52 -36.40 32.54
C GLY A 206 30.24 -35.86 31.94
N SER A 207 30.14 -34.52 31.91
CA SER A 207 29.01 -33.78 31.35
C SER A 207 27.69 -34.16 32.02
N PHE A 208 27.76 -34.48 33.29
CA PHE A 208 26.61 -34.95 34.05
C PHE A 208 25.80 -33.76 34.57
N PRO A 209 24.49 -33.80 34.48
CA PRO A 209 23.70 -32.76 35.15
C PRO A 209 23.60 -33.04 36.65
N ALA A 210 24.39 -32.34 37.44
CA ALA A 210 24.31 -32.49 38.89
C ALA A 210 23.18 -31.63 39.40
N ARG A 211 22.13 -32.27 39.90
CA ARG A 211 20.89 -31.57 40.26
C ARG A 211 21.10 -30.77 41.54
N TYR A 212 21.80 -29.64 41.38
CA TYR A 212 22.29 -28.83 42.50
C TYR A 212 21.11 -28.15 43.20
N ARG A 213 20.90 -28.49 44.47
CA ARG A 213 19.77 -27.98 45.24
C ARG A 213 20.14 -26.63 45.83
N TRP A 214 19.67 -25.57 45.18
CA TRP A 214 19.66 -24.25 45.77
C TRP A 214 18.38 -24.06 46.57
N ARG A 215 18.31 -22.95 47.31
CA ARG A 215 17.15 -22.45 48.06
C ARG A 215 16.83 -23.29 49.30
N GLY A 216 17.52 -24.42 49.49
CA GLY A 216 17.25 -25.29 50.61
C GLY A 216 18.25 -25.13 51.75
N ASP A 217 17.85 -25.66 52.91
CA ASP A 217 18.60 -25.68 54.18
C ASP A 217 19.07 -24.30 54.62
N PRO A 218 18.16 -23.43 55.10
CA PRO A 218 18.58 -22.08 55.48
C PRO A 218 19.36 -22.03 56.79
N GLU A 219 20.67 -21.84 56.69
CA GLU A 219 21.54 -21.66 57.84
C GLU A 219 22.51 -20.52 57.54
N ASP A 220 22.80 -19.71 58.55
CA ASP A 220 23.52 -18.46 58.36
C ASP A 220 24.93 -18.54 58.93
N GLY A 221 25.86 -17.87 58.26
CA GLY A 221 27.20 -17.62 58.75
C GLY A 221 28.25 -18.57 58.19
N VAL A 222 27.91 -19.84 58.00
CA VAL A 222 28.93 -20.86 57.79
C VAL A 222 29.02 -21.24 56.32
N GLU A 223 27.95 -21.81 55.76
CA GLU A 223 27.94 -22.29 54.39
C GLU A 223 26.97 -21.47 53.55
N PHE A 224 27.41 -21.12 52.35
CA PHE A 224 26.69 -20.24 51.45
C PHE A 224 26.40 -20.97 50.14
N PRO A 225 25.23 -20.76 49.55
CA PRO A 225 24.92 -21.37 48.25
C PRO A 225 25.54 -20.57 47.11
N LEU A 226 25.21 -20.99 45.89
CA LEU A 226 25.69 -20.32 44.69
C LEU A 226 24.59 -19.49 44.06
N ASP A 227 24.99 -18.37 43.47
CA ASP A 227 24.07 -17.57 42.66
C ASP A 227 23.90 -18.24 41.31
N TYR A 228 22.65 -18.31 40.84
CA TYR A 228 22.37 -18.95 39.55
C TYR A 228 22.45 -17.97 38.39
N ASN A 229 23.10 -16.84 38.58
CA ASN A 229 23.26 -15.81 37.55
C ASN A 229 24.68 -15.74 37.02
N TYR A 230 25.38 -16.87 36.95
CA TYR A 230 26.75 -16.91 36.47
C TYR A 230 26.91 -18.01 35.43
N SER A 231 27.68 -17.71 34.39
CA SER A 231 27.84 -18.63 33.28
C SER A 231 29.01 -19.59 33.47
N ALA A 232 29.84 -19.36 34.48
CA ALA A 232 30.93 -20.26 34.81
C ALA A 232 31.24 -20.12 36.29
N PHE A 233 31.88 -21.13 36.86
CA PHE A 233 32.26 -21.13 38.26
C PHE A 233 33.65 -21.71 38.41
N PHE A 234 34.46 -21.07 39.25
CA PHE A 234 35.82 -21.50 39.57
C PHE A 234 35.91 -21.73 41.07
N LEU A 235 35.70 -22.95 41.52
CA LEU A 235 35.74 -23.23 42.95
C LEU A 235 37.18 -23.53 43.37
N VAL A 236 37.77 -22.57 44.08
CA VAL A 236 39.16 -22.64 44.52
C VAL A 236 39.26 -23.59 45.70
N ASP A 237 40.09 -24.61 45.58
CA ASP A 237 40.35 -25.55 46.65
C ASP A 237 41.52 -25.05 47.48
N ASP A 238 41.26 -24.84 48.77
CA ASP A 238 42.30 -24.45 49.71
C ASP A 238 42.66 -25.58 50.66
N GLY A 239 41.79 -26.57 50.84
CA GLY A 239 41.98 -27.59 51.84
C GLY A 239 41.63 -27.17 53.25
N THR A 240 41.12 -25.95 53.43
CA THR A 240 40.92 -25.40 54.77
C THR A 240 39.53 -25.72 55.32
N TYR A 241 38.51 -25.72 54.46
CA TYR A 241 37.15 -26.20 54.74
C TYR A 241 36.51 -25.45 55.92
N GLY A 242 36.28 -24.16 55.69
CA GLY A 242 35.51 -23.39 56.64
C GLY A 242 36.01 -21.98 56.88
N ARG A 243 37.27 -21.71 56.55
CA ARG A 243 37.81 -20.39 56.75
C ARG A 243 37.40 -19.45 55.61
N LEU A 244 37.95 -18.23 55.63
CA LEU A 244 37.53 -17.21 54.68
C LEU A 244 38.07 -17.46 53.29
N GLY A 245 39.33 -17.88 53.19
CA GLY A 245 39.90 -18.22 51.90
C GLY A 245 41.19 -17.51 51.55
N GLY A 246 42.17 -18.26 51.05
CA GLY A 246 43.41 -17.71 50.56
C GLY A 246 43.36 -17.54 49.05
N GLU A 247 42.22 -17.05 48.56
CA GLU A 247 41.89 -17.02 47.16
C GLU A 247 42.51 -15.83 46.44
N ASN A 248 42.96 -14.81 47.19
CA ASN A 248 43.48 -13.56 46.64
C ASN A 248 44.72 -13.77 45.77
N ARG A 249 45.48 -14.85 46.03
CA ARG A 249 46.69 -15.11 45.27
C ARG A 249 46.35 -15.55 43.85
N PHE A 250 45.55 -16.61 43.70
CA PHE A 250 45.17 -17.09 42.38
C PHE A 250 44.21 -16.12 41.67
N ARG A 251 43.46 -15.33 42.44
CA ARG A 251 42.66 -14.26 41.87
C ARG A 251 43.54 -13.24 41.16
N LEU A 252 44.65 -12.85 41.80
CA LEU A 252 45.55 -11.87 41.20
C LEU A 252 46.35 -12.50 40.05
N ARG A 253 46.71 -13.78 40.17
CA ARG A 253 47.44 -14.45 39.08
C ARG A 253 46.55 -14.61 37.86
N PHE A 254 45.25 -14.82 38.07
CA PHE A 254 44.34 -14.99 36.95
C PHE A 254 44.10 -13.67 36.23
N GLU A 255 43.91 -12.60 36.99
CA GLU A 255 43.62 -11.31 36.37
C GLU A 255 44.87 -10.70 35.76
N SER A 256 46.05 -11.01 36.29
CA SER A 256 47.28 -10.59 35.64
C SER A 256 47.50 -11.35 34.35
N TYR A 257 47.18 -12.65 34.34
CA TYR A 257 47.40 -13.45 33.14
C TYR A 257 46.44 -13.08 32.02
N VAL A 258 45.22 -12.66 32.35
CA VAL A 258 44.33 -12.13 31.33
C VAL A 258 44.83 -10.78 30.84
N ALA A 259 45.47 -10.01 31.73
CA ALA A 259 46.11 -8.77 31.30
C ALA A 259 47.34 -9.01 30.41
N GLN A 260 47.86 -10.24 30.35
CA GLN A 260 48.97 -10.53 29.44
C GLN A 260 48.50 -10.67 28.00
N GLN A 261 47.28 -11.14 27.78
CA GLN A 261 46.89 -11.65 26.48
C GLN A 261 46.33 -10.56 25.57
N LYS A 262 46.37 -10.83 24.28
CA LYS A 262 46.10 -9.86 23.22
C LYS A 262 44.69 -10.03 22.67
N THR A 263 44.08 -8.91 22.31
CA THR A 263 42.72 -8.88 21.78
C THR A 263 42.76 -9.23 20.31
N GLY A 264 41.86 -10.10 19.88
CA GLY A 264 41.71 -10.35 18.46
C GLY A 264 41.48 -11.82 18.19
N VAL A 265 41.66 -12.20 16.93
CA VAL A 265 41.47 -13.59 16.53
C VAL A 265 42.72 -14.40 16.84
N GLY A 266 43.83 -14.06 16.19
CA GLY A 266 45.10 -14.69 16.51
C GLY A 266 45.96 -13.76 17.35
N GLY A 267 45.32 -13.13 18.33
CA GLY A 267 45.97 -12.03 19.02
C GLY A 267 45.99 -10.82 18.10
N THR A 268 47.19 -10.28 17.88
CA THR A 268 47.45 -9.17 16.94
C THR A 268 46.60 -7.94 17.25
N GLY A 269 46.47 -7.63 18.53
CA GLY A 269 45.81 -6.42 18.95
C GLY A 269 46.43 -5.90 20.23
N ILE A 270 45.79 -4.93 20.87
CA ILE A 270 46.33 -4.43 22.13
C ILE A 270 45.91 -5.41 23.21
N ASP A 271 46.51 -5.31 24.38
CA ASP A 271 46.22 -6.25 25.45
C ASP A 271 44.88 -5.96 26.09
N ILE A 272 44.27 -7.00 26.64
CA ILE A 272 42.94 -6.95 27.23
C ILE A 272 42.99 -6.09 28.48
N PRO A 273 42.32 -4.93 28.51
CA PRO A 273 42.43 -4.05 29.67
C PRO A 273 41.66 -4.59 30.86
N VAL A 274 42.30 -4.54 32.02
CA VAL A 274 41.78 -5.10 33.26
C VAL A 274 41.57 -3.96 34.24
N LEU A 275 40.35 -3.83 34.74
CA LEU A 275 40.00 -2.79 35.69
C LEU A 275 39.44 -3.44 36.95
N LEU A 276 39.54 -2.75 38.08
CA LEU A 276 38.91 -3.17 39.32
C LEU A 276 37.86 -2.15 39.72
N LEU A 277 36.76 -2.62 40.27
CA LEU A 277 35.70 -1.76 40.78
C LEU A 277 35.55 -2.01 42.27
N LEU A 278 35.68 -0.96 43.07
CA LEU A 278 35.63 -1.08 44.51
C LEU A 278 34.32 -0.53 45.06
N ILE A 279 33.79 -1.24 46.04
CA ILE A 279 32.68 -0.80 46.87
C ILE A 279 33.30 -0.82 48.27
N ASP A 280 32.50 -0.58 49.32
CA ASP A 280 32.99 -0.03 50.59
C ASP A 280 33.98 -0.96 51.28
N GLY A 281 33.55 -2.17 51.63
CA GLY A 281 34.49 -3.21 52.03
C GLY A 281 35.06 -3.08 53.44
N ASP A 282 36.21 -3.73 53.62
CA ASP A 282 36.81 -3.96 54.93
C ASP A 282 38.31 -3.70 54.83
N GLU A 283 39.07 -4.11 55.85
CA GLU A 283 40.52 -3.93 55.84
C GLU A 283 41.19 -4.92 54.90
N LYS A 284 40.67 -6.15 54.82
CA LYS A 284 41.19 -7.13 53.87
C LYS A 284 40.92 -6.72 52.43
N MET A 285 39.91 -5.89 52.21
CA MET A 285 39.75 -5.27 50.90
C MET A 285 40.88 -4.31 50.59
N LEU A 286 41.34 -3.56 51.59
CA LEU A 286 42.48 -2.66 51.37
C LEU A 286 43.77 -3.42 51.13
N LYS A 287 43.95 -4.57 51.77
CA LYS A 287 45.09 -5.42 51.44
C LYS A 287 44.92 -6.04 50.06
N ARG A 288 43.68 -6.29 49.65
CA ARG A 288 43.41 -6.73 48.29
C ARG A 288 43.69 -5.63 47.28
N ILE A 289 43.48 -4.37 47.66
CA ILE A 289 43.82 -3.24 46.79
C ILE A 289 45.31 -3.19 46.51
N GLU A 290 46.13 -3.20 47.57
CA GLU A 290 47.56 -3.00 47.37
C GLU A 290 48.22 -4.22 46.75
N ASP A 291 47.72 -5.42 47.06
CA ASP A 291 48.17 -6.61 46.34
C ASP A 291 47.81 -6.54 44.86
N ALA A 292 46.70 -5.88 44.51
CA ALA A 292 46.33 -5.77 43.10
C ALA A 292 47.20 -4.74 42.38
N THR A 293 47.39 -3.56 42.98
CA THR A 293 48.09 -2.50 42.28
C THR A 293 49.60 -2.69 42.25
N GLN A 294 50.15 -3.65 43.02
CA GLN A 294 51.55 -4.01 42.83
C GLN A 294 51.80 -4.71 41.50
N ALA A 295 50.77 -5.31 40.89
CA ALA A 295 50.91 -6.01 39.64
C ALA A 295 50.39 -5.22 38.44
N GLN A 296 50.34 -3.89 38.55
CA GLN A 296 49.95 -2.98 37.47
C GLN A 296 48.55 -3.28 36.92
N LEU A 297 47.55 -3.10 37.78
CA LEU A 297 46.16 -3.22 37.39
C LEU A 297 45.41 -1.98 37.86
N PRO A 298 44.88 -1.16 36.96
CA PRO A 298 44.17 0.05 37.38
C PRO A 298 42.84 -0.27 38.05
N CYS A 299 42.25 0.75 38.64
CA CYS A 299 41.07 0.56 39.45
C CYS A 299 40.14 1.77 39.32
N LEU A 300 39.00 1.70 40.02
CA LEU A 300 38.03 2.78 40.01
C LEU A 300 37.24 2.71 41.31
N LEU A 301 36.77 3.87 41.76
CA LEU A 301 36.22 4.02 43.10
C LEU A 301 34.77 4.48 43.03
N VAL A 302 34.00 4.14 44.06
CA VAL A 302 32.67 4.70 44.24
C VAL A 302 32.74 5.70 45.39
N ALA A 303 31.63 6.40 45.61
CA ALA A 303 31.52 7.29 46.75
C ALA A 303 30.46 6.83 47.76
N GLY A 304 30.34 5.53 47.99
CA GLY A 304 29.37 5.08 48.96
C GLY A 304 29.76 5.40 50.39
N SER A 305 30.74 4.68 50.93
CA SER A 305 31.22 4.80 52.30
C SER A 305 32.50 4.01 52.40
N GLY A 306 32.99 3.83 53.64
CA GLY A 306 34.03 2.85 53.91
C GLY A 306 35.39 3.25 53.39
N GLY A 307 36.15 2.24 52.96
CA GLY A 307 37.49 2.49 52.44
C GLY A 307 37.49 3.20 51.10
N ALA A 308 36.39 3.11 50.36
CA ALA A 308 36.29 3.83 49.10
C ALA A 308 36.24 5.34 49.31
N ALA A 309 35.32 5.79 50.17
CA ALA A 309 35.26 7.20 50.51
C ALA A 309 36.46 7.64 51.34
N ASP A 310 37.07 6.72 52.07
CA ASP A 310 38.33 6.99 52.76
C ASP A 310 39.42 7.36 51.76
N CYS A 311 39.54 6.59 50.68
CA CYS A 311 40.56 6.88 49.67
C CYS A 311 40.18 8.10 48.83
N LEU A 312 38.88 8.43 48.75
CA LEU A 312 38.49 9.62 48.01
C LEU A 312 38.93 10.88 48.72
N VAL A 313 38.67 10.98 50.03
CA VAL A 313 39.11 12.14 50.78
C VAL A 313 40.64 12.10 50.95
N GLU A 314 41.24 10.90 50.88
CA GLU A 314 42.69 10.79 50.82
C GLU A 314 43.25 11.38 49.52
N THR A 315 42.50 11.32 48.42
CA THR A 315 42.94 11.95 47.20
C THR A 315 42.38 13.36 47.02
N LEU A 316 41.48 13.81 47.90
CA LEU A 316 41.04 15.20 47.85
C LEU A 316 41.95 16.12 48.67
N GLU A 317 42.99 15.57 49.28
CA GLU A 317 43.95 16.37 50.03
C GLU A 317 45.37 16.12 49.55
N GLU A 331 48.78 12.28 62.25
CA GLU A 331 48.05 13.54 62.18
C GLU A 331 46.56 13.30 61.92
N ALA A 332 45.93 14.24 61.23
CA ALA A 332 44.52 14.11 60.88
C ALA A 332 44.28 13.01 59.85
N ARG A 333 45.31 12.60 59.11
CA ARG A 333 45.19 11.45 58.23
C ARG A 333 45.14 10.14 59.02
N ASP A 334 45.95 10.05 60.07
CA ASP A 334 45.78 8.99 61.06
C ASP A 334 44.42 9.04 61.71
N ARG A 335 43.88 10.25 61.93
CA ARG A 335 42.56 10.39 62.52
C ARG A 335 41.45 9.92 61.58
N ILE A 336 41.58 10.19 60.28
CA ILE A 336 40.61 9.70 59.30
C ILE A 336 40.64 8.18 59.25
N ARG A 337 41.82 7.59 59.42
CA ARG A 337 41.93 6.14 59.59
C ARG A 337 41.21 5.65 60.85
N ARG A 338 41.14 6.47 61.90
CA ARG A 338 40.66 6.00 63.19
C ARG A 338 39.14 5.87 63.29
N TYR A 339 38.39 6.15 62.23
CA TYR A 339 36.95 5.96 62.37
C TYR A 339 36.26 5.25 61.20
N PHE A 340 36.95 4.92 60.11
CA PHE A 340 36.23 4.11 59.12
C PHE A 340 36.28 2.62 59.49
N PRO A 341 37.47 1.98 59.80
CA PRO A 341 37.38 0.59 60.29
C PRO A 341 37.27 0.49 61.80
N LYS A 342 37.72 1.54 62.49
CA LYS A 342 37.97 1.58 63.94
C LYS A 342 38.88 0.42 64.37
N GLY A 343 40.13 0.53 63.92
CA GLY A 343 41.16 -0.37 64.40
C GLY A 343 42.45 -0.35 63.59
N ASP A 344 43.58 -0.60 64.29
CA ASP A 344 44.92 -0.82 63.75
C ASP A 344 45.39 0.28 62.81
N PRO A 345 45.70 1.48 63.31
CA PRO A 345 45.88 2.63 62.41
C PRO A 345 47.18 2.65 61.60
N GLU A 346 48.31 2.23 62.19
CA GLU A 346 49.60 2.59 61.60
C GLU A 346 50.05 1.64 60.49
N VAL A 347 49.72 0.35 60.59
CA VAL A 347 50.01 -0.58 59.48
C VAL A 347 49.19 -0.20 58.26
N LEU A 348 47.93 0.16 58.49
CA LEU A 348 47.09 0.64 57.41
C LEU A 348 47.54 2.01 56.91
N GLN A 349 48.16 2.81 57.78
CA GLN A 349 48.78 4.06 57.34
C GLN A 349 49.96 3.77 56.42
N ALA A 350 50.67 2.66 56.64
CA ALA A 350 51.67 2.23 55.66
C ALA A 350 51.03 1.76 54.37
N GLN A 351 49.75 1.36 54.41
CA GLN A 351 49.08 1.01 53.16
C GLN A 351 48.54 2.25 52.44
N VAL A 352 48.26 3.32 53.19
CA VAL A 352 48.01 4.61 52.57
C VAL A 352 49.30 5.14 51.95
N GLU A 353 50.44 4.82 52.58
CA GLU A 353 51.74 5.13 51.99
C GLU A 353 51.90 4.41 50.66
N ARG A 354 51.48 3.15 50.58
CA ARG A 354 51.57 2.40 49.33
C ARG A 354 50.57 2.93 48.29
N ILE A 355 49.43 3.48 48.74
CA ILE A 355 48.52 4.19 47.86
C ILE A 355 49.23 5.36 47.19
N MET A 356 49.99 6.12 47.98
CA MET A 356 50.74 7.22 47.39
C MET A 356 52.01 6.78 46.67
N THR A 357 52.44 5.52 46.81
CA THR A 357 53.49 5.03 45.93
C THR A 357 52.99 4.87 44.50
N ARG A 358 51.74 4.44 44.33
CA ARG A 358 51.23 4.31 42.96
C ARG A 358 50.70 5.65 42.44
N LYS A 359 49.65 6.19 43.07
CA LYS A 359 49.17 7.57 42.95
C LYS A 359 48.53 7.89 41.59
N GLU A 360 48.66 7.00 40.61
CA GLU A 360 48.19 7.26 39.26
C GLU A 360 47.23 6.21 38.74
N LEU A 361 47.05 5.10 39.45
CA LEU A 361 46.08 4.08 39.08
C LEU A 361 44.77 4.24 39.83
N LEU A 362 44.41 5.45 40.24
CA LEU A 362 43.24 5.71 41.07
C LEU A 362 42.39 6.79 40.44
N THR A 363 41.11 6.48 40.22
CA THR A 363 40.18 7.39 39.56
C THR A 363 38.97 7.63 40.44
N VAL A 364 38.28 8.74 40.18
CA VAL A 364 37.13 9.16 40.96
C VAL A 364 35.91 9.21 40.05
N TYR A 365 34.87 8.45 40.41
CA TYR A 365 33.67 8.36 39.59
C TYR A 365 32.62 9.41 39.91
N SER A 366 32.52 9.83 41.17
CA SER A 366 31.31 10.52 41.63
C SER A 366 31.20 11.94 41.11
N SER A 367 32.28 12.50 40.54
CA SER A 367 32.24 13.85 40.02
C SER A 367 31.35 13.96 38.78
N GLU A 368 31.37 12.94 37.92
CA GLU A 368 30.55 12.92 36.71
C GLU A 368 29.84 11.58 36.65
N ASP A 369 28.52 11.61 36.67
CA ASP A 369 27.71 10.40 36.63
C ASP A 369 26.77 10.47 35.44
N GLY A 370 26.47 9.32 34.85
CA GLY A 370 25.64 9.28 33.67
C GLY A 370 25.45 7.86 33.20
N SER A 371 24.73 7.73 32.08
CA SER A 371 24.44 6.40 31.55
C SER A 371 25.63 5.82 30.80
N GLU A 372 26.00 6.43 29.69
CA GLU A 372 27.13 5.97 28.91
C GLU A 372 28.41 6.73 29.25
N GLU A 373 28.36 7.56 30.29
CA GLU A 373 29.56 8.22 30.81
C GLU A 373 30.53 7.21 31.41
N PHE A 374 30.02 6.05 31.84
CA PHE A 374 30.81 5.01 32.50
C PHE A 374 31.94 4.49 31.60
N GLU A 375 31.62 4.17 30.34
CA GLU A 375 32.62 3.64 29.43
C GLU A 375 33.69 4.67 29.10
N THR A 376 33.30 5.93 28.96
CA THR A 376 34.28 6.99 28.71
C THR A 376 35.17 7.22 29.91
N ILE A 377 34.64 7.00 31.13
CA ILE A 377 35.46 7.07 32.33
C ILE A 377 36.45 5.90 32.37
N VAL A 378 36.05 4.73 31.85
CA VAL A 378 36.96 3.59 31.79
C VAL A 378 38.11 3.86 30.83
N LEU A 379 37.80 4.48 29.69
CA LEU A 379 38.86 4.82 28.73
C LEU A 379 39.81 5.88 29.29
N ARG A 380 39.26 6.87 30.00
CA ARG A 380 40.13 7.87 30.62
C ARG A 380 40.90 7.28 31.79
N ALA A 381 40.40 6.21 32.39
CA ALA A 381 41.18 5.46 33.37
C ALA A 381 42.28 4.66 32.70
N LEU A 382 42.19 4.41 31.40
CA LEU A 382 43.30 3.82 30.68
C LEU A 382 44.22 4.87 30.09
N VAL A 383 43.74 6.09 29.90
CA VAL A 383 44.62 7.18 29.48
C VAL A 383 45.53 7.58 30.63
N LYS A 384 44.97 7.71 31.83
CA LYS A 384 45.76 8.12 32.98
C LYS A 384 46.71 7.01 33.42
N ALA A 385 46.33 5.75 33.22
CA ALA A 385 47.16 4.63 33.61
C ALA A 385 47.96 4.04 32.46
N CYS A 386 48.39 4.84 31.49
CA CYS A 386 49.24 4.31 30.43
C CYS A 386 50.70 4.29 30.86
N GLY A 387 51.14 5.31 31.59
CA GLY A 387 52.52 5.37 32.01
C GLY A 387 53.40 6.22 31.11
N SER A 388 54.07 5.58 30.15
CA SER A 388 55.15 6.26 29.43
C SER A 388 54.63 7.22 28.37
N SER A 389 53.97 6.70 27.33
CA SER A 389 53.74 7.47 26.12
C SER A 389 52.28 7.85 25.95
N GLU A 390 52.06 9.10 25.53
CA GLU A 390 50.71 9.53 25.18
C GLU A 390 50.33 9.07 23.77
N ALA A 391 51.32 8.98 22.88
CA ALA A 391 51.06 8.52 21.52
C ALA A 391 50.64 7.07 21.49
N SER A 392 51.25 6.24 22.33
CA SER A 392 50.77 4.86 22.47
C SER A 392 49.50 4.81 23.30
N ALA A 393 49.23 5.84 24.11
CA ALA A 393 47.98 5.87 24.87
C ALA A 393 46.79 6.14 23.94
N TYR A 394 46.93 7.10 23.03
CA TYR A 394 45.88 7.31 22.04
C TYR A 394 45.83 6.19 21.01
N LEU A 395 46.98 5.56 20.74
CA LEU A 395 46.97 4.36 19.92
C LEU A 395 46.19 3.24 20.59
N ASP A 396 46.35 3.09 21.91
CA ASP A 396 45.53 2.17 22.66
C ASP A 396 44.06 2.54 22.63
N GLU A 397 43.75 3.84 22.70
CA GLU A 397 42.36 4.24 22.80
C GLU A 397 41.64 4.07 21.46
N LEU A 398 42.34 4.31 20.35
CA LEU A 398 41.74 4.11 19.04
C LEU A 398 41.54 2.64 18.75
N ARG A 399 42.56 1.81 19.02
CA ARG A 399 42.44 0.38 18.74
C ARG A 399 41.48 -0.30 19.70
N LEU A 400 41.24 0.26 20.87
CA LEU A 400 40.27 -0.32 21.78
C LEU A 400 38.86 0.13 21.44
N ALA A 401 38.70 1.35 20.92
CA ALA A 401 37.40 1.76 20.42
C ALA A 401 36.98 0.95 19.21
N VAL A 402 37.94 0.55 18.38
CA VAL A 402 37.64 -0.40 17.31
C VAL A 402 37.33 -1.77 17.90
N ALA A 403 38.08 -2.19 18.92
CA ALA A 403 37.86 -3.51 19.51
C ALA A 403 36.52 -3.59 20.22
N TRP A 404 36.07 -2.51 20.84
CA TRP A 404 34.76 -2.52 21.49
C TRP A 404 33.61 -2.36 20.52
N ASN A 405 33.89 -2.05 19.25
CA ASN A 405 32.90 -1.86 18.19
C ASN A 405 31.91 -0.77 18.56
N ARG A 406 32.45 0.38 18.96
CA ARG A 406 31.63 1.53 19.35
C ARG A 406 32.16 2.78 18.65
N VAL A 407 31.56 3.12 17.51
CA VAL A 407 31.96 4.27 16.72
C VAL A 407 31.70 5.58 17.47
N ASP A 408 30.60 5.62 18.22
CA ASP A 408 30.10 6.86 18.80
C ASP A 408 31.01 7.44 19.87
N ILE A 409 31.97 6.65 20.36
CA ILE A 409 33.01 7.18 21.22
C ILE A 409 34.16 7.73 20.39
N ALA A 410 34.61 6.95 19.41
CA ALA A 410 35.84 7.28 18.69
C ALA A 410 35.66 8.47 17.78
N GLN A 411 34.52 8.56 17.10
CA GLN A 411 34.25 9.69 16.22
C GLN A 411 34.16 10.99 17.01
N SER A 412 33.54 10.93 18.17
CA SER A 412 33.15 12.12 18.90
C SER A 412 34.12 12.50 20.00
N GLU A 413 35.21 11.75 20.17
CA GLU A 413 36.21 12.11 21.15
C GLU A 413 37.64 12.08 20.64
N LEU A 414 37.90 11.41 19.51
CA LEU A 414 39.26 11.23 19.03
C LEU A 414 39.51 11.82 17.66
N PHE A 415 38.52 12.48 17.06
CA PHE A 415 38.70 13.13 15.77
C PHE A 415 38.08 14.50 15.79
N ARG A 416 38.11 15.16 16.95
CA ARG A 416 37.68 16.55 17.00
C ARG A 416 38.77 17.47 16.47
N GLY A 417 40.01 17.01 16.48
CA GLY A 417 41.09 17.79 15.90
C GLY A 417 42.13 18.21 16.91
N ASP A 418 41.94 17.80 18.16
CA ASP A 418 42.91 18.10 19.21
C ASP A 418 44.21 17.35 19.02
N ILE A 419 44.15 16.12 18.52
CA ILE A 419 45.31 15.28 18.35
C ILE A 419 45.64 15.26 16.86
N GLN A 420 46.87 15.64 16.51
CA GLN A 420 47.32 15.46 15.14
C GLN A 420 47.76 14.01 14.97
N TRP A 421 46.92 13.23 14.31
CA TRP A 421 47.17 11.82 14.12
C TRP A 421 48.15 11.60 12.97
N ARG A 422 49.13 10.74 13.19
CA ARG A 422 50.03 10.35 12.12
C ARG A 422 49.41 9.19 11.33
N SER A 423 50.14 8.71 10.34
CA SER A 423 49.58 7.75 9.39
C SER A 423 49.57 6.34 9.96
N PHE A 424 50.70 5.87 10.49
CA PHE A 424 50.78 4.49 10.96
C PHE A 424 49.97 4.26 12.22
N HIS A 425 49.64 5.32 12.96
CA HIS A 425 48.64 5.21 14.02
C HIS A 425 47.28 4.84 13.46
N LEU A 426 46.94 5.32 12.28
CA LEU A 426 45.68 4.93 11.66
C LEU A 426 45.78 3.57 10.99
N GLU A 427 46.93 3.25 10.39
CA GLU A 427 47.06 2.03 9.62
C GLU A 427 47.01 0.79 10.50
N ALA A 428 47.56 0.87 11.72
CA ALA A 428 47.49 -0.25 12.63
C ALA A 428 46.07 -0.50 13.09
N SER A 429 45.32 0.56 13.36
CA SER A 429 43.92 0.45 13.72
C SER A 429 43.07 -0.04 12.57
N LEU A 430 43.44 0.28 11.34
CA LEU A 430 42.70 -0.20 10.20
C LEU A 430 42.93 -1.69 9.98
N MET A 431 44.13 -2.17 10.28
CA MET A 431 44.37 -3.61 10.25
C MET A 431 43.60 -4.33 11.33
N ASP A 432 43.43 -3.71 12.50
CA ASP A 432 42.57 -4.30 13.51
C ASP A 432 41.11 -4.27 13.09
N ALA A 433 40.73 -3.31 12.26
CA ALA A 433 39.35 -3.19 11.78
C ALA A 433 39.08 -4.07 10.58
N LEU A 434 40.10 -4.53 9.87
CA LEU A 434 39.92 -5.43 8.75
C LEU A 434 39.97 -6.89 9.15
N LEU A 435 40.79 -7.23 10.15
CA LEU A 435 40.81 -8.61 10.61
C LEU A 435 39.52 -8.97 11.34
N ASN A 436 39.03 -8.06 12.17
CA ASN A 436 37.69 -8.19 12.71
C ASN A 436 36.71 -7.60 11.73
N ASP A 437 35.41 -7.71 12.04
CA ASP A 437 34.37 -7.34 11.07
C ASP A 437 33.67 -6.07 11.54
N ARG A 438 34.24 -4.92 11.16
CA ARG A 438 33.68 -3.61 11.50
C ARG A 438 33.66 -2.76 10.25
N PRO A 439 32.55 -2.72 9.50
CA PRO A 439 32.49 -1.87 8.32
C PRO A 439 32.47 -0.39 8.64
N GLU A 440 31.93 -0.02 9.80
CA GLU A 440 31.77 1.39 10.13
C GLU A 440 33.11 2.04 10.43
N PHE A 441 34.01 1.33 11.10
CA PHE A 441 35.32 1.88 11.38
C PHE A 441 36.18 1.94 10.13
N VAL A 442 35.97 1.03 9.17
CA VAL A 442 36.72 1.08 7.93
C VAL A 442 36.36 2.32 7.14
N ARG A 443 35.06 2.63 7.07
CA ARG A 443 34.63 3.86 6.40
C ARG A 443 35.11 5.09 7.13
N LEU A 444 35.17 5.02 8.46
CA LEU A 444 35.57 6.18 9.25
C LEU A 444 37.07 6.45 9.12
N LEU A 445 37.88 5.41 8.99
CA LEU A 445 39.32 5.61 8.92
C LEU A 445 39.79 5.95 7.52
N ILE A 446 39.12 5.45 6.47
CA ILE A 446 39.49 5.85 5.12
C ILE A 446 39.08 7.30 4.87
N SER A 447 38.03 7.75 5.56
CA SER A 447 37.53 9.12 5.39
C SER A 447 38.49 10.18 5.89
N HIS A 448 39.53 9.81 6.64
CA HIS A 448 40.49 10.79 7.16
C HIS A 448 41.77 10.85 6.35
N GLY A 449 41.67 10.70 5.03
CA GLY A 449 42.78 11.01 4.15
C GLY A 449 43.93 10.03 4.19
N LEU A 450 43.63 8.75 4.15
CA LEU A 450 44.63 7.70 4.15
C LEU A 450 44.83 7.19 2.72
N SER A 451 46.04 6.79 2.40
CA SER A 451 46.35 6.21 1.11
C SER A 451 46.58 4.71 1.25
N LEU A 452 45.96 3.93 0.38
CA LEU A 452 46.16 2.49 0.39
C LEU A 452 47.39 2.06 -0.39
N GLY A 453 48.03 2.98 -1.11
CA GLY A 453 49.22 2.62 -1.87
C GLY A 453 50.40 2.26 -1.00
N HIS A 454 50.44 2.78 0.21
CA HIS A 454 51.41 2.35 1.20
C HIS A 454 50.83 1.33 2.18
N PHE A 455 49.49 1.19 2.21
CA PHE A 455 48.88 0.34 3.23
C PHE A 455 49.06 -1.13 2.90
N LEU A 456 48.57 -1.59 1.74
CA LEU A 456 48.50 -3.02 1.45
C LEU A 456 49.87 -3.58 1.11
N THR A 457 50.70 -3.70 2.14
CA THR A 457 51.91 -4.51 2.04
C THR A 457 51.51 -5.97 1.88
N PRO A 458 52.23 -6.73 1.05
CA PRO A 458 51.95 -8.18 0.93
C PRO A 458 52.08 -8.95 2.23
N VAL A 459 52.80 -8.43 3.23
CA VAL A 459 52.73 -8.97 4.58
C VAL A 459 51.31 -8.85 5.13
N ARG A 460 50.72 -7.65 5.05
CA ARG A 460 49.36 -7.42 5.53
C ARG A 460 48.33 -8.18 4.70
N LEU A 461 48.58 -8.34 3.41
CA LEU A 461 47.63 -9.06 2.56
C LEU A 461 47.61 -10.54 2.91
N ALA A 462 48.79 -11.12 3.18
CA ALA A 462 48.84 -12.48 3.69
C ALA A 462 48.20 -12.59 5.07
N GLN A 463 48.30 -11.53 5.88
CA GLN A 463 47.63 -11.54 7.17
C GLN A 463 46.11 -11.43 7.03
N LEU A 464 45.62 -10.81 5.96
CA LEU A 464 44.19 -10.74 5.75
C LEU A 464 43.63 -12.10 5.39
N TYR A 465 44.37 -12.88 4.60
CA TYR A 465 43.90 -14.24 4.36
C TYR A 465 44.29 -15.20 5.47
N SER A 466 44.94 -14.73 6.52
CA SER A 466 45.25 -15.60 7.65
C SER A 466 44.03 -15.85 8.52
N ALA A 467 43.26 -14.81 8.82
CA ALA A 467 42.15 -14.91 9.76
C ALA A 467 40.95 -15.54 9.06
N VAL A 468 41.02 -16.87 8.93
CA VAL A 468 40.01 -17.67 8.27
C VAL A 468 39.46 -18.68 9.27
N SER A 469 38.14 -18.81 9.31
CA SER A 469 37.49 -19.71 10.24
C SER A 469 37.87 -21.16 9.95
N PRO A 470 37.96 -22.01 10.98
CA PRO A 470 38.43 -23.39 10.76
C PRO A 470 37.48 -24.26 9.95
N ASN A 471 36.17 -24.16 10.16
CA ASN A 471 35.20 -24.96 9.42
C ASN A 471 34.57 -24.18 8.27
N SER A 472 35.33 -23.32 7.60
CA SER A 472 34.81 -22.54 6.51
C SER A 472 35.11 -23.24 5.18
N LEU A 473 34.73 -22.58 4.08
CA LEU A 473 34.95 -23.12 2.76
C LEU A 473 36.31 -22.71 2.22
N ILE A 474 36.68 -21.45 2.40
CA ILE A 474 37.95 -20.94 1.91
C ILE A 474 39.14 -21.56 2.64
N ARG A 475 38.93 -22.02 3.87
CA ARG A 475 39.95 -22.78 4.58
C ARG A 475 40.28 -24.06 3.83
N ASN A 476 39.24 -24.76 3.35
CA ASN A 476 39.46 -25.98 2.58
C ASN A 476 40.02 -25.68 1.20
N LEU A 477 39.60 -24.58 0.58
CA LEU A 477 40.07 -24.28 -0.77
C LEU A 477 41.52 -23.82 -0.75
N LEU A 478 41.93 -23.06 0.27
CA LEU A 478 43.32 -22.68 0.38
C LEU A 478 44.21 -23.84 0.80
N ASP A 479 43.67 -24.81 1.55
CA ASP A 479 44.47 -25.98 1.88
C ASP A 479 44.62 -26.89 0.67
N GLN A 480 43.69 -26.81 -0.29
CA GLN A 480 43.88 -27.51 -1.55
C GLN A 480 44.73 -26.72 -2.53
N ALA A 481 44.92 -25.42 -2.30
CA ALA A 481 45.91 -24.66 -3.06
C ALA A 481 47.31 -24.85 -2.51
N SER A 482 47.43 -25.18 -1.23
CA SER A 482 48.72 -25.54 -0.65
C SER A 482 49.16 -26.94 -1.06
N HIS A 483 48.25 -27.72 -1.65
CA HIS A 483 48.62 -29.01 -2.22
C HIS A 483 49.50 -28.85 -3.44
N ALA A 484 49.38 -27.73 -4.14
CA ALA A 484 50.25 -27.40 -5.27
C ALA A 484 50.89 -26.04 -5.09
N PRO A 501 49.10 -16.19 0.18
CA PRO A 501 49.32 -17.59 -0.17
C PRO A 501 49.19 -17.86 -1.66
N ASN A 502 48.17 -18.62 -2.05
CA ASN A 502 47.99 -19.04 -3.44
C ASN A 502 46.59 -18.72 -3.94
N VAL A 503 46.17 -17.46 -3.78
CA VAL A 503 44.79 -17.05 -4.05
C VAL A 503 44.48 -17.16 -5.55
N GLY A 504 45.45 -16.83 -6.40
CA GLY A 504 45.23 -16.88 -7.83
C GLY A 504 44.97 -18.28 -8.36
N GLN A 505 45.47 -19.30 -7.68
CA GLN A 505 45.15 -20.67 -8.08
C GLN A 505 43.74 -21.04 -7.62
N VAL A 506 43.28 -20.48 -6.50
CA VAL A 506 41.92 -20.74 -6.06
C VAL A 506 40.93 -20.09 -7.01
N LEU A 507 41.25 -18.89 -7.51
CA LEU A 507 40.43 -18.26 -8.53
C LEU A 507 40.48 -19.04 -9.84
N ARG A 508 41.64 -19.59 -10.19
CA ARG A 508 41.77 -20.33 -11.44
C ARG A 508 40.99 -21.63 -11.39
N THR A 509 41.06 -22.35 -10.27
CA THR A 509 40.31 -23.59 -10.16
C THR A 509 38.82 -23.38 -10.02
N LEU A 510 38.37 -22.27 -9.43
CA LEU A 510 36.95 -22.03 -9.34
C LEU A 510 36.37 -21.51 -10.66
N LEU A 511 37.16 -20.80 -11.45
CA LEU A 511 36.61 -20.06 -12.58
C LEU A 511 37.19 -20.44 -13.94
N GLY A 512 38.39 -20.99 -14.00
CA GLY A 512 38.92 -21.47 -15.26
C GLY A 512 40.10 -20.66 -15.78
N GLU A 513 40.42 -20.91 -17.05
CA GLU A 513 41.51 -20.19 -17.71
C GLU A 513 41.10 -18.74 -17.96
N THR A 514 39.95 -18.54 -18.57
CA THR A 514 39.35 -17.22 -18.61
C THR A 514 38.60 -16.96 -17.30
N CYS A 515 38.08 -15.74 -17.19
CA CYS A 515 37.20 -15.29 -16.09
C CYS A 515 37.86 -15.41 -14.72
N ALA A 516 39.18 -15.38 -14.65
CA ALA A 516 39.89 -15.55 -13.40
C ALA A 516 40.91 -14.44 -13.27
N PRO A 517 40.92 -13.70 -12.16
CA PRO A 517 41.95 -12.68 -11.95
C PRO A 517 43.31 -13.30 -11.67
N ARG A 518 44.32 -12.44 -11.65
CA ARG A 518 45.70 -12.91 -11.54
C ARG A 518 46.06 -13.20 -10.08
N TYR A 519 45.99 -12.19 -9.23
CA TYR A 519 46.36 -12.32 -7.83
C TYR A 519 45.67 -11.26 -6.99
N ALA A 557 43.91 -0.25 -8.14
CA ALA A 557 44.75 -1.41 -7.84
C ALA A 557 44.63 -1.99 -6.40
N PRO A 558 44.53 -1.17 -5.31
CA PRO A 558 44.30 -1.79 -4.00
C PRO A 558 42.86 -2.25 -3.83
N TRP A 559 41.92 -1.49 -4.40
CA TRP A 559 40.52 -1.74 -4.15
C TRP A 559 40.05 -3.03 -4.81
N SER A 560 40.73 -3.46 -5.87
CA SER A 560 40.38 -4.72 -6.49
C SER A 560 40.79 -5.89 -5.60
N ASP A 561 41.93 -5.78 -4.93
CA ASP A 561 42.38 -6.84 -4.05
C ASP A 561 41.53 -6.90 -2.78
N LEU A 562 41.06 -5.77 -2.31
CA LEU A 562 40.17 -5.79 -1.16
C LEU A 562 38.77 -6.27 -1.53
N LEU A 563 38.33 -6.03 -2.77
CA LEU A 563 37.02 -6.52 -3.18
C LEU A 563 37.03 -8.03 -3.30
N ILE A 564 38.06 -8.59 -3.91
CA ILE A 564 38.16 -10.04 -4.02
C ILE A 564 38.34 -10.65 -2.64
N TRP A 565 39.03 -9.95 -1.74
CA TRP A 565 39.16 -10.40 -0.35
C TRP A 565 37.81 -10.51 0.35
N ALA A 566 36.95 -9.50 0.18
CA ALA A 566 35.68 -9.51 0.88
C ALA A 566 34.72 -10.55 0.30
N LEU A 567 34.81 -10.82 -1.00
CA LEU A 567 33.94 -11.84 -1.58
C LEU A 567 34.37 -13.23 -1.16
N LEU A 568 35.67 -13.49 -1.13
CA LEU A 568 36.18 -14.81 -0.76
C LEU A 568 35.90 -15.18 0.69
N LEU A 569 35.78 -14.21 1.59
CA LEU A 569 35.49 -14.49 2.99
C LEU A 569 34.04 -14.23 3.37
N ASN A 570 33.18 -13.86 2.41
CA ASN A 570 31.74 -13.67 2.60
C ASN A 570 31.43 -12.59 3.64
N ARG A 571 31.81 -11.35 3.31
CA ARG A 571 31.49 -10.20 4.15
C ARG A 571 30.70 -9.20 3.32
N ALA A 572 29.57 -8.75 3.86
CA ALA A 572 28.57 -8.08 3.04
C ALA A 572 28.88 -6.60 2.82
N GLN A 573 28.87 -5.80 3.88
CA GLN A 573 29.06 -4.36 3.72
C GLN A 573 30.49 -4.02 3.38
N MET A 574 31.43 -4.92 3.67
CA MET A 574 32.80 -4.76 3.23
C MET A 574 32.88 -4.80 1.71
N ALA A 575 32.18 -5.76 1.10
CA ALA A 575 32.22 -5.89 -0.36
C ALA A 575 31.47 -4.75 -1.04
N ILE A 576 30.37 -4.29 -0.46
CA ILE A 576 29.60 -3.21 -1.07
C ILE A 576 30.39 -1.91 -1.00
N TYR A 577 31.07 -1.66 0.12
CA TYR A 577 31.87 -0.45 0.25
C TYR A 577 33.07 -0.46 -0.70
N PHE A 578 33.74 -1.61 -0.81
CA PHE A 578 34.90 -1.69 -1.68
C PHE A 578 34.52 -1.62 -3.14
N TRP A 579 33.29 -2.01 -3.48
CA TRP A 579 32.81 -1.80 -4.84
C TRP A 579 32.52 -0.34 -5.11
N GLU A 580 32.05 0.39 -4.08
CA GLU A 580 31.72 1.79 -4.28
C GLU A 580 32.95 2.65 -4.44
N LYS A 581 34.06 2.28 -3.80
CA LYS A 581 35.27 3.08 -3.91
C LYS A 581 36.11 2.73 -5.13
N GLY A 582 36.06 1.49 -5.60
CA GLY A 582 36.92 1.06 -6.69
C GLY A 582 36.46 1.57 -8.04
N SER A 583 37.13 1.07 -9.07
CA SER A 583 36.91 1.47 -10.45
C SER A 583 36.65 0.24 -11.31
N ASN A 584 36.31 0.49 -12.58
CA ASN A 584 35.90 -0.53 -13.56
C ASN A 584 34.72 -1.34 -13.02
N SER A 585 33.60 -0.66 -12.89
CA SER A 585 32.54 -1.05 -11.97
C SER A 585 31.61 -2.13 -12.49
N VAL A 586 31.21 -2.07 -13.76
CA VAL A 586 30.16 -2.96 -14.25
C VAL A 586 30.68 -4.39 -14.36
N ALA A 587 31.88 -4.57 -14.92
CA ALA A 587 32.46 -5.89 -15.02
C ALA A 587 32.79 -6.46 -13.65
N SER A 588 33.13 -5.61 -12.69
CA SER A 588 33.41 -6.10 -11.36
C SER A 588 32.14 -6.52 -10.64
N ALA A 589 31.01 -5.91 -10.97
CA ALA A 589 29.75 -6.33 -10.35
C ALA A 589 29.26 -7.65 -10.90
N LEU A 590 29.36 -7.85 -12.22
CA LEU A 590 28.97 -9.12 -12.80
C LEU A 590 29.93 -10.23 -12.41
N GLY A 591 31.22 -9.94 -12.32
CA GLY A 591 32.17 -10.92 -11.85
C GLY A 591 32.00 -11.25 -10.38
N ALA A 592 31.51 -10.30 -9.59
CA ALA A 592 31.18 -10.57 -8.21
C ALA A 592 30.02 -11.55 -8.10
N CYS A 593 28.98 -11.34 -8.91
CA CYS A 593 27.83 -12.24 -8.91
C CYS A 593 28.22 -13.63 -9.39
N LEU A 594 29.18 -13.71 -10.31
CA LEU A 594 29.67 -15.00 -10.78
C LEU A 594 30.35 -15.78 -9.67
N LEU A 595 31.29 -15.14 -8.98
CA LEU A 595 32.06 -15.82 -7.95
C LEU A 595 31.20 -16.22 -6.77
N LEU A 596 30.21 -15.41 -6.43
CA LEU A 596 29.32 -15.75 -5.32
C LEU A 596 28.41 -16.92 -5.63
N ARG A 597 27.89 -17.00 -6.85
CA ARG A 597 27.00 -18.12 -7.14
C ARG A 597 27.75 -19.42 -7.37
N VAL A 598 29.01 -19.34 -7.80
CA VAL A 598 29.84 -20.55 -7.88
C VAL A 598 30.11 -21.10 -6.48
N MET A 599 30.43 -20.23 -5.53
CA MET A 599 30.65 -20.70 -4.17
C MET A 599 29.35 -21.14 -3.51
N ALA A 600 28.23 -20.57 -3.93
CA ALA A 600 26.94 -20.93 -3.34
C ALA A 600 26.55 -22.35 -3.69
N ARG A 601 26.95 -22.84 -4.86
CA ARG A 601 26.74 -24.26 -5.16
C ARG A 601 27.71 -25.14 -4.38
N LEU A 602 28.96 -24.72 -4.34
CA LEU A 602 30.00 -25.45 -3.62
C LEU A 602 30.01 -25.00 -2.17
N GLU A 603 28.94 -25.32 -1.46
CA GLU A 603 28.82 -24.95 -0.06
C GLU A 603 28.20 -26.11 0.71
N SER A 604 28.55 -26.23 1.98
CA SER A 604 28.01 -27.31 2.79
C SER A 604 26.78 -26.87 3.59
N GLU A 605 26.84 -25.69 4.21
CA GLU A 605 25.80 -25.29 5.16
C GLU A 605 24.74 -24.43 4.49
N ALA A 606 23.48 -24.68 4.85
CA ALA A 606 22.36 -24.01 4.21
C ALA A 606 22.23 -22.55 4.61
N GLU A 607 22.71 -22.17 5.80
CA GLU A 607 22.66 -20.77 6.20
C GLU A 607 23.65 -19.94 5.39
N GLU A 608 24.86 -20.45 5.20
CA GLU A 608 25.84 -19.70 4.43
C GLU A 608 25.60 -19.79 2.94
N ALA A 609 24.98 -20.87 2.47
CA ALA A 609 24.57 -20.95 1.08
C ALA A 609 23.48 -19.91 0.77
N ALA A 610 22.53 -19.75 1.69
CA ALA A 610 21.53 -18.71 1.55
C ALA A 610 22.14 -17.32 1.63
N ARG A 611 23.18 -17.16 2.44
CA ARG A 611 23.81 -15.85 2.60
C ARG A 611 24.56 -15.44 1.33
N ARG A 612 25.17 -16.41 0.66
CA ARG A 612 25.90 -16.08 -0.56
C ARG A 612 24.96 -15.75 -1.71
N LYS A 613 23.83 -16.45 -1.83
CA LYS A 613 22.92 -16.14 -2.91
C LYS A 613 22.25 -14.79 -2.73
N ASP A 614 22.00 -14.38 -1.49
CA ASP A 614 21.42 -13.06 -1.27
C ASP A 614 22.41 -11.96 -1.61
N LEU A 615 23.68 -12.15 -1.27
CA LEU A 615 24.66 -11.11 -1.56
C LEU A 615 24.97 -11.05 -3.05
N ALA A 616 24.82 -12.19 -3.74
CA ALA A 616 24.96 -12.21 -5.19
C ALA A 616 23.83 -11.44 -5.87
N ALA A 617 22.62 -11.55 -5.36
CA ALA A 617 21.51 -10.78 -5.94
C ALA A 617 21.65 -9.29 -5.68
N THR A 618 22.34 -8.90 -4.61
CA THR A 618 22.62 -7.48 -4.40
C THR A 618 23.56 -6.94 -5.47
N PHE A 619 24.60 -7.71 -5.82
CA PHE A 619 25.53 -7.23 -6.84
C PHE A 619 24.93 -7.25 -8.24
N GLU A 620 24.03 -8.19 -8.52
CA GLU A 620 23.35 -8.16 -9.82
C GLU A 620 22.48 -6.93 -9.96
N SER A 621 21.82 -6.53 -8.88
CA SER A 621 20.95 -5.36 -8.93
C SER A 621 21.74 -4.07 -9.10
N MET A 622 22.95 -3.99 -8.53
CA MET A 622 23.72 -2.76 -8.67
C MET A 622 24.29 -2.60 -10.07
N SER A 623 24.64 -3.71 -10.74
CA SER A 623 25.07 -3.60 -12.12
C SER A 623 23.92 -3.18 -13.03
N VAL A 624 22.70 -3.61 -12.72
CA VAL A 624 21.53 -3.21 -13.50
C VAL A 624 21.29 -1.71 -13.39
N ASP A 625 21.37 -1.16 -12.17
CA ASP A 625 21.06 0.26 -11.98
C ASP A 625 22.13 1.16 -12.58
N LEU A 626 23.41 0.78 -12.40
CA LEU A 626 24.50 1.58 -12.94
C LEU A 626 24.49 1.61 -14.47
N PHE A 627 24.32 0.45 -15.10
CA PHE A 627 24.26 0.43 -16.55
C PHE A 627 23.00 1.12 -17.08
N GLY A 628 21.96 1.21 -16.26
CA GLY A 628 20.81 2.03 -16.61
C GLY A 628 21.18 3.48 -16.84
N GLU A 629 21.87 4.10 -15.87
CA GLU A 629 22.19 5.52 -16.03
C GLU A 629 23.25 5.76 -17.09
N CYS A 630 24.22 4.85 -17.22
CA CYS A 630 25.19 4.96 -18.30
C CYS A 630 24.56 4.79 -19.67
N TYR A 631 23.39 4.16 -19.76
CA TYR A 631 22.70 4.05 -21.04
C TYR A 631 21.83 5.28 -21.29
N HIS A 632 21.29 5.90 -20.24
CA HIS A 632 20.46 7.08 -20.46
C HIS A 632 21.28 8.31 -20.82
N ASN A 633 22.58 8.34 -20.51
CA ASN A 633 23.39 9.42 -21.05
C ASN A 633 23.66 9.21 -22.53
N SER A 634 24.35 8.13 -22.88
CA SER A 634 24.69 7.85 -24.25
C SER A 634 24.37 6.39 -24.56
N GLU A 635 24.16 6.09 -25.83
CA GLU A 635 24.01 4.71 -26.26
C GLU A 635 25.28 4.15 -26.89
N GLU A 636 25.96 4.95 -27.70
CA GLU A 636 27.15 4.48 -28.39
C GLU A 636 28.31 4.30 -27.43
N ARG A 637 28.37 5.14 -26.40
CA ARG A 637 29.44 5.04 -25.44
C ARG A 637 29.22 3.88 -24.47
N ALA A 638 27.97 3.61 -24.11
CA ALA A 638 27.66 2.42 -23.33
C ALA A 638 27.85 1.16 -24.15
N ALA A 639 27.64 1.24 -25.46
CA ALA A 639 27.95 0.12 -26.33
C ALA A 639 29.44 -0.17 -26.34
N ARG A 640 30.27 0.86 -26.29
CA ARG A 640 31.69 0.62 -26.14
C ARG A 640 32.05 0.21 -24.73
N LEU A 641 31.16 0.43 -23.76
CA LEU A 641 31.44 0.00 -22.40
C LEU A 641 31.30 -1.51 -22.25
N LEU A 642 30.24 -2.09 -22.79
CA LEU A 642 30.01 -3.53 -22.61
C LEU A 642 31.01 -4.36 -23.40
N LEU A 643 31.19 -4.02 -24.68
CA LEU A 643 31.90 -4.89 -25.61
C LEU A 643 33.40 -4.59 -25.53
N ARG A 644 34.00 -4.98 -24.42
CA ARG A 644 35.37 -4.59 -24.12
C ARG A 644 35.97 -5.62 -23.18
N ARG A 645 37.22 -5.98 -23.40
CA ARG A 645 37.89 -6.98 -22.55
C ARG A 645 38.30 -6.33 -21.25
N CYS A 646 37.75 -6.79 -20.14
CA CYS A 646 38.17 -6.28 -18.84
C CYS A 646 39.47 -6.95 -18.44
N PRO A 647 40.56 -6.19 -18.25
CA PRO A 647 41.88 -6.82 -18.01
C PRO A 647 42.05 -7.41 -16.62
N LEU A 648 41.09 -7.24 -15.72
CA LEU A 648 41.14 -7.89 -14.42
C LEU A 648 40.46 -9.24 -14.42
N TRP A 649 39.55 -9.49 -15.36
CA TRP A 649 38.80 -10.74 -15.32
C TRP A 649 39.14 -11.64 -16.48
N GLY A 650 40.42 -11.71 -16.83
CA GLY A 650 40.85 -12.61 -17.89
C GLY A 650 40.47 -12.20 -19.28
N GLU A 651 40.26 -10.89 -19.51
CA GLU A 651 39.86 -10.30 -20.79
C GLU A 651 38.59 -10.95 -21.35
N ALA A 652 37.64 -11.19 -20.47
CA ALA A 652 36.31 -11.65 -20.86
C ALA A 652 35.37 -10.46 -20.91
N THR A 653 34.56 -10.42 -21.95
CA THR A 653 33.57 -9.37 -22.17
C THR A 653 32.49 -9.47 -21.09
N CYS A 654 31.87 -8.32 -20.78
CA CYS A 654 30.84 -8.26 -19.74
C CYS A 654 29.64 -9.16 -20.04
N LEU A 655 29.31 -9.33 -21.32
CA LEU A 655 28.24 -10.23 -21.70
C LEU A 655 28.58 -11.68 -21.39
N GLN A 656 29.85 -12.06 -21.54
CA GLN A 656 30.27 -13.42 -21.22
C GLN A 656 30.14 -13.71 -19.73
N LEU A 657 30.49 -12.74 -18.90
CA LEU A 657 30.37 -12.91 -17.46
C LEU A 657 28.91 -13.00 -17.04
N ALA A 658 28.04 -12.17 -17.63
CA ALA A 658 26.64 -12.25 -17.29
C ALA A 658 26.00 -13.52 -17.85
N MET A 659 26.57 -14.07 -18.92
CA MET A 659 26.10 -15.35 -19.44
C MET A 659 26.43 -16.48 -18.47
N GLN A 660 27.69 -16.56 -18.02
CA GLN A 660 28.09 -17.65 -17.15
C GLN A 660 27.50 -17.53 -15.76
N ALA A 661 27.24 -16.32 -15.29
CA ALA A 661 26.71 -16.12 -13.95
C ALA A 661 25.22 -16.32 -13.86
N ASP A 662 24.55 -16.57 -14.98
CA ASP A 662 23.09 -16.67 -15.09
C ASP A 662 22.40 -15.43 -14.55
N ALA A 663 22.95 -14.28 -14.92
CA ALA A 663 22.33 -13.00 -14.57
C ALA A 663 21.20 -12.77 -15.56
N ARG A 664 20.03 -13.32 -15.25
CA ARG A 664 18.90 -13.17 -16.15
C ARG A 664 18.30 -11.78 -16.10
N ALA A 665 18.41 -11.08 -14.97
CA ALA A 665 17.88 -9.73 -14.89
C ALA A 665 18.75 -8.71 -15.59
N PHE A 666 20.00 -9.04 -15.89
CA PHE A 666 20.84 -8.10 -16.61
C PHE A 666 20.52 -8.09 -18.09
N PHE A 667 20.39 -9.27 -18.70
CA PHE A 667 20.05 -9.36 -20.11
C PHE A 667 18.65 -8.87 -20.41
N ALA A 668 17.75 -8.89 -19.43
CA ALA A 668 16.35 -8.57 -19.68
C ALA A 668 16.05 -7.08 -19.65
N GLN A 669 17.05 -6.23 -19.86
CA GLN A 669 16.82 -4.80 -19.89
C GLN A 669 16.33 -4.36 -21.26
N ASP A 670 16.45 -3.06 -21.52
CA ASP A 670 16.10 -2.53 -22.82
C ASP A 670 17.33 -2.22 -23.66
N GLY A 671 18.37 -1.68 -23.03
CA GLY A 671 19.56 -1.31 -23.79
C GLY A 671 20.36 -2.52 -24.24
N VAL A 672 20.39 -3.56 -23.42
CA VAL A 672 21.15 -4.74 -23.77
C VAL A 672 20.49 -5.45 -24.94
N GLN A 673 19.16 -5.41 -25.00
CA GLN A 673 18.44 -5.99 -26.11
C GLN A 673 18.63 -5.20 -27.39
N SER A 674 18.76 -3.88 -27.29
CA SER A 674 19.01 -3.09 -28.49
C SER A 674 20.45 -3.29 -28.98
N LEU A 675 21.39 -3.49 -28.08
CA LEU A 675 22.74 -3.78 -28.53
C LEU A 675 22.88 -5.19 -29.08
N LEU A 676 22.07 -6.13 -28.60
CA LEU A 676 22.04 -7.45 -29.23
C LEU A 676 21.41 -7.38 -30.62
N THR A 677 20.48 -6.44 -30.82
CA THR A 677 19.95 -6.23 -32.17
C THR A 677 21.01 -5.66 -33.10
N GLN A 678 21.79 -4.67 -32.64
CA GLN A 678 22.85 -4.12 -33.47
C GLN A 678 23.97 -5.12 -33.72
N LYS A 679 24.22 -6.01 -32.77
CA LYS A 679 25.22 -7.04 -33.03
C LYS A 679 24.67 -8.08 -34.00
N TRP A 680 23.35 -8.30 -33.97
CA TRP A 680 22.71 -9.24 -34.87
C TRP A 680 22.79 -8.76 -36.31
N TRP A 681 22.35 -7.52 -36.57
CA TRP A 681 22.43 -6.97 -37.91
C TRP A 681 23.86 -6.69 -38.36
N GLY A 682 24.79 -6.50 -37.44
CA GLY A 682 26.17 -6.29 -37.84
C GLY A 682 26.38 -4.90 -38.40
N GLU A 683 27.00 -4.84 -39.58
CA GLU A 683 27.37 -3.58 -40.20
C GLU A 683 26.17 -2.82 -40.75
N MET A 684 25.08 -3.51 -41.04
CA MET A 684 23.92 -2.89 -41.66
C MET A 684 23.17 -2.01 -40.66
N ASP A 685 22.18 -1.30 -41.18
CA ASP A 685 21.26 -0.56 -40.33
C ASP A 685 20.34 -1.52 -39.62
N SER A 686 20.16 -1.31 -38.31
CA SER A 686 19.33 -2.19 -37.50
C SER A 686 17.85 -1.98 -37.71
N THR A 687 17.46 -0.95 -38.46
CA THR A 687 16.06 -0.70 -38.77
C THR A 687 15.71 -1.11 -40.20
N THR A 688 16.56 -1.89 -40.84
CA THR A 688 16.30 -2.35 -42.19
C THR A 688 15.16 -3.35 -42.19
N PRO A 689 14.14 -3.17 -43.03
CA PRO A 689 13.05 -4.15 -43.09
C PRO A 689 13.50 -5.46 -43.74
N ILE A 690 12.64 -6.47 -43.61
CA ILE A 690 13.03 -7.81 -44.04
C ILE A 690 12.94 -7.93 -45.56
N TRP A 691 12.02 -7.21 -46.19
CA TRP A 691 11.85 -7.33 -47.63
C TRP A 691 13.04 -6.78 -48.40
N ALA A 692 13.64 -5.68 -47.92
CA ALA A 692 14.83 -5.14 -48.58
C ALA A 692 16.01 -6.08 -48.41
N LEU A 693 16.04 -6.80 -47.29
CA LEU A 693 17.10 -7.77 -47.06
C LEU A 693 16.97 -8.96 -47.99
N LEU A 694 15.74 -9.39 -48.27
CA LEU A 694 15.54 -10.52 -49.18
C LEU A 694 15.85 -10.14 -50.62
N LEU A 695 15.42 -8.94 -51.03
CA LEU A 695 15.69 -8.49 -52.38
C LEU A 695 17.17 -8.23 -52.59
N ALA A 696 17.88 -7.82 -51.55
CA ALA A 696 19.33 -7.76 -51.65
C ALA A 696 19.96 -9.13 -51.60
N PHE A 697 19.25 -10.13 -51.07
CA PHE A 697 19.83 -11.45 -50.97
C PHE A 697 19.84 -12.17 -52.31
N PHE A 698 18.74 -12.10 -53.05
CA PHE A 698 18.64 -12.81 -54.31
C PHE A 698 19.26 -12.07 -55.48
N CYS A 699 19.71 -10.83 -55.29
CA CYS A 699 20.38 -10.05 -56.32
C CYS A 699 21.72 -9.57 -55.76
N PRO A 700 22.77 -10.38 -55.88
CA PRO A 700 24.09 -10.00 -55.32
C PRO A 700 24.71 -8.76 -55.95
N PRO A 701 24.41 -8.38 -57.20
CA PRO A 701 24.73 -7.01 -57.61
C PRO A 701 23.71 -5.95 -57.22
N LEU A 702 22.84 -6.17 -56.25
CA LEU A 702 22.01 -5.07 -55.77
C LEU A 702 22.50 -4.55 -54.42
N ILE A 703 23.60 -5.10 -53.91
CA ILE A 703 24.18 -4.65 -52.65
C ILE A 703 24.74 -3.24 -52.80
N TYR A 704 25.36 -2.96 -53.96
CA TYR A 704 26.01 -1.69 -54.22
C TYR A 704 25.00 -0.65 -54.69
N THR A 705 23.91 -0.48 -53.96
CA THR A 705 22.82 0.40 -54.36
C THR A 705 22.44 1.27 -53.16
N ASN A 706 21.38 2.05 -53.33
CA ASN A 706 20.85 2.87 -52.24
C ASN A 706 19.62 2.21 -51.62
N LEU A 707 19.84 1.04 -51.03
CA LEU A 707 18.77 0.31 -50.37
C LEU A 707 19.01 0.08 -48.89
N ILE A 708 20.22 -0.33 -48.52
CA ILE A 708 20.52 -0.67 -47.14
C ILE A 708 21.57 0.31 -46.63
N VAL A 709 21.24 1.02 -45.56
CA VAL A 709 22.16 1.99 -45.00
C VAL A 709 23.23 1.27 -44.20
N PHE A 710 24.50 1.53 -44.51
CA PHE A 710 25.58 0.88 -43.80
C PHE A 710 26.22 1.84 -42.81
N ARG A 711 27.30 1.37 -42.18
CA ARG A 711 28.07 2.09 -41.15
C ARG A 711 27.22 2.51 -39.96
N LYS A 712 26.15 1.77 -39.71
CA LYS A 712 25.15 2.03 -38.66
C LYS A 712 24.59 3.46 -38.68
N SER A 765 35.47 -5.34 -51.80
CA SER A 765 36.23 -6.11 -50.83
C SER A 765 35.78 -5.78 -49.41
N LYS A 766 35.10 -4.64 -49.23
CA LYS A 766 34.63 -4.26 -47.91
C LYS A 766 33.11 -4.18 -47.84
N ARG A 767 32.47 -3.56 -48.84
CA ARG A 767 31.02 -3.50 -48.83
C ARG A 767 30.40 -4.86 -49.13
N TRP A 768 31.03 -5.61 -50.04
CA TRP A 768 30.65 -7.00 -50.27
C TRP A 768 30.89 -7.85 -49.03
N SER A 769 31.99 -7.61 -48.34
CA SER A 769 32.29 -8.41 -47.17
C SER A 769 31.45 -8.03 -45.96
N ASP A 770 30.90 -6.82 -45.94
CA ASP A 770 30.07 -6.39 -44.82
C ASP A 770 28.59 -6.55 -45.10
N PHE A 771 28.21 -7.08 -46.26
CA PHE A 771 26.86 -7.60 -46.38
C PHE A 771 26.81 -9.04 -45.91
N TRP A 772 27.72 -9.86 -46.39
CA TRP A 772 27.74 -11.28 -46.09
C TRP A 772 28.46 -11.60 -44.79
N GLY A 773 28.91 -10.59 -44.05
CA GLY A 773 29.64 -10.84 -42.83
C GLY A 773 28.75 -10.79 -41.60
N ALA A 774 27.54 -10.27 -41.77
CA ALA A 774 26.60 -10.17 -40.68
C ALA A 774 26.10 -11.55 -40.28
N PRO A 775 25.70 -11.74 -39.02
CA PRO A 775 25.08 -13.01 -38.64
C PRO A 775 23.71 -13.22 -39.24
N VAL A 776 23.04 -12.16 -39.71
CA VAL A 776 21.71 -12.31 -40.26
C VAL A 776 21.75 -13.10 -41.56
N THR A 777 22.59 -12.68 -42.51
CA THR A 777 22.66 -13.36 -43.79
C THR A 777 23.27 -14.75 -43.69
N ALA A 778 24.01 -15.03 -42.62
CA ALA A 778 24.43 -16.41 -42.39
C ALA A 778 23.25 -17.25 -41.92
N PHE A 779 22.38 -16.66 -41.09
CA PHE A 779 21.14 -17.34 -40.70
C PHE A 779 20.21 -17.55 -41.87
N LEU A 780 20.07 -16.53 -42.72
CA LEU A 780 19.14 -16.60 -43.84
C LEU A 780 19.63 -17.58 -44.89
N GLY A 781 20.94 -17.62 -45.13
CA GLY A 781 21.49 -18.63 -46.01
C GLY A 781 21.40 -20.02 -45.42
N ASN A 782 21.44 -20.13 -44.08
CA ASN A 782 21.27 -21.42 -43.43
C ASN A 782 19.85 -21.94 -43.60
N VAL A 783 18.86 -21.05 -43.54
CA VAL A 783 17.47 -21.46 -43.70
C VAL A 783 17.20 -21.87 -45.14
N VAL A 784 17.62 -21.05 -46.11
CA VAL A 784 17.33 -21.31 -47.52
C VAL A 784 18.00 -22.60 -47.98
N SER A 785 19.24 -22.83 -47.54
CA SER A 785 19.89 -24.09 -47.87
C SER A 785 19.21 -25.28 -47.21
N TYR A 786 18.69 -25.11 -46.00
CA TYR A 786 18.02 -26.22 -45.34
C TYR A 786 16.66 -26.51 -45.95
N LEU A 787 15.94 -25.48 -46.41
CA LEU A 787 14.70 -25.71 -47.12
C LEU A 787 14.92 -26.43 -48.43
N LEU A 788 16.02 -26.14 -49.13
CA LEU A 788 16.30 -26.85 -50.37
C LEU A 788 16.71 -28.28 -50.11
N PHE A 789 17.27 -28.56 -48.93
CA PHE A 789 17.51 -29.95 -48.56
C PHE A 789 16.21 -30.71 -48.37
N LEU A 790 15.20 -30.07 -47.77
CA LEU A 790 13.92 -30.76 -47.59
C LEU A 790 13.19 -30.93 -48.91
N LEU A 791 13.34 -29.97 -49.81
CA LEU A 791 12.72 -30.09 -51.13
C LEU A 791 13.35 -31.21 -51.94
N LEU A 792 14.66 -31.38 -51.85
CA LEU A 792 15.32 -32.50 -52.52
C LEU A 792 14.91 -33.83 -51.90
N PHE A 793 14.79 -33.87 -50.57
CA PHE A 793 14.47 -35.12 -49.88
C PHE A 793 13.06 -35.57 -50.23
N ALA A 794 12.16 -34.62 -50.46
CA ALA A 794 10.81 -34.95 -50.91
C ALA A 794 10.78 -35.36 -52.36
N HIS A 795 11.58 -34.72 -53.22
CA HIS A 795 11.63 -35.11 -54.63
C HIS A 795 12.14 -36.51 -54.80
N VAL A 796 13.11 -36.91 -53.99
CA VAL A 796 13.58 -38.30 -54.03
C VAL A 796 12.51 -39.24 -53.51
N LEU A 797 11.91 -38.91 -52.38
CA LEU A 797 11.10 -39.89 -51.68
C LEU A 797 9.70 -40.00 -52.28
N LEU A 798 9.32 -39.09 -53.18
CA LEU A 798 7.98 -39.13 -53.75
C LEU A 798 7.95 -39.40 -55.25
N VAL A 799 8.99 -39.03 -55.99
CA VAL A 799 8.92 -39.12 -57.44
C VAL A 799 9.79 -40.24 -57.97
N ASP A 800 11.10 -40.16 -57.76
CA ASP A 800 12.04 -41.12 -58.32
C ASP A 800 12.77 -41.88 -57.22
N PHE A 801 12.15 -42.97 -56.77
CA PHE A 801 12.75 -43.83 -55.75
C PHE A 801 12.79 -45.23 -56.36
N GLN A 802 13.94 -45.58 -56.93
CA GLN A 802 14.04 -46.74 -57.80
C GLN A 802 14.48 -47.97 -57.01
N PRO A 803 13.91 -49.15 -57.32
CA PRO A 803 14.13 -50.32 -56.44
C PRO A 803 15.48 -50.98 -56.57
N THR A 804 16.15 -50.88 -57.72
CA THR A 804 17.40 -51.60 -57.94
C THR A 804 18.62 -50.73 -57.70
N LYS A 805 18.73 -49.62 -58.40
CA LYS A 805 19.93 -48.80 -58.38
C LYS A 805 19.56 -47.36 -58.10
N PRO A 806 20.30 -46.68 -57.22
CA PRO A 806 20.00 -45.28 -56.93
C PRO A 806 20.28 -44.38 -58.13
N SER A 807 19.44 -43.38 -58.29
CA SER A 807 19.58 -42.46 -59.40
C SER A 807 20.55 -41.35 -59.03
N VAL A 808 20.56 -40.29 -59.83
CA VAL A 808 21.50 -39.19 -59.62
C VAL A 808 21.10 -38.37 -58.40
N SER A 809 19.82 -38.05 -58.28
CA SER A 809 19.36 -37.16 -57.22
C SER A 809 19.46 -37.81 -55.85
N GLU A 810 19.30 -39.13 -55.77
CA GLU A 810 19.50 -39.81 -54.50
C GLU A 810 20.98 -39.82 -54.09
N LEU A 811 21.88 -39.83 -55.06
CA LEU A 811 23.30 -39.75 -54.75
C LEU A 811 23.69 -38.36 -54.28
N LEU A 812 23.12 -37.32 -54.90
CA LEU A 812 23.34 -35.96 -54.44
C LEU A 812 22.79 -35.76 -53.04
N LEU A 813 21.69 -36.45 -52.72
CA LEU A 813 21.16 -36.45 -51.37
C LEU A 813 22.13 -37.10 -50.39
N TYR A 814 22.77 -38.19 -50.80
CA TYR A 814 23.74 -38.87 -49.94
C TYR A 814 24.95 -38.00 -49.66
N PHE A 815 25.38 -37.20 -50.64
CA PHE A 815 26.49 -36.27 -50.42
C PHE A 815 26.09 -35.16 -49.48
N TRP A 816 24.81 -34.76 -49.51
CA TRP A 816 24.36 -33.68 -48.64
C TRP A 816 24.36 -34.13 -47.18
N ALA A 817 23.80 -35.31 -46.91
CA ALA A 817 23.81 -35.85 -45.55
C ALA A 817 25.22 -36.15 -45.04
N PHE A 818 26.17 -36.40 -45.94
CA PHE A 818 27.55 -36.49 -45.51
C PHE A 818 28.06 -35.14 -45.02
N THR A 819 27.66 -34.04 -45.67
CA THR A 819 28.11 -32.73 -45.21
C THR A 819 27.45 -32.31 -43.91
N LEU A 820 26.18 -32.70 -43.70
CA LEU A 820 25.56 -32.42 -42.41
C LEU A 820 26.16 -33.26 -41.30
N LEU A 821 26.64 -34.46 -41.62
CA LEU A 821 27.37 -35.25 -40.65
C LEU A 821 28.70 -34.60 -40.31
N CYS A 822 29.32 -33.93 -41.29
CA CYS A 822 30.59 -33.25 -41.03
C CYS A 822 30.40 -32.01 -40.17
N GLU A 823 29.36 -31.20 -40.42
CA GLU A 823 29.19 -29.97 -39.65
C GLU A 823 28.69 -30.27 -38.25
N GLU A 824 27.92 -31.35 -38.08
CA GLU A 824 27.63 -31.85 -36.75
C GLU A 824 28.90 -32.31 -36.05
N LEU A 825 29.82 -32.93 -36.80
CA LEU A 825 31.08 -33.36 -36.23
C LEU A 825 31.97 -32.17 -35.90
N ARG A 826 31.74 -31.03 -36.55
CA ARG A 826 32.54 -29.84 -36.30
C ARG A 826 32.00 -29.06 -35.10
N GLN A 827 30.72 -29.20 -34.80
CA GLN A 827 30.17 -28.66 -33.55
C GLN A 827 30.20 -29.67 -32.42
N GLY A 828 30.46 -30.94 -32.71
CA GLY A 828 30.59 -31.95 -31.68
C GLY A 828 32.00 -31.99 -31.16
N LEU A 829 32.97 -31.87 -32.07
CA LEU A 829 34.35 -31.69 -31.65
C LEU A 829 34.61 -30.27 -31.18
N GLY A 830 34.04 -29.29 -31.88
CA GLY A 830 34.24 -27.90 -31.52
C GLY A 830 33.49 -27.45 -30.27
N LEU A 848 39.06 -35.50 -25.33
CA LEU A 848 37.94 -34.58 -25.44
C LEU A 848 36.63 -35.21 -25.01
N ARG A 849 36.65 -35.86 -23.84
CA ARG A 849 35.46 -36.52 -23.32
C ARG A 849 34.43 -35.54 -22.79
N HIS A 850 34.87 -34.40 -22.26
CA HIS A 850 33.94 -33.46 -21.62
C HIS A 850 33.07 -32.74 -22.64
N ARG A 851 33.62 -32.44 -23.83
CA ARG A 851 32.83 -31.82 -24.89
C ARG A 851 31.72 -32.75 -25.35
N LEU A 852 31.99 -34.05 -25.39
CA LEU A 852 30.98 -35.00 -25.83
C LEU A 852 30.01 -35.34 -24.71
N HIS A 853 30.43 -35.19 -23.45
CA HIS A 853 29.48 -35.32 -22.35
C HIS A 853 28.48 -34.15 -22.32
N LEU A 854 28.94 -32.93 -22.60
CA LEU A 854 28.00 -31.83 -22.81
C LEU A 854 27.20 -32.01 -24.10
N TYR A 855 27.74 -32.78 -25.06
CA TYR A 855 27.02 -32.97 -26.31
C TYR A 855 25.92 -34.02 -26.15
N LEU A 856 26.10 -34.98 -25.24
CA LEU A 856 25.07 -35.99 -25.04
C LEU A 856 24.06 -35.56 -24.00
N SER A 857 24.40 -34.58 -23.16
CA SER A 857 23.48 -34.14 -22.12
C SER A 857 22.32 -33.31 -22.66
N ASP A 858 22.36 -32.89 -23.92
CA ASP A 858 21.38 -31.96 -24.47
C ASP A 858 20.13 -32.72 -24.92
N THR A 859 19.24 -32.05 -25.66
CA THR A 859 18.06 -32.67 -26.23
C THR A 859 17.98 -32.51 -27.73
N TRP A 860 18.33 -31.34 -28.25
CA TRP A 860 18.26 -31.11 -29.70
C TRP A 860 19.52 -31.57 -30.42
N ASN A 861 20.61 -31.81 -29.69
CA ASN A 861 21.72 -32.56 -30.29
C ASN A 861 21.45 -34.05 -30.25
N GLN A 862 20.62 -34.51 -29.31
CA GLN A 862 20.13 -35.89 -29.39
C GLN A 862 19.15 -36.04 -30.55
N CYS A 863 18.41 -34.97 -30.86
CA CYS A 863 17.51 -34.99 -32.00
C CYS A 863 18.29 -35.05 -33.31
N ASP A 864 19.28 -34.16 -33.47
CA ASP A 864 20.07 -34.13 -34.70
C ASP A 864 20.96 -35.35 -34.83
N LEU A 865 21.32 -35.98 -33.72
CA LEU A 865 21.97 -37.29 -33.78
C LEU A 865 20.98 -38.35 -34.25
N LEU A 866 19.72 -38.25 -33.82
CA LEU A 866 18.72 -39.26 -34.15
C LEU A 866 18.39 -39.26 -35.64
N ALA A 867 18.41 -38.08 -36.27
CA ALA A 867 18.07 -38.00 -37.69
C ALA A 867 19.11 -38.68 -38.56
N LEU A 868 20.36 -38.74 -38.10
CA LEU A 868 21.40 -39.35 -38.92
C LEU A 868 21.58 -40.82 -38.59
N THR A 869 21.19 -41.26 -37.39
CA THR A 869 21.12 -42.70 -37.15
C THR A 869 20.01 -43.32 -37.98
N CYS A 870 18.84 -42.67 -38.04
CA CYS A 870 17.76 -43.18 -38.86
C CYS A 870 18.04 -43.01 -40.35
N PHE A 871 18.89 -42.04 -40.72
CA PHE A 871 19.26 -41.93 -42.13
C PHE A 871 20.13 -43.10 -42.56
N LEU A 872 21.17 -43.40 -41.77
CA LEU A 872 22.08 -44.47 -42.16
C LEU A 872 21.43 -45.84 -42.02
N LEU A 873 20.47 -45.97 -41.10
CA LEU A 873 19.69 -47.20 -41.04
C LEU A 873 18.81 -47.35 -42.26
N GLY A 874 18.27 -46.23 -42.76
CA GLY A 874 17.41 -46.29 -43.93
C GLY A 874 18.15 -46.62 -45.20
N VAL A 875 19.32 -46.00 -45.40
CA VAL A 875 20.11 -46.28 -46.60
C VAL A 875 20.74 -47.65 -46.51
N GLY A 876 21.14 -48.06 -45.31
CA GLY A 876 21.74 -49.37 -45.13
C GLY A 876 20.77 -50.51 -45.39
N CYS A 877 19.48 -50.29 -45.10
CA CYS A 877 18.49 -51.28 -45.50
C CYS A 877 18.14 -51.15 -46.98
N ARG A 878 18.25 -49.95 -47.54
CA ARG A 878 17.77 -49.70 -48.89
C ARG A 878 18.67 -50.32 -49.94
N LEU A 879 19.99 -50.37 -49.68
CA LEU A 879 20.87 -50.95 -50.68
C LEU A 879 20.93 -52.47 -50.61
N THR A 880 20.48 -53.07 -49.52
CA THR A 880 20.34 -54.51 -49.48
C THR A 880 19.16 -54.94 -50.36
N PRO A 881 19.25 -56.09 -51.02
CA PRO A 881 18.18 -56.45 -51.96
C PRO A 881 16.93 -57.01 -51.29
N GLY A 882 17.05 -57.39 -50.02
CA GLY A 882 15.94 -58.04 -49.36
C GLY A 882 15.13 -57.14 -48.45
N LEU A 883 15.53 -55.87 -48.37
CA LEU A 883 14.93 -54.93 -47.43
C LEU A 883 14.63 -53.60 -48.10
N PHE A 884 13.98 -53.62 -49.26
CA PHE A 884 13.68 -52.37 -49.94
C PHE A 884 12.55 -51.61 -49.24
N ASP A 885 11.50 -52.34 -48.85
CA ASP A 885 10.35 -51.70 -48.22
C ASP A 885 10.66 -51.18 -46.83
N LEU A 886 11.57 -51.84 -46.10
CA LEU A 886 11.96 -51.35 -44.79
C LEU A 886 12.76 -50.06 -44.91
N GLY A 887 13.60 -49.96 -45.93
CA GLY A 887 14.40 -48.75 -46.10
C GLY A 887 13.56 -47.57 -46.54
N ARG A 888 12.56 -47.80 -47.39
CA ARG A 888 11.69 -46.72 -47.81
C ARG A 888 10.81 -46.22 -46.66
N THR A 889 10.38 -47.14 -45.78
CA THR A 889 9.58 -46.73 -44.63
C THR A 889 10.40 -45.92 -43.63
N VAL A 890 11.64 -46.35 -43.37
CA VAL A 890 12.47 -45.64 -42.39
C VAL A 890 12.89 -44.27 -42.91
N LEU A 891 13.10 -44.12 -44.21
CA LEU A 891 13.34 -42.79 -44.74
C LEU A 891 12.12 -41.89 -44.62
N CYS A 892 10.93 -42.46 -44.74
CA CYS A 892 9.71 -41.66 -44.60
C CYS A 892 9.48 -41.24 -43.16
N LEU A 893 9.94 -42.04 -42.20
CA LEU A 893 9.93 -41.56 -40.82
C LEU A 893 11.06 -40.59 -40.54
N ASP A 894 12.10 -40.59 -41.35
CA ASP A 894 13.22 -39.70 -41.08
C ASP A 894 12.89 -38.27 -41.51
N PHE A 895 12.04 -38.12 -42.51
CA PHE A 895 11.71 -36.80 -43.03
C PHE A 895 10.99 -35.94 -41.99
N MET A 896 10.23 -36.58 -41.10
CA MET A 896 9.57 -35.82 -40.05
C MET A 896 10.57 -35.26 -39.05
N ILE A 897 11.64 -36.00 -38.78
CA ILE A 897 12.63 -35.55 -37.81
C ILE A 897 13.45 -34.41 -38.39
N PHE A 898 13.80 -34.48 -39.67
CA PHE A 898 14.47 -33.35 -40.31
C PHE A 898 13.55 -32.14 -40.44
N THR A 899 12.24 -32.34 -40.42
CA THR A 899 11.34 -31.20 -40.50
C THR A 899 11.14 -30.56 -39.13
N LEU A 900 11.07 -31.37 -38.08
CA LEU A 900 10.95 -30.85 -36.72
C LEU A 900 12.20 -30.15 -36.21
N ARG A 901 13.35 -30.36 -36.87
CA ARG A 901 14.55 -29.57 -36.57
C ARG A 901 14.35 -28.10 -36.90
N LEU A 902 13.47 -27.80 -37.86
CA LEU A 902 13.25 -26.46 -38.35
C LEU A 902 12.51 -25.58 -37.34
N LEU A 903 11.91 -26.15 -36.31
CA LEU A 903 11.37 -25.36 -35.22
C LEU A 903 12.46 -24.81 -34.32
N HIS A 904 13.54 -25.56 -34.15
CA HIS A 904 14.61 -25.09 -33.29
C HIS A 904 15.45 -24.02 -33.97
N ILE A 905 15.51 -24.04 -35.30
CA ILE A 905 16.24 -23.01 -36.04
C ILE A 905 15.63 -21.63 -35.83
N PHE A 906 14.30 -21.55 -35.85
CA PHE A 906 13.61 -20.27 -35.77
C PHE A 906 13.42 -19.74 -34.36
N THR A 907 14.16 -20.25 -33.38
CA THR A 907 13.99 -19.68 -32.04
C THR A 907 14.79 -18.42 -31.83
N VAL A 908 15.61 -18.02 -32.81
CA VAL A 908 16.40 -16.81 -32.71
C VAL A 908 15.59 -15.59 -33.15
N ASN A 909 14.50 -15.79 -33.89
CA ASN A 909 13.68 -14.70 -34.38
C ASN A 909 12.97 -14.01 -33.22
N LYS A 910 12.68 -12.72 -33.41
CA LYS A 910 12.02 -11.95 -32.36
C LYS A 910 10.55 -12.32 -32.21
N GLN A 911 9.83 -12.37 -33.33
CA GLN A 911 8.39 -12.54 -33.30
C GLN A 911 7.97 -13.96 -32.98
N LEU A 912 8.67 -14.95 -33.54
CA LEU A 912 8.28 -16.34 -33.32
C LEU A 912 9.05 -17.00 -32.20
N GLY A 913 10.03 -16.30 -31.62
CA GLY A 913 10.93 -16.87 -30.65
C GLY A 913 10.32 -17.34 -29.34
N PRO A 914 9.82 -16.42 -28.52
CA PRO A 914 9.32 -16.81 -27.19
C PRO A 914 8.10 -17.69 -27.23
N LYS A 915 7.33 -17.67 -28.31
CA LYS A 915 6.15 -18.53 -28.40
C LYS A 915 6.55 -19.99 -28.56
N ILE A 916 7.59 -20.27 -29.35
CA ILE A 916 8.13 -21.61 -29.49
C ILE A 916 8.71 -22.09 -28.17
N VAL A 917 9.21 -21.18 -27.35
CA VAL A 917 9.66 -21.55 -26.01
C VAL A 917 8.51 -22.03 -25.15
N ILE A 918 7.34 -21.38 -25.22
CA ILE A 918 6.22 -21.74 -24.36
C ILE A 918 5.51 -23.01 -24.83
N VAL A 919 5.81 -23.51 -26.03
CA VAL A 919 5.12 -24.71 -26.52
C VAL A 919 5.48 -25.95 -25.70
N SER A 920 6.73 -26.09 -25.27
CA SER A 920 7.14 -27.29 -24.56
C SER A 920 6.61 -27.36 -23.14
N LYS A 921 6.19 -26.25 -22.55
CA LYS A 921 5.74 -26.23 -21.17
C LYS A 921 4.26 -26.53 -21.02
N MET A 922 3.61 -26.98 -22.08
CA MET A 922 2.21 -27.34 -22.06
C MET A 922 1.99 -28.84 -21.99
N MET A 923 3.06 -29.61 -22.05
CA MET A 923 2.91 -31.05 -22.20
C MET A 923 2.47 -31.73 -20.93
N LYS A 924 2.62 -31.09 -19.78
CA LYS A 924 2.10 -31.70 -18.56
C LYS A 924 0.58 -31.63 -18.51
N ASP A 925 0.00 -30.59 -19.10
CA ASP A 925 -1.45 -30.53 -19.20
C ASP A 925 -1.96 -31.51 -20.25
N VAL A 926 -1.20 -31.71 -21.32
CA VAL A 926 -1.59 -32.68 -22.35
C VAL A 926 -1.54 -34.09 -21.79
N PHE A 927 -0.55 -34.38 -20.95
CA PHE A 927 -0.43 -35.73 -20.41
C PHE A 927 -1.51 -36.02 -19.38
N PHE A 928 -2.02 -34.99 -18.68
CA PHE A 928 -3.22 -35.21 -17.89
C PHE A 928 -4.41 -35.53 -18.78
N PHE A 929 -4.53 -34.82 -19.91
CA PHE A 929 -5.65 -35.06 -20.81
C PHE A 929 -5.62 -36.49 -21.35
N LEU A 930 -4.45 -36.99 -21.70
CA LEU A 930 -4.34 -38.34 -22.21
C LEU A 930 -4.61 -39.38 -21.13
N PHE A 931 -4.29 -39.08 -19.88
CA PHE A 931 -4.59 -40.04 -18.83
C PHE A 931 -6.09 -40.16 -18.61
N PHE A 932 -6.79 -39.04 -18.53
CA PHE A 932 -8.22 -39.08 -18.30
C PHE A 932 -8.94 -39.64 -19.51
N LEU A 933 -8.40 -39.38 -20.70
CA LEU A 933 -8.99 -39.88 -21.92
C LEU A 933 -8.83 -41.39 -22.03
N CYS A 934 -7.62 -41.90 -21.86
CA CYS A 934 -7.35 -43.32 -22.08
C CYS A 934 -8.06 -44.20 -21.07
N VAL A 935 -8.26 -43.72 -19.84
CA VAL A 935 -9.09 -44.47 -18.89
C VAL A 935 -10.53 -44.51 -19.38
N TRP A 936 -11.08 -43.36 -19.74
CA TRP A 936 -12.47 -43.31 -20.18
C TRP A 936 -12.69 -43.96 -21.54
N LEU A 937 -11.63 -44.08 -22.35
CA LEU A 937 -11.73 -44.69 -23.66
C LEU A 937 -11.71 -46.19 -23.57
N VAL A 938 -10.96 -46.74 -22.62
CA VAL A 938 -11.03 -48.16 -22.30
C VAL A 938 -12.42 -48.53 -21.81
N ALA A 939 -12.98 -47.72 -20.92
CA ALA A 939 -14.25 -48.07 -20.27
C ALA A 939 -15.41 -48.07 -21.26
N TYR A 940 -15.53 -47.01 -22.05
CA TYR A 940 -16.55 -46.96 -23.09
C TYR A 940 -16.32 -48.01 -24.15
N GLY A 941 -15.05 -48.23 -24.52
CA GLY A 941 -14.75 -49.11 -25.63
C GLY A 941 -15.11 -50.55 -25.35
N VAL A 942 -14.68 -51.08 -24.20
CA VAL A 942 -14.91 -52.48 -23.92
C VAL A 942 -16.37 -52.73 -23.55
N ALA A 943 -17.04 -51.75 -22.95
CA ALA A 943 -18.46 -51.94 -22.64
C ALA A 943 -19.31 -51.98 -23.90
N THR A 944 -19.00 -51.13 -24.88
CA THR A 944 -19.79 -51.11 -26.10
C THR A 944 -19.48 -52.31 -26.97
N GLU A 945 -18.21 -52.70 -27.03
CA GLU A 945 -17.82 -53.94 -27.72
C GLU A 945 -18.39 -55.19 -27.03
N GLY A 946 -18.73 -55.10 -25.75
CA GLY A 946 -19.28 -56.24 -25.04
C GLY A 946 -20.78 -56.38 -25.15
N ILE A 947 -21.53 -55.28 -25.13
CA ILE A 947 -22.98 -55.36 -25.25
C ILE A 947 -23.38 -55.79 -26.66
N LEU A 948 -22.78 -55.17 -27.66
CA LEU A 948 -22.79 -55.74 -28.99
C LEU A 948 -22.02 -57.05 -28.97
N ARG A 949 -22.34 -57.95 -29.89
CA ARG A 949 -21.60 -59.21 -30.01
C ARG A 949 -21.26 -59.42 -31.48
N PRO A 950 -20.16 -58.85 -31.95
CA PRO A 950 -19.79 -59.05 -33.34
C PRO A 950 -19.26 -60.45 -33.57
N GLN A 951 -19.49 -60.96 -34.77
CA GLN A 951 -19.07 -62.32 -35.09
C GLN A 951 -17.65 -62.41 -35.61
N ASP A 952 -17.21 -61.42 -36.39
CA ASP A 952 -15.80 -61.34 -36.76
C ASP A 952 -15.00 -60.94 -35.53
N ARG A 953 -14.31 -61.92 -34.96
CA ARG A 953 -13.62 -61.72 -33.69
C ARG A 953 -12.11 -61.95 -33.80
N SER A 954 -11.48 -61.36 -34.81
CA SER A 954 -10.03 -61.33 -34.84
C SER A 954 -9.51 -60.45 -33.71
N LEU A 955 -8.26 -60.67 -33.33
CA LEU A 955 -7.65 -59.78 -32.36
C LEU A 955 -7.48 -58.35 -32.86
N PRO A 956 -6.92 -58.06 -34.05
CA PRO A 956 -6.80 -56.64 -34.43
C PRO A 956 -8.11 -55.99 -34.80
N SER A 957 -9.14 -56.76 -35.14
CA SER A 957 -10.44 -56.15 -35.39
C SER A 957 -11.10 -55.71 -34.10
N ILE A 958 -10.88 -56.45 -33.01
CA ILE A 958 -11.36 -56.01 -31.72
C ILE A 958 -10.60 -54.78 -31.26
N LEU A 959 -9.28 -54.76 -31.47
CA LEU A 959 -8.48 -53.60 -31.09
C LEU A 959 -8.86 -52.35 -31.87
N ARG A 960 -9.31 -52.52 -33.11
CA ARG A 960 -9.84 -51.38 -33.85
C ARG A 960 -11.14 -50.89 -33.26
N ARG A 961 -12.07 -51.80 -32.98
CA ARG A 961 -13.38 -51.37 -32.51
C ARG A 961 -13.38 -50.94 -31.05
N VAL A 962 -12.31 -51.18 -30.31
CA VAL A 962 -12.27 -50.74 -28.91
C VAL A 962 -11.48 -49.45 -28.76
N PHE A 963 -10.33 -49.34 -29.42
CA PHE A 963 -9.48 -48.19 -29.19
C PHE A 963 -9.50 -47.19 -30.33
N TYR A 964 -9.74 -47.61 -31.55
CA TYR A 964 -9.58 -46.68 -32.65
C TYR A 964 -10.87 -45.94 -32.99
N ARG A 965 -12.00 -46.62 -32.96
CA ARG A 965 -13.26 -45.97 -33.27
C ARG A 965 -13.73 -44.97 -32.21
N PRO A 966 -13.68 -45.25 -30.89
CA PRO A 966 -14.04 -44.19 -29.94
C PRO A 966 -13.04 -43.05 -29.89
N TYR A 967 -11.83 -43.21 -30.42
CA TYR A 967 -10.91 -42.09 -30.50
C TYR A 967 -11.36 -41.11 -31.57
N LEU A 968 -11.84 -41.60 -32.71
CA LEU A 968 -12.27 -40.70 -33.75
C LEU A 968 -13.63 -40.09 -33.47
N GLN A 969 -14.38 -40.60 -32.50
CA GLN A 969 -15.65 -39.95 -32.17
C GLN A 969 -15.47 -38.63 -31.44
N ILE A 970 -14.28 -38.33 -30.94
CA ILE A 970 -14.04 -37.01 -30.38
C ILE A 970 -14.00 -35.98 -31.50
N PHE A 971 -13.46 -36.35 -32.65
CA PHE A 971 -13.23 -35.43 -33.74
C PHE A 971 -14.38 -35.42 -34.74
N GLY A 972 -15.57 -35.80 -34.30
CA GLY A 972 -16.74 -35.69 -35.13
C GLY A 972 -16.92 -36.80 -36.14
N GLN A 973 -16.25 -37.93 -35.97
CA GLN A 973 -16.40 -39.08 -36.84
C GLN A 973 -17.26 -40.08 -36.08
N ILE A 974 -18.57 -39.98 -36.26
CA ILE A 974 -19.49 -40.82 -35.48
C ILE A 974 -20.21 -41.78 -36.43
N PRO A 975 -19.81 -43.04 -36.48
CA PRO A 975 -20.56 -44.02 -37.28
C PRO A 975 -21.78 -44.52 -36.52
N GLN A 976 -22.95 -44.10 -36.97
CA GLN A 976 -24.18 -44.56 -36.34
C GLN A 976 -24.64 -45.88 -36.91
N GLU A 977 -24.37 -46.12 -38.19
CA GLU A 977 -24.78 -47.34 -38.87
C GLU A 977 -23.97 -48.54 -38.46
N GLU A 978 -22.84 -48.36 -37.79
CA GLU A 978 -22.06 -49.47 -37.28
C GLU A 978 -22.49 -49.93 -35.91
N MET A 979 -23.26 -49.13 -35.19
CA MET A 979 -23.55 -49.47 -33.80
C MET A 979 -24.98 -49.14 -33.38
N ASP A 980 -25.93 -49.15 -34.31
CA ASP A 980 -27.33 -48.90 -33.98
C ASP A 980 -28.21 -49.71 -34.92
N VAL A 981 -29.03 -50.60 -34.34
CA VAL A 981 -29.81 -51.56 -35.09
C VAL A 981 -30.89 -50.88 -35.93
N ALA A 982 -31.45 -49.77 -35.44
CA ALA A 982 -32.54 -49.09 -36.13
C ALA A 982 -32.12 -48.48 -37.46
N LEU A 983 -30.83 -48.24 -37.66
CA LEU A 983 -30.31 -47.79 -38.94
C LEU A 983 -29.75 -48.95 -39.76
N MET A 984 -30.08 -50.17 -39.39
CA MET A 984 -29.55 -51.37 -40.01
C MET A 984 -30.72 -52.21 -40.50
N ILE A 985 -30.40 -53.32 -41.16
CA ILE A 985 -31.39 -54.30 -41.57
C ILE A 985 -31.21 -55.54 -40.71
N PRO A 986 -32.28 -56.23 -40.34
CA PRO A 986 -32.10 -57.48 -39.58
C PRO A 986 -31.66 -58.63 -40.47
N GLY A 987 -31.55 -59.81 -39.90
CA GLY A 987 -31.14 -60.97 -40.68
C GLY A 987 -30.81 -62.13 -39.77
N ASN A 988 -30.83 -63.31 -40.37
CA ASN A 988 -30.54 -64.58 -39.68
C ASN A 988 -29.06 -64.91 -39.79
N CYS A 989 -28.23 -63.93 -39.40
CA CYS A 989 -26.80 -63.99 -39.69
C CYS A 989 -26.00 -64.77 -38.66
N SER A 990 -26.63 -65.37 -37.65
CA SER A 990 -25.89 -66.10 -36.63
C SER A 990 -26.59 -67.41 -36.31
N MET A 991 -25.78 -68.47 -36.24
CA MET A 991 -26.28 -69.79 -35.83
C MET A 991 -26.25 -69.90 -34.31
N GLU A 992 -27.11 -69.11 -33.68
CA GLU A 992 -27.09 -68.96 -32.24
C GLU A 992 -28.44 -68.38 -31.82
N ARG A 993 -28.75 -68.51 -30.54
CA ARG A 993 -30.03 -68.07 -30.02
C ARG A 993 -30.02 -66.56 -29.78
N GLY A 994 -31.08 -65.89 -30.21
CA GLY A 994 -31.24 -64.46 -30.05
C GLY A 994 -31.49 -63.75 -31.37
N SER A 995 -31.76 -62.46 -31.27
CA SER A 995 -31.92 -61.61 -32.44
C SER A 995 -30.56 -61.14 -32.92
N TRP A 996 -30.43 -60.99 -34.22
CA TRP A 996 -29.16 -60.58 -34.80
C TRP A 996 -29.44 -59.66 -35.98
N ALA A 997 -28.48 -58.79 -36.28
CA ALA A 997 -28.64 -57.85 -37.38
C ALA A 997 -27.29 -57.62 -38.05
N HIS A 998 -27.35 -57.06 -39.25
CA HIS A 998 -26.21 -57.02 -40.17
C HIS A 998 -25.80 -55.59 -40.50
N PRO A 999 -24.66 -55.10 -40.02
CA PRO A 999 -24.32 -53.70 -40.24
C PRO A 999 -23.56 -53.47 -41.55
N GLU A 1000 -23.27 -52.20 -41.79
CA GLU A 1000 -22.54 -51.76 -42.99
C GLU A 1000 -21.09 -51.52 -42.64
N GLY A 1001 -20.18 -51.97 -43.49
CA GLY A 1001 -18.77 -51.79 -43.26
C GLY A 1001 -18.02 -53.10 -43.27
N PRO A 1002 -16.80 -53.09 -43.83
CA PRO A 1002 -16.01 -54.32 -43.87
C PRO A 1002 -15.47 -54.74 -42.51
N VAL A 1003 -15.16 -53.80 -41.62
CA VAL A 1003 -14.53 -54.10 -40.35
C VAL A 1003 -15.47 -53.91 -39.17
N ALA A 1004 -16.73 -53.56 -39.42
CA ALA A 1004 -17.70 -53.31 -38.37
C ALA A 1004 -18.30 -54.58 -37.76
N GLY A 1005 -17.74 -55.75 -38.04
CA GLY A 1005 -18.32 -56.99 -37.60
C GLY A 1005 -19.44 -57.44 -38.51
N SER A 1006 -19.43 -58.73 -38.82
CA SER A 1006 -20.31 -59.22 -39.88
C SER A 1006 -21.76 -59.37 -39.44
N CYS A 1007 -22.01 -59.43 -38.14
CA CYS A 1007 -23.32 -59.74 -37.59
C CYS A 1007 -23.31 -59.35 -36.14
N VAL A 1008 -24.28 -58.54 -35.71
CA VAL A 1008 -24.22 -57.95 -34.39
C VAL A 1008 -25.55 -58.19 -33.70
N SER A 1009 -25.55 -58.08 -32.37
CA SER A 1009 -26.70 -58.43 -31.57
C SER A 1009 -27.66 -57.27 -31.41
N GLN A 1010 -28.94 -57.60 -31.19
CA GLN A 1010 -29.97 -56.59 -31.02
C GLN A 1010 -30.43 -56.42 -29.59
N TYR A 1011 -29.98 -57.28 -28.67
CA TYR A 1011 -30.48 -57.23 -27.31
C TYR A 1011 -29.97 -56.00 -26.60
N ALA A 1012 -30.90 -55.23 -26.02
CA ALA A 1012 -30.63 -54.08 -25.16
C ALA A 1012 -29.78 -53.02 -25.88
N ASN A 1013 -30.21 -52.68 -27.09
CA ASN A 1013 -29.47 -51.75 -27.91
C ASN A 1013 -29.56 -50.32 -27.41
N TRP A 1014 -30.63 -49.97 -26.70
CA TRP A 1014 -30.81 -48.63 -26.19
C TRP A 1014 -29.72 -48.24 -25.21
N LEU A 1015 -29.12 -49.22 -24.53
CA LEU A 1015 -28.00 -48.94 -23.65
C LEU A 1015 -26.76 -48.58 -24.44
N VAL A 1016 -26.63 -49.09 -25.67
CA VAL A 1016 -25.50 -48.70 -26.51
C VAL A 1016 -25.67 -47.26 -26.97
N VAL A 1017 -26.90 -46.88 -27.35
CA VAL A 1017 -27.18 -45.50 -27.72
C VAL A 1017 -26.98 -44.56 -26.53
N LEU A 1018 -27.35 -45.03 -25.34
CA LEU A 1018 -27.20 -44.20 -24.15
C LEU A 1018 -25.74 -44.06 -23.74
N LEU A 1019 -24.91 -45.07 -24.02
CA LEU A 1019 -23.48 -44.90 -23.78
C LEU A 1019 -22.86 -43.96 -24.79
N LEU A 1020 -23.42 -43.86 -25.99
CA LEU A 1020 -22.89 -42.93 -26.98
C LEU A 1020 -23.16 -41.50 -26.57
N ILE A 1021 -24.32 -41.25 -25.94
CA ILE A 1021 -24.64 -39.92 -25.47
C ILE A 1021 -23.75 -39.53 -24.31
N VAL A 1022 -23.52 -40.45 -23.37
CA VAL A 1022 -22.71 -40.15 -22.19
C VAL A 1022 -21.25 -39.94 -22.59
N PHE A 1023 -20.76 -40.70 -23.57
CA PHE A 1023 -19.38 -40.55 -24.01
C PHE A 1023 -19.15 -39.21 -24.68
N LEU A 1024 -20.08 -38.78 -25.54
CA LEU A 1024 -19.92 -37.49 -26.19
C LEU A 1024 -20.04 -36.34 -25.21
N LEU A 1025 -20.81 -36.53 -24.14
CA LEU A 1025 -20.91 -35.52 -23.10
C LEU A 1025 -19.61 -35.37 -22.32
N VAL A 1026 -19.05 -36.47 -21.85
CA VAL A 1026 -17.85 -36.36 -21.01
C VAL A 1026 -16.64 -35.98 -21.86
N ALA A 1027 -16.45 -36.63 -23.00
CA ALA A 1027 -15.27 -36.37 -23.81
C ALA A 1027 -15.33 -35.00 -24.48
N ASN A 1028 -16.38 -34.73 -25.23
CA ASN A 1028 -16.39 -33.51 -26.03
C ASN A 1028 -16.83 -32.27 -25.27
N ILE A 1029 -17.14 -32.35 -23.98
CA ILE A 1029 -17.51 -31.17 -23.22
C ILE A 1029 -16.66 -30.99 -21.97
N LEU A 1030 -16.57 -32.03 -21.14
CA LEU A 1030 -15.74 -31.92 -19.94
C LEU A 1030 -14.27 -31.86 -20.28
N LEU A 1031 -13.76 -32.84 -21.00
CA LEU A 1031 -12.31 -32.97 -21.14
C LEU A 1031 -11.72 -31.90 -22.03
N LEU A 1032 -12.41 -31.53 -23.10
CA LEU A 1032 -11.85 -30.53 -23.99
C LEU A 1032 -11.92 -29.15 -23.38
N ASN A 1033 -13.03 -28.81 -22.74
CA ASN A 1033 -13.13 -27.45 -22.23
C ASN A 1033 -12.35 -27.28 -20.93
N LEU A 1034 -12.16 -28.35 -20.17
CA LEU A 1034 -11.25 -28.27 -19.04
C LEU A 1034 -9.81 -28.20 -19.50
N LEU A 1035 -9.52 -28.70 -20.69
CA LEU A 1035 -8.17 -28.55 -21.20
C LEU A 1035 -7.89 -27.13 -21.66
N ILE A 1036 -8.89 -26.46 -22.23
CA ILE A 1036 -8.71 -25.05 -22.60
C ILE A 1036 -8.52 -24.19 -21.36
N ALA A 1037 -9.23 -24.51 -20.29
CA ALA A 1037 -9.07 -23.76 -19.05
C ALA A 1037 -7.70 -23.96 -18.42
N MET A 1038 -7.14 -25.18 -18.54
CA MET A 1038 -5.80 -25.39 -18.00
C MET A 1038 -4.72 -24.78 -18.86
N PHE A 1039 -4.94 -24.68 -20.18
CA PHE A 1039 -3.96 -23.98 -21.01
C PHE A 1039 -4.00 -22.48 -20.77
N SER A 1040 -5.18 -21.93 -20.47
CA SER A 1040 -5.27 -20.50 -20.15
C SER A 1040 -4.57 -20.18 -18.84
N TYR A 1041 -4.78 -21.02 -17.83
CA TYR A 1041 -4.15 -20.79 -16.54
C TYR A 1041 -2.65 -20.92 -16.62
N THR A 1042 -2.16 -21.98 -17.26
CA THR A 1042 -0.72 -22.23 -17.31
C THR A 1042 -0.01 -21.16 -18.14
N PHE A 1043 -0.67 -20.68 -19.20
CA PHE A 1043 -0.03 -19.69 -20.07
C PHE A 1043 0.18 -18.36 -19.35
N SER A 1044 -0.82 -17.94 -18.57
CA SER A 1044 -0.62 -16.70 -17.82
C SER A 1044 0.32 -16.88 -16.64
N LYS A 1045 0.46 -18.10 -16.13
CA LYS A 1045 1.38 -18.32 -15.02
C LYS A 1045 2.83 -18.34 -15.49
N VAL A 1046 3.08 -18.81 -16.72
CA VAL A 1046 4.42 -19.11 -17.19
C VAL A 1046 5.03 -17.98 -18.02
N HIS A 1047 4.20 -17.12 -18.61
CA HIS A 1047 4.62 -16.22 -19.69
C HIS A 1047 5.71 -15.22 -19.27
N GLY A 1048 5.78 -14.85 -18.00
CA GLY A 1048 6.83 -13.98 -17.51
C GLY A 1048 8.20 -14.62 -17.50
N ASN A 1049 8.30 -15.80 -16.90
CA ASN A 1049 9.58 -16.50 -16.82
C ASN A 1049 10.06 -17.00 -18.18
N SER A 1050 9.13 -17.28 -19.10
CA SER A 1050 9.57 -17.71 -20.41
C SER A 1050 10.12 -16.54 -21.23
N ASP A 1051 9.64 -15.32 -20.99
CA ASP A 1051 10.28 -14.18 -21.65
C ASP A 1051 11.64 -13.88 -21.08
N LEU A 1052 11.81 -14.00 -19.76
CA LEU A 1052 13.15 -13.80 -19.18
C LEU A 1052 14.12 -14.87 -19.63
N TYR A 1053 13.67 -16.11 -19.74
CA TYR A 1053 14.55 -17.17 -20.15
C TYR A 1053 14.92 -17.07 -21.62
N TRP A 1054 14.01 -16.58 -22.46
CA TRP A 1054 14.36 -16.38 -23.87
C TRP A 1054 15.35 -15.25 -24.04
N LYS A 1055 15.16 -14.15 -23.30
CA LYS A 1055 16.09 -13.03 -23.41
C LYS A 1055 17.47 -13.36 -22.86
N ALA A 1056 17.56 -14.35 -21.97
CA ALA A 1056 18.87 -14.77 -21.52
C ALA A 1056 19.55 -15.67 -22.55
N GLN A 1057 18.81 -16.60 -23.16
CA GLN A 1057 19.42 -17.52 -24.11
C GLN A 1057 19.72 -16.89 -25.46
N ARG A 1058 19.18 -15.70 -25.72
CA ARG A 1058 19.27 -15.11 -27.05
C ARG A 1058 20.69 -14.68 -27.38
N TYR A 1059 21.51 -14.40 -26.37
CA TYR A 1059 22.92 -14.11 -26.61
C TYR A 1059 23.65 -15.33 -27.11
N SER A 1060 23.38 -16.50 -26.53
CA SER A 1060 24.04 -17.73 -26.96
C SER A 1060 23.67 -18.10 -28.39
N LEU A 1061 22.45 -17.79 -28.80
CA LEU A 1061 22.04 -18.13 -30.16
C LEU A 1061 22.73 -17.24 -31.18
N ILE A 1062 22.84 -15.94 -30.89
CA ILE A 1062 23.52 -15.03 -31.81
C ILE A 1062 25.00 -15.33 -31.89
N ARG A 1063 25.62 -15.63 -30.74
CA ARG A 1063 27.06 -15.89 -30.71
C ARG A 1063 27.41 -17.19 -31.44
N GLU A 1064 26.55 -18.21 -31.37
CA GLU A 1064 26.89 -19.42 -32.11
C GLU A 1064 26.61 -19.29 -33.60
N PHE A 1065 25.79 -18.34 -34.04
CA PHE A 1065 25.76 -18.03 -35.46
C PHE A 1065 26.91 -17.16 -35.89
N HIS A 1066 27.66 -16.59 -34.94
CA HIS A 1066 28.83 -15.82 -35.32
C HIS A 1066 30.03 -16.73 -35.56
N SER A 1067 30.13 -17.82 -34.81
CA SER A 1067 31.29 -18.72 -34.90
C SER A 1067 30.95 -19.90 -35.81
N ARG A 1068 30.65 -19.59 -37.06
CA ARG A 1068 30.26 -20.58 -38.04
C ARG A 1068 31.13 -20.45 -39.28
N PRO A 1069 31.28 -21.53 -40.05
CA PRO A 1069 31.82 -21.38 -41.39
C PRO A 1069 30.81 -20.63 -42.25
N ALA A 1070 31.28 -19.59 -42.94
CA ALA A 1070 30.37 -18.70 -43.64
C ALA A 1070 30.04 -19.20 -45.04
N LEU A 1071 29.63 -20.46 -45.16
CA LEU A 1071 29.18 -21.01 -46.42
C LEU A 1071 27.99 -21.93 -46.18
N ALA A 1072 27.35 -22.30 -47.28
CA ALA A 1072 26.16 -23.13 -47.24
C ALA A 1072 26.55 -24.59 -46.97
N PRO A 1073 25.63 -25.38 -46.44
CA PRO A 1073 25.88 -26.84 -46.26
C PRO A 1073 26.15 -27.61 -47.55
N PRO A 1074 25.72 -27.18 -48.75
CA PRO A 1074 26.35 -27.81 -49.93
C PRO A 1074 27.74 -27.29 -50.24
N LEU A 1075 28.18 -26.20 -49.60
CA LEU A 1075 29.50 -25.66 -49.85
C LEU A 1075 30.38 -25.60 -48.61
N ILE A 1076 29.92 -26.14 -47.47
CA ILE A 1076 30.74 -26.14 -46.27
C ILE A 1076 31.93 -27.08 -46.34
N ILE A 1077 31.91 -28.04 -47.26
CA ILE A 1077 32.97 -29.06 -47.26
C ILE A 1077 34.30 -28.47 -47.71
N ILE A 1078 34.26 -27.40 -48.52
CA ILE A 1078 35.51 -26.76 -48.91
C ILE A 1078 36.11 -25.98 -47.76
N SER A 1079 35.28 -25.55 -46.80
CA SER A 1079 35.77 -24.92 -45.58
C SER A 1079 36.09 -25.94 -44.50
N HIS A 1080 35.50 -27.13 -44.55
CA HIS A 1080 35.95 -28.19 -43.67
C HIS A 1080 37.31 -28.73 -44.09
N VAL A 1081 37.58 -28.78 -45.40
CA VAL A 1081 38.90 -29.20 -45.86
C VAL A 1081 39.91 -28.09 -45.62
N ARG A 1082 39.50 -26.82 -45.78
CA ARG A 1082 40.33 -25.69 -45.40
C ARG A 1082 40.69 -25.73 -43.92
N LEU A 1083 39.72 -26.09 -43.09
CA LEU A 1083 39.98 -26.26 -41.66
C LEU A 1083 40.88 -27.47 -41.39
N LEU A 1084 40.80 -28.49 -42.25
CA LEU A 1084 41.59 -29.70 -42.04
C LEU A 1084 43.04 -29.53 -42.45
N ILE A 1085 43.30 -28.84 -43.56
CA ILE A 1085 44.70 -28.58 -43.93
C ILE A 1085 45.30 -27.53 -43.02
N LYS A 1086 44.48 -26.64 -42.45
CA LYS A 1086 44.96 -25.73 -41.43
C LYS A 1086 45.25 -26.47 -40.12
N TRP A 1087 44.55 -27.58 -39.88
CA TRP A 1087 44.93 -28.47 -38.80
C TRP A 1087 46.20 -29.24 -39.10
N LEU A 1088 46.45 -29.54 -40.38
CA LEU A 1088 47.62 -30.33 -40.75
C LEU A 1088 48.90 -29.50 -40.87
N ARG A 1089 48.79 -28.18 -41.02
CA ARG A 1089 49.99 -27.36 -41.07
C ARG A 1089 50.58 -27.16 -39.67
N ARG A 1090 49.75 -27.24 -38.65
CA ARG A 1090 50.22 -27.06 -37.28
C ARG A 1090 50.95 -28.31 -36.80
N LEU A 1112 40.23 -1.37 -28.50
CA LEU A 1112 40.33 0.07 -28.38
C LEU A 1112 41.78 0.51 -28.21
N SER A 1113 41.96 1.82 -28.02
CA SER A 1113 43.26 2.39 -27.70
C SER A 1113 43.45 2.34 -26.19
N LYS A 1114 44.45 3.06 -25.69
CA LYS A 1114 44.62 3.15 -24.25
C LYS A 1114 43.96 4.42 -23.70
N GLU A 1115 44.05 5.52 -24.43
CA GLU A 1115 43.51 6.78 -23.96
C GLU A 1115 42.00 6.86 -24.07
N ALA A 1116 41.40 6.19 -25.07
CA ALA A 1116 39.95 6.09 -25.11
C ALA A 1116 39.44 5.20 -23.98
N GLU A 1117 40.24 4.23 -23.57
CA GLU A 1117 39.89 3.41 -22.41
C GLU A 1117 39.89 4.23 -21.14
N ARG A 1118 40.86 5.14 -20.99
CA ARG A 1118 40.91 5.98 -19.80
C ARG A 1118 39.75 6.96 -19.77
N LYS A 1119 39.41 7.55 -20.92
CA LYS A 1119 38.27 8.47 -20.96
C LYS A 1119 36.95 7.75 -20.73
N LEU A 1120 36.86 6.50 -21.19
CA LEU A 1120 35.67 5.69 -20.94
C LEU A 1120 35.49 5.39 -19.46
N LEU A 1121 36.57 4.99 -18.79
CA LEU A 1121 36.43 4.59 -17.39
C LEU A 1121 36.19 5.77 -16.48
N THR A 1122 36.72 6.96 -16.81
CA THR A 1122 36.37 8.13 -16.02
C THR A 1122 34.92 8.52 -16.23
N TRP A 1123 34.39 8.34 -17.44
CA TRP A 1123 32.99 8.64 -17.70
C TRP A 1123 32.07 7.70 -16.92
N GLU A 1124 32.44 6.42 -16.84
CA GLU A 1124 31.70 5.46 -16.04
C GLU A 1124 31.69 5.86 -14.58
N SER A 1125 32.85 6.27 -14.04
CA SER A 1125 32.94 6.56 -12.62
C SER A 1125 32.19 7.84 -12.25
N VAL A 1126 32.02 8.77 -13.19
CA VAL A 1126 31.21 9.95 -12.93
C VAL A 1126 29.75 9.55 -12.75
N HIS A 1127 29.23 8.73 -13.65
CA HIS A 1127 27.83 8.30 -13.51
C HIS A 1127 27.62 7.37 -12.33
N LYS A 1128 28.66 6.67 -11.90
CA LYS A 1128 28.60 5.93 -10.65
C LYS A 1128 28.42 6.86 -9.46
N GLU A 1129 29.15 7.98 -9.44
CA GLU A 1129 29.09 8.86 -8.29
C GLU A 1129 27.79 9.62 -8.22
N ASN A 1130 27.22 9.97 -9.38
CA ASN A 1130 25.91 10.62 -9.37
C ASN A 1130 24.82 9.66 -8.92
N PHE A 1131 24.95 8.38 -9.27
CA PHE A 1131 23.95 7.41 -8.86
C PHE A 1131 23.99 7.15 -7.36
N LEU A 1132 25.19 7.08 -6.78
CA LEU A 1132 25.27 6.85 -5.35
C LEU A 1132 24.82 8.07 -4.56
N LEU A 1133 25.05 9.28 -5.07
CA LEU A 1133 24.55 10.46 -4.39
C LEU A 1133 23.04 10.56 -4.46
N ALA A 1134 22.45 10.13 -5.58
CA ALA A 1134 21.00 10.17 -5.69
C ALA A 1134 20.35 9.16 -4.77
N GLN A 1135 20.92 7.96 -4.66
CA GLN A 1135 20.35 6.94 -3.79
C GLN A 1135 20.49 7.31 -2.32
N ALA A 1136 21.56 8.02 -1.97
CA ALA A 1136 21.75 8.45 -0.59
C ALA A 1136 20.73 9.51 -0.19
N ARG A 1137 20.43 10.46 -1.08
CA ARG A 1137 19.41 11.45 -0.77
C ARG A 1137 18.03 10.82 -0.73
N ASP A 1138 17.81 9.75 -1.49
CA ASP A 1138 16.49 9.13 -1.49
C ASP A 1138 16.27 8.29 -0.24
N LYS A 1139 17.33 7.78 0.36
CA LYS A 1139 17.12 7.11 1.65
C LYS A 1139 16.93 8.12 2.77
N ARG A 1140 17.74 9.19 2.78
CA ARG A 1140 17.75 10.12 3.91
C ARG A 1140 16.47 10.93 4.00
N ASP A 1141 15.86 11.28 2.87
CA ASP A 1141 14.69 12.14 2.88
C ASP A 1141 13.38 11.36 2.95
N SER A 1142 13.43 10.09 3.30
CA SER A 1142 12.20 9.33 3.48
C SER A 1142 11.58 9.65 4.83
N ASP A 1143 10.39 9.07 5.08
CA ASP A 1143 9.69 9.40 6.31
C ASP A 1143 10.23 8.66 7.51
N SER A 1144 10.63 7.40 7.36
CA SER A 1144 11.09 6.62 8.51
C SER A 1144 12.43 7.10 9.02
N GLU A 1145 13.31 7.54 8.12
CA GLU A 1145 14.60 8.08 8.53
C GLU A 1145 14.43 9.43 9.21
N ARG A 1146 13.46 10.21 8.74
CA ARG A 1146 13.15 11.48 9.38
C ARG A 1146 12.54 11.28 10.74
N LEU A 1147 11.79 10.20 10.93
CA LEU A 1147 11.27 9.85 12.24
C LEU A 1147 12.38 9.40 13.19
N LYS A 1148 13.42 8.77 12.65
CA LYS A 1148 14.57 8.41 13.49
C LYS A 1148 15.34 9.64 13.93
N ARG A 1149 15.55 10.59 13.02
CA ARG A 1149 16.30 11.79 13.37
C ARG A 1149 15.53 12.66 14.36
N THR A 1150 14.22 12.72 14.22
CA THR A 1150 13.41 13.51 15.14
C THR A 1150 13.38 12.87 16.52
N SER A 1151 13.35 11.54 16.57
CA SER A 1151 13.38 10.84 17.86
C SER A 1151 14.70 11.06 18.59
N GLN A 1152 15.79 11.16 17.84
CA GLN A 1152 17.08 11.51 18.46
C GLN A 1152 17.07 12.94 18.97
N LYS A 1153 16.41 13.86 18.25
CA LYS A 1153 16.38 15.26 18.66
C LYS A 1153 15.54 15.45 19.93
N VAL A 1154 14.45 14.71 20.06
CA VAL A 1154 13.61 14.84 21.25
C VAL A 1154 14.31 14.23 22.46
N ASP A 1155 15.06 13.14 22.25
CA ASP A 1155 15.86 12.57 23.33
C ASP A 1155 16.96 13.54 23.77
N THR A 1156 17.50 14.32 22.83
CA THR A 1156 18.47 15.35 23.19
C THR A 1156 17.83 16.45 24.02
N ALA A 1157 16.62 16.86 23.66
CA ALA A 1157 15.93 17.89 24.43
C ALA A 1157 15.52 17.40 25.81
N LEU A 1158 15.24 16.11 25.95
CA LEU A 1158 14.99 15.56 27.27
C LEU A 1158 16.25 15.53 28.12
N LYS A 1159 17.41 15.35 27.49
CA LYS A 1159 18.66 15.45 28.23
C LYS A 1159 18.93 16.89 28.66
N GLN A 1160 18.51 17.86 27.84
CA GLN A 1160 18.76 19.26 28.18
C GLN A 1160 17.86 19.76 29.29
N LEU A 1161 16.59 19.33 29.29
CA LEU A 1161 15.67 19.78 30.33
C LEU A 1161 16.01 19.19 31.69
N GLY A 1162 16.61 18.00 31.70
CA GLY A 1162 16.95 17.35 32.96
C GLY A 1162 18.04 18.05 33.73
N GLN A 1163 18.97 18.70 33.02
CA GLN A 1163 20.05 19.42 33.70
C GLN A 1163 19.50 20.66 34.40
N ILE A 1164 18.66 21.43 33.73
CA ILE A 1164 18.15 22.67 34.31
C ILE A 1164 17.12 22.43 35.40
N ARG A 1165 16.56 21.22 35.49
CA ARG A 1165 15.56 20.95 36.52
C ARG A 1165 16.21 20.86 37.90
N GLU A 1166 17.34 20.17 38.00
CA GLU A 1166 17.99 19.99 39.30
C GLU A 1166 19.01 21.08 39.58
N TYR A 1167 19.75 21.54 38.56
CA TYR A 1167 20.85 22.46 38.81
C TYR A 1167 20.34 23.85 39.17
N ASP A 1168 19.18 24.24 38.67
CA ASP A 1168 18.61 25.51 39.08
C ASP A 1168 18.05 25.43 40.50
N ARG A 1169 17.68 24.22 40.95
CA ARG A 1169 17.14 24.07 42.29
C ARG A 1169 18.21 24.31 43.35
N ARG A 1170 19.44 23.91 43.07
CA ARG A 1170 20.54 24.26 43.95
C ARG A 1170 20.85 25.75 43.86
N LEU A 1171 20.79 26.30 42.65
CA LEU A 1171 21.15 27.70 42.46
C LEU A 1171 20.10 28.64 43.05
N ARG A 1172 18.83 28.23 43.01
CA ARG A 1172 17.81 29.01 43.69
C ARG A 1172 17.95 28.89 45.20
N GLY A 1173 18.44 27.76 45.68
CA GLY A 1173 18.73 27.62 47.11
C GLY A 1173 19.93 28.46 47.50
N LEU A 1174 20.90 28.60 46.60
CA LEU A 1174 22.10 29.36 46.91
C LEU A 1174 21.80 30.84 47.00
N GLU A 1175 20.99 31.38 46.09
CA GLU A 1175 20.54 32.75 46.21
C GLU A 1175 19.63 32.92 47.41
N ARG A 1176 18.88 31.89 47.79
CA ARG A 1176 18.10 31.96 49.01
C ARG A 1176 19.00 31.86 50.23
N GLU A 1177 20.14 31.16 50.10
CA GLU A 1177 21.07 31.04 51.22
C GLU A 1177 21.72 32.38 51.53
N VAL A 1178 21.97 33.19 50.51
CA VAL A 1178 22.52 34.52 50.75
C VAL A 1178 21.45 35.46 51.29
N GLN A 1179 20.24 35.38 50.72
CA GLN A 1179 19.19 36.33 51.08
C GLN A 1179 18.64 36.05 52.47
N HIS A 1180 18.86 34.85 53.00
CA HIS A 1180 18.42 34.54 54.35
C HIS A 1180 19.22 35.35 55.38
N CYS A 1181 20.54 35.37 55.24
CA CYS A 1181 21.38 36.06 56.21
C CYS A 1181 21.53 37.53 55.86
N SER A 1182 21.26 37.91 54.61
CA SER A 1182 21.34 39.31 54.23
C SER A 1182 20.24 40.13 54.87
N ARG A 1183 19.08 39.54 55.10
CA ARG A 1183 18.02 40.24 55.81
C ARG A 1183 18.31 40.31 57.30
N VAL A 1184 18.90 39.25 57.87
CA VAL A 1184 19.25 39.26 59.28
C VAL A 1184 20.41 40.21 59.55
N LEU A 1185 21.34 40.32 58.60
CA LEU A 1185 22.36 41.35 58.71
C LEU A 1185 21.76 42.74 58.53
N THR A 1186 20.75 42.85 57.66
CA THR A 1186 19.98 44.09 57.60
C THR A 1186 19.22 44.30 58.89
N TRP A 1187 18.76 43.21 59.52
CA TRP A 1187 18.22 43.33 60.86
C TRP A 1187 19.31 43.60 61.89
N MET A 1188 20.53 43.10 61.64
CA MET A 1188 21.66 43.48 62.48
C MET A 1188 22.08 44.91 62.22
N ALA A 1189 21.92 45.38 60.98
CA ALA A 1189 21.98 46.82 60.72
C ALA A 1189 20.82 47.54 61.39
N GLU A 1190 19.65 46.90 61.42
CA GLU A 1190 18.54 47.46 62.19
C GLU A 1190 18.76 47.29 63.68
N ALA A 1191 19.57 46.30 64.07
CA ALA A 1191 20.00 46.25 65.47
C ALA A 1191 20.98 47.37 65.77
N LEU A 1192 21.70 47.85 64.76
CA LEU A 1192 22.51 49.05 64.92
C LEU A 1192 21.69 50.32 64.76
N SER A 1193 20.45 50.20 64.31
CA SER A 1193 19.57 51.36 64.17
C SER A 1193 18.78 51.59 65.45
N PRO B 12 45.70 26.26 -28.32
CA PRO B 12 44.83 25.94 -27.18
C PRO B 12 45.65 25.56 -25.97
N LYS B 13 46.26 24.36 -26.02
CA LYS B 13 47.24 23.96 -25.03
C LYS B 13 48.61 24.53 -25.33
N ILE B 14 48.91 24.79 -26.60
CA ILE B 14 50.12 25.52 -26.96
C ILE B 14 49.95 27.00 -26.61
N PHE B 15 48.71 27.49 -26.70
CA PHE B 15 48.36 28.87 -26.39
C PHE B 15 48.72 29.27 -24.96
N ARG B 16 48.66 28.31 -24.04
CA ARG B 16 49.02 28.57 -22.64
C ARG B 16 50.50 28.89 -22.49
N LYS B 17 51.34 28.31 -23.33
CA LYS B 17 52.74 28.69 -23.38
C LYS B 17 52.98 29.99 -24.12
N LYS B 18 52.26 30.21 -25.22
CA LYS B 18 52.50 31.38 -26.05
C LYS B 18 52.08 32.68 -25.38
N VAL B 19 51.10 32.63 -24.48
CA VAL B 19 50.74 33.83 -23.72
C VAL B 19 51.70 33.99 -22.55
N CYS B 20 51.77 32.98 -21.70
CA CYS B 20 52.51 33.07 -20.45
C CYS B 20 54.01 33.03 -20.72
N THR B 21 54.65 34.17 -20.48
CA THR B 21 56.10 34.26 -20.53
C THR B 21 56.63 34.48 -19.12
N THR B 22 57.68 33.73 -18.78
CA THR B 22 58.24 33.71 -17.45
C THR B 22 59.68 34.20 -17.47
N PHE B 23 60.07 34.91 -16.42
CA PHE B 23 61.37 35.56 -16.39
C PHE B 23 62.30 34.91 -15.37
N ILE B 24 63.57 34.81 -15.76
CA ILE B 24 64.59 34.18 -14.93
C ILE B 24 65.53 35.23 -14.35
N THR B 68 65.60 40.94 -16.28
CA THR B 68 65.39 39.50 -16.14
C THR B 68 65.05 38.86 -17.48
N THR B 69 65.72 37.74 -17.75
CA THR B 69 65.59 37.04 -19.03
C THR B 69 64.23 36.37 -19.11
N GLU B 70 63.32 36.95 -19.89
CA GLU B 70 61.96 36.46 -19.99
C GLU B 70 61.82 35.47 -21.14
N LYS B 71 61.06 34.40 -20.91
CA LYS B 71 60.89 33.31 -21.85
C LYS B 71 59.48 32.74 -21.69
N PRO B 72 58.81 32.37 -22.79
CA PRO B 72 57.54 31.65 -22.68
C PRO B 72 57.70 30.33 -21.92
N THR B 73 56.65 29.96 -21.21
CA THR B 73 56.75 28.88 -20.23
C THR B 73 56.62 27.53 -20.90
N ASP B 74 56.62 26.50 -20.05
CA ASP B 74 56.39 25.13 -20.47
C ASP B 74 55.43 24.39 -19.55
N ALA B 75 55.20 24.88 -18.34
CA ALA B 75 54.53 24.13 -17.27
C ALA B 75 53.06 24.53 -17.25
N TYR B 76 52.27 23.89 -18.09
CA TYR B 76 50.82 23.91 -18.03
C TYR B 76 50.38 22.47 -17.82
N GLY B 77 49.64 22.22 -16.77
CA GLY B 77 49.52 20.87 -16.23
C GLY B 77 48.10 20.36 -16.09
N ASP B 78 47.92 19.10 -16.49
CA ASP B 78 46.79 18.30 -16.04
C ASP B 78 47.26 17.51 -14.82
N LEU B 79 47.49 18.27 -13.74
CA LEU B 79 48.18 17.74 -12.58
C LEU B 79 47.25 16.89 -11.73
N ASP B 80 47.80 15.82 -11.16
CA ASP B 80 47.10 14.99 -10.19
C ASP B 80 48.12 14.31 -9.29
N PHE B 81 47.60 13.58 -8.30
CA PHE B 81 48.41 13.09 -7.20
C PHE B 81 48.49 11.57 -7.22
N THR B 82 49.64 11.10 -6.96
CA THR B 82 49.96 9.68 -7.01
C THR B 82 49.31 8.94 -5.83
N TYR B 83 48.73 7.78 -6.13
CA TYR B 83 48.26 6.80 -5.15
C TYR B 83 47.17 7.37 -4.24
N SER B 84 46.37 8.26 -4.83
CA SER B 84 45.27 8.96 -4.17
C SER B 84 44.06 9.10 -5.10
N GLY B 85 42.88 9.37 -4.51
CA GLY B 85 41.64 9.50 -5.26
C GLY B 85 41.18 10.85 -5.78
N ARG B 86 41.96 11.91 -5.57
CA ARG B 86 41.57 13.25 -6.03
C ARG B 86 41.44 13.36 -7.55
N LYS B 87 40.48 14.15 -8.00
CA LYS B 87 40.25 14.35 -9.43
C LYS B 87 41.44 15.15 -9.96
N HIS B 88 41.72 15.03 -11.25
CA HIS B 88 42.86 15.75 -11.82
C HIS B 88 42.68 17.25 -11.59
N SER B 89 43.76 17.97 -11.19
CA SER B 89 43.73 19.39 -10.90
C SER B 89 44.35 20.16 -12.06
N ASN B 90 43.61 21.14 -12.56
CA ASN B 90 44.13 21.98 -13.61
C ASN B 90 45.23 22.88 -13.05
N PHE B 91 46.20 23.21 -13.90
CA PHE B 91 47.46 23.72 -13.37
C PHE B 91 48.19 24.57 -14.40
N LEU B 92 48.83 25.64 -13.93
CA LEU B 92 49.64 26.51 -14.76
C LEU B 92 50.66 27.23 -13.91
N ARG B 93 51.91 27.22 -14.37
CA ARG B 93 52.97 28.06 -13.82
C ARG B 93 52.88 29.42 -14.48
N LEU B 94 52.97 30.48 -13.68
CA LEU B 94 52.72 31.83 -14.17
C LEU B 94 53.76 32.78 -13.61
N SER B 95 54.16 33.75 -14.42
CA SER B 95 55.08 34.76 -13.95
C SER B 95 54.35 35.87 -13.22
N ASP B 96 55.09 36.59 -12.39
CA ASP B 96 54.59 37.78 -11.72
C ASP B 96 54.52 38.92 -12.74
N ARG B 97 53.85 40.01 -12.32
CA ARG B 97 53.66 41.23 -13.12
C ARG B 97 52.90 40.94 -14.41
N THR B 98 52.00 39.97 -14.38
CA THR B 98 51.23 39.62 -15.55
C THR B 98 49.81 40.19 -15.47
N ASP B 99 49.06 40.02 -16.55
CA ASP B 99 47.74 40.59 -16.65
C ASP B 99 46.69 39.59 -16.22
N PRO B 100 45.83 39.92 -15.24
CA PRO B 100 44.85 38.95 -14.76
C PRO B 100 43.67 38.73 -15.69
N ALA B 101 43.58 39.49 -16.78
CA ALA B 101 42.47 39.33 -17.72
C ALA B 101 42.55 37.98 -18.43
N THR B 102 43.71 37.68 -19.01
CA THR B 102 43.92 36.39 -19.67
C THR B 102 43.96 35.23 -18.68
N VAL B 103 44.28 35.50 -17.41
CA VAL B 103 44.29 34.44 -16.42
C VAL B 103 42.86 34.05 -16.04
N TYR B 104 41.99 35.06 -15.91
CA TYR B 104 40.58 34.76 -15.66
C TYR B 104 39.93 34.10 -16.86
N SER B 105 40.35 34.47 -18.07
CA SER B 105 39.81 33.81 -19.25
C SER B 105 40.31 32.37 -19.35
N LEU B 106 41.51 32.10 -18.82
CA LEU B 106 41.96 30.71 -18.67
C LEU B 106 41.02 29.93 -17.78
N VAL B 107 40.63 30.52 -16.65
CA VAL B 107 39.85 29.80 -15.64
C VAL B 107 38.44 29.53 -16.16
N THR B 108 37.80 30.53 -16.74
CA THR B 108 36.41 30.36 -17.12
C THR B 108 36.21 29.85 -18.55
N ARG B 109 37.25 29.76 -19.36
CA ARG B 109 37.09 29.16 -20.68
C ARG B 109 37.95 27.91 -20.88
N SER B 110 39.26 27.98 -20.67
CA SER B 110 40.15 26.90 -21.06
C SER B 110 40.08 25.74 -20.08
N TRP B 111 40.14 26.03 -18.78
CA TRP B 111 39.80 25.03 -17.78
C TRP B 111 38.28 24.86 -17.70
N GLY B 112 37.60 25.95 -17.39
CA GLY B 112 36.15 26.04 -17.40
C GLY B 112 35.61 25.93 -16.00
N PHE B 113 35.44 27.08 -15.34
CA PHE B 113 34.85 27.19 -14.02
C PHE B 113 33.74 28.23 -14.11
N ARG B 114 32.76 28.12 -13.22
CA ARG B 114 31.71 29.13 -13.22
C ARG B 114 32.16 30.35 -12.41
N ALA B 115 31.42 31.44 -12.61
CA ALA B 115 31.80 32.70 -12.01
C ALA B 115 31.51 32.69 -10.51
N PRO B 116 32.34 33.35 -9.72
CA PRO B 116 32.10 33.42 -8.27
C PRO B 116 30.90 34.30 -7.95
N ASN B 117 30.13 33.86 -6.97
CA ASN B 117 29.16 34.71 -6.32
C ASN B 117 29.72 35.41 -5.10
N LEU B 118 30.92 35.01 -4.68
CA LEU B 118 31.59 35.54 -3.50
C LEU B 118 33.04 35.05 -3.55
N VAL B 119 33.97 35.89 -3.12
CA VAL B 119 35.38 35.52 -3.05
C VAL B 119 35.89 35.87 -1.66
N VAL B 120 36.32 34.86 -0.91
CA VAL B 120 36.90 35.05 0.41
C VAL B 120 38.33 34.54 0.34
N SER B 121 39.28 35.39 0.70
CA SER B 121 40.70 35.07 0.70
C SER B 121 41.23 35.08 2.12
N VAL B 122 41.75 33.94 2.56
CA VAL B 122 42.08 33.71 3.96
C VAL B 122 43.57 33.94 4.17
N LEU B 123 43.92 34.66 5.24
CA LEU B 123 45.29 34.97 5.61
C LEU B 123 45.54 34.53 7.05
N GLY B 124 46.82 34.47 7.42
CA GLY B 124 47.22 34.12 8.77
C GLY B 124 48.45 33.21 8.77
N GLY B 125 48.64 32.51 9.88
CA GLY B 125 49.71 31.53 9.98
C GLY B 125 50.70 31.71 11.12
N SER B 126 50.26 32.35 12.22
CA SER B 126 51.15 32.54 13.36
C SER B 126 51.30 31.25 14.17
N GLY B 127 50.18 30.68 14.63
CA GLY B 127 50.20 29.40 15.30
C GLY B 127 50.48 28.29 14.31
N GLY B 128 51.66 27.69 14.39
CA GLY B 128 52.19 26.90 13.30
C GLY B 128 51.51 25.58 13.02
N PRO B 129 51.72 24.56 13.86
CA PRO B 129 51.30 23.21 13.48
C PRO B 129 49.82 22.90 13.67
N VAL B 130 49.23 23.33 14.78
CA VAL B 130 47.88 22.93 15.15
C VAL B 130 47.09 24.17 15.55
N LEU B 131 45.94 24.36 14.93
CA LEU B 131 45.04 25.45 15.25
C LEU B 131 44.04 24.98 16.29
N GLN B 132 43.49 25.95 17.03
CA GLN B 132 42.46 25.66 18.02
C GLN B 132 41.19 25.15 17.34
N THR B 133 40.54 24.17 17.98
CA THR B 133 39.35 23.52 17.41
C THR B 133 38.15 24.45 17.32
N TRP B 134 38.12 25.52 18.12
CA TRP B 134 37.09 26.54 17.98
C TRP B 134 37.20 27.25 16.63
N LEU B 135 38.42 27.57 16.22
CA LEU B 135 38.62 28.12 14.89
C LEU B 135 38.51 27.08 13.79
N GLN B 136 38.80 25.80 14.10
CA GLN B 136 38.57 24.74 13.14
C GLN B 136 37.08 24.54 12.87
N ASP B 137 36.25 24.68 13.90
CA ASP B 137 34.81 24.67 13.72
C ASP B 137 34.37 25.89 12.93
N LEU B 138 35.06 27.02 13.12
CA LEU B 138 34.75 28.22 12.37
C LEU B 138 35.09 28.06 10.88
N LEU B 139 36.19 27.38 10.57
CA LEU B 139 36.51 27.16 9.16
C LEU B 139 35.60 26.11 8.54
N ARG B 140 35.42 24.98 9.20
CA ARG B 140 34.65 23.88 8.64
C ARG B 140 33.16 24.19 8.51
N ARG B 141 32.56 24.74 9.56
CA ARG B 141 31.13 24.99 9.55
C ARG B 141 30.76 26.47 9.44
N GLY B 142 31.73 27.36 9.27
CA GLY B 142 31.38 28.70 8.89
C GLY B 142 31.64 28.99 7.43
N LEU B 143 32.84 28.67 6.96
CA LEU B 143 33.33 29.15 5.68
C LEU B 143 33.16 28.15 4.54
N VAL B 144 33.35 26.87 4.82
CA VAL B 144 33.31 25.87 3.76
C VAL B 144 31.88 25.58 3.34
N ARG B 145 30.96 25.54 4.30
CA ARG B 145 29.57 25.35 3.93
C ARG B 145 28.95 26.62 3.40
N ALA B 146 29.53 27.78 3.70
CA ALA B 146 29.11 28.99 3.01
C ALA B 146 29.56 28.98 1.56
N ALA B 147 30.79 28.56 1.30
CA ALA B 147 31.25 28.44 -0.08
C ALA B 147 30.58 27.28 -0.80
N GLN B 148 30.08 26.29 -0.05
CA GLN B 148 29.27 25.24 -0.66
C GLN B 148 27.91 25.77 -1.07
N SER B 149 27.32 26.63 -0.24
CA SER B 149 25.96 27.09 -0.48
C SER B 149 25.90 28.15 -1.56
N THR B 150 26.66 29.23 -1.40
CA THR B 150 26.56 30.34 -2.33
C THR B 150 27.19 30.01 -3.68
N GLY B 151 28.29 29.28 -3.67
CA GLY B 151 29.05 29.04 -4.87
C GLY B 151 30.12 30.10 -4.92
N ALA B 152 31.34 29.75 -4.54
CA ALA B 152 32.30 30.77 -4.16
C ALA B 152 33.70 30.22 -4.34
N TRP B 153 34.67 31.10 -4.16
CA TRP B 153 36.08 30.74 -4.22
C TRP B 153 36.75 31.00 -2.89
N ILE B 154 37.72 30.16 -2.56
CA ILE B 154 38.56 30.34 -1.38
C ILE B 154 39.99 30.44 -1.86
N VAL B 155 40.60 31.59 -1.66
CA VAL B 155 41.98 31.83 -2.07
C VAL B 155 42.84 31.74 -0.83
N THR B 156 43.73 30.75 -0.79
CA THR B 156 44.63 30.53 0.33
C THR B 156 45.95 30.07 -0.28
N GLY B 157 47.00 29.99 0.53
CA GLY B 157 48.22 29.34 0.11
C GLY B 157 47.99 27.88 -0.20
N GLY B 158 48.46 27.42 -1.34
CA GLY B 158 48.20 26.06 -1.78
C GLY B 158 49.22 25.04 -1.29
N LEU B 159 49.82 25.30 -0.13
CA LEU B 159 50.83 24.43 0.42
C LEU B 159 50.25 23.57 1.53
N HIS B 160 51.10 22.74 2.13
CA HIS B 160 50.69 21.90 3.24
C HIS B 160 51.09 22.59 4.55
N THR B 161 51.62 23.81 4.43
CA THR B 161 52.10 24.56 5.58
C THR B 161 51.21 25.78 5.82
N GLY B 162 51.15 26.19 7.08
CA GLY B 162 50.42 27.39 7.44
C GLY B 162 48.92 27.21 7.51
N ILE B 163 48.19 28.02 6.75
CA ILE B 163 46.74 28.02 6.85
C ILE B 163 46.13 27.00 5.93
N GLY B 164 46.76 26.76 4.76
CA GLY B 164 46.21 25.85 3.78
C GLY B 164 46.14 24.41 4.24
N ARG B 165 46.95 24.04 5.23
CA ARG B 165 46.80 22.75 5.88
C ARG B 165 45.45 22.66 6.58
N HIS B 166 45.13 23.65 7.42
CA HIS B 166 43.87 23.62 8.16
C HIS B 166 42.67 23.84 7.25
N VAL B 167 42.87 24.59 6.16
CA VAL B 167 41.81 24.77 5.17
C VAL B 167 41.49 23.46 4.48
N GLY B 168 42.52 22.74 4.01
CA GLY B 168 42.31 21.49 3.33
C GLY B 168 41.75 20.41 4.23
N VAL B 169 42.10 20.45 5.52
CA VAL B 169 41.44 19.60 6.50
C VAL B 169 39.96 19.96 6.62
N ALA B 170 39.64 21.26 6.54
CA ALA B 170 38.25 21.68 6.66
C ALA B 170 37.42 21.30 5.44
N VAL B 171 38.00 21.41 4.24
CA VAL B 171 37.26 21.09 3.02
C VAL B 171 37.03 19.59 2.93
N ARG B 172 38.04 18.79 3.27
CA ARG B 172 37.90 17.34 3.22
C ARG B 172 36.93 16.84 4.29
N ASP B 173 36.97 17.44 5.48
CA ASP B 173 36.04 17.06 6.54
C ASP B 173 34.61 17.44 6.19
N HIS B 174 34.42 18.55 5.48
CA HIS B 174 33.06 18.92 5.11
C HIS B 174 32.53 18.05 3.98
N GLN B 175 33.40 17.60 3.07
CA GLN B 175 32.95 16.67 2.03
C GLN B 175 32.61 15.31 2.60
N THR B 176 33.10 15.00 3.80
CA THR B 176 32.66 13.78 4.47
C THR B 176 31.18 13.85 4.84
N ALA B 177 30.79 14.87 5.62
CA ALA B 177 29.49 14.92 6.26
C ALA B 177 28.49 15.81 5.54
N SER B 178 28.52 15.84 4.21
CA SER B 178 27.56 16.64 3.45
C SER B 178 27.41 16.05 2.06
N THR B 179 26.17 15.88 1.62
CA THR B 179 25.86 15.35 0.30
C THR B 179 25.07 16.39 -0.47
N GLY B 180 25.80 17.31 -1.11
CA GLY B 180 25.18 18.36 -1.90
C GLY B 180 25.48 18.21 -3.39
N SER B 181 26.24 17.16 -3.71
CA SER B 181 26.60 16.76 -5.08
C SER B 181 27.38 17.84 -5.82
N SER B 182 28.14 18.66 -5.10
CA SER B 182 28.96 19.69 -5.73
C SER B 182 30.13 20.01 -4.82
N LYS B 183 31.32 20.05 -5.42
CA LYS B 183 32.56 20.31 -4.71
C LYS B 183 32.66 21.77 -4.28
N VAL B 184 33.67 22.07 -3.48
CA VAL B 184 33.95 23.41 -3.02
C VAL B 184 35.19 23.91 -3.74
N VAL B 185 35.04 24.97 -4.53
CA VAL B 185 36.10 25.42 -5.42
C VAL B 185 37.14 26.14 -4.57
N ALA B 186 38.21 25.43 -4.22
CA ALA B 186 39.32 25.99 -3.47
C ALA B 186 40.48 26.23 -4.41
N MET B 187 40.94 27.48 -4.49
CA MET B 187 42.01 27.85 -5.39
C MET B 187 43.23 28.29 -4.58
N GLY B 188 44.38 27.75 -4.95
CA GLY B 188 45.58 28.01 -4.18
C GLY B 188 46.70 28.62 -4.97
N VAL B 189 47.34 29.64 -4.41
CA VAL B 189 48.49 30.29 -5.02
C VAL B 189 49.71 30.01 -4.15
N ALA B 190 50.88 29.94 -4.79
CA ALA B 190 52.13 29.62 -4.10
C ALA B 190 53.29 30.07 -4.99
N PRO B 191 54.40 30.52 -4.41
CA PRO B 191 55.53 30.93 -5.23
C PRO B 191 56.30 29.74 -5.76
N TRP B 192 56.87 29.91 -6.96
CA TRP B 192 57.54 28.83 -7.67
C TRP B 192 58.80 28.35 -6.97
N GLY B 193 59.46 29.21 -6.19
CA GLY B 193 60.74 28.84 -5.60
C GLY B 193 60.67 27.89 -4.42
N VAL B 194 59.60 27.95 -3.63
CA VAL B 194 59.46 27.17 -2.40
C VAL B 194 58.88 25.78 -2.68
N VAL B 195 58.52 25.51 -3.94
CA VAL B 195 57.90 24.25 -4.33
C VAL B 195 58.88 23.08 -4.13
N ARG B 196 58.39 22.01 -3.50
CA ARG B 196 59.21 20.83 -3.25
C ARG B 196 59.64 20.15 -4.54
N ASN B 197 58.67 19.78 -5.37
CA ASN B 197 58.92 18.84 -6.45
C ASN B 197 58.53 19.45 -7.79
N ARG B 198 59.00 20.68 -8.02
CA ARG B 198 58.72 21.38 -9.27
C ARG B 198 59.46 20.77 -10.46
N ASP B 199 60.43 19.89 -10.21
CA ASP B 199 61.23 19.29 -11.27
C ASP B 199 60.42 18.35 -12.14
N MET B 200 59.29 17.86 -11.65
CA MET B 200 58.47 16.92 -12.41
C MET B 200 57.42 17.63 -13.24
N LEU B 201 57.56 18.95 -13.44
CA LEU B 201 56.59 19.80 -14.11
C LEU B 201 57.17 20.48 -15.35
N ILE B 202 57.84 19.76 -16.24
CA ILE B 202 58.65 20.39 -17.27
C ILE B 202 58.02 20.27 -18.66
N ASN B 203 57.53 19.07 -19.03
CA ASN B 203 57.17 18.67 -20.40
C ASN B 203 56.12 19.57 -21.06
N PRO B 204 56.44 20.15 -22.22
CA PRO B 204 55.49 21.06 -22.87
C PRO B 204 54.44 20.37 -23.73
N LYS B 205 54.22 19.06 -23.52
CA LYS B 205 53.35 18.27 -24.41
C LYS B 205 51.90 18.74 -24.35
N GLY B 206 51.25 18.56 -23.21
CA GLY B 206 49.86 18.94 -23.11
C GLY B 206 48.93 17.91 -22.53
N SER B 207 48.21 18.31 -21.47
CA SER B 207 47.22 17.49 -20.75
C SER B 207 47.84 16.20 -20.20
N PHE B 208 49.09 16.30 -19.83
CA PHE B 208 49.86 15.14 -19.37
C PHE B 208 49.59 14.91 -17.89
N PRO B 209 49.39 13.67 -17.46
CA PRO B 209 49.35 13.41 -16.02
C PRO B 209 50.75 13.37 -15.43
N ALA B 210 51.15 14.45 -14.77
CA ALA B 210 52.45 14.49 -14.12
C ALA B 210 52.33 13.81 -12.77
N ARG B 211 52.97 12.66 -12.61
CA ARG B 211 52.77 11.83 -11.41
C ARG B 211 53.47 12.47 -10.22
N TYR B 212 52.84 13.51 -9.69
CA TYR B 212 53.42 14.39 -8.67
C TYR B 212 53.54 13.64 -7.35
N ARG B 213 54.76 13.46 -6.88
CA ARG B 213 55.02 12.69 -5.67
C ARG B 213 54.88 13.60 -4.45
N TRP B 214 53.72 13.50 -3.81
CA TRP B 214 53.55 14.05 -2.47
C TRP B 214 53.99 13.02 -1.44
N ARG B 215 54.04 13.46 -0.18
CA ARG B 215 54.28 12.67 1.03
C ARG B 215 55.75 12.19 1.15
N GLY B 216 56.57 12.43 0.13
CA GLY B 216 57.93 11.98 0.12
C GLY B 216 58.92 13.08 0.45
N ASP B 217 60.14 12.64 0.79
CA ASP B 217 61.31 13.46 1.15
C ASP B 217 61.03 14.45 2.27
N PRO B 218 60.88 14.00 3.53
CA PRO B 218 60.56 14.94 4.60
C PRO B 218 61.74 15.82 5.02
N GLU B 219 61.69 17.09 4.62
CA GLU B 219 62.67 18.08 5.03
C GLU B 219 61.94 19.37 5.38
N ASP B 220 62.41 20.04 6.43
CA ASP B 220 61.69 21.15 7.03
C ASP B 220 62.36 22.48 6.72
N GLY B 221 61.54 23.52 6.55
CA GLY B 221 61.98 24.90 6.48
C GLY B 221 62.11 25.45 5.07
N VAL B 222 62.57 24.64 4.12
CA VAL B 222 63.02 25.17 2.83
C VAL B 222 61.98 24.95 1.76
N GLU B 223 61.68 23.69 1.44
CA GLU B 223 60.76 23.35 0.37
C GLU B 223 59.53 22.67 0.93
N PHE B 224 58.37 23.08 0.42
CA PHE B 224 57.07 22.65 0.90
C PHE B 224 56.30 21.96 -0.22
N PRO B 225 55.56 20.90 0.06
CA PRO B 225 54.74 20.26 -0.96
C PRO B 225 53.43 20.99 -1.16
N LEU B 226 52.57 20.39 -1.99
CA LEU B 226 51.25 20.96 -2.27
C LEU B 226 50.17 20.19 -1.54
N ASP B 227 49.13 20.91 -1.14
CA ASP B 227 47.94 20.27 -0.59
C ASP B 227 47.11 19.72 -1.74
N TYR B 228 46.61 18.49 -1.58
CA TYR B 228 45.82 17.84 -2.61
C TYR B 228 44.34 18.16 -2.50
N ASN B 229 43.98 19.21 -1.77
CA ASN B 229 42.60 19.62 -1.58
C ASN B 229 42.26 20.90 -2.33
N TYR B 230 42.86 21.12 -3.49
CA TYR B 230 42.63 22.31 -4.28
C TYR B 230 42.32 21.93 -5.72
N SER B 231 41.37 22.64 -6.32
CA SER B 231 40.92 22.32 -7.66
C SER B 231 41.70 23.05 -8.74
N ALA B 232 42.54 24.01 -8.36
CA ALA B 232 43.40 24.72 -9.29
C ALA B 232 44.61 25.21 -8.53
N PHE B 233 45.68 25.49 -9.25
CA PHE B 233 46.92 25.98 -8.67
C PHE B 233 47.50 27.07 -9.57
N PHE B 234 47.97 28.15 -8.94
CA PHE B 234 48.61 29.27 -9.63
C PHE B 234 50.01 29.44 -9.06
N LEU B 235 51.01 28.83 -9.69
CA LEU B 235 52.37 28.92 -9.19
C LEU B 235 53.04 30.18 -9.74
N VAL B 236 53.22 31.16 -8.86
CA VAL B 236 53.77 32.46 -9.21
C VAL B 236 55.28 32.33 -9.36
N ASP B 237 55.79 32.70 -10.53
CA ASP B 237 57.21 32.70 -10.80
C ASP B 237 57.79 34.06 -10.42
N ASP B 238 58.75 34.04 -9.50
CA ASP B 238 59.46 35.24 -9.11
C ASP B 238 60.89 35.26 -9.62
N GLY B 239 61.46 34.11 -9.96
CA GLY B 239 62.85 34.00 -10.31
C GLY B 239 63.80 33.98 -9.13
N THR B 240 63.27 34.00 -7.90
CA THR B 240 64.09 34.16 -6.71
C THR B 240 64.59 32.83 -6.15
N TYR B 241 63.74 31.80 -6.21
CA TYR B 241 64.08 30.40 -5.92
C TYR B 241 64.61 30.22 -4.50
N GLY B 242 63.74 30.47 -3.54
CA GLY B 242 64.06 30.16 -2.16
C GLY B 242 63.59 31.17 -1.14
N ARG B 243 63.31 32.39 -1.58
CA ARG B 243 62.86 33.41 -0.66
C ARG B 243 61.36 33.25 -0.37
N LEU B 244 60.81 34.22 0.36
CA LEU B 244 59.43 34.12 0.83
C LEU B 244 58.43 34.37 -0.29
N GLY B 245 58.70 35.36 -1.14
CA GLY B 245 57.84 35.61 -2.28
C GLY B 245 57.32 37.03 -2.39
N GLY B 246 57.39 37.59 -3.60
CA GLY B 246 56.82 38.88 -3.89
C GLY B 246 55.46 38.74 -4.52
N GLU B 247 54.66 37.82 -3.97
CA GLU B 247 53.41 37.36 -4.54
C GLU B 247 52.25 38.30 -4.23
N ASN B 248 52.42 39.19 -3.23
CA ASN B 248 51.36 40.07 -2.75
C ASN B 248 50.87 41.05 -3.82
N ARG B 249 51.73 41.37 -4.79
CA ARG B 249 51.35 42.29 -5.85
C ARG B 249 50.33 41.66 -6.80
N PHE B 250 50.67 40.52 -7.38
CA PHE B 250 49.74 39.84 -8.29
C PHE B 250 48.54 39.25 -7.54
N ARG B 251 48.71 38.94 -6.26
CA ARG B 251 47.58 38.54 -5.43
C ARG B 251 46.55 39.65 -5.35
N LEU B 252 47.00 40.89 -5.12
CA LEU B 252 46.09 42.01 -5.03
C LEU B 252 45.53 42.40 -6.40
N ARG B 253 46.33 42.26 -7.47
CA ARG B 253 45.82 42.56 -8.80
C ARG B 253 44.78 41.54 -9.24
N PHE B 254 44.92 40.29 -8.79
CA PHE B 254 43.95 39.26 -9.17
C PHE B 254 42.64 39.47 -8.43
N GLU B 255 42.71 39.76 -7.14
CA GLU B 255 41.50 39.92 -6.35
C GLU B 255 40.78 41.23 -6.67
N SER B 256 41.53 42.27 -7.08
CA SER B 256 40.89 43.48 -7.55
C SER B 256 40.22 43.26 -8.89
N TYR B 257 40.84 42.47 -9.77
CA TYR B 257 40.26 42.24 -11.08
C TYR B 257 39.01 41.38 -11.02
N VAL B 258 38.95 40.45 -10.06
CA VAL B 258 37.71 39.71 -9.86
C VAL B 258 36.65 40.63 -9.25
N ALA B 259 37.07 41.61 -8.43
CA ALA B 259 36.14 42.61 -7.96
C ALA B 259 35.64 43.55 -9.05
N GLN B 260 36.28 43.57 -10.23
CA GLN B 260 35.78 44.38 -11.34
C GLN B 260 34.57 43.74 -12.00
N GLN B 261 34.51 42.42 -12.03
CA GLN B 261 33.62 41.71 -12.94
C GLN B 261 32.23 41.51 -12.35
N LYS B 262 31.26 41.29 -13.25
CA LYS B 262 29.85 41.30 -12.95
C LYS B 262 29.31 39.89 -12.84
N THR B 263 28.36 39.71 -11.93
CA THR B 263 27.74 38.41 -11.67
C THR B 263 26.67 38.14 -12.71
N GLY B 264 26.66 36.93 -13.27
CA GLY B 264 25.57 36.55 -14.14
C GLY B 264 26.08 35.77 -15.32
N VAL B 265 25.21 35.65 -16.32
CA VAL B 265 25.57 34.92 -17.53
C VAL B 265 26.38 35.79 -18.47
N GLY B 266 25.79 36.87 -18.95
CA GLY B 266 26.51 37.83 -19.75
C GLY B 266 26.85 39.06 -18.92
N GLY B 267 27.28 38.83 -17.69
CA GLY B 267 27.37 39.90 -16.74
C GLY B 267 25.97 40.27 -16.29
N THR B 268 25.63 41.57 -16.43
CA THR B 268 24.29 42.12 -16.17
C THR B 268 23.83 41.83 -14.74
N GLY B 269 24.75 41.97 -13.80
CA GLY B 269 24.40 41.86 -12.39
C GLY B 269 25.29 42.77 -11.57
N ILE B 270 25.27 42.62 -10.25
CA ILE B 270 26.14 43.43 -9.42
C ILE B 270 27.51 42.80 -9.45
N ASP B 271 28.53 43.52 -8.99
CA ASP B 271 29.89 43.01 -9.07
C ASP B 271 30.12 41.96 -8.01
N ILE B 272 31.07 41.07 -8.29
CA ILE B 272 31.40 39.93 -7.44
C ILE B 272 32.02 40.43 -6.15
N PRO B 273 31.39 40.25 -5.01
CA PRO B 273 31.93 40.82 -3.78
C PRO B 273 33.13 40.04 -3.28
N VAL B 274 34.16 40.78 -2.88
CA VAL B 274 35.44 40.22 -2.49
C VAL B 274 35.67 40.56 -1.02
N LEU B 275 35.90 39.54 -0.20
CA LEU B 275 36.13 39.71 1.22
C LEU B 275 37.47 39.10 1.57
N LEU B 276 38.08 39.58 2.65
CA LEU B 276 39.29 38.97 3.20
C LEU B 276 38.99 38.43 4.59
N LEU B 277 39.58 37.29 4.93
CA LEU B 277 39.45 36.71 6.25
C LEU B 277 40.83 36.63 6.88
N LEU B 278 40.98 37.24 8.05
CA LEU B 278 42.27 37.30 8.72
C LEU B 278 42.30 36.37 9.92
N ILE B 279 43.45 35.72 10.08
CA ILE B 279 43.80 34.95 11.26
C ILE B 279 45.07 35.67 11.74
N ASP B 280 45.75 35.14 12.76
CA ASP B 280 46.60 35.93 13.65
C ASP B 280 47.78 36.58 12.92
N GLY B 281 48.65 35.77 12.33
CA GLY B 281 49.63 36.29 11.39
C GLY B 281 50.82 37.01 12.00
N ASP B 282 51.43 37.85 11.16
CA ASP B 282 52.73 38.46 11.43
C ASP B 282 52.68 39.92 11.02
N GLU B 283 53.85 40.57 10.94
CA GLU B 283 53.89 41.97 10.52
C GLU B 283 53.67 42.12 9.03
N LYS B 284 54.19 41.17 8.24
CA LYS B 284 53.94 41.18 6.80
C LYS B 284 52.48 40.93 6.47
N MET B 285 51.75 40.28 7.38
CA MET B 285 50.31 40.22 7.24
C MET B 285 49.67 41.59 7.40
N LEU B 286 50.16 42.41 8.32
CA LEU B 286 49.64 43.77 8.48
C LEU B 286 49.98 44.65 7.27
N LYS B 287 51.13 44.45 6.65
CA LYS B 287 51.41 45.15 5.40
C LYS B 287 50.55 44.61 4.27
N ARG B 288 50.20 43.33 4.34
CA ARG B 288 49.24 42.76 3.40
C ARG B 288 47.84 43.32 3.61
N ILE B 289 47.49 43.65 4.86
CA ILE B 289 46.20 44.28 5.17
C ILE B 289 46.11 45.64 4.49
N GLU B 290 47.10 46.50 4.72
CA GLU B 290 46.98 47.87 4.24
C GLU B 290 47.16 47.96 2.73
N ASP B 291 47.98 47.09 2.15
CA ASP B 291 48.03 46.97 0.70
C ASP B 291 46.69 46.51 0.13
N ALA B 292 45.95 45.69 0.86
CA ALA B 292 44.65 45.25 0.36
C ALA B 292 43.61 46.35 0.46
N THR B 293 43.52 47.02 1.60
CA THR B 293 42.46 47.99 1.79
C THR B 293 42.69 49.31 1.06
N GLN B 294 43.90 49.54 0.52
CA GLN B 294 44.07 50.67 -0.38
C GLN B 294 43.32 50.49 -1.70
N ALA B 295 43.02 49.26 -2.09
CA ALA B 295 42.33 48.97 -3.34
C ALA B 295 40.85 48.67 -3.15
N GLN B 296 40.25 49.13 -2.04
CA GLN B 296 38.81 49.00 -1.74
C GLN B 296 38.35 47.54 -1.73
N LEU B 297 38.88 46.78 -0.78
CA LEU B 297 38.47 45.41 -0.55
C LEU B 297 38.15 45.24 0.92
N PRO B 298 36.89 44.95 1.30
CA PRO B 298 36.55 44.81 2.71
C PRO B 298 37.13 43.52 3.30
N CYS B 299 37.05 43.43 4.63
CA CYS B 299 37.71 42.36 5.35
C CYS B 299 36.87 41.95 6.54
N LEU B 300 37.38 40.96 7.28
CA LEU B 300 36.71 40.47 8.47
C LEU B 300 37.76 39.86 9.38
N LEU B 301 37.50 39.91 10.69
CA LEU B 301 38.50 39.61 11.70
C LEU B 301 38.05 38.44 12.56
N VAL B 302 39.01 37.71 13.11
CA VAL B 302 38.73 36.73 14.15
C VAL B 302 39.19 37.29 15.47
N ALA B 303 38.90 36.56 16.55
CA ALA B 303 39.41 36.90 17.86
C ALA B 303 40.38 35.88 18.43
N GLY B 304 41.24 35.30 17.59
CA GLY B 304 42.20 34.34 18.11
C GLY B 304 43.29 34.97 18.95
N SER B 305 44.21 35.66 18.30
CA SER B 305 45.37 36.31 18.93
C SER B 305 46.01 37.21 17.87
N GLY B 306 47.21 37.72 18.20
CA GLY B 306 48.05 38.33 17.20
C GLY B 306 47.55 39.69 16.72
N GLY B 307 47.78 39.96 15.44
CA GLY B 307 47.37 41.22 14.86
C GLY B 307 45.86 41.35 14.72
N ALA B 308 45.15 40.22 14.69
CA ALA B 308 43.70 40.26 14.61
C ALA B 308 43.10 40.80 15.91
N ALA B 309 43.49 40.21 17.04
CA ALA B 309 43.05 40.73 18.34
C ALA B 309 43.67 42.09 18.65
N ASP B 310 44.84 42.39 18.08
CA ASP B 310 45.41 43.73 18.18
C ASP B 310 44.48 44.75 17.53
N CYS B 311 43.98 44.45 16.34
CA CYS B 311 43.08 45.40 15.66
C CYS B 311 41.69 45.41 16.30
N LEU B 312 41.31 44.33 17.00
CA LEU B 312 40.02 44.34 17.70
C LEU B 312 40.03 45.30 18.86
N VAL B 313 41.06 45.23 19.71
CA VAL B 313 41.15 46.17 20.83
C VAL B 313 41.48 47.57 20.31
N GLU B 314 42.11 47.66 19.12
CA GLU B 314 42.27 48.95 18.47
C GLU B 314 40.93 49.55 18.04
N THR B 315 39.95 48.70 17.71
CA THR B 315 38.62 49.22 17.40
C THR B 315 37.68 49.22 18.60
N LEU B 316 38.10 48.65 19.73
CA LEU B 316 37.30 48.77 20.95
C LEU B 316 37.62 50.03 21.73
N GLU B 317 38.53 50.85 21.23
CA GLU B 317 38.86 52.12 21.88
C GLU B 317 38.73 53.28 20.90
N GLU B 331 51.87 56.38 23.21
CA GLU B 331 51.08 56.16 24.43
C GLU B 331 50.83 54.68 24.65
N ALA B 332 49.69 54.37 25.27
CA ALA B 332 49.31 52.99 25.52
C ALA B 332 48.98 52.23 24.23
N ARG B 333 48.66 52.95 23.14
CA ARG B 333 48.50 52.31 21.84
C ARG B 333 49.84 51.86 21.27
N ASP B 334 50.87 52.69 21.44
CA ASP B 334 52.24 52.25 21.18
C ASP B 334 52.62 51.08 22.08
N ARG B 335 52.13 51.06 23.32
CA ARG B 335 52.41 49.97 24.24
C ARG B 335 51.73 48.67 23.81
N ILE B 336 50.50 48.74 23.30
CA ILE B 336 49.82 47.56 22.78
C ILE B 336 50.55 47.00 21.57
N ARG B 337 51.14 47.90 20.76
CA ARG B 337 52.04 47.47 19.69
C ARG B 337 53.28 46.76 20.23
N ARG B 338 53.74 47.12 21.42
CA ARG B 338 55.03 46.64 21.92
C ARG B 338 55.02 45.21 22.44
N TYR B 339 53.89 44.50 22.39
CA TYR B 339 53.95 43.12 22.85
C TYR B 339 53.25 42.09 21.97
N PHE B 340 52.56 42.48 20.89
CA PHE B 340 52.07 41.41 20.03
C PHE B 340 53.16 40.94 19.05
N PRO B 341 53.88 41.82 18.26
CA PRO B 341 55.00 41.28 17.49
C PRO B 341 56.32 41.31 18.23
N LYS B 342 56.42 42.19 19.23
CA LYS B 342 57.66 42.59 19.91
C LYS B 342 58.72 43.04 18.89
N GLY B 343 58.42 44.19 18.28
CA GLY B 343 59.39 44.85 17.43
C GLY B 343 58.85 45.95 16.56
N ASP B 344 59.69 46.97 16.30
CA ASP B 344 59.50 48.06 15.35
C ASP B 344 58.17 48.81 15.53
N PRO B 345 58.01 49.59 16.59
CA PRO B 345 56.68 50.10 16.96
C PRO B 345 56.12 51.21 16.07
N GLU B 346 56.95 52.17 15.62
CA GLU B 346 56.41 53.42 15.11
C GLU B 346 56.01 53.35 13.64
N VAL B 347 56.71 52.58 12.81
CA VAL B 347 56.30 52.38 11.43
C VAL B 347 54.97 51.62 11.39
N LEU B 348 54.83 50.63 12.26
CA LEU B 348 53.58 49.92 12.39
C LEU B 348 52.50 50.79 13.02
N GLN B 349 52.90 51.76 13.86
CA GLN B 349 51.94 52.74 14.35
C GLN B 349 51.44 53.63 13.21
N ALA B 350 52.28 53.88 12.20
CA ALA B 350 51.78 54.54 10.99
C ALA B 350 50.85 53.62 10.20
N GLN B 351 50.95 52.31 10.39
CA GLN B 351 50.00 51.42 9.74
C GLN B 351 48.70 51.31 10.53
N VAL B 352 48.75 51.53 11.85
CA VAL B 352 47.52 51.72 12.60
C VAL B 352 46.87 53.04 12.22
N GLU B 353 47.69 54.04 11.87
CA GLU B 353 47.17 55.28 11.30
C GLU B 353 46.42 55.01 10.01
N ARG B 354 46.97 54.14 9.15
CA ARG B 354 46.29 53.80 7.91
C ARG B 354 45.04 52.98 8.14
N ILE B 355 45.01 52.18 9.22
CA ILE B 355 43.78 51.51 9.67
C ILE B 355 42.70 52.53 9.96
N MET B 356 43.06 53.60 10.65
CA MET B 356 42.07 54.65 10.92
C MET B 356 41.83 55.57 9.73
N THR B 357 42.64 55.49 8.67
CA THR B 357 42.26 56.20 7.45
C THR B 357 41.08 55.52 6.78
N ARG B 358 41.01 54.18 6.82
CA ARG B 358 39.86 53.51 6.22
C ARG B 358 38.67 53.48 7.17
N LYS B 359 38.81 52.78 8.30
CA LYS B 359 37.95 52.84 9.50
C LYS B 359 36.56 52.21 9.28
N GLU B 360 36.20 51.90 8.04
CA GLU B 360 34.87 51.41 7.72
C GLU B 360 34.86 50.08 7.00
N LEU B 361 36.01 49.58 6.59
CA LEU B 361 36.12 48.26 5.97
C LEU B 361 36.54 47.19 6.96
N LEU B 362 36.21 47.36 8.25
CA LEU B 362 36.67 46.47 9.31
C LEU B 362 35.48 46.03 10.15
N THR B 363 35.30 44.72 10.28
CA THR B 363 34.18 44.13 10.98
C THR B 363 34.67 43.18 12.08
N VAL B 364 33.81 42.94 13.06
CA VAL B 364 34.13 42.13 14.22
C VAL B 364 33.20 40.93 14.24
N TYR B 365 33.78 39.73 14.23
CA TYR B 365 33.00 38.51 14.19
C TYR B 365 32.62 37.96 15.55
N SER B 366 33.45 38.17 16.58
CA SER B 366 33.35 37.35 17.79
C SER B 366 32.16 37.74 18.67
N SER B 367 31.52 38.87 18.39
CA SER B 367 30.37 39.29 19.19
C SER B 367 29.17 38.37 18.96
N GLU B 368 28.96 37.92 17.73
CA GLU B 368 27.86 37.02 17.40
C GLU B 368 28.42 35.87 16.58
N ASP B 369 28.28 34.66 17.11
CA ASP B 369 28.78 33.45 16.48
C ASP B 369 27.63 32.48 16.27
N GLY B 370 27.69 31.73 15.19
CA GLY B 370 26.61 30.80 14.87
C GLY B 370 26.92 30.05 13.60
N SER B 371 25.98 29.21 13.18
CA SER B 371 26.18 28.38 12.00
C SER B 371 25.97 29.18 10.72
N GLU B 372 24.74 29.63 10.49
CA GLU B 372 24.44 30.42 9.30
C GLU B 372 24.48 31.91 9.58
N GLU B 373 24.94 32.29 10.77
CA GLU B 373 25.17 33.70 11.10
C GLU B 373 26.30 34.28 10.28
N PHE B 374 27.21 33.42 9.79
CA PHE B 374 28.39 33.84 9.03
C PHE B 374 28.02 34.57 7.75
N GLU B 375 27.08 34.02 6.96
CA GLU B 375 26.68 34.65 5.71
C GLU B 375 25.99 35.99 5.93
N THR B 376 25.18 36.08 6.99
CA THR B 376 24.52 37.34 7.30
C THR B 376 25.54 38.39 7.76
N ILE B 377 26.61 37.96 8.42
CA ILE B 377 27.69 38.87 8.77
C ILE B 377 28.43 39.34 7.53
N VAL B 378 28.56 38.48 6.51
CA VAL B 378 29.20 38.89 5.26
C VAL B 378 28.36 39.94 4.55
N LEU B 379 27.03 39.77 4.55
CA LEU B 379 26.16 40.76 3.92
C LEU B 379 26.19 42.08 4.66
N ARG B 380 26.22 42.05 6.00
CA ARG B 380 26.33 43.27 6.77
C ARG B 380 27.72 43.90 6.62
N ALA B 381 28.72 43.10 6.29
CA ALA B 381 30.02 43.64 5.94
C ALA B 381 29.99 44.29 4.55
N LEU B 382 29.00 43.95 3.73
CA LEU B 382 28.83 44.68 2.48
C LEU B 382 27.88 45.86 2.63
N VAL B 383 27.03 45.86 3.67
CA VAL B 383 26.21 47.02 3.97
C VAL B 383 27.08 48.14 4.51
N LYS B 384 27.97 47.81 5.45
CA LYS B 384 28.83 48.81 6.06
C LYS B 384 29.87 49.31 5.07
N ALA B 385 30.30 48.47 4.14
CA ALA B 385 31.31 48.86 3.17
C ALA B 385 30.72 49.25 1.81
N CYS B 386 29.53 49.84 1.77
CA CYS B 386 29.00 50.31 0.50
C CYS B 386 29.53 51.69 0.15
N GLY B 387 29.68 52.56 1.15
CA GLY B 387 30.15 53.89 0.89
C GLY B 387 29.04 54.92 0.76
N SER B 388 28.63 55.21 -0.47
CA SER B 388 27.79 56.37 -0.73
C SER B 388 26.33 56.13 -0.34
N SER B 389 25.66 55.21 -1.03
CA SER B 389 24.19 55.17 -0.98
C SER B 389 23.70 53.94 -0.22
N GLU B 390 22.67 54.15 0.61
CA GLU B 390 22.00 53.04 1.26
C GLU B 390 21.00 52.37 0.33
N ALA B 391 20.39 53.15 -0.57
CA ALA B 391 19.45 52.58 -1.53
C ALA B 391 20.13 51.64 -2.51
N SER B 392 21.34 51.98 -2.95
CA SER B 392 22.11 51.05 -3.75
C SER B 392 22.72 49.95 -2.89
N ALA B 393 22.84 50.18 -1.57
CA ALA B 393 23.32 49.12 -0.69
C ALA B 393 22.27 48.03 -0.52
N TYR B 394 21.01 48.41 -0.30
CA TYR B 394 19.96 47.42 -0.24
C TYR B 394 19.66 46.84 -1.61
N LEU B 395 19.87 47.63 -2.68
CA LEU B 395 19.80 47.08 -4.03
C LEU B 395 20.85 46.02 -4.25
N ASP B 396 22.07 46.26 -3.74
CA ASP B 396 23.11 45.23 -3.77
C ASP B 396 22.71 44.02 -2.94
N GLU B 397 22.08 44.22 -1.79
CA GLU B 397 21.79 43.11 -0.90
C GLU B 397 20.67 42.24 -1.44
N LEU B 398 19.68 42.86 -2.10
CA LEU B 398 18.61 42.08 -2.70
C LEU B 398 19.10 41.31 -3.92
N ARG B 399 19.86 41.96 -4.80
CA ARG B 399 20.35 41.29 -5.99
C ARG B 399 21.41 40.25 -5.67
N LEU B 400 22.09 40.37 -4.53
CA LEU B 400 23.06 39.35 -4.16
C LEU B 400 22.38 38.19 -3.46
N ALA B 401 21.30 38.45 -2.73
CA ALA B 401 20.52 37.35 -2.17
C ALA B 401 19.86 36.53 -3.26
N VAL B 402 19.47 37.17 -4.36
CA VAL B 402 19.03 36.42 -5.53
C VAL B 402 20.19 35.68 -6.17
N ALA B 403 21.36 36.33 -6.24
CA ALA B 403 22.52 35.70 -6.87
C ALA B 403 23.02 34.50 -6.08
N TRP B 404 22.93 34.56 -4.75
CA TRP B 404 23.35 33.44 -3.93
C TRP B 404 22.32 32.33 -3.87
N ASN B 405 21.11 32.56 -4.40
CA ASN B 405 20.00 31.61 -4.43
C ASN B 405 19.64 31.14 -3.02
N ARG B 406 19.45 32.12 -2.12
CA ARG B 406 19.10 31.84 -0.73
C ARG B 406 17.92 32.71 -0.34
N VAL B 407 16.71 32.16 -0.43
CA VAL B 407 15.49 32.89 -0.11
C VAL B 407 15.42 33.20 1.38
N ASP B 408 15.92 32.30 2.23
CA ASP B 408 15.72 32.37 3.67
C ASP B 408 16.43 33.55 4.31
N ILE B 409 17.35 34.18 3.60
CA ILE B 409 17.93 35.43 4.06
C ILE B 409 17.06 36.60 3.63
N ALA B 410 16.68 36.61 2.35
CA ALA B 410 16.04 37.79 1.77
C ALA B 410 14.62 37.98 2.28
N GLN B 411 13.88 36.88 2.44
CA GLN B 411 12.52 36.97 2.96
C GLN B 411 12.50 37.45 4.39
N SER B 412 13.46 36.99 5.18
CA SER B 412 13.42 37.16 6.62
C SER B 412 14.27 38.31 7.10
N GLU B 413 14.91 39.06 6.22
CA GLU B 413 15.67 40.22 6.62
C GLU B 413 15.40 41.47 5.79
N LEU B 414 14.83 41.34 4.60
CA LEU B 414 14.66 42.46 3.71
C LEU B 414 13.21 42.75 3.35
N PHE B 415 12.26 42.04 3.93
CA PHE B 415 10.84 42.31 3.70
C PHE B 415 10.08 42.25 5.00
N ARG B 416 10.74 42.65 6.09
CA ARG B 416 10.01 42.78 7.34
C ARG B 416 9.21 44.07 7.37
N GLY B 417 9.58 45.05 6.55
CA GLY B 417 8.81 46.26 6.45
C GLY B 417 9.57 47.49 6.90
N ASP B 418 10.82 47.29 7.31
CA ASP B 418 11.66 48.42 7.72
C ASP B 418 12.03 49.31 6.55
N ILE B 419 12.24 48.73 5.37
CA ILE B 419 12.65 49.47 4.19
C ILE B 419 11.43 49.61 3.29
N GLN B 420 11.07 50.84 2.94
CA GLN B 420 10.05 51.04 1.93
C GLN B 420 10.70 50.88 0.56
N TRP B 421 10.45 49.74 -0.06
CA TRP B 421 11.04 49.42 -1.35
C TRP B 421 10.28 50.12 -2.47
N ARG B 422 11.02 50.72 -3.39
CA ARG B 422 10.41 51.28 -4.58
C ARG B 422 10.26 50.19 -5.64
N SER B 423 9.76 50.57 -6.81
CA SER B 423 9.39 49.60 -7.82
C SER B 423 10.60 49.11 -8.61
N PHE B 424 11.40 50.04 -9.13
CA PHE B 424 12.52 49.65 -9.98
C PHE B 424 13.63 48.95 -9.19
N HIS B 425 13.67 49.13 -7.88
CA HIS B 425 14.52 48.29 -7.04
C HIS B 425 14.10 46.83 -7.09
N LEU B 426 12.80 46.56 -7.21
CA LEU B 426 12.34 45.20 -7.36
C LEU B 426 12.48 44.70 -8.79
N GLU B 427 12.26 45.57 -9.78
CA GLU B 427 12.25 45.15 -11.17
C GLU B 427 13.64 44.74 -11.64
N ALA B 428 14.68 45.41 -11.16
CA ALA B 428 16.04 45.02 -11.53
C ALA B 428 16.40 43.67 -10.95
N SER B 429 15.99 43.43 -9.71
CA SER B 429 16.21 42.12 -9.09
C SER B 429 15.40 41.02 -9.73
N LEU B 430 14.22 41.36 -10.26
CA LEU B 430 13.41 40.36 -10.95
C LEU B 430 14.02 39.99 -12.29
N MET B 431 14.66 40.96 -12.96
CA MET B 431 15.40 40.62 -14.17
C MET B 431 16.61 39.76 -13.88
N ASP B 432 17.26 39.98 -12.73
CA ASP B 432 18.34 39.07 -12.34
C ASP B 432 17.80 37.69 -11.99
N ALA B 433 16.56 37.61 -11.53
CA ALA B 433 15.94 36.34 -11.17
C ALA B 433 15.34 35.62 -12.37
N LEU B 434 15.09 36.31 -13.47
CA LEU B 434 14.57 35.68 -14.67
C LEU B 434 15.68 35.22 -15.61
N LEU B 435 16.80 35.96 -15.67
CA LEU B 435 17.90 35.51 -16.50
C LEU B 435 18.56 34.27 -15.91
N ASN B 436 18.75 34.25 -14.61
CA ASN B 436 19.13 33.03 -13.93
C ASN B 436 17.88 32.24 -13.60
N ASP B 437 18.06 31.04 -13.04
CA ASP B 437 16.94 30.12 -12.87
C ASP B 437 16.61 29.99 -11.38
N ARG B 438 15.75 30.91 -10.91
CA ARG B 438 15.30 30.93 -9.52
C ARG B 438 13.80 31.09 -9.50
N PRO B 439 13.02 30.00 -9.44
CA PRO B 439 11.57 30.13 -9.36
C PRO B 439 11.08 30.71 -8.05
N GLU B 440 11.82 30.48 -6.96
CA GLU B 440 11.36 30.90 -5.65
C GLU B 440 11.41 32.41 -5.50
N PHE B 441 12.45 33.04 -6.04
CA PHE B 441 12.54 34.49 -5.96
C PHE B 441 11.54 35.16 -6.89
N VAL B 442 11.18 34.52 -8.00
CA VAL B 442 10.18 35.09 -8.89
C VAL B 442 8.82 35.14 -8.19
N ARG B 443 8.46 34.05 -7.51
CA ARG B 443 7.22 34.04 -6.75
C ARG B 443 7.26 35.04 -5.59
N LEU B 444 8.43 35.21 -4.99
CA LEU B 444 8.55 36.10 -3.84
C LEU B 444 8.46 37.57 -4.26
N LEU B 445 8.97 37.90 -5.44
CA LEU B 445 8.97 39.30 -5.87
C LEU B 445 7.65 39.71 -6.50
N ILE B 446 6.96 38.79 -7.17
CA ILE B 446 5.64 39.13 -7.70
C ILE B 446 4.63 39.26 -6.55
N SER B 447 4.87 38.54 -5.45
CA SER B 447 3.96 38.58 -4.31
C SER B 447 3.94 39.92 -3.59
N HIS B 448 4.89 40.82 -3.86
CA HIS B 448 4.93 42.12 -3.21
C HIS B 448 4.34 43.23 -4.06
N GLY B 449 3.29 42.95 -4.82
CA GLY B 449 2.51 43.98 -5.46
C GLY B 449 3.17 44.68 -6.62
N LEU B 450 3.77 43.91 -7.52
CA LEU B 450 4.42 44.44 -8.71
C LEU B 450 3.48 44.28 -9.89
N SER B 451 3.56 45.21 -10.84
CA SER B 451 2.78 45.13 -12.06
C SER B 451 3.70 44.80 -13.23
N LEU B 452 3.29 43.83 -14.05
CA LEU B 452 4.07 43.48 -15.23
C LEU B 452 3.77 44.37 -16.43
N GLY B 453 2.75 45.22 -16.33
CA GLY B 453 2.42 46.09 -17.44
C GLY B 453 3.47 47.14 -17.72
N HIS B 454 4.24 47.51 -16.70
CA HIS B 454 5.40 48.34 -16.89
C HIS B 454 6.69 47.54 -16.94
N PHE B 455 6.65 46.27 -16.54
CA PHE B 455 7.88 45.49 -16.44
C PHE B 455 8.39 45.06 -17.82
N LEU B 456 7.58 44.32 -18.58
CA LEU B 456 8.07 43.68 -19.80
C LEU B 456 8.22 44.70 -20.92
N THR B 457 9.25 45.53 -20.80
CA THR B 457 9.71 46.32 -21.92
C THR B 457 10.28 45.40 -22.98
N PRO B 458 10.05 45.68 -24.27
CA PRO B 458 10.67 44.87 -25.34
C PRO B 458 12.19 44.84 -25.32
N VAL B 459 12.83 45.81 -24.67
CA VAL B 459 14.25 45.68 -24.35
C VAL B 459 14.50 44.49 -23.45
N ARG B 460 13.76 44.39 -22.35
CA ARG B 460 13.91 43.27 -21.42
C ARG B 460 13.48 41.95 -22.04
N LEU B 461 12.49 41.97 -22.93
CA LEU B 461 12.04 40.74 -23.56
C LEU B 461 13.09 40.21 -24.51
N ALA B 462 13.75 41.10 -25.25
CA ALA B 462 14.89 40.69 -26.06
C ALA B 462 16.05 40.22 -25.20
N GLN B 463 16.20 40.79 -24.00
CA GLN B 463 17.23 40.31 -23.09
C GLN B 463 16.89 38.95 -22.51
N LEU B 464 15.60 38.62 -22.40
CA LEU B 464 15.24 37.29 -21.91
C LEU B 464 15.57 36.22 -22.93
N TYR B 465 15.39 36.52 -24.22
CA TYR B 465 15.82 35.57 -25.22
C TYR B 465 17.31 35.67 -25.54
N SER B 466 18.03 36.58 -24.87
CA SER B 466 19.47 36.66 -25.08
C SER B 466 20.22 35.54 -24.36
N ALA B 467 19.84 35.25 -23.12
CA ALA B 467 20.57 34.29 -22.28
C ALA B 467 20.18 32.87 -22.69
N VAL B 468 20.76 32.43 -23.80
CA VAL B 468 20.49 31.12 -24.38
C VAL B 468 21.81 30.35 -24.44
N SER B 469 21.77 29.09 -24.02
CA SER B 469 22.96 28.25 -23.99
C SER B 469 23.49 28.03 -25.40
N PRO B 470 24.82 27.91 -25.56
CA PRO B 470 25.39 27.79 -26.91
C PRO B 470 25.04 26.50 -27.64
N ASN B 471 25.03 25.36 -26.96
CA ASN B 471 24.71 24.09 -27.59
C ASN B 471 23.26 23.67 -27.35
N SER B 472 22.34 24.62 -27.32
CA SER B 472 20.94 24.32 -27.10
C SER B 472 20.21 24.18 -28.43
N LEU B 473 18.90 23.96 -28.34
CA LEU B 473 18.07 23.81 -29.52
C LEU B 473 17.55 25.16 -30.00
N ILE B 474 17.10 26.00 -29.06
CA ILE B 474 16.55 27.30 -29.41
C ILE B 474 17.62 28.24 -29.95
N ARG B 475 18.89 28.01 -29.59
CA ARG B 475 19.99 28.75 -30.20
C ARG B 475 20.05 28.48 -31.70
N ASN B 476 19.89 27.22 -32.09
CA ASN B 476 19.89 26.87 -33.51
C ASN B 476 18.62 27.35 -34.20
N LEU B 477 17.49 27.31 -33.51
CA LEU B 477 16.24 27.71 -34.15
C LEU B 477 16.17 29.21 -34.34
N LEU B 478 16.69 29.98 -33.39
CA LEU B 478 16.74 31.42 -33.55
C LEU B 478 17.78 31.85 -34.56
N ASP B 479 18.86 31.08 -34.72
CA ASP B 479 19.83 31.40 -35.75
C ASP B 479 19.29 31.06 -37.13
N GLN B 480 18.33 30.14 -37.21
CA GLN B 480 17.65 29.92 -38.48
C GLN B 480 16.50 30.89 -38.70
N ALA B 481 16.04 31.56 -37.64
CA ALA B 481 15.12 32.68 -37.83
C ALA B 481 15.83 33.96 -38.21
N SER B 482 17.10 34.10 -37.84
CA SER B 482 17.93 35.20 -38.31
C SER B 482 18.35 35.04 -39.77
N HIS B 483 18.15 33.85 -40.34
CA HIS B 483 18.37 33.63 -41.76
C HIS B 483 17.35 34.38 -42.59
N ALA B 484 16.15 34.61 -42.05
CA ALA B 484 15.12 35.40 -42.71
C ALA B 484 14.65 36.52 -41.80
N PRO B 501 13.85 39.16 -30.83
CA PRO B 501 14.30 38.79 -32.17
C PRO B 501 13.15 38.41 -33.11
N ASN B 502 13.10 37.15 -33.50
CA ASN B 502 12.11 36.67 -34.48
C ASN B 502 11.37 35.44 -33.95
N VAL B 503 10.82 35.55 -32.75
CA VAL B 503 10.23 34.40 -32.06
C VAL B 503 8.97 33.91 -32.78
N GLY B 504 8.19 34.83 -33.34
CA GLY B 504 6.97 34.45 -34.04
C GLY B 504 7.21 33.63 -35.29
N GLN B 505 8.37 33.79 -35.92
CA GLN B 505 8.71 32.93 -37.05
C GLN B 505 9.14 31.55 -36.57
N VAL B 506 9.75 31.46 -35.39
CA VAL B 506 10.11 30.16 -34.85
C VAL B 506 8.86 29.38 -34.47
N LEU B 507 7.86 30.08 -33.93
CA LEU B 507 6.57 29.45 -33.67
C LEU B 507 5.87 29.05 -34.95
N ARG B 508 5.98 29.87 -35.98
CA ARG B 508 5.31 29.58 -37.25
C ARG B 508 5.95 28.38 -37.94
N THR B 509 7.27 28.30 -37.94
CA THR B 509 7.92 27.16 -38.56
C THR B 509 7.77 25.86 -37.76
N LEU B 510 7.65 25.95 -36.43
CA LEU B 510 7.44 24.73 -35.67
C LEU B 510 6.00 24.25 -35.74
N LEU B 511 5.04 25.16 -35.89
CA LEU B 511 3.64 24.80 -35.70
C LEU B 511 2.75 25.05 -36.90
N GLY B 512 3.11 25.93 -37.81
CA GLY B 512 2.34 26.11 -39.03
C GLY B 512 1.61 27.44 -39.12
N GLU B 513 0.70 27.50 -40.09
CA GLU B 513 -0.12 28.69 -40.28
C GLU B 513 -1.12 28.85 -39.14
N THR B 514 -1.87 27.78 -38.87
CA THR B 514 -2.64 27.72 -37.64
C THR B 514 -1.75 27.28 -36.49
N CYS B 515 -2.34 27.27 -35.29
CA CYS B 515 -1.74 26.76 -34.06
C CYS B 515 -0.43 27.46 -33.69
N ALA B 516 -0.26 28.69 -34.12
CA ALA B 516 0.97 29.42 -33.87
C ALA B 516 0.62 30.80 -33.33
N PRO B 517 1.19 31.20 -32.20
CA PRO B 517 0.96 32.56 -31.69
C PRO B 517 1.66 33.61 -32.53
N ARG B 518 1.34 34.86 -32.24
CA ARG B 518 1.82 35.97 -33.06
C ARG B 518 3.25 36.35 -32.67
N TYR B 519 3.45 36.76 -31.42
CA TYR B 519 4.75 37.20 -30.95
C TYR B 519 4.84 37.06 -29.44
N ALA B 557 -2.01 39.45 -20.89
CA ALA B 557 -1.06 39.82 -21.94
C ALA B 557 0.45 39.65 -21.60
N PRO B 558 0.94 39.98 -20.37
CA PRO B 558 2.35 39.68 -20.09
C PRO B 558 2.58 38.20 -19.82
N TRP B 559 1.60 37.57 -19.16
CA TRP B 559 1.78 36.20 -18.70
C TRP B 559 1.84 35.22 -19.87
N SER B 560 1.23 35.56 -21.00
CA SER B 560 1.32 34.70 -22.16
C SER B 560 2.71 34.73 -22.75
N ASP B 561 3.35 35.90 -22.75
CA ASP B 561 4.70 36.01 -23.28
C ASP B 561 5.72 35.35 -22.36
N LEU B 562 5.48 35.39 -21.06
CA LEU B 562 6.37 34.69 -20.15
C LEU B 562 6.16 33.18 -20.19
N LEU B 563 4.92 32.73 -20.48
CA LEU B 563 4.68 31.30 -20.57
C LEU B 563 5.36 30.72 -21.80
N ILE B 564 5.26 31.40 -22.94
CA ILE B 564 5.92 30.93 -24.15
C ILE B 564 7.42 31.02 -23.98
N TRP B 565 7.91 32.02 -23.23
CA TRP B 565 9.32 32.12 -22.91
C TRP B 565 9.83 30.91 -22.12
N ALA B 566 9.08 30.49 -21.11
CA ALA B 566 9.54 29.38 -20.28
C ALA B 566 9.47 28.05 -21.01
N LEU B 567 8.52 27.89 -21.94
CA LEU B 567 8.46 26.65 -22.69
C LEU B 567 9.59 26.56 -23.70
N LEU B 568 9.88 27.67 -24.38
CA LEU B 568 10.93 27.68 -25.40
C LEU B 568 12.32 27.44 -24.83
N LEU B 569 12.57 27.79 -23.57
CA LEU B 569 13.88 27.57 -22.96
C LEU B 569 13.91 26.38 -22.01
N ASN B 570 12.81 25.63 -21.90
CA ASN B 570 12.71 24.38 -21.13
C ASN B 570 13.01 24.62 -19.64
N ARG B 571 12.13 25.40 -19.00
CA ARG B 571 12.21 25.63 -17.56
C ARG B 571 10.91 25.20 -16.91
N ALA B 572 11.01 24.37 -15.87
CA ALA B 572 9.87 23.62 -15.39
C ALA B 572 8.94 24.44 -14.49
N GLN B 573 9.44 24.84 -13.31
CA GLN B 573 8.57 25.54 -12.37
C GLN B 573 8.27 26.96 -12.81
N MET B 574 9.08 27.50 -13.72
CA MET B 574 8.77 28.78 -14.33
C MET B 574 7.51 28.67 -15.18
N ALA B 575 7.41 27.61 -15.96
CA ALA B 575 6.24 27.43 -16.82
C ALA B 575 4.99 27.09 -16.03
N ILE B 576 5.13 26.30 -14.96
CA ILE B 576 3.97 25.95 -14.15
C ILE B 576 3.44 27.17 -13.41
N TYR B 577 4.34 28.01 -12.89
CA TYR B 577 3.91 29.22 -12.20
C TYR B 577 3.25 30.20 -13.14
N PHE B 578 3.81 30.38 -14.34
CA PHE B 578 3.25 31.33 -15.28
C PHE B 578 1.92 30.83 -15.85
N TRP B 579 1.70 29.52 -15.85
CA TRP B 579 0.39 29.01 -16.22
C TRP B 579 -0.62 29.27 -15.12
N GLU B 580 -0.18 29.21 -13.86
CA GLU B 580 -1.11 29.41 -12.75
C GLU B 580 -1.55 30.86 -12.64
N LYS B 581 -0.70 31.81 -13.00
CA LYS B 581 -1.07 33.21 -12.91
C LYS B 581 -1.83 33.72 -14.11
N GLY B 582 -1.60 33.16 -15.29
CA GLY B 582 -2.21 33.66 -16.51
C GLY B 582 -3.67 33.29 -16.64
N SER B 583 -4.22 33.60 -17.80
CA SER B 583 -5.62 33.39 -18.13
C SER B 583 -5.74 32.59 -19.42
N ASN B 584 -6.99 32.24 -19.76
CA ASN B 584 -7.34 31.38 -20.89
C ASN B 584 -6.59 30.05 -20.79
N SER B 585 -6.96 29.28 -19.78
CA SER B 585 -6.09 28.27 -19.21
C SER B 585 -6.07 26.94 -19.96
N VAL B 586 -7.22 26.45 -20.42
CA VAL B 586 -7.29 25.10 -20.96
C VAL B 586 -6.60 25.02 -22.32
N ALA B 587 -6.85 26.00 -23.19
CA ALA B 587 -6.19 26.03 -24.48
C ALA B 587 -4.70 26.28 -24.35
N SER B 588 -4.29 27.02 -23.31
CA SER B 588 -2.87 27.24 -23.11
C SER B 588 -2.18 25.98 -22.59
N ALA B 589 -2.90 25.13 -21.86
CA ALA B 589 -2.29 23.90 -21.39
C ALA B 589 -2.13 22.89 -22.51
N LEU B 590 -3.14 22.75 -23.38
CA LEU B 590 -3.01 21.85 -24.51
C LEU B 590 -2.00 22.36 -25.53
N GLY B 591 -1.95 23.68 -25.74
CA GLY B 591 -0.93 24.23 -26.62
C GLY B 591 0.47 24.11 -26.05
N ALA B 592 0.58 24.10 -24.72
CA ALA B 592 1.88 23.84 -24.09
C ALA B 592 2.34 22.43 -24.35
N CYS B 593 1.43 21.46 -24.22
CA CYS B 593 1.77 20.06 -24.48
C CYS B 593 2.12 19.84 -25.95
N LEU B 594 1.49 20.60 -26.84
CA LEU B 594 1.80 20.51 -28.26
C LEU B 594 3.22 20.97 -28.56
N LEU B 595 3.58 22.15 -28.04
CA LEU B 595 4.89 22.72 -28.34
C LEU B 595 6.02 21.90 -27.71
N LEU B 596 5.78 21.33 -26.54
CA LEU B 596 6.79 20.52 -25.89
C LEU B 596 7.03 19.20 -26.62
N ARG B 597 5.99 18.55 -27.11
CA ARG B 597 6.21 17.28 -27.79
C ARG B 597 6.78 17.47 -29.18
N VAL B 598 6.51 18.60 -29.83
CA VAL B 598 7.16 18.91 -31.10
C VAL B 598 8.65 19.10 -30.91
N MET B 599 9.05 19.83 -29.87
CA MET B 599 10.47 20.01 -29.61
C MET B 599 11.11 18.72 -29.11
N ALA B 600 10.33 17.84 -28.48
CA ALA B 600 10.89 16.59 -27.97
C ALA B 600 11.29 15.67 -29.10
N ARG B 601 10.58 15.72 -30.23
CA ARG B 601 11.03 14.96 -31.39
C ARG B 601 12.26 15.61 -32.03
N LEU B 602 12.22 16.93 -32.16
CA LEU B 602 13.32 17.68 -32.75
C LEU B 602 14.32 18.02 -31.66
N GLU B 603 14.98 16.99 -31.13
CA GLU B 603 15.96 17.17 -30.08
C GLU B 603 17.13 16.26 -30.35
N SER B 604 18.32 16.68 -29.91
CA SER B 604 19.51 15.86 -30.12
C SER B 604 19.83 14.98 -28.91
N GLU B 605 19.76 15.54 -27.71
CA GLU B 605 20.23 14.84 -26.53
C GLU B 605 19.10 14.12 -25.80
N ALA B 606 19.41 12.90 -25.34
CA ALA B 606 18.40 12.05 -24.73
C ALA B 606 17.97 12.53 -23.35
N GLU B 607 18.84 13.23 -22.62
CA GLU B 607 18.44 13.76 -21.32
C GLU B 607 17.44 14.89 -21.47
N GLU B 608 17.67 15.80 -22.42
CA GLU B 608 16.75 16.90 -22.60
C GLU B 608 15.50 16.48 -23.35
N ALA B 609 15.59 15.44 -24.20
CA ALA B 609 14.39 14.89 -24.81
C ALA B 609 13.48 14.25 -23.77
N ALA B 610 14.08 13.54 -22.81
CA ALA B 610 13.31 12.99 -21.71
C ALA B 610 12.73 14.07 -20.82
N ARG B 611 13.45 15.19 -20.67
CA ARG B 611 12.97 16.27 -19.82
C ARG B 611 11.78 16.97 -20.43
N ARG B 612 11.76 17.10 -21.76
CA ARG B 612 10.64 17.76 -22.42
C ARG B 612 9.39 16.90 -22.40
N LYS B 613 9.53 15.58 -22.57
CA LYS B 613 8.34 14.74 -22.56
C LYS B 613 7.72 14.65 -21.17
N ASP B 614 8.55 14.70 -20.12
CA ASP B 614 7.99 14.70 -18.77
C ASP B 614 7.24 15.98 -18.46
N LEU B 615 7.77 17.12 -18.91
CA LEU B 615 7.09 18.38 -18.63
C LEU B 615 5.83 18.52 -19.48
N ALA B 616 5.82 17.88 -20.64
CA ALA B 616 4.60 17.84 -21.46
C ALA B 616 3.51 17.02 -20.79
N ALA B 617 3.86 15.91 -20.15
CA ALA B 617 2.87 15.12 -19.45
C ALA B 617 2.32 15.84 -18.22
N THR B 618 3.11 16.74 -17.62
CA THR B 618 2.59 17.55 -16.53
C THR B 618 1.50 18.50 -17.02
N PHE B 619 1.71 19.14 -18.18
CA PHE B 619 0.70 20.06 -18.69
C PHE B 619 -0.55 19.35 -19.21
N GLU B 620 -0.41 18.13 -19.74
CA GLU B 620 -1.59 17.37 -20.13
C GLU B 620 -2.44 17.02 -18.92
N SER B 621 -1.79 16.67 -17.81
CA SER B 621 -2.53 16.32 -16.61
C SER B 621 -3.27 17.51 -16.00
N MET B 622 -2.71 18.70 -16.10
CA MET B 622 -3.36 19.86 -15.52
C MET B 622 -4.57 20.29 -16.33
N SER B 623 -4.52 20.13 -17.65
CA SER B 623 -5.71 20.40 -18.45
C SER B 623 -6.83 19.41 -18.16
N VAL B 624 -6.48 18.15 -17.88
CA VAL B 624 -7.47 17.15 -17.52
C VAL B 624 -8.18 17.51 -16.22
N ASP B 625 -7.42 17.92 -15.21
CA ASP B 625 -8.02 18.18 -13.91
C ASP B 625 -8.87 19.44 -13.92
N LEU B 626 -8.40 20.50 -14.59
CA LEU B 626 -9.15 21.75 -14.67
C LEU B 626 -10.46 21.57 -15.42
N PHE B 627 -10.42 20.91 -16.58
CA PHE B 627 -11.65 20.68 -17.32
C PHE B 627 -12.58 19.73 -16.58
N GLY B 628 -12.04 18.90 -15.70
CA GLY B 628 -12.89 18.11 -14.82
C GLY B 628 -13.80 18.97 -13.97
N GLU B 629 -13.22 19.94 -13.25
CA GLU B 629 -14.05 20.75 -12.35
C GLU B 629 -14.97 21.70 -13.11
N CYS B 630 -14.50 22.24 -14.25
CA CYS B 630 -15.37 23.05 -15.08
C CYS B 630 -16.52 22.26 -15.69
N TYR B 631 -16.38 20.94 -15.78
CA TYR B 631 -17.49 20.13 -16.25
C TYR B 631 -18.44 19.76 -15.12
N HIS B 632 -17.92 19.61 -13.90
CA HIS B 632 -18.80 19.26 -12.79
C HIS B 632 -19.67 20.43 -12.34
N ASN B 633 -19.28 21.67 -12.64
CA ASN B 633 -20.20 22.77 -12.38
C ASN B 633 -21.32 22.77 -13.42
N SER B 634 -20.98 22.97 -14.69
CA SER B 634 -21.96 23.03 -15.75
C SER B 634 -21.51 22.15 -16.89
N GLU B 635 -22.45 21.71 -17.71
CA GLU B 635 -22.13 21.00 -18.94
C GLU B 635 -22.24 21.89 -20.16
N GLU B 636 -23.27 22.73 -20.22
CA GLU B 636 -23.48 23.57 -21.39
C GLU B 636 -22.43 24.68 -21.47
N ARG B 637 -21.99 25.15 -20.32
CA ARG B 637 -21.01 26.21 -20.30
C ARG B 637 -19.61 25.68 -20.61
N ALA B 638 -19.30 24.47 -20.15
CA ALA B 638 -18.06 23.82 -20.56
C ALA B 638 -18.08 23.44 -22.02
N ALA B 639 -19.26 23.13 -22.56
CA ALA B 639 -19.39 22.89 -23.99
C ALA B 639 -19.09 24.15 -24.77
N ARG B 640 -19.49 25.31 -24.26
CA ARG B 640 -19.09 26.55 -24.91
C ARG B 640 -17.63 26.88 -24.64
N LEU B 641 -17.02 26.25 -23.63
CA LEU B 641 -15.61 26.50 -23.37
C LEU B 641 -14.71 25.82 -24.39
N LEU B 642 -15.00 24.56 -24.73
CA LEU B 642 -14.13 23.84 -25.65
C LEU B 642 -14.26 24.36 -27.07
N LEU B 643 -15.49 24.51 -27.55
CA LEU B 643 -15.77 24.74 -28.96
C LEU B 643 -15.70 26.23 -29.25
N ARG B 644 -14.48 26.76 -29.20
CA ARG B 644 -14.28 28.20 -29.27
C ARG B 644 -12.88 28.46 -29.80
N ARG B 645 -12.74 29.47 -30.65
CA ARG B 645 -11.45 29.80 -31.24
C ARG B 645 -10.62 30.57 -30.22
N CYS B 646 -9.51 30.00 -29.79
CA CYS B 646 -8.61 30.72 -28.90
C CYS B 646 -7.79 31.72 -29.69
N PRO B 647 -7.89 33.02 -29.42
CA PRO B 647 -7.23 34.02 -30.27
C PRO B 647 -5.73 34.11 -30.08
N LEU B 648 -5.16 33.39 -29.12
CA LEU B 648 -3.71 33.35 -28.97
C LEU B 648 -3.08 32.20 -29.76
N TRP B 649 -3.85 31.16 -30.09
CA TRP B 649 -3.25 30.01 -30.74
C TRP B 649 -3.75 29.86 -32.17
N GLY B 650 -3.87 30.98 -32.89
CA GLY B 650 -4.25 30.92 -34.29
C GLY B 650 -5.69 30.57 -34.54
N GLU B 651 -6.57 30.84 -33.57
CA GLU B 651 -8.01 30.56 -33.63
C GLU B 651 -8.30 29.09 -33.93
N ALA B 652 -7.52 28.21 -33.31
CA ALA B 652 -7.77 26.78 -33.37
C ALA B 652 -8.53 26.35 -32.12
N THR B 653 -9.52 25.50 -32.33
CA THR B 653 -10.35 24.97 -31.27
C THR B 653 -9.50 24.05 -30.37
N CYS B 654 -9.90 23.94 -29.10
CA CYS B 654 -9.15 23.13 -28.12
C CYS B 654 -9.08 21.67 -28.52
N LEU B 655 -10.12 21.16 -29.20
CA LEU B 655 -10.08 19.79 -29.67
C LEU B 655 -9.04 19.59 -30.76
N GLN B 656 -8.83 20.60 -31.60
CA GLN B 656 -7.82 20.50 -32.65
C GLN B 656 -6.42 20.45 -32.06
N LEU B 657 -6.17 21.23 -31.01
CA LEU B 657 -4.87 21.20 -30.35
C LEU B 657 -4.63 19.88 -29.66
N ALA B 658 -5.65 19.34 -29.00
CA ALA B 658 -5.48 18.04 -28.36
C ALA B 658 -5.38 16.92 -29.39
N MET B 659 -5.94 17.12 -30.58
CA MET B 659 -5.76 16.15 -31.65
C MET B 659 -4.33 16.14 -32.16
N GLN B 660 -3.76 17.31 -32.45
CA GLN B 660 -2.41 17.35 -32.99
C GLN B 660 -1.35 17.02 -31.96
N ALA B 661 -1.61 17.28 -30.68
CA ALA B 661 -0.63 17.03 -29.64
C ALA B 661 -0.61 15.58 -29.18
N ASP B 662 -1.52 14.74 -29.71
CA ASP B 662 -1.71 13.36 -29.30
C ASP B 662 -1.96 13.25 -27.80
N ALA B 663 -2.82 14.14 -27.30
CA ALA B 663 -3.25 14.09 -25.91
C ALA B 663 -4.33 13.04 -25.83
N ARG B 664 -3.91 11.78 -25.64
CA ARG B 664 -4.87 10.70 -25.57
C ARG B 664 -5.61 10.68 -24.25
N ALA B 665 -5.00 11.16 -23.18
CA ALA B 665 -5.69 11.18 -21.90
C ALA B 665 -6.72 12.30 -21.80
N PHE B 666 -6.65 13.29 -22.67
CA PHE B 666 -7.66 14.34 -22.64
C PHE B 666 -8.96 13.89 -23.27
N PHE B 667 -8.88 13.25 -24.45
CA PHE B 667 -10.08 12.75 -25.12
C PHE B 667 -10.74 11.61 -24.36
N ALA B 668 -10.01 10.88 -23.54
CA ALA B 668 -10.52 9.69 -22.89
C ALA B 668 -11.30 9.98 -21.62
N GLN B 669 -11.81 11.19 -21.45
CA GLN B 669 -12.59 11.51 -20.28
C GLN B 669 -14.04 11.08 -20.45
N ASP B 670 -14.91 11.65 -19.63
CA ASP B 670 -16.34 11.38 -19.77
C ASP B 670 -17.07 12.54 -20.42
N GLY B 671 -16.70 13.77 -20.08
CA GLY B 671 -17.41 14.91 -20.63
C GLY B 671 -17.08 15.15 -22.08
N VAL B 672 -15.84 14.88 -22.48
CA VAL B 672 -15.45 15.09 -23.87
C VAL B 672 -16.15 14.08 -24.76
N GLN B 673 -16.37 12.88 -24.25
CA GLN B 673 -17.09 11.87 -25.02
C GLN B 673 -18.57 12.20 -25.13
N SER B 674 -19.15 12.83 -24.11
CA SER B 674 -20.54 13.24 -24.22
C SER B 674 -20.71 14.42 -25.16
N LEU B 675 -19.73 15.31 -25.20
CA LEU B 675 -19.82 16.39 -26.17
C LEU B 675 -19.54 15.93 -27.59
N LEU B 676 -18.74 14.89 -27.77
CA LEU B 676 -18.61 14.30 -29.09
C LEU B 676 -19.88 13.59 -29.50
N THR B 677 -20.65 13.07 -28.56
CA THR B 677 -21.95 12.51 -28.88
C THR B 677 -22.91 13.60 -29.33
N GLN B 678 -22.96 14.73 -28.62
CA GLN B 678 -23.83 15.82 -29.02
C GLN B 678 -23.41 16.45 -30.34
N LYS B 679 -22.11 16.45 -30.63
CA LYS B 679 -21.69 16.96 -31.93
C LYS B 679 -22.04 15.95 -33.02
N TRP B 680 -22.05 14.66 -32.68
CA TRP B 680 -22.40 13.62 -33.64
C TRP B 680 -23.86 13.71 -34.03
N TRP B 681 -24.76 13.75 -33.05
CA TRP B 681 -26.18 13.89 -33.34
C TRP B 681 -26.55 15.25 -33.90
N GLY B 682 -25.77 16.28 -33.62
CA GLY B 682 -26.07 17.59 -34.19
C GLY B 682 -27.24 18.24 -33.48
N GLU B 683 -28.20 18.70 -34.28
CA GLU B 683 -29.33 19.45 -33.77
C GLU B 683 -30.32 18.57 -33.01
N MET B 684 -30.33 17.28 -33.29
CA MET B 684 -31.30 16.36 -32.69
C MET B 684 -31.00 16.12 -31.22
N ASP B 685 -31.91 15.41 -30.56
CA ASP B 685 -31.67 14.95 -29.21
C ASP B 685 -30.66 13.80 -29.24
N SER B 686 -29.69 13.87 -28.34
CA SER B 686 -28.63 12.87 -28.28
C SER B 686 -29.09 11.56 -27.67
N THR B 687 -30.29 11.50 -27.12
CA THR B 687 -30.84 10.28 -26.57
C THR B 687 -31.88 9.65 -27.49
N THR B 688 -31.93 10.06 -28.74
CA THR B 688 -32.87 9.50 -29.69
C THR B 688 -32.48 8.07 -30.03
N PRO B 689 -33.38 7.11 -29.95
CA PRO B 689 -33.05 5.73 -30.32
C PRO B 689 -32.88 5.60 -31.83
N ILE B 690 -32.34 4.45 -32.22
CA ILE B 690 -31.98 4.24 -33.62
C ILE B 690 -33.20 3.95 -34.46
N TRP B 691 -34.23 3.30 -33.89
CA TRP B 691 -35.41 2.94 -34.66
C TRP B 691 -36.22 4.17 -35.07
N ALA B 692 -36.31 5.18 -34.21
CA ALA B 692 -37.01 6.39 -34.57
C ALA B 692 -36.25 7.16 -35.65
N LEU B 693 -34.93 7.04 -35.65
CA LEU B 693 -34.13 7.67 -36.67
C LEU B 693 -34.31 7.00 -38.02
N LEU B 694 -34.47 5.68 -38.04
CA LEU B 694 -34.67 4.97 -39.30
C LEU B 694 -36.06 5.23 -39.86
N LEU B 695 -37.07 5.26 -38.98
CA LEU B 695 -38.43 5.52 -39.45
C LEU B 695 -38.58 6.96 -39.91
N ALA B 696 -37.82 7.88 -39.32
CA ALA B 696 -37.78 9.22 -39.85
C ALA B 696 -36.97 9.29 -41.13
N PHE B 697 -36.09 8.33 -41.36
CA PHE B 697 -35.24 8.38 -42.54
C PHE B 697 -36.01 7.96 -43.80
N PHE B 698 -36.80 6.90 -43.71
CA PHE B 698 -37.51 6.40 -44.88
C PHE B 698 -38.83 7.12 -45.14
N CYS B 699 -39.25 8.01 -44.25
CA CYS B 699 -40.46 8.82 -44.44
C CYS B 699 -40.09 10.29 -44.28
N PRO B 700 -39.65 10.93 -45.35
CA PRO B 700 -39.22 12.35 -45.27
C PRO B 700 -40.34 13.33 -44.88
N PRO B 701 -41.62 13.05 -45.11
CA PRO B 701 -42.65 13.82 -44.39
C PRO B 701 -42.98 13.32 -42.99
N LEU B 702 -42.13 12.54 -42.33
CA LEU B 702 -42.38 12.23 -40.92
C LEU B 702 -41.46 13.04 -40.01
N ILE B 703 -40.60 13.89 -40.59
CA ILE B 703 -39.71 14.75 -39.81
C ILE B 703 -40.51 15.77 -39.01
N TYR B 704 -41.55 16.32 -39.63
CA TYR B 704 -42.37 17.35 -39.02
C TYR B 704 -43.42 16.78 -38.09
N THR B 705 -43.01 15.91 -37.17
CA THR B 705 -43.92 15.19 -36.29
C THR B 705 -43.38 15.31 -34.87
N ASN B 706 -44.04 14.62 -33.95
CA ASN B 706 -43.61 14.55 -32.55
C ASN B 706 -42.88 13.24 -32.29
N LEU B 707 -41.75 13.06 -32.96
CA LEU B 707 -40.93 11.87 -32.78
C LEU B 707 -39.52 12.17 -32.30
N ILE B 708 -38.86 13.17 -32.86
CA ILE B 708 -37.48 13.47 -32.53
C ILE B 708 -37.43 14.86 -31.91
N VAL B 709 -36.93 14.94 -30.68
CA VAL B 709 -36.86 16.22 -30.00
C VAL B 709 -35.68 17.01 -30.55
N PHE B 710 -35.95 18.24 -30.97
CA PHE B 710 -34.87 19.08 -31.51
C PHE B 710 -34.48 20.14 -30.49
N ARG B 711 -33.58 21.02 -30.95
CA ARG B 711 -32.99 22.11 -30.16
C ARG B 711 -32.29 21.62 -28.90
N LYS B 712 -31.81 20.38 -28.93
CA LYS B 712 -31.16 19.68 -27.82
C LYS B 712 -31.97 19.70 -26.52
N SER B 765 -37.41 24.97 -44.15
CA SER B 765 -36.10 25.48 -44.51
C SER B 765 -35.11 25.35 -43.37
N LYS B 766 -35.63 25.17 -42.15
CA LYS B 766 -34.75 25.04 -40.99
C LYS B 766 -34.89 23.67 -40.32
N ARG B 767 -36.13 23.20 -40.12
CA ARG B 767 -36.32 21.88 -39.52
C ARG B 767 -35.93 20.78 -40.50
N TRP B 768 -36.25 20.97 -41.78
CA TRP B 768 -35.77 20.07 -42.82
C TRP B 768 -34.26 20.11 -42.92
N SER B 769 -33.67 21.30 -42.80
CA SER B 769 -32.23 21.40 -42.93
C SER B 769 -31.49 20.91 -41.70
N ASP B 770 -32.16 20.85 -40.55
CA ASP B 770 -31.52 20.37 -39.33
C ASP B 770 -31.83 18.92 -39.04
N PHE B 771 -32.59 18.25 -39.90
CA PHE B 771 -32.57 16.79 -39.86
C PHE B 771 -31.44 16.25 -40.70
N TRP B 772 -31.31 16.72 -41.93
CA TRP B 772 -30.32 16.24 -42.87
C TRP B 772 -28.98 16.94 -42.72
N GLY B 773 -28.82 17.81 -41.73
CA GLY B 773 -27.58 18.52 -41.56
C GLY B 773 -26.66 17.86 -40.56
N ALA B 774 -27.20 16.92 -39.79
CA ALA B 774 -26.43 16.22 -38.80
C ALA B 774 -25.43 15.28 -39.48
N PRO B 775 -24.30 14.98 -38.82
CA PRO B 775 -23.40 13.97 -39.37
C PRO B 775 -23.94 12.56 -39.32
N VAL B 776 -24.96 12.30 -38.50
CA VAL B 776 -25.51 10.95 -38.40
C VAL B 776 -26.19 10.55 -39.69
N THR B 777 -27.13 11.38 -40.17
CA THR B 777 -27.86 11.05 -41.38
C THR B 777 -26.98 11.10 -42.63
N ALA B 778 -25.86 11.79 -42.57
CA ALA B 778 -24.90 11.68 -43.67
C ALA B 778 -24.20 10.34 -43.63
N PHE B 779 -23.90 9.85 -42.42
CA PHE B 779 -23.34 8.50 -42.27
C PHE B 779 -24.34 7.44 -42.70
N LEU B 780 -25.59 7.59 -42.30
CA LEU B 780 -26.60 6.59 -42.58
C LEU B 780 -26.94 6.56 -44.06
N GLY B 781 -26.99 7.72 -44.70
CA GLY B 781 -27.14 7.74 -46.14
C GLY B 781 -25.93 7.20 -46.88
N ASN B 782 -24.75 7.35 -46.29
CA ASN B 782 -23.55 6.78 -46.88
C ASN B 782 -23.58 5.26 -46.84
N VAL B 783 -24.08 4.69 -45.74
CA VAL B 783 -24.17 3.24 -45.62
C VAL B 783 -25.21 2.67 -46.58
N VAL B 784 -26.41 3.27 -46.61
CA VAL B 784 -27.51 2.75 -47.43
C VAL B 784 -27.17 2.83 -48.90
N SER B 785 -26.53 3.92 -49.32
CA SER B 785 -26.09 4.03 -50.71
C SER B 785 -25.00 3.02 -51.03
N TYR B 786 -24.11 2.74 -50.08
CA TYR B 786 -23.05 1.79 -50.34
C TYR B 786 -23.55 0.35 -50.37
N LEU B 787 -24.56 0.02 -49.55
CA LEU B 787 -25.18 -1.29 -49.62
C LEU B 787 -25.90 -1.50 -50.93
N LEU B 788 -26.52 -0.44 -51.48
CA LEU B 788 -27.18 -0.59 -52.78
C LEU B 788 -26.17 -0.73 -53.90
N PHE B 789 -24.97 -0.18 -53.72
CA PHE B 789 -23.91 -0.45 -54.68
C PHE B 789 -23.50 -1.90 -54.69
N LEU B 790 -23.42 -2.53 -53.50
CA LEU B 790 -23.06 -3.93 -53.47
C LEU B 790 -24.18 -4.82 -54.00
N LEU B 791 -25.43 -4.42 -53.78
CA LEU B 791 -26.55 -5.18 -54.32
C LEU B 791 -26.59 -5.12 -55.84
N LEU B 792 -26.28 -3.96 -56.41
CA LEU B 792 -26.20 -3.86 -57.86
C LEU B 792 -25.03 -4.66 -58.41
N PHE B 793 -23.90 -4.63 -57.71
CA PHE B 793 -22.70 -5.32 -58.21
C PHE B 793 -22.91 -6.83 -58.20
N ALA B 794 -23.71 -7.33 -57.25
CA ALA B 794 -24.05 -8.74 -57.22
C ALA B 794 -25.08 -9.09 -58.28
N HIS B 795 -26.06 -8.21 -58.53
CA HIS B 795 -27.06 -8.45 -59.56
C HIS B 795 -26.42 -8.54 -60.94
N VAL B 796 -25.41 -7.71 -61.19
CA VAL B 796 -24.68 -7.79 -62.46
C VAL B 796 -23.87 -9.07 -62.52
N LEU B 797 -23.15 -9.38 -61.45
CA LEU B 797 -22.14 -10.42 -61.54
C LEU B 797 -22.74 -11.82 -61.40
N LEU B 798 -24.01 -11.92 -61.02
CA LEU B 798 -24.63 -13.23 -60.85
C LEU B 798 -25.77 -13.52 -61.82
N VAL B 799 -26.48 -12.50 -62.31
CA VAL B 799 -27.68 -12.76 -63.08
C VAL B 799 -27.44 -12.45 -64.56
N ASP B 800 -27.16 -11.18 -64.88
CA ASP B 800 -27.05 -10.74 -66.26
C ASP B 800 -25.63 -10.24 -66.55
N PHE B 801 -24.75 -11.16 -66.93
CA PHE B 801 -23.38 -10.82 -67.29
C PHE B 801 -23.18 -11.37 -68.70
N GLN B 802 -23.36 -10.51 -69.70
CA GLN B 802 -23.48 -10.96 -71.08
C GLN B 802 -22.12 -10.93 -71.78
N PRO B 803 -21.85 -11.92 -72.63
CA PRO B 803 -20.48 -12.07 -73.16
C PRO B 803 -20.10 -11.08 -74.25
N THR B 804 -21.05 -10.55 -75.02
CA THR B 804 -20.73 -9.70 -76.15
C THR B 804 -20.84 -8.23 -75.82
N LYS B 805 -22.01 -7.79 -75.36
CA LYS B 805 -22.28 -6.37 -75.18
C LYS B 805 -22.82 -6.13 -73.78
N PRO B 806 -22.34 -5.11 -73.08
CA PRO B 806 -22.85 -4.82 -71.74
C PRO B 806 -24.30 -4.36 -71.77
N SER B 807 -25.05 -4.78 -70.76
CA SER B 807 -26.46 -4.43 -70.68
C SER B 807 -26.61 -3.07 -70.00
N VAL B 808 -27.83 -2.75 -69.60
CA VAL B 808 -28.11 -1.45 -69.01
C VAL B 808 -27.54 -1.38 -67.59
N SER B 809 -27.74 -2.43 -66.80
CA SER B 809 -27.35 -2.39 -65.39
C SER B 809 -25.84 -2.41 -65.21
N GLU B 810 -25.11 -3.03 -66.15
CA GLU B 810 -23.66 -2.96 -66.09
C GLU B 810 -23.15 -1.56 -66.43
N LEU B 811 -23.87 -0.84 -67.29
CA LEU B 811 -23.50 0.53 -67.60
C LEU B 811 -23.77 1.46 -66.43
N LEU B 812 -24.89 1.26 -65.74
CA LEU B 812 -25.18 2.02 -64.53
C LEU B 812 -24.15 1.73 -63.45
N LEU B 813 -23.64 0.51 -63.40
CA LEU B 813 -22.55 0.18 -62.51
C LEU B 813 -21.27 0.92 -62.87
N TYR B 814 -21.00 1.06 -64.16
CA TYR B 814 -19.81 1.79 -64.61
C TYR B 814 -19.89 3.27 -64.24
N PHE B 815 -21.09 3.86 -64.30
CA PHE B 815 -21.26 5.24 -63.89
C PHE B 815 -21.08 5.40 -62.39
N TRP B 816 -21.44 4.36 -61.62
CA TRP B 816 -21.31 4.46 -60.17
C TRP B 816 -19.84 4.45 -59.76
N ALA B 817 -19.06 3.52 -60.32
CA ALA B 817 -17.63 3.47 -60.05
C ALA B 817 -16.89 4.70 -60.53
N PHE B 818 -17.42 5.39 -61.55
CA PHE B 818 -16.86 6.68 -61.92
C PHE B 818 -17.08 7.72 -60.82
N THR B 819 -18.24 7.68 -60.16
CA THR B 819 -18.48 8.64 -59.08
C THR B 819 -17.66 8.33 -57.84
N LEU B 820 -17.42 7.04 -57.55
CA LEU B 820 -16.54 6.71 -56.44
C LEU B 820 -15.09 7.08 -56.73
N LEU B 821 -14.70 7.02 -58.01
CA LEU B 821 -13.38 7.51 -58.39
C LEU B 821 -13.29 9.02 -58.21
N CYS B 822 -14.39 9.73 -58.44
CA CYS B 822 -14.39 11.18 -58.25
C CYS B 822 -14.33 11.58 -56.79
N GLU B 823 -15.06 10.89 -55.90
CA GLU B 823 -15.06 11.28 -54.50
C GLU B 823 -13.76 10.86 -53.80
N GLU B 824 -13.15 9.77 -54.26
CA GLU B 824 -11.79 9.46 -53.86
C GLU B 824 -10.82 10.53 -54.33
N LEU B 825 -11.04 11.06 -55.54
CA LEU B 825 -10.19 12.13 -56.05
C LEU B 825 -10.43 13.43 -55.29
N ARG B 826 -11.60 13.57 -54.67
CA ARG B 826 -11.92 14.77 -53.92
C ARG B 826 -11.36 14.71 -52.51
N GLN B 827 -11.17 13.50 -51.97
CA GLN B 827 -10.44 13.35 -50.71
C GLN B 827 -8.96 13.11 -50.91
N GLY B 828 -8.53 12.85 -52.14
CA GLY B 828 -7.12 12.70 -52.43
C GLY B 828 -6.50 14.05 -52.73
N LEU B 829 -7.23 14.88 -53.47
CA LEU B 829 -6.82 16.27 -53.63
C LEU B 829 -7.12 17.09 -52.40
N GLY B 830 -8.27 16.85 -51.78
CA GLY B 830 -8.67 17.60 -50.60
C GLY B 830 -7.92 17.22 -49.34
N LEU B 848 1.04 19.87 -55.08
CA LEU B 848 0.33 19.17 -54.01
C LEU B 848 0.90 17.77 -53.78
N ARG B 849 2.23 17.68 -53.69
CA ARG B 849 2.87 16.39 -53.48
C ARG B 849 2.71 15.87 -52.06
N HIS B 850 2.61 16.76 -51.07
CA HIS B 850 2.58 16.33 -49.68
C HIS B 850 1.25 15.68 -49.32
N ARG B 851 0.15 16.16 -49.90
CA ARG B 851 -1.16 15.55 -49.67
C ARG B 851 -1.20 14.13 -50.21
N LEU B 852 -0.54 13.89 -51.34
CA LEU B 852 -0.53 12.55 -51.92
C LEU B 852 0.50 11.66 -51.24
N HIS B 853 1.53 12.25 -50.62
CA HIS B 853 2.43 11.43 -49.80
C HIS B 853 1.75 10.96 -48.52
N LEU B 854 0.92 11.82 -47.89
CA LEU B 854 0.08 11.34 -46.81
C LEU B 854 -1.00 10.39 -47.31
N TYR B 855 -1.37 10.50 -48.58
CA TYR B 855 -2.41 9.62 -49.11
C TYR B 855 -1.86 8.24 -49.42
N LEU B 856 -0.57 8.14 -49.76
CA LEU B 856 0.00 6.84 -50.06
C LEU B 856 0.57 6.18 -48.80
N SER B 857 0.82 6.96 -47.75
CA SER B 857 1.37 6.40 -46.52
C SER B 857 0.35 5.58 -45.72
N ASP B 858 -0.93 5.62 -46.07
CA ASP B 858 -1.99 5.01 -45.27
C ASP B 858 -2.11 3.53 -45.62
N THR B 859 -3.17 2.89 -45.14
CA THR B 859 -3.47 1.49 -45.47
C THR B 859 -4.85 1.31 -46.09
N TRP B 860 -5.85 2.03 -45.60
CA TRP B 860 -7.19 1.90 -46.14
C TRP B 860 -7.44 2.80 -47.34
N ASN B 861 -6.57 3.79 -47.56
CA ASN B 861 -6.59 4.46 -48.85
C ASN B 861 -5.81 3.66 -49.88
N GLN B 862 -4.86 2.82 -49.45
CA GLN B 862 -4.28 1.86 -50.35
C GLN B 862 -5.29 0.76 -50.70
N CYS B 863 -6.18 0.45 -49.77
CA CYS B 863 -7.25 -0.51 -50.03
C CYS B 863 -8.24 0.04 -51.05
N ASP B 864 -8.73 1.26 -50.81
CA ASP B 864 -9.70 1.87 -51.72
C ASP B 864 -9.08 2.21 -53.06
N LEU B 865 -7.77 2.43 -53.11
CA LEU B 865 -7.09 2.53 -54.39
C LEU B 865 -7.04 1.18 -55.08
N LEU B 866 -6.87 0.10 -54.31
CA LEU B 866 -6.73 -1.24 -54.88
C LEU B 866 -8.04 -1.71 -55.53
N ALA B 867 -9.18 -1.32 -54.95
CA ALA B 867 -10.46 -1.75 -55.48
C ALA B 867 -10.74 -1.14 -56.85
N LEU B 868 -10.18 0.03 -57.13
CA LEU B 868 -10.45 0.67 -58.41
C LEU B 868 -9.40 0.32 -59.45
N THR B 869 -8.18 -0.06 -59.02
CA THR B 869 -7.25 -0.65 -59.97
C THR B 869 -7.76 -1.99 -60.47
N CYS B 870 -8.26 -2.84 -59.56
CA CYS B 870 -8.83 -4.11 -59.97
C CYS B 870 -10.14 -3.95 -60.71
N PHE B 871 -10.87 -2.85 -60.48
CA PHE B 871 -12.09 -2.63 -61.25
C PHE B 871 -11.74 -2.30 -62.70
N LEU B 872 -10.81 -1.38 -62.92
CA LEU B 872 -10.49 -0.98 -64.28
C LEU B 872 -9.73 -2.08 -65.02
N LEU B 873 -8.99 -2.91 -64.29
CA LEU B 873 -8.39 -4.09 -64.91
C LEU B 873 -9.45 -5.09 -65.32
N GLY B 874 -10.50 -5.22 -64.51
CA GLY B 874 -11.57 -6.15 -64.83
C GLY B 874 -12.39 -5.74 -66.03
N VAL B 875 -12.76 -4.45 -66.10
CA VAL B 875 -13.54 -3.97 -67.22
C VAL B 875 -12.69 -3.89 -68.48
N GLY B 876 -11.41 -3.54 -68.32
CA GLY B 876 -10.52 -3.46 -69.45
C GLY B 876 -10.26 -4.81 -70.11
N CYS B 877 -10.27 -5.88 -69.31
CA CYS B 877 -10.21 -7.21 -69.90
C CYS B 877 -11.57 -7.65 -70.44
N ARG B 878 -12.66 -7.15 -69.83
CA ARG B 878 -13.98 -7.65 -70.16
C ARG B 878 -14.46 -7.17 -71.52
N LEU B 879 -14.07 -5.95 -71.92
CA LEU B 879 -14.52 -5.46 -73.21
C LEU B 879 -13.68 -5.97 -74.37
N THR B 880 -12.48 -6.50 -74.09
CA THR B 880 -11.72 -7.17 -75.14
C THR B 880 -12.37 -8.50 -75.48
N PRO B 881 -12.34 -8.92 -76.74
CA PRO B 881 -13.06 -10.14 -77.10
C PRO B 881 -12.34 -11.43 -76.71
N GLY B 882 -11.05 -11.33 -76.39
CA GLY B 882 -10.28 -12.53 -76.14
C GLY B 882 -10.06 -12.83 -74.68
N LEU B 883 -10.59 -11.98 -73.80
CA LEU B 883 -10.35 -12.07 -72.37
C LEU B 883 -11.63 -11.93 -71.57
N PHE B 884 -12.69 -12.65 -71.95
CA PHE B 884 -13.94 -12.53 -71.21
C PHE B 884 -13.86 -13.21 -69.86
N ASP B 885 -13.27 -14.41 -69.82
CA ASP B 885 -13.19 -15.16 -68.57
C ASP B 885 -12.24 -14.52 -67.57
N LEU B 886 -11.19 -13.86 -68.04
CA LEU B 886 -10.29 -13.17 -67.14
C LEU B 886 -10.96 -11.96 -66.51
N GLY B 887 -11.78 -11.26 -67.27
CA GLY B 887 -12.47 -10.09 -66.73
C GLY B 887 -13.54 -10.46 -65.72
N ARG B 888 -14.25 -11.56 -65.97
CA ARG B 888 -15.27 -12.00 -65.02
C ARG B 888 -14.64 -12.50 -63.73
N THR B 889 -13.47 -13.15 -63.81
CA THR B 889 -12.79 -13.61 -62.60
C THR B 889 -12.27 -12.44 -61.78
N VAL B 890 -11.69 -11.42 -62.43
CA VAL B 890 -11.12 -10.29 -61.70
C VAL B 890 -12.21 -9.45 -61.06
N LEU B 891 -13.38 -9.33 -61.70
CA LEU B 891 -14.50 -8.68 -61.04
C LEU B 891 -14.99 -9.45 -59.83
N CYS B 892 -14.93 -10.79 -59.88
CA CYS B 892 -15.37 -11.58 -58.73
C CYS B 892 -14.37 -11.48 -57.58
N LEU B 893 -13.10 -11.25 -57.87
CA LEU B 893 -12.18 -10.93 -56.79
C LEU B 893 -12.31 -9.49 -56.32
N ASP B 894 -12.89 -8.62 -57.13
CA ASP B 894 -13.00 -7.22 -56.72
C ASP B 894 -14.13 -7.04 -55.73
N PHE B 895 -15.15 -7.89 -55.80
CA PHE B 895 -16.31 -7.74 -54.92
C PHE B 895 -15.95 -7.97 -53.47
N MET B 896 -14.94 -8.80 -53.21
CA MET B 896 -14.52 -9.02 -51.84
C MET B 896 -13.85 -7.78 -51.27
N ILE B 897 -13.12 -7.04 -52.10
CA ILE B 897 -12.43 -5.86 -51.63
C ILE B 897 -13.41 -4.73 -51.34
N PHE B 898 -14.43 -4.59 -52.19
CA PHE B 898 -15.47 -3.62 -51.91
C PHE B 898 -16.31 -4.01 -50.70
N THR B 899 -16.34 -5.29 -50.35
CA THR B 899 -17.08 -5.71 -49.17
C THR B 899 -16.27 -5.51 -47.90
N LEU B 900 -14.97 -5.74 -47.96
CA LEU B 900 -14.11 -5.52 -46.80
C LEU B 900 -13.89 -4.04 -46.49
N ARG B 901 -14.22 -3.14 -47.40
CA ARG B 901 -14.24 -1.71 -47.09
C ARG B 901 -15.30 -1.38 -46.06
N LEU B 902 -16.37 -2.18 -46.01
CA LEU B 902 -17.50 -1.92 -45.13
C LEU B 902 -17.18 -2.17 -43.66
N LEU B 903 -16.06 -2.83 -43.35
CA LEU B 903 -15.62 -2.91 -41.96
C LEU B 903 -15.01 -1.61 -41.49
N HIS B 904 -14.37 -0.86 -42.38
CA HIS B 904 -13.76 0.39 -41.98
C HIS B 904 -14.80 1.49 -41.82
N ILE B 905 -15.92 1.39 -42.54
CA ILE B 905 -16.98 2.38 -42.41
C ILE B 905 -17.59 2.34 -41.01
N PHE B 906 -17.80 1.15 -40.46
CA PHE B 906 -18.47 1.01 -39.16
C PHE B 906 -17.56 1.19 -37.96
N THR B 907 -16.37 1.78 -38.11
CA THR B 907 -15.55 1.99 -36.94
C THR B 907 -15.94 3.23 -36.15
N VAL B 908 -16.88 4.01 -36.66
CA VAL B 908 -17.35 5.20 -35.98
C VAL B 908 -18.43 4.87 -34.96
N ASN B 909 -19.07 3.72 -35.09
CA ASN B 909 -20.15 3.32 -34.19
C ASN B 909 -19.60 3.04 -32.79
N LYS B 910 -20.44 3.25 -31.78
CA LYS B 910 -20.03 3.05 -30.40
C LYS B 910 -19.87 1.57 -30.06
N GLN B 911 -20.86 0.76 -30.40
CA GLN B 911 -20.92 -0.62 -29.97
C GLN B 911 -19.96 -1.51 -30.76
N LEU B 912 -19.84 -1.30 -32.06
CA LEU B 912 -18.98 -2.16 -32.87
C LEU B 912 -17.60 -1.56 -33.09
N GLY B 913 -17.38 -0.35 -32.63
CA GLY B 913 -16.15 0.38 -32.91
C GLY B 913 -14.86 -0.21 -32.36
N PRO B 914 -14.70 -0.23 -31.03
CA PRO B 914 -13.42 -0.70 -30.48
C PRO B 914 -13.14 -2.15 -30.72
N LYS B 915 -14.15 -2.98 -30.97
CA LYS B 915 -13.90 -4.39 -31.23
C LYS B 915 -13.24 -4.59 -32.59
N ILE B 916 -13.66 -3.82 -33.59
CA ILE B 916 -13.02 -3.86 -34.91
C ILE B 916 -11.59 -3.35 -34.82
N VAL B 917 -11.32 -2.46 -33.87
CA VAL B 917 -9.94 -2.03 -33.64
C VAL B 917 -9.08 -3.18 -33.14
N ILE B 918 -9.61 -4.01 -32.22
CA ILE B 918 -8.81 -5.09 -31.64
C ILE B 918 -8.62 -6.27 -32.59
N VAL B 919 -9.36 -6.32 -33.70
CA VAL B 919 -9.23 -7.45 -34.64
C VAL B 919 -7.85 -7.50 -35.30
N SER B 920 -7.29 -6.35 -35.65
CA SER B 920 -6.02 -6.35 -36.37
C SER B 920 -4.83 -6.70 -35.49
N LYS B 921 -4.95 -6.62 -34.18
CA LYS B 921 -3.83 -6.87 -33.27
C LYS B 921 -3.71 -8.33 -32.87
N MET B 922 -4.45 -9.22 -33.53
CA MET B 922 -4.41 -10.63 -33.26
C MET B 922 -3.60 -11.38 -34.30
N MET B 923 -3.13 -10.70 -35.34
CA MET B 923 -2.53 -11.39 -36.46
C MET B 923 -1.15 -11.92 -36.17
N LYS B 924 -0.48 -11.42 -35.13
CA LYS B 924 0.82 -11.98 -34.78
C LYS B 924 0.65 -13.34 -34.13
N ASP B 925 -0.46 -13.56 -33.40
CA ASP B 925 -0.73 -14.88 -32.88
C ASP B 925 -1.16 -15.83 -33.98
N VAL B 926 -1.90 -15.33 -34.98
CA VAL B 926 -2.31 -16.17 -36.09
C VAL B 926 -1.10 -16.58 -36.92
N PHE B 927 -0.13 -15.69 -37.08
CA PHE B 927 1.04 -16.03 -37.88
C PHE B 927 1.94 -17.02 -37.16
N PHE B 928 1.96 -17.02 -35.83
CA PHE B 928 2.61 -18.13 -35.14
C PHE B 928 1.89 -19.43 -35.39
N PHE B 929 0.55 -19.41 -35.37
CA PHE B 929 -0.22 -20.63 -35.63
C PHE B 929 0.05 -21.20 -37.00
N LEU B 930 0.15 -20.34 -38.01
CA LEU B 930 0.43 -20.80 -39.36
C LEU B 930 1.84 -21.33 -39.50
N PHE B 931 2.79 -20.78 -38.75
CA PHE B 931 4.15 -21.30 -38.82
C PHE B 931 4.24 -22.70 -38.25
N PHE B 932 3.65 -22.91 -37.07
CA PHE B 932 3.72 -24.22 -36.45
C PHE B 932 2.89 -25.23 -37.23
N LEU B 933 1.81 -24.76 -37.85
CA LEU B 933 0.97 -25.63 -38.65
C LEU B 933 1.66 -26.06 -39.92
N CYS B 934 2.21 -25.11 -40.69
CA CYS B 934 2.78 -25.43 -41.99
C CYS B 934 4.02 -26.31 -41.88
N VAL B 935 4.80 -26.18 -40.81
CA VAL B 935 5.89 -27.11 -40.58
C VAL B 935 5.35 -28.50 -40.33
N TRP B 936 4.38 -28.62 -39.42
CA TRP B 936 3.83 -29.93 -39.08
C TRP B 936 2.99 -30.51 -40.20
N LEU B 937 2.48 -29.69 -41.11
CA LEU B 937 1.66 -30.15 -42.21
C LEU B 937 2.52 -30.69 -43.33
N VAL B 938 3.69 -30.09 -43.55
CA VAL B 938 4.68 -30.65 -44.45
C VAL B 938 5.15 -32.02 -43.96
N ALA B 939 5.43 -32.14 -42.66
CA ALA B 939 6.02 -33.36 -42.13
C ALA B 939 5.05 -34.54 -42.20
N TYR B 940 3.82 -34.34 -41.73
CA TYR B 940 2.81 -35.38 -41.86
C TYR B 940 2.46 -35.66 -43.30
N GLY B 941 2.40 -34.63 -44.13
CA GLY B 941 1.94 -34.80 -45.50
C GLY B 941 2.89 -35.65 -46.33
N VAL B 942 4.18 -35.32 -46.31
CA VAL B 942 5.13 -36.03 -47.16
C VAL B 942 5.41 -37.43 -46.61
N ALA B 943 5.33 -37.61 -45.29
CA ALA B 943 5.55 -38.94 -44.76
C ALA B 943 4.40 -39.89 -45.11
N THR B 944 3.16 -39.39 -45.07
CA THR B 944 2.03 -40.25 -45.39
C THR B 944 1.94 -40.51 -46.89
N GLU B 945 2.23 -39.49 -47.69
CA GLU B 945 2.33 -39.68 -49.14
C GLU B 945 3.49 -40.59 -49.54
N GLY B 946 4.50 -40.73 -48.68
CA GLY B 946 5.62 -41.58 -48.99
C GLY B 946 5.45 -43.03 -48.59
N ILE B 947 4.80 -43.30 -47.45
CA ILE B 947 4.59 -44.68 -47.03
C ILE B 947 3.59 -45.36 -47.93
N LEU B 948 2.47 -44.69 -48.20
CA LEU B 948 1.63 -45.06 -49.32
C LEU B 948 2.41 -44.84 -50.61
N ARG B 949 2.06 -45.58 -51.66
CA ARG B 949 2.69 -45.37 -52.96
C ARG B 949 1.59 -45.30 -54.01
N PRO B 950 1.02 -44.13 -54.23
CA PRO B 950 -0.03 -44.02 -55.24
C PRO B 950 0.56 -44.09 -56.64
N GLN B 951 -0.23 -44.62 -57.56
CA GLN B 951 0.25 -44.78 -58.93
C GLN B 951 0.00 -43.57 -59.79
N ASP B 952 -1.11 -42.87 -59.60
CA ASP B 952 -1.32 -41.58 -60.27
C ASP B 952 -0.39 -40.57 -59.62
N ARG B 953 0.67 -40.22 -60.34
CA ARG B 953 1.72 -39.37 -59.80
C ARG B 953 1.91 -38.10 -60.59
N SER B 954 0.81 -37.40 -60.90
CA SER B 954 0.94 -36.05 -61.44
C SER B 954 1.50 -35.13 -60.37
N LEU B 955 2.07 -34.02 -60.81
CA LEU B 955 2.51 -33.02 -59.86
C LEU B 955 1.36 -32.37 -59.08
N PRO B 956 0.25 -31.88 -59.67
CA PRO B 956 -0.79 -31.28 -58.83
C PRO B 956 -1.58 -32.29 -58.02
N SER B 957 -1.57 -33.56 -58.40
CA SER B 957 -2.26 -34.55 -57.59
C SER B 957 -1.46 -34.85 -56.33
N ILE B 958 -0.13 -34.81 -56.42
CA ILE B 958 0.69 -34.95 -55.22
C ILE B 958 0.54 -33.73 -54.33
N LEU B 959 0.49 -32.53 -54.92
CA LEU B 959 0.30 -31.31 -54.13
C LEU B 959 -1.04 -31.29 -53.43
N ARG B 960 -2.06 -31.90 -54.02
CA ARG B 960 -3.33 -32.03 -53.34
C ARG B 960 -3.23 -32.99 -52.16
N ARG B 961 -2.62 -34.16 -52.37
CA ARG B 961 -2.58 -35.14 -51.29
C ARG B 961 -1.56 -34.83 -50.22
N VAL B 962 -0.70 -33.85 -50.42
CA VAL B 962 0.26 -33.49 -49.38
C VAL B 962 -0.19 -32.27 -48.60
N PHE B 963 -0.67 -31.24 -49.30
CA PHE B 963 -0.98 -29.99 -48.61
C PHE B 963 -2.47 -29.77 -48.41
N TYR B 964 -3.32 -30.28 -49.28
CA TYR B 964 -4.72 -29.91 -49.19
C TYR B 964 -5.52 -30.85 -48.31
N ARG B 965 -5.27 -32.14 -48.40
CA ARG B 965 -6.02 -33.10 -47.59
C ARG B 965 -5.67 -33.04 -46.09
N PRO B 966 -4.40 -32.95 -45.64
CA PRO B 966 -4.18 -32.77 -44.20
C PRO B 966 -4.61 -31.43 -43.67
N TYR B 967 -4.84 -30.43 -44.52
CA TYR B 967 -5.40 -29.18 -44.04
C TYR B 967 -6.86 -29.34 -43.67
N LEU B 968 -7.62 -30.08 -44.46
CA LEU B 968 -9.02 -30.26 -44.14
C LEU B 968 -9.25 -31.25 -43.02
N GLN B 969 -8.24 -32.03 -42.62
CA GLN B 969 -8.43 -32.91 -41.48
C GLN B 969 -8.48 -32.17 -40.15
N ILE B 970 -8.08 -30.90 -40.11
CA ILE B 970 -8.26 -30.12 -38.90
C ILE B 970 -9.73 -29.83 -38.70
N PHE B 971 -10.46 -29.60 -39.78
CA PHE B 971 -11.83 -29.16 -39.72
C PHE B 971 -12.81 -30.32 -39.79
N GLY B 972 -12.38 -31.52 -39.40
CA GLY B 972 -13.26 -32.65 -39.32
C GLY B 972 -13.57 -33.34 -40.62
N GLN B 973 -12.77 -33.12 -41.65
CA GLN B 973 -12.94 -33.79 -42.93
C GLN B 973 -11.86 -34.87 -42.99
N ILE B 974 -12.20 -36.06 -42.52
CA ILE B 974 -11.22 -37.14 -42.41
C ILE B 974 -11.60 -38.26 -43.37
N PRO B 975 -10.96 -38.38 -44.51
CA PRO B 975 -11.21 -39.51 -45.40
C PRO B 975 -10.44 -40.74 -44.95
N GLN B 976 -11.17 -41.72 -44.40
CA GLN B 976 -10.53 -42.96 -43.97
C GLN B 976 -10.38 -43.93 -45.12
N GLU B 977 -11.32 -43.91 -46.06
CA GLU B 977 -11.32 -44.83 -47.19
C GLU B 977 -10.26 -44.48 -48.22
N GLU B 978 -9.65 -43.30 -48.15
CA GLU B 978 -8.57 -42.94 -49.04
C GLU B 978 -7.21 -43.36 -48.53
N MET B 979 -7.10 -43.70 -47.25
CA MET B 979 -5.77 -43.93 -46.69
C MET B 979 -5.73 -45.08 -45.68
N ASP B 980 -6.63 -46.07 -45.80
CA ASP B 980 -6.63 -47.22 -44.92
C ASP B 980 -7.10 -48.43 -45.70
N VAL B 981 -6.25 -49.45 -45.78
CA VAL B 981 -6.47 -50.63 -46.61
C VAL B 981 -7.65 -51.46 -46.11
N ALA B 982 -7.87 -51.49 -44.79
CA ALA B 982 -8.92 -52.32 -44.21
C ALA B 982 -10.31 -51.86 -44.59
N LEU B 983 -10.48 -50.60 -44.99
CA LEU B 983 -11.74 -50.09 -45.50
C LEU B 983 -11.78 -50.11 -47.02
N MET B 984 -10.86 -50.82 -47.65
CA MET B 984 -10.73 -50.86 -49.09
C MET B 984 -10.83 -52.30 -49.56
N ILE B 985 -10.78 -52.49 -50.87
CA ILE B 985 -10.73 -53.82 -51.46
C ILE B 985 -9.34 -54.02 -52.04
N PRO B 986 -8.79 -55.22 -51.98
CA PRO B 986 -7.49 -55.45 -52.62
C PRO B 986 -7.60 -55.57 -54.13
N GLY B 987 -6.49 -55.85 -54.79
CA GLY B 987 -6.50 -55.99 -56.23
C GLY B 987 -5.10 -56.03 -56.78
N ASN B 988 -5.00 -56.55 -58.00
CA ASN B 988 -3.74 -56.69 -58.72
C ASN B 988 -3.50 -55.45 -59.59
N CYS B 989 -3.58 -54.28 -58.96
CA CYS B 989 -3.64 -53.03 -59.68
C CYS B 989 -2.27 -52.46 -60.05
N SER B 990 -1.18 -53.16 -59.75
CA SER B 990 0.15 -52.64 -60.08
C SER B 990 1.01 -53.73 -60.66
N MET B 991 1.72 -53.39 -61.74
CA MET B 991 2.68 -54.29 -62.36
C MET B 991 4.04 -54.14 -61.67
N GLU B 992 4.07 -54.58 -60.41
CA GLU B 992 5.21 -54.34 -59.55
C GLU B 992 5.13 -55.32 -58.39
N ARG B 993 6.26 -55.51 -57.71
CA ARG B 993 6.33 -56.47 -56.62
C ARG B 993 5.76 -55.86 -55.34
N GLY B 994 4.93 -56.64 -54.65
CA GLY B 994 4.31 -56.22 -53.40
C GLY B 994 2.80 -56.34 -53.45
N SER B 995 2.19 -56.08 -52.29
CA SER B 995 0.74 -56.05 -52.19
C SER B 995 0.24 -54.66 -52.58
N TRP B 996 -0.94 -54.62 -53.19
CA TRP B 996 -1.50 -53.37 -53.64
C TRP B 996 -3.00 -53.42 -53.44
N ALA B 997 -3.61 -52.24 -53.29
CA ALA B 997 -5.04 -52.16 -53.08
C ALA B 997 -5.59 -50.91 -53.74
N HIS B 998 -6.90 -50.88 -53.91
CA HIS B 998 -7.58 -49.91 -54.79
C HIS B 998 -8.55 -49.04 -54.01
N PRO B 999 -8.28 -47.76 -53.80
CA PRO B 999 -9.15 -46.94 -52.97
C PRO B 999 -10.28 -46.29 -53.75
N GLU B 1000 -11.12 -45.58 -53.01
CA GLU B 1000 -12.28 -44.89 -53.56
C GLU B 1000 -11.95 -43.41 -53.74
N GLY B 1001 -12.34 -42.84 -54.87
CA GLY B 1001 -12.10 -41.45 -55.14
C GLY B 1001 -11.35 -41.25 -56.43
N PRO B 1002 -11.69 -40.19 -57.17
CA PRO B 1002 -11.00 -39.92 -58.44
C PRO B 1002 -9.57 -39.44 -58.27
N VAL B 1003 -9.27 -38.70 -57.20
CA VAL B 1003 -7.96 -38.09 -57.02
C VAL B 1003 -7.16 -38.75 -55.91
N ALA B 1004 -7.69 -39.81 -55.30
CA ALA B 1004 -7.03 -40.50 -54.19
C ALA B 1004 -5.93 -41.46 -54.63
N GLY B 1005 -5.50 -41.41 -55.88
CA GLY B 1005 -4.54 -42.36 -56.40
C GLY B 1005 -5.21 -43.66 -56.80
N SER B 1006 -4.82 -44.18 -57.94
CA SER B 1006 -5.55 -45.28 -58.55
C SER B 1006 -5.26 -46.62 -57.90
N CYS B 1007 -4.15 -46.72 -57.16
CA CYS B 1007 -3.68 -47.99 -56.63
C CYS B 1007 -2.63 -47.67 -55.58
N VAL B 1008 -2.80 -48.22 -54.38
CA VAL B 1008 -1.96 -47.79 -53.26
C VAL B 1008 -1.40 -49.03 -52.59
N SER B 1009 -0.34 -48.85 -51.83
CA SER B 1009 0.41 -49.96 -51.25
C SER B 1009 -0.16 -50.39 -49.91
N GLN B 1010 0.05 -51.66 -49.57
CA GLN B 1010 -0.43 -52.21 -48.32
C GLN B 1010 0.65 -52.42 -47.28
N TYR B 1011 1.92 -52.23 -47.64
CA TYR B 1011 2.99 -52.52 -46.72
C TYR B 1011 3.03 -51.49 -45.59
N ALA B 1012 3.01 -52.01 -44.35
CA ALA B 1012 3.18 -51.23 -43.12
C ALA B 1012 2.12 -50.14 -43.00
N ASN B 1013 0.87 -50.53 -43.19
CA ASN B 1013 -0.23 -49.59 -43.18
C ASN B 1013 -0.55 -49.08 -41.78
N TRP B 1014 -0.24 -49.87 -40.75
CA TRP B 1014 -0.52 -49.46 -39.38
C TRP B 1014 0.23 -48.21 -38.99
N LEU B 1015 1.37 -47.95 -39.62
CA LEU B 1015 2.10 -46.71 -39.37
C LEU B 1015 1.38 -45.52 -39.98
N VAL B 1016 0.61 -45.72 -41.04
CA VAL B 1016 -0.19 -44.64 -41.60
C VAL B 1016 -1.33 -44.30 -40.65
N VAL B 1017 -1.98 -45.33 -40.10
CA VAL B 1017 -3.05 -45.11 -39.13
C VAL B 1017 -2.50 -44.46 -37.87
N LEU B 1018 -1.28 -44.83 -37.47
CA LEU B 1018 -0.69 -44.24 -36.28
C LEU B 1018 -0.25 -42.82 -36.51
N LEU B 1019 0.13 -42.47 -37.74
CA LEU B 1019 0.40 -41.06 -38.03
C LEU B 1019 -0.87 -40.24 -38.07
N LEU B 1020 -2.01 -40.86 -38.39
CA LEU B 1020 -3.27 -40.12 -38.38
C LEU B 1020 -3.70 -39.80 -36.96
N ILE B 1021 -3.41 -40.70 -36.02
CA ILE B 1021 -3.74 -40.45 -34.62
C ILE B 1021 -2.85 -39.34 -34.05
N VAL B 1022 -1.56 -39.38 -34.37
CA VAL B 1022 -0.62 -38.39 -33.84
C VAL B 1022 -0.91 -37.01 -34.43
N PHE B 1023 -1.29 -36.95 -35.71
CA PHE B 1023 -1.59 -35.67 -36.34
C PHE B 1023 -2.83 -35.04 -35.74
N LEU B 1024 -3.89 -35.82 -35.50
CA LEU B 1024 -5.09 -35.25 -34.89
C LEU B 1024 -4.85 -34.83 -33.45
N LEU B 1025 -3.93 -35.50 -32.77
CA LEU B 1025 -3.58 -35.09 -31.41
C LEU B 1025 -2.86 -33.76 -31.39
N VAL B 1026 -1.82 -33.59 -32.20
CA VAL B 1026 -1.04 -32.36 -32.13
C VAL B 1026 -1.82 -31.20 -32.74
N ALA B 1027 -2.44 -31.40 -33.90
CA ALA B 1027 -3.13 -30.30 -34.56
C ALA B 1027 -4.41 -29.91 -33.83
N ASN B 1028 -5.32 -30.85 -33.61
CA ASN B 1028 -6.62 -30.50 -33.08
C ASN B 1028 -6.66 -30.35 -31.57
N ILE B 1029 -5.56 -30.53 -30.84
CA ILE B 1029 -5.56 -30.35 -29.40
C ILE B 1029 -4.50 -29.35 -28.95
N LEU B 1030 -3.24 -29.58 -29.35
CA LEU B 1030 -2.19 -28.64 -28.96
C LEU B 1030 -2.35 -27.29 -29.64
N LEU B 1031 -2.40 -27.27 -30.96
CA LEU B 1031 -2.29 -26.01 -31.68
C LEU B 1031 -3.54 -25.16 -31.53
N LEU B 1032 -4.72 -25.78 -31.53
CA LEU B 1032 -5.93 -24.98 -31.44
C LEU B 1032 -6.14 -24.46 -30.03
N ASN B 1033 -5.88 -25.29 -29.02
CA ASN B 1033 -6.15 -24.81 -27.67
C ASN B 1033 -5.07 -23.88 -27.17
N LEU B 1034 -3.85 -24.03 -27.67
CA LEU B 1034 -2.82 -23.04 -27.36
C LEU B 1034 -3.09 -21.74 -28.10
N LEU B 1035 -3.82 -21.78 -29.20
CA LEU B 1035 -4.18 -20.54 -29.86
C LEU B 1035 -5.27 -19.80 -29.11
N ILE B 1036 -6.21 -20.53 -28.50
CA ILE B 1036 -7.23 -19.89 -27.68
C ILE B 1036 -6.61 -19.24 -26.45
N ALA B 1037 -5.60 -19.90 -25.88
CA ALA B 1037 -4.91 -19.34 -24.72
C ALA B 1037 -4.13 -18.08 -25.07
N MET B 1038 -3.54 -18.03 -26.27
CA MET B 1038 -2.83 -16.82 -26.66
C MET B 1038 -3.77 -15.69 -27.04
N PHE B 1039 -4.96 -16.00 -27.56
CA PHE B 1039 -5.92 -14.94 -27.81
C PHE B 1039 -6.48 -14.38 -26.52
N SER B 1040 -6.65 -15.22 -25.50
CA SER B 1040 -7.12 -14.73 -24.21
C SER B 1040 -6.10 -13.83 -23.55
N TYR B 1041 -4.83 -14.23 -23.59
CA TYR B 1041 -3.78 -13.42 -22.98
C TYR B 1041 -3.62 -12.09 -23.69
N THR B 1042 -3.56 -12.11 -25.02
CA THR B 1042 -3.33 -10.89 -25.77
C THR B 1042 -4.51 -9.93 -25.65
N PHE B 1043 -5.72 -10.46 -25.57
CA PHE B 1043 -6.90 -9.59 -25.51
C PHE B 1043 -6.95 -8.84 -24.19
N SER B 1044 -6.61 -9.50 -23.09
CA SER B 1044 -6.60 -8.77 -21.83
C SER B 1044 -5.40 -7.85 -21.71
N LYS B 1045 -4.32 -8.12 -22.44
CA LYS B 1045 -3.17 -7.23 -22.38
C LYS B 1045 -3.40 -5.96 -23.19
N VAL B 1046 -4.16 -6.05 -24.27
CA VAL B 1046 -4.27 -4.97 -25.24
C VAL B 1046 -5.49 -4.08 -25.03
N HIS B 1047 -6.53 -4.58 -24.36
CA HIS B 1047 -7.86 -3.97 -24.38
C HIS B 1047 -7.90 -2.55 -23.81
N GLY B 1048 -7.00 -2.21 -22.89
CA GLY B 1048 -6.93 -0.87 -22.37
C GLY B 1048 -6.43 0.16 -23.37
N ASN B 1049 -5.30 -0.12 -24.01
CA ASN B 1049 -4.74 0.80 -24.98
C ASN B 1049 -5.58 0.89 -26.24
N SER B 1050 -6.32 -0.16 -26.58
CA SER B 1050 -7.17 -0.06 -27.76
C SER B 1050 -8.40 0.80 -27.49
N ASP B 1051 -8.89 0.84 -26.24
CA ASP B 1051 -9.97 1.77 -25.95
C ASP B 1051 -9.48 3.21 -25.93
N LEU B 1052 -8.28 3.47 -25.41
CA LEU B 1052 -7.75 4.83 -25.46
C LEU B 1052 -7.48 5.28 -26.89
N TYR B 1053 -6.98 4.38 -27.72
CA TYR B 1053 -6.68 4.75 -29.09
C TYR B 1053 -7.95 4.97 -29.90
N TRP B 1054 -9.01 4.22 -29.61
CA TRP B 1054 -10.26 4.46 -30.33
C TRP B 1054 -10.89 5.78 -29.91
N LYS B 1055 -10.85 6.10 -28.62
CA LYS B 1055 -11.42 7.36 -28.15
C LYS B 1055 -10.64 8.57 -28.65
N ALA B 1056 -9.37 8.38 -28.99
CA ALA B 1056 -8.62 9.48 -29.58
C ALA B 1056 -8.95 9.66 -31.05
N GLN B 1057 -9.07 8.56 -31.79
CA GLN B 1057 -9.33 8.68 -33.22
C GLN B 1057 -10.77 9.04 -33.54
N ARG B 1058 -11.68 8.95 -32.56
CA ARG B 1058 -13.09 9.11 -32.83
C ARG B 1058 -13.45 10.54 -33.20
N TYR B 1059 -12.64 11.52 -32.77
CA TYR B 1059 -12.84 12.90 -33.19
C TYR B 1059 -12.56 13.06 -34.69
N SER B 1060 -11.50 12.43 -35.18
CA SER B 1060 -11.15 12.53 -36.58
C SER B 1060 -12.20 11.90 -37.47
N LEU B 1061 -12.86 10.85 -36.98
CA LEU B 1061 -13.87 10.19 -37.79
C LEU B 1061 -15.13 11.05 -37.89
N ILE B 1062 -15.54 11.67 -36.78
CA ILE B 1062 -16.73 12.52 -36.81
C ILE B 1062 -16.47 13.77 -37.65
N ARG B 1063 -15.27 14.36 -37.50
CA ARG B 1063 -14.95 15.58 -38.25
C ARG B 1063 -14.86 15.34 -39.75
N GLU B 1064 -14.37 14.17 -40.18
CA GLU B 1064 -14.34 13.95 -41.62
C GLU B 1064 -15.70 13.58 -42.18
N PHE B 1065 -16.66 13.12 -41.37
CA PHE B 1065 -18.03 13.06 -41.85
C PHE B 1065 -18.72 14.41 -41.84
N HIS B 1066 -18.13 15.40 -41.19
CA HIS B 1066 -18.72 16.73 -41.23
C HIS B 1066 -18.32 17.47 -42.50
N SER B 1067 -17.11 17.24 -43.00
CA SER B 1067 -16.60 17.96 -44.17
C SER B 1067 -16.80 17.10 -45.42
N ARG B 1068 -18.05 16.81 -45.71
CA ARG B 1068 -18.42 15.96 -46.83
C ARG B 1068 -19.45 16.68 -47.70
N PRO B 1069 -19.52 16.33 -48.98
CA PRO B 1069 -20.69 16.74 -49.76
C PRO B 1069 -21.91 15.99 -49.25
N ALA B 1070 -22.98 16.74 -48.98
CA ALA B 1070 -24.14 16.16 -48.31
C ALA B 1070 -25.11 15.52 -49.30
N LEU B 1071 -24.60 14.65 -50.17
CA LEU B 1071 -25.44 13.89 -51.08
C LEU B 1071 -24.89 12.48 -51.22
N ALA B 1072 -25.70 11.62 -51.83
CA ALA B 1072 -25.37 10.23 -52.00
C ALA B 1072 -24.34 10.07 -53.13
N PRO B 1073 -23.58 8.97 -53.12
CA PRO B 1073 -22.65 8.68 -54.25
C PRO B 1073 -23.32 8.50 -55.61
N PRO B 1074 -24.61 8.13 -55.73
CA PRO B 1074 -25.22 8.35 -57.06
C PRO B 1074 -25.60 9.78 -57.34
N LEU B 1075 -25.57 10.67 -56.34
CA LEU B 1075 -25.92 12.06 -56.55
C LEU B 1075 -24.79 13.03 -56.19
N ILE B 1076 -23.61 12.52 -55.84
CA ILE B 1076 -22.49 13.41 -55.53
C ILE B 1076 -21.95 14.15 -56.74
N ILE B 1077 -22.23 13.68 -57.96
CA ILE B 1077 -21.59 14.26 -59.13
C ILE B 1077 -22.13 15.65 -59.40
N ILE B 1078 -23.38 15.94 -58.99
CA ILE B 1078 -23.90 17.28 -59.17
C ILE B 1078 -23.25 18.25 -58.19
N SER B 1079 -22.75 17.76 -57.06
CA SER B 1079 -21.99 18.58 -56.13
C SER B 1079 -20.51 18.61 -56.47
N HIS B 1080 -20.00 17.61 -57.20
CA HIS B 1080 -18.66 17.73 -57.73
C HIS B 1080 -18.59 18.73 -58.87
N VAL B 1081 -19.64 18.81 -59.69
CA VAL B 1081 -19.68 19.82 -60.75
C VAL B 1081 -19.94 21.20 -60.15
N ARG B 1082 -20.77 21.27 -59.10
CA ARG B 1082 -20.95 22.51 -58.35
C ARG B 1082 -19.63 22.99 -57.76
N LEU B 1083 -18.83 22.05 -57.23
CA LEU B 1083 -17.51 22.38 -56.73
C LEU B 1083 -16.56 22.78 -57.85
N LEU B 1084 -16.77 22.24 -59.06
CA LEU B 1084 -15.88 22.52 -60.18
C LEU B 1084 -16.16 23.90 -60.80
N ILE B 1085 -17.43 24.27 -60.94
CA ILE B 1085 -17.73 25.61 -61.45
C ILE B 1085 -17.43 26.66 -60.40
N LYS B 1086 -17.50 26.29 -59.12
CA LYS B 1086 -17.05 27.19 -58.07
C LYS B 1086 -15.53 27.32 -58.07
N TRP B 1087 -14.83 26.29 -58.55
CA TRP B 1087 -13.40 26.41 -58.81
C TRP B 1087 -13.12 27.27 -60.05
N LEU B 1088 -14.02 27.25 -61.03
CA LEU B 1088 -13.80 27.99 -62.26
C LEU B 1088 -14.20 29.46 -62.16
N ARG B 1089 -15.02 29.84 -61.19
CA ARG B 1089 -15.34 31.25 -61.03
C ARG B 1089 -14.21 32.02 -60.38
N ARG B 1090 -13.38 31.33 -59.59
CA ARG B 1090 -12.26 31.99 -58.93
C ARG B 1090 -11.12 32.25 -59.92
N LEU B 1112 -19.14 33.40 -30.87
CA LEU B 1112 -19.77 34.05 -29.73
C LEU B 1112 -19.68 35.56 -29.84
N SER B 1113 -20.18 36.24 -28.81
CA SER B 1113 -20.06 37.68 -28.70
C SER B 1113 -18.73 38.01 -28.02
N LYS B 1114 -18.57 39.26 -27.59
CA LYS B 1114 -17.37 39.60 -26.84
C LYS B 1114 -17.63 39.54 -25.34
N GLU B 1115 -18.81 39.95 -24.90
CA GLU B 1115 -19.12 39.97 -23.48
C GLU B 1115 -19.43 38.60 -22.91
N ALA B 1116 -20.00 37.70 -23.71
CA ALA B 1116 -20.12 36.31 -23.26
C ALA B 1116 -18.77 35.64 -23.18
N GLU B 1117 -17.82 36.05 -24.02
CA GLU B 1117 -16.46 35.55 -23.92
C GLU B 1117 -15.80 36.00 -22.63
N ARG B 1118 -16.05 37.25 -22.22
CA ARG B 1118 -15.46 37.74 -20.97
C ARG B 1118 -16.06 37.04 -19.76
N LYS B 1119 -17.38 36.82 -19.78
CA LYS B 1119 -18.02 36.13 -18.67
C LYS B 1119 -17.59 34.67 -18.61
N LEU B 1120 -17.34 34.06 -19.78
CA LEU B 1120 -16.86 32.69 -19.82
C LEU B 1120 -15.46 32.57 -19.22
N LEU B 1121 -14.56 33.49 -19.58
CA LEU B 1121 -13.19 33.36 -19.12
C LEU B 1121 -13.04 33.68 -17.65
N THR B 1122 -13.87 34.58 -17.11
CA THR B 1122 -13.85 34.79 -15.67
C THR B 1122 -14.38 33.57 -14.92
N TRP B 1123 -15.38 32.89 -15.49
CA TRP B 1123 -15.90 31.68 -14.88
C TRP B 1123 -14.86 30.57 -14.85
N GLU B 1124 -14.09 30.45 -15.93
CA GLU B 1124 -12.99 29.49 -15.97
C GLU B 1124 -11.96 29.78 -14.90
N SER B 1125 -11.59 31.06 -14.75
CA SER B 1125 -10.53 31.41 -13.83
C SER B 1125 -10.94 31.24 -12.38
N VAL B 1126 -12.24 31.35 -12.08
CA VAL B 1126 -12.73 31.06 -10.73
C VAL B 1126 -12.53 29.59 -10.39
N HIS B 1127 -12.91 28.69 -11.31
CA HIS B 1127 -12.74 27.27 -11.03
C HIS B 1127 -11.27 26.85 -11.05
N LYS B 1128 -10.44 27.59 -11.77
CA LYS B 1128 -8.99 27.40 -11.68
C LYS B 1128 -8.49 27.71 -10.28
N GLU B 1129 -8.96 28.81 -9.68
CA GLU B 1129 -8.44 29.22 -8.38
C GLU B 1129 -8.92 28.29 -7.27
N ASN B 1130 -10.14 27.78 -7.39
CA ASN B 1130 -10.61 26.82 -6.39
C ASN B 1130 -9.86 25.51 -6.49
N PHE B 1131 -9.49 25.12 -7.70
CA PHE B 1131 -8.74 23.88 -7.87
C PHE B 1131 -7.33 23.98 -7.31
N LEU B 1132 -6.67 25.12 -7.51
CA LEU B 1132 -5.32 25.27 -6.97
C LEU B 1132 -5.32 25.39 -5.46
N LEU B 1133 -6.36 26.00 -4.88
CA LEU B 1133 -6.45 26.07 -3.43
C LEU B 1133 -6.73 24.69 -2.83
N ALA B 1134 -7.53 23.87 -3.51
CA ALA B 1134 -7.79 22.54 -3.00
C ALA B 1134 -6.55 21.66 -3.06
N GLN B 1135 -5.79 21.74 -4.14
CA GLN B 1135 -4.59 20.94 -4.27
C GLN B 1135 -3.51 21.38 -3.27
N ALA B 1136 -3.47 22.66 -2.94
CA ALA B 1136 -2.49 23.14 -1.98
C ALA B 1136 -2.81 22.65 -0.57
N ARG B 1137 -4.09 22.64 -0.18
CA ARG B 1137 -4.45 22.09 1.12
C ARG B 1137 -4.23 20.60 1.18
N ASP B 1138 -4.36 19.90 0.05
CA ASP B 1138 -4.18 18.47 0.06
C ASP B 1138 -2.72 18.08 0.14
N LYS B 1139 -1.81 18.93 -0.34
CA LYS B 1139 -0.40 18.62 -0.11
C LYS B 1139 0.00 18.96 1.31
N ARG B 1140 -0.44 20.10 1.84
CA ARG B 1140 0.04 20.58 3.13
C ARG B 1140 -0.44 19.72 4.29
N ASP B 1141 -1.64 19.17 4.20
CA ASP B 1141 -2.21 18.42 5.31
C ASP B 1141 -1.90 16.93 5.24
N SER B 1142 -0.94 16.52 4.42
CA SER B 1142 -0.52 15.14 4.38
C SER B 1142 0.39 14.82 5.56
N ASP B 1143 0.76 13.56 5.70
CA ASP B 1143 1.58 13.16 6.83
C ASP B 1143 3.05 13.51 6.69
N SER B 1144 3.61 13.39 5.49
CA SER B 1144 5.03 13.65 5.31
C SER B 1144 5.36 15.13 5.44
N GLU B 1145 4.46 16.00 4.99
CA GLU B 1145 4.68 17.43 5.13
C GLU B 1145 4.54 17.84 6.58
N ARG B 1146 3.64 17.20 7.30
CA ARG B 1146 3.48 17.47 8.73
C ARG B 1146 4.68 16.97 9.52
N LEU B 1147 5.32 15.90 9.04
CA LEU B 1147 6.55 15.44 9.66
C LEU B 1147 7.70 16.40 9.38
N LYS B 1148 7.69 17.06 8.22
CA LYS B 1148 8.71 18.07 7.95
C LYS B 1148 8.54 19.28 8.84
N ARG B 1149 7.30 19.73 9.03
CA ARG B 1149 7.06 20.92 9.85
C ARG B 1149 7.37 20.66 11.31
N THR B 1150 7.07 19.44 11.78
CA THR B 1150 7.37 19.10 13.17
C THR B 1150 8.87 18.99 13.39
N SER B 1151 9.60 18.46 12.40
CA SER B 1151 11.05 18.36 12.52
C SER B 1151 11.70 19.74 12.57
N GLN B 1152 11.13 20.71 11.85
CA GLN B 1152 11.61 22.09 11.96
C GLN B 1152 11.31 22.67 13.33
N LYS B 1153 10.15 22.33 13.91
CA LYS B 1153 9.78 22.87 15.22
C LYS B 1153 10.66 22.32 16.33
N VAL B 1154 11.04 21.04 16.24
CA VAL B 1154 11.90 20.46 17.26
C VAL B 1154 13.30 21.00 17.15
N ASP B 1155 13.78 21.25 15.92
CA ASP B 1155 15.08 21.91 15.74
C ASP B 1155 15.07 23.33 16.30
N THR B 1156 13.93 24.02 16.22
CA THR B 1156 13.81 25.34 16.83
C THR B 1156 13.88 25.25 18.35
N ALA B 1157 13.23 24.24 18.94
CA ALA B 1157 13.27 24.08 20.39
C ALA B 1157 14.65 23.67 20.87
N LEU B 1158 15.41 22.95 20.05
CA LEU B 1158 16.80 22.65 20.40
C LEU B 1158 17.66 23.90 20.35
N LYS B 1159 17.34 24.83 19.45
CA LYS B 1159 18.05 26.10 19.44
C LYS B 1159 17.71 26.93 20.66
N GLN B 1160 16.47 26.82 21.15
CA GLN B 1160 16.05 27.62 22.30
C GLN B 1160 16.64 27.09 23.61
N LEU B 1161 16.73 25.77 23.75
CA LEU B 1161 17.28 25.21 24.97
C LEU B 1161 18.78 25.45 25.09
N GLY B 1162 19.47 25.55 23.95
CA GLY B 1162 20.91 25.75 23.98
C GLY B 1162 21.32 27.11 24.50
N GLN B 1163 20.49 28.13 24.28
CA GLN B 1163 20.81 29.47 24.79
C GLN B 1163 20.71 29.50 26.31
N ILE B 1164 19.65 28.94 26.87
CA ILE B 1164 19.45 29.01 28.31
C ILE B 1164 20.38 28.09 29.09
N ARG B 1165 21.02 27.13 28.41
CA ARG B 1165 21.93 26.22 29.10
C ARG B 1165 23.22 26.94 29.51
N GLU B 1166 23.78 27.73 28.60
CA GLU B 1166 25.05 28.40 28.89
C GLU B 1166 24.84 29.78 29.49
N TYR B 1167 23.82 30.52 29.04
CA TYR B 1167 23.67 31.91 29.47
C TYR B 1167 23.20 32.00 30.91
N ASP B 1168 22.45 31.02 31.38
CA ASP B 1168 22.08 31.02 32.79
C ASP B 1168 23.27 30.63 33.67
N ARG B 1169 24.24 29.89 33.12
CA ARG B 1169 25.40 29.48 33.89
C ARG B 1169 26.29 30.67 34.22
N ARG B 1170 26.39 31.62 33.31
CA ARG B 1170 27.08 32.87 33.62
C ARG B 1170 26.27 33.70 34.60
N LEU B 1171 24.94 33.72 34.42
CA LEU B 1171 24.09 34.56 35.27
C LEU B 1171 24.00 34.01 36.69
N ARG B 1172 24.04 32.68 36.83
CA ARG B 1172 24.11 32.10 38.16
C ARG B 1172 25.47 32.36 38.80
N GLY B 1173 26.52 32.43 37.99
CA GLY B 1173 27.83 32.80 38.51
C GLY B 1173 27.86 34.26 38.92
N LEU B 1174 27.14 35.12 38.19
CA LEU B 1174 27.13 36.55 38.48
C LEU B 1174 26.41 36.83 39.79
N GLU B 1175 25.28 36.18 40.03
CA GLU B 1175 24.62 36.30 41.32
C GLU B 1175 25.46 35.66 42.41
N ARG B 1176 26.22 34.63 42.09
CA ARG B 1176 27.14 34.06 43.07
C ARG B 1176 28.33 34.99 43.29
N GLU B 1177 28.70 35.76 42.26
CA GLU B 1177 29.81 36.70 42.39
C GLU B 1177 29.46 37.83 43.34
N VAL B 1178 28.20 38.26 43.33
CA VAL B 1178 27.77 39.29 44.28
C VAL B 1178 27.63 38.72 45.68
N GLN B 1179 27.06 37.52 45.79
CA GLN B 1179 26.77 36.94 47.09
C GLN B 1179 28.03 36.47 47.80
N HIS B 1180 29.12 36.29 47.07
CA HIS B 1180 30.38 35.92 47.69
C HIS B 1180 30.93 37.07 48.53
N CYS B 1181 30.94 38.28 47.99
CA CYS B 1181 31.50 39.42 48.71
C CYS B 1181 30.47 40.07 49.62
N SER B 1182 29.18 39.82 49.35
CA SER B 1182 28.14 40.38 50.20
C SER B 1182 28.13 39.74 51.58
N ARG B 1183 28.52 38.47 51.68
CA ARG B 1183 28.64 37.84 52.98
C ARG B 1183 29.91 38.30 53.70
N VAL B 1184 30.99 38.51 52.95
CA VAL B 1184 32.23 38.99 53.56
C VAL B 1184 32.09 40.45 53.99
N LEU B 1185 31.33 41.24 53.24
CA LEU B 1185 31.00 42.58 53.70
C LEU B 1185 30.07 42.52 54.90
N THR B 1186 29.16 41.54 54.92
CA THR B 1186 28.39 41.29 56.13
C THR B 1186 29.30 40.81 57.25
N TRP B 1187 30.34 40.06 56.92
CA TRP B 1187 31.36 39.75 57.91
C TRP B 1187 32.21 40.97 58.22
N MET B 1188 32.39 41.87 57.25
CA MET B 1188 33.03 43.14 57.55
C MET B 1188 32.12 44.05 58.36
N ALA B 1189 30.80 43.93 58.15
CA ALA B 1189 29.86 44.50 59.10
C ALA B 1189 29.92 43.78 60.43
N GLU B 1190 30.14 42.46 60.40
CA GLU B 1190 30.39 41.73 61.64
C GLU B 1190 31.77 42.04 62.19
N ALA B 1191 32.71 42.45 61.34
CA ALA B 1191 33.97 42.98 61.84
C ALA B 1191 33.76 44.34 62.51
N LEU B 1192 32.73 45.07 62.08
CA LEU B 1192 32.33 46.29 62.78
C LEU B 1192 31.45 45.99 63.98
N SER B 1193 30.98 44.75 64.13
CA SER B 1193 30.18 44.36 65.28
C SER B 1193 31.05 43.87 66.41
N PRO C 12 -32.58 48.77 -11.57
CA PRO C 12 -31.54 47.98 -10.91
C PRO C 12 -30.22 48.74 -10.88
N LYS C 13 -29.59 48.83 -12.06
CA LYS C 13 -28.42 49.69 -12.22
C LYS C 13 -28.83 51.14 -12.45
N ILE C 14 -30.01 51.37 -13.03
CA ILE C 14 -30.56 52.72 -13.09
C ILE C 14 -31.05 53.15 -11.72
N PHE C 15 -31.51 52.20 -10.91
CA PHE C 15 -32.00 52.42 -9.56
C PHE C 15 -30.95 53.05 -8.66
N ARG C 16 -29.67 52.75 -8.89
CA ARG C 16 -28.58 53.33 -8.11
C ARG C 16 -28.46 54.83 -8.34
N LYS C 17 -28.79 55.29 -9.54
CA LYS C 17 -28.87 56.72 -9.81
C LYS C 17 -30.14 57.34 -9.27
N LYS C 18 -31.27 56.64 -9.40
CA LYS C 18 -32.55 57.22 -9.01
C LYS C 18 -32.69 57.38 -7.51
N VAL C 19 -32.01 56.57 -6.71
CA VAL C 19 -32.03 56.77 -5.28
C VAL C 19 -31.01 57.84 -4.90
N CYS C 20 -29.76 57.62 -5.27
CA CYS C 20 -28.67 58.47 -4.83
C CYS C 20 -28.72 59.81 -5.56
N THR C 21 -29.01 60.86 -4.80
CA THR C 21 -28.96 62.21 -5.30
C THR C 21 -27.81 62.94 -4.61
N THR C 22 -27.02 63.67 -5.40
CA THR C 22 -25.81 64.33 -4.94
C THR C 22 -25.94 65.82 -5.11
N PHE C 23 -25.36 66.57 -4.18
CA PHE C 23 -25.53 68.01 -4.14
C PHE C 23 -24.22 68.73 -4.47
N ILE C 24 -24.37 69.82 -5.23
CA ILE C 24 -23.23 70.61 -5.67
C ILE C 24 -23.18 71.94 -4.92
N THR C 68 -27.75 73.94 -1.54
CA THR C 68 -26.91 73.22 -2.50
C THR C 68 -27.75 72.51 -3.56
N THR C 69 -27.34 72.68 -4.81
CA THR C 69 -28.08 72.16 -5.96
C THR C 69 -27.95 70.64 -6.01
N GLU C 70 -29.02 69.94 -5.61
CA GLU C 70 -28.99 68.50 -5.53
C GLU C 70 -29.48 67.87 -6.84
N LYS C 71 -28.81 66.79 -7.26
CA LYS C 71 -29.06 66.11 -8.51
C LYS C 71 -28.79 64.63 -8.34
N PRO C 72 -29.60 63.76 -8.94
CA PRO C 72 -29.27 62.32 -8.97
C PRO C 72 -27.94 62.06 -9.65
N THR C 73 -27.24 61.03 -9.17
CA THR C 73 -25.86 60.83 -9.53
C THR C 73 -25.73 60.13 -10.88
N ASP C 74 -24.48 59.82 -11.22
CA ASP C 74 -24.16 59.05 -12.41
C ASP C 74 -23.10 57.99 -12.15
N ALA C 75 -22.35 58.10 -11.06
CA ALA C 75 -21.13 57.31 -10.83
C ALA C 75 -21.47 56.12 -9.95
N TYR C 76 -21.95 55.07 -10.59
CA TYR C 76 -22.06 53.74 -9.99
C TYR C 76 -21.19 52.82 -10.83
N GLY C 77 -20.25 52.16 -10.20
CA GLY C 77 -19.11 51.60 -10.92
C GLY C 77 -18.88 50.13 -10.71
N ASP C 78 -18.61 49.44 -11.81
CA ASP C 78 -17.91 48.15 -11.77
C ASP C 78 -16.42 48.41 -11.92
N LEU C 79 -15.87 49.03 -10.88
CA LEU C 79 -14.54 49.60 -10.94
C LEU C 79 -13.48 48.52 -10.80
N ASP C 80 -12.38 48.68 -11.54
CA ASP C 80 -11.22 47.83 -11.41
C ASP C 80 -9.98 48.60 -11.86
N PHE C 81 -8.83 47.96 -11.72
CA PHE C 81 -7.55 48.65 -11.83
C PHE C 81 -6.76 48.15 -13.04
N THR C 82 -6.21 49.12 -13.71
CA THR C 82 -5.49 48.87 -14.95
C THR C 82 -4.19 48.13 -14.66
N TYR C 83 -3.90 47.13 -15.50
CA TYR C 83 -2.61 46.43 -15.57
C TYR C 83 -2.26 45.74 -14.25
N SER C 84 -3.31 45.28 -13.56
CA SER C 84 -3.23 44.60 -12.27
C SER C 84 -4.22 43.43 -12.18
N GLY C 85 -3.98 42.52 -11.24
CA GLY C 85 -4.82 41.34 -11.06
C GLY C 85 -6.02 41.37 -10.11
N ARG C 86 -6.30 42.50 -9.48
CA ARG C 86 -7.43 42.60 -8.54
C ARG C 86 -8.78 42.36 -9.20
N LYS C 87 -9.68 41.72 -8.46
CA LYS C 87 -11.02 41.43 -8.95
C LYS C 87 -11.75 42.77 -9.06
N HIS C 88 -12.76 42.84 -9.92
CA HIS C 88 -13.50 44.09 -10.08
C HIS C 88 -14.08 44.51 -8.75
N SER C 89 -13.95 45.78 -8.38
CA SER C 89 -14.45 46.31 -7.12
C SER C 89 -15.76 47.03 -7.37
N ASN C 90 -16.77 46.67 -6.60
CA ASN C 90 -18.05 47.35 -6.69
C ASN C 90 -17.92 48.76 -6.11
N PHE C 91 -18.69 49.68 -6.66
CA PHE C 91 -18.38 51.09 -6.47
C PHE C 91 -19.61 51.97 -6.63
N LEU C 92 -19.69 53.00 -5.79
CA LEU C 92 -20.77 53.98 -5.86
C LEU C 92 -20.29 55.30 -5.25
N ARG C 93 -20.54 56.40 -5.96
CA ARG C 93 -20.39 57.74 -5.44
C ARG C 93 -21.67 58.10 -4.69
N LEU C 94 -21.53 58.67 -3.50
CA LEU C 94 -22.67 58.89 -2.63
C LEU C 94 -22.56 60.26 -1.98
N SER C 95 -23.71 60.91 -1.81
CA SER C 95 -23.73 62.19 -1.15
C SER C 95 -23.77 62.02 0.36
N ASP C 96 -23.35 63.06 1.07
CA ASP C 96 -23.46 63.12 2.51
C ASP C 96 -24.91 63.36 2.90
N ARG C 97 -25.20 63.21 4.20
CA ARG C 97 -26.52 63.40 4.80
C ARG C 97 -27.56 62.46 4.20
N THR C 98 -27.12 61.26 3.82
CA THR C 98 -28.02 60.29 3.22
C THR C 98 -28.39 59.22 4.24
N ASP C 99 -29.31 58.34 3.83
CA ASP C 99 -29.83 57.32 4.72
C ASP C 99 -29.07 56.02 4.56
N PRO C 100 -28.50 55.47 5.64
CA PRO C 100 -27.70 54.25 5.51
C PRO C 100 -28.50 52.99 5.32
N ALA C 101 -29.84 53.07 5.37
CA ALA C 101 -30.67 51.89 5.16
C ALA C 101 -30.56 51.38 3.74
N THR C 102 -30.79 52.26 2.76
CA THR C 102 -30.66 51.89 1.37
C THR C 102 -29.21 51.62 0.96
N VAL C 103 -28.24 52.14 1.69
CA VAL C 103 -26.84 51.87 1.39
C VAL C 103 -26.48 50.45 1.83
N TYR C 104 -26.99 50.03 2.99
CA TYR C 104 -26.77 48.66 3.43
C TYR C 104 -27.52 47.67 2.54
N SER C 105 -28.70 48.07 2.06
CA SER C 105 -29.41 47.19 1.12
C SER C 105 -28.70 47.10 -0.21
N LEU C 106 -27.98 48.17 -0.60
CA LEU C 106 -27.09 48.07 -1.77
C LEU C 106 -26.03 47.01 -1.56
N VAL C 107 -25.42 47.00 -0.37
CA VAL C 107 -24.27 46.12 -0.10
C VAL C 107 -24.72 44.67 -0.05
N THR C 108 -25.80 44.39 0.66
CA THR C 108 -26.20 43.00 0.86
C THR C 108 -27.16 42.47 -0.20
N ARG C 109 -27.70 43.31 -1.08
CA ARG C 109 -28.52 42.79 -2.16
C ARG C 109 -27.96 43.09 -3.55
N SER C 110 -27.67 44.35 -3.88
CA SER C 110 -27.35 44.71 -5.25
C SER C 110 -25.92 44.31 -5.62
N TRP C 111 -24.97 44.62 -4.73
CA TRP C 111 -23.64 44.05 -4.87
C TRP C 111 -23.64 42.60 -4.38
N GLY C 112 -24.03 42.41 -3.12
CA GLY C 112 -24.23 41.11 -2.52
C GLY C 112 -23.04 40.73 -1.68
N PHE C 113 -23.10 41.08 -0.39
CA PHE C 113 -22.10 40.72 0.61
C PHE C 113 -22.82 40.07 1.77
N ARG C 114 -22.11 39.24 2.52
CA ARG C 114 -22.75 38.65 3.68
C ARG C 114 -22.65 39.60 4.87
N ALA C 115 -23.46 39.32 5.88
CA ALA C 115 -23.56 40.21 7.02
C ALA C 115 -22.32 40.10 7.91
N PRO C 116 -21.89 41.21 8.51
CA PRO C 116 -20.73 41.16 9.40
C PRO C 116 -21.03 40.42 10.68
N ASN C 117 -20.05 39.66 11.14
CA ASN C 117 -20.07 39.15 12.50
C ASN C 117 -19.33 40.07 13.46
N LEU C 118 -18.62 41.06 12.92
CA LEU C 118 -17.82 42.02 13.67
C LEU C 118 -17.45 43.15 12.73
N VAL C 119 -17.43 44.37 13.25
CA VAL C 119 -17.02 45.54 12.48
C VAL C 119 -15.97 46.29 13.27
N VAL C 120 -14.76 46.39 12.71
CA VAL C 120 -13.67 47.15 13.32
C VAL C 120 -13.30 48.26 12.36
N SER C 121 -13.35 49.50 12.85
CA SER C 121 -13.02 50.68 12.06
C SER C 121 -11.76 51.33 12.59
N VAL C 122 -10.75 51.44 11.76
CA VAL C 122 -9.40 51.80 12.18
C VAL C 122 -9.17 53.28 11.90
N LEU C 123 -8.60 53.99 12.88
CA LEU C 123 -8.29 55.41 12.79
C LEU C 123 -6.82 55.63 13.10
N GLY C 124 -6.33 56.83 12.77
CA GLY C 124 -4.96 57.22 13.04
C GLY C 124 -4.36 58.00 11.88
N GLY C 125 -3.03 58.04 11.85
CA GLY C 125 -2.33 58.67 10.74
C GLY C 125 -1.34 59.77 11.10
N SER C 126 -0.78 59.72 12.32
CA SER C 126 0.19 60.74 12.72
C SER C 126 1.56 60.48 12.09
N GLY C 127 2.11 59.29 12.31
CA GLY C 127 3.34 58.91 11.66
C GLY C 127 3.11 58.63 10.19
N GLY C 128 3.62 59.50 9.33
CA GLY C 128 3.16 59.56 7.96
C GLY C 128 3.53 58.41 7.04
N PRO C 129 4.79 58.32 6.62
CA PRO C 129 5.12 57.38 5.54
C PRO C 129 5.28 55.93 5.96
N VAL C 130 5.93 55.67 7.09
CA VAL C 130 6.31 54.32 7.48
C VAL C 130 5.92 54.10 8.94
N LEU C 131 5.16 53.05 9.20
CA LEU C 131 4.78 52.66 10.54
C LEU C 131 5.80 51.69 11.09
N GLN C 132 5.87 51.61 12.42
CA GLN C 132 6.75 50.66 13.09
C GLN C 132 6.30 49.23 12.82
N THR C 133 7.28 48.34 12.65
CA THR C 133 6.99 46.95 12.31
C THR C 133 6.31 46.18 13.43
N TRP C 134 6.43 46.65 14.67
CA TRP C 134 5.67 46.06 15.76
C TRP C 134 4.18 46.27 15.57
N LEU C 135 3.79 47.47 15.15
CA LEU C 135 2.40 47.73 14.82
C LEU C 135 1.99 47.11 13.49
N GLN C 136 2.93 46.92 12.56
CA GLN C 136 2.64 46.20 11.34
C GLN C 136 2.37 44.73 11.60
N ASP C 137 3.07 44.14 12.56
CA ASP C 137 2.76 42.78 12.99
C ASP C 137 1.41 42.74 13.69
N LEU C 138 1.07 43.84 14.39
CA LEU C 138 -0.23 43.92 15.05
C LEU C 138 -1.36 44.00 14.03
N LEU C 139 -1.16 44.73 12.93
CA LEU C 139 -2.20 44.78 11.92
C LEU C 139 -2.29 43.48 11.13
N ARG C 140 -1.16 42.96 10.67
CA ARG C 140 -1.15 41.78 9.82
C ARG C 140 -1.59 40.52 10.55
N ARG C 141 -1.05 40.28 11.75
CA ARG C 141 -1.34 39.06 12.48
C ARG C 141 -2.24 39.27 13.69
N GLY C 142 -2.74 40.48 13.91
CA GLY C 142 -3.80 40.62 14.88
C GLY C 142 -5.16 40.80 14.26
N LEU C 143 -5.25 41.73 13.32
CA LEU C 143 -6.54 42.23 12.85
C LEU C 143 -7.00 41.56 11.55
N VAL C 144 -6.08 41.29 10.64
CA VAL C 144 -6.48 40.77 9.33
C VAL C 144 -6.83 39.29 9.43
N ARG C 145 -6.10 38.53 10.24
CA ARG C 145 -6.47 37.14 10.43
C ARG C 145 -7.65 36.99 11.36
N ALA C 146 -7.93 37.99 12.20
CA ALA C 146 -9.18 37.98 12.93
C ALA C 146 -10.36 38.23 12.00
N ALA C 147 -10.23 39.18 11.08
CA ALA C 147 -11.29 39.40 10.11
C ALA C 147 -11.37 38.27 9.10
N GLN C 148 -10.29 37.53 8.90
CA GLN C 148 -10.36 36.33 8.09
C GLN C 148 -11.12 35.22 8.80
N SER C 149 -10.92 35.10 10.11
CA SER C 149 -11.50 33.99 10.85
C SER C 149 -12.98 34.21 11.14
N THR C 150 -13.32 35.34 11.76
CA THR C 150 -14.70 35.57 12.17
C THR C 150 -15.60 35.87 10.99
N GLY C 151 -15.10 36.61 10.02
CA GLY C 151 -15.92 37.08 8.92
C GLY C 151 -16.38 38.46 9.32
N ALA C 152 -15.74 39.49 8.79
CA ALA C 152 -15.85 40.79 9.40
C ALA C 152 -15.55 41.86 8.36
N TRP C 153 -15.76 43.11 8.77
CA TRP C 153 -15.47 44.26 7.93
C TRP C 153 -14.39 45.12 8.56
N ILE C 154 -13.58 45.75 7.72
CA ILE C 154 -12.58 46.70 8.15
C ILE C 154 -12.88 48.00 7.44
N VAL C 155 -13.23 49.03 8.20
CA VAL C 155 -13.57 50.34 7.66
C VAL C 155 -12.37 51.24 7.91
N THR C 156 -11.72 51.68 6.82
CA THR C 156 -10.57 52.55 6.90
C THR C 156 -10.70 53.53 5.73
N GLY C 157 -9.85 54.55 5.70
CA GLY C 157 -9.75 55.38 4.52
C GLY C 157 -9.28 54.59 3.32
N GLY C 158 -9.96 54.72 2.20
CA GLY C 158 -9.65 53.93 1.02
C GLY C 158 -8.61 54.54 0.11
N LEU C 159 -7.69 55.31 0.69
CA LEU C 159 -6.65 55.98 -0.07
C LEU C 159 -5.34 55.24 0.05
N HIS C 160 -4.31 55.77 -0.60
CA HIS C 160 -2.97 55.21 -0.51
C HIS C 160 -2.17 55.98 0.54
N THR C 161 -2.84 56.92 1.22
CA THR C 161 -2.21 57.76 2.21
C THR C 161 -2.72 57.43 3.61
N GLY C 162 -1.87 57.67 4.60
CA GLY C 162 -2.26 57.49 5.98
C GLY C 162 -2.28 56.05 6.44
N ILE C 163 -3.43 55.60 6.95
CA ILE C 163 -3.49 54.27 7.55
C ILE C 163 -3.83 53.22 6.50
N GLY C 164 -4.61 53.58 5.49
CA GLY C 164 -5.04 52.62 4.49
C GLY C 164 -3.91 52.06 3.64
N ARG C 165 -2.79 52.79 3.56
CA ARG C 165 -1.59 52.23 2.96
C ARG C 165 -1.09 51.04 3.76
N HIS C 166 -0.94 51.20 5.08
CA HIS C 166 -0.42 50.12 5.91
C HIS C 166 -1.44 49.00 6.06
N VAL C 167 -2.73 49.34 5.99
CA VAL C 167 -3.78 48.33 6.03
C VAL C 167 -3.74 47.47 4.78
N GLY C 168 -3.65 48.10 3.60
CA GLY C 168 -3.59 47.34 2.35
C GLY C 168 -2.34 46.53 2.20
N VAL C 169 -1.23 47.01 2.77
CA VAL C 169 -0.02 46.18 2.87
C VAL C 169 -0.28 44.98 3.76
N ALA C 170 -1.05 45.16 4.84
CA ALA C 170 -1.31 44.05 5.75
C ALA C 170 -2.24 43.02 5.14
N VAL C 171 -3.25 43.46 4.40
CA VAL C 171 -4.20 42.52 3.79
C VAL C 171 -3.53 41.73 2.68
N ARG C 172 -2.72 42.41 1.87
CA ARG C 172 -2.03 41.72 0.77
C ARG C 172 -0.98 40.77 1.30
N ASP C 173 -0.26 41.16 2.37
CA ASP C 173 0.73 40.27 2.96
C ASP C 173 0.08 39.06 3.62
N HIS C 174 -1.11 39.22 4.17
CA HIS C 174 -1.78 38.07 4.78
C HIS C 174 -2.33 37.12 3.72
N GLN C 175 -2.78 37.66 2.58
CA GLN C 175 -3.24 36.79 1.50
C GLN C 175 -2.09 36.03 0.87
N THR C 176 -0.85 36.48 1.07
CA THR C 176 0.30 35.70 0.65
C THR C 176 0.40 34.41 1.45
N ALA C 177 0.50 34.52 2.78
CA ALA C 177 0.89 33.41 3.64
C ALA C 177 -0.30 32.74 4.32
N SER C 178 -1.45 32.63 3.65
CA SER C 178 -2.60 31.97 4.23
C SER C 178 -3.50 31.46 3.12
N THR C 179 -3.92 30.19 3.23
CA THR C 179 -4.79 29.56 2.25
C THR C 179 -6.09 29.16 2.96
N GLY C 180 -7.01 30.10 3.07
CA GLY C 180 -8.30 29.83 3.69
C GLY C 180 -9.44 29.89 2.70
N SER C 181 -9.10 30.16 1.44
CA SER C 181 -10.02 30.20 0.29
C SER C 181 -11.12 31.24 0.45
N SER C 182 -10.84 32.32 1.17
CA SER C 182 -11.82 33.38 1.32
C SER C 182 -11.09 34.69 1.60
N LYS C 183 -11.49 35.73 0.88
CA LYS C 183 -10.88 37.06 0.97
C LYS C 183 -11.27 37.74 2.28
N VAL C 184 -10.62 38.87 2.53
CA VAL C 184 -10.90 39.68 3.71
C VAL C 184 -11.64 40.93 3.25
N VAL C 185 -12.86 41.10 3.71
CA VAL C 185 -13.74 42.15 3.20
C VAL C 185 -13.27 43.48 3.80
N ALA C 186 -12.50 44.23 3.03
CA ALA C 186 -12.03 45.53 3.44
C ALA C 186 -12.83 46.59 2.70
N MET C 187 -13.49 47.47 3.45
CA MET C 187 -14.32 48.51 2.87
C MET C 187 -13.74 49.88 3.17
N GLY C 188 -13.63 50.70 2.13
CA GLY C 188 -12.99 51.98 2.27
C GLY C 188 -13.85 53.16 1.91
N VAL C 189 -13.83 54.19 2.75
CA VAL C 189 -14.56 55.43 2.50
C VAL C 189 -13.55 56.54 2.27
N ALA C 190 -13.92 57.52 1.45
CA ALA C 190 -13.04 58.62 1.10
C ALA C 190 -13.89 59.76 0.55
N PRO C 191 -13.51 61.01 0.78
CA PRO C 191 -14.31 62.13 0.25
C PRO C 191 -14.05 62.32 -1.24
N TRP C 192 -15.10 62.78 -1.94
CA TRP C 192 -15.07 62.92 -3.39
C TRP C 192 -14.09 63.98 -3.87
N GLY C 193 -13.80 64.99 -3.05
CA GLY C 193 -12.97 66.09 -3.51
C GLY C 193 -11.49 65.79 -3.62
N VAL C 194 -10.96 64.92 -2.76
CA VAL C 194 -9.53 64.64 -2.67
C VAL C 194 -9.11 63.54 -3.66
N VAL C 195 -10.07 62.97 -4.39
CA VAL C 195 -9.83 61.90 -5.33
C VAL C 195 -8.95 62.38 -6.49
N ARG C 196 -7.92 61.60 -6.80
CA ARG C 196 -7.00 61.94 -7.89
C ARG C 196 -7.70 61.93 -9.24
N ASN C 197 -8.33 60.81 -9.60
CA ASN C 197 -8.72 60.57 -10.97
C ASN C 197 -10.22 60.29 -11.04
N ARG C 198 -11.01 61.15 -10.39
CA ARG C 198 -12.46 61.03 -10.40
C ARG C 198 -13.08 61.35 -11.74
N ASP C 199 -12.31 61.93 -12.66
CA ASP C 199 -12.80 62.33 -13.97
C ASP C 199 -13.14 61.14 -14.84
N MET C 200 -12.61 59.97 -14.55
CA MET C 200 -12.85 58.79 -15.35
C MET C 200 -14.04 57.99 -14.84
N LEU C 201 -14.87 58.59 -13.98
CA LEU C 201 -15.99 57.95 -13.31
C LEU C 201 -17.32 58.59 -13.63
N ILE C 202 -17.64 58.84 -14.91
CA ILE C 202 -18.75 59.70 -15.26
C ILE C 202 -19.94 58.93 -15.82
N ASN C 203 -19.69 57.99 -16.76
CA ASN C 203 -20.68 57.36 -17.63
C ASN C 203 -21.82 56.66 -16.89
N PRO C 204 -23.07 57.05 -17.17
CA PRO C 204 -24.20 56.44 -16.45
C PRO C 204 -24.69 55.12 -17.03
N LYS C 205 -23.86 54.45 -17.84
CA LYS C 205 -24.29 53.26 -18.58
C LYS C 205 -24.64 52.10 -17.65
N GLY C 206 -23.66 51.55 -16.95
CA GLY C 206 -23.92 50.44 -16.08
C GLY C 206 -22.99 49.25 -16.22
N SER C 207 -22.38 48.87 -15.10
CA SER C 207 -21.46 47.72 -14.99
C SER C 207 -20.26 47.86 -15.92
N PHE C 208 -19.86 49.09 -16.14
CA PHE C 208 -18.77 49.42 -17.07
C PHE C 208 -17.43 49.25 -16.39
N PRO C 209 -16.45 48.64 -17.05
CA PRO C 209 -15.10 48.67 -16.49
C PRO C 209 -14.42 50.01 -16.74
N ALA C 210 -14.38 50.85 -15.72
CA ALA C 210 -13.70 52.14 -15.85
C ALA C 210 -12.22 51.92 -15.62
N ARG C 211 -11.42 52.10 -16.66
CA ARG C 211 -10.00 51.72 -16.62
C ARG C 211 -9.23 52.74 -15.77
N TYR C 212 -9.39 52.62 -14.45
CA TYR C 212 -8.92 53.58 -13.47
C TYR C 212 -7.40 53.55 -13.41
N ARG C 213 -6.76 54.67 -13.77
CA ARG C 213 -5.31 54.76 -13.83
C ARG C 213 -4.77 55.09 -12.45
N TRP C 214 -4.28 54.07 -11.76
CA TRP C 214 -3.47 54.26 -10.59
C TRP C 214 -2.01 54.39 -11.01
N ARG C 215 -1.15 54.74 -10.03
CA ARG C 215 0.32 54.80 -10.12
C ARG C 215 0.81 55.97 -10.98
N GLY C 216 -0.09 56.71 -11.63
CA GLY C 216 0.30 57.81 -12.49
C GLY C 216 0.12 59.17 -11.84
N ASP C 217 0.77 60.16 -12.46
CA ASP C 217 0.77 61.58 -12.10
C ASP C 217 1.18 61.81 -10.64
N PRO C 218 2.46 61.66 -10.29
CA PRO C 218 2.85 61.83 -8.88
C PRO C 218 2.88 63.28 -8.43
N GLU C 219 1.89 63.68 -7.65
CA GLU C 219 1.82 64.99 -7.04
C GLU C 219 1.39 64.84 -5.59
N ASP C 220 1.97 65.64 -4.71
CA ASP C 220 1.82 65.46 -3.27
C ASP C 220 0.96 66.55 -2.66
N GLY C 221 0.19 66.17 -1.63
CA GLY C 221 -0.53 67.08 -0.79
C GLY C 221 -2.00 67.25 -1.12
N VAL C 222 -2.35 67.27 -2.41
CA VAL C 222 -3.66 67.74 -2.84
C VAL C 222 -4.58 66.58 -3.17
N GLU C 223 -4.22 65.80 -4.19
CA GLU C 223 -5.06 64.71 -4.67
C GLU C 223 -4.38 63.38 -4.44
N PHE C 224 -5.14 62.41 -3.95
CA PHE C 224 -4.64 61.10 -3.55
C PHE C 224 -5.33 60.00 -4.36
N PRO C 225 -4.61 58.96 -4.76
CA PRO C 225 -5.24 57.85 -5.48
C PRO C 225 -5.95 56.90 -4.52
N LEU C 226 -6.43 55.80 -5.08
CA LEU C 226 -7.10 54.77 -4.31
C LEU C 226 -6.20 53.56 -4.11
N ASP C 227 -6.34 52.92 -2.95
CA ASP C 227 -5.70 51.64 -2.71
C ASP C 227 -6.47 50.54 -3.43
N TYR C 228 -5.75 49.65 -4.10
CA TYR C 228 -6.39 48.56 -4.83
C TYR C 228 -6.62 47.33 -3.97
N ASN C 229 -6.57 47.47 -2.64
CA ASN C 229 -6.77 46.38 -1.72
C ASN C 229 -8.11 46.47 -0.99
N TYR C 230 -9.13 46.97 -1.66
CA TYR C 230 -10.45 47.11 -1.05
C TYR C 230 -11.51 46.54 -1.98
N SER C 231 -12.48 45.86 -1.38
CA SER C 231 -13.52 45.18 -2.15
C SER C 231 -14.73 46.05 -2.44
N ALA C 232 -14.80 47.23 -1.82
CA ALA C 232 -15.86 48.18 -2.08
C ALA C 232 -15.34 49.57 -1.75
N PHE C 233 -15.98 50.58 -2.33
CA PHE C 233 -15.61 51.96 -2.11
C PHE C 233 -16.87 52.81 -1.95
N PHE C 234 -16.84 53.72 -0.97
CA PHE C 234 -17.93 54.65 -0.71
C PHE C 234 -17.38 56.06 -0.81
N LEU C 235 -17.51 56.68 -1.97
CA LEU C 235 -16.97 58.03 -2.16
C LEU C 235 -18.01 59.04 -1.73
N VAL C 236 -17.76 59.68 -0.58
CA VAL C 236 -18.66 60.64 0.03
C VAL C 236 -18.56 61.96 -0.73
N ASP C 237 -19.68 62.44 -1.23
CA ASP C 237 -19.76 63.73 -1.90
C ASP C 237 -20.08 64.81 -0.87
N ASP C 238 -19.18 65.78 -0.78
CA ASP C 238 -19.38 66.93 0.09
C ASP C 238 -19.68 68.20 -0.71
N GLY C 239 -19.32 68.24 -1.98
CA GLY C 239 -19.40 69.46 -2.76
C GLY C 239 -18.28 70.45 -2.52
N THR C 240 -17.31 70.10 -1.68
CA THR C 240 -16.29 71.06 -1.25
C THR C 240 -15.08 71.07 -2.18
N TYR C 241 -14.69 69.89 -2.68
CA TYR C 241 -13.68 69.71 -3.73
C TYR C 241 -12.33 70.29 -3.34
N GLY C 242 -11.74 69.69 -2.31
CA GLY C 242 -10.36 70.02 -1.98
C GLY C 242 -10.06 70.08 -0.49
N ARG C 243 -11.10 70.23 0.32
CA ARG C 243 -10.89 70.30 1.75
C ARG C 243 -10.73 68.89 2.34
N LEU C 244 -10.67 68.84 3.67
CA LEU C 244 -10.37 67.58 4.36
C LEU C 244 -11.56 66.64 4.35
N GLY C 245 -12.77 67.16 4.57
CA GLY C 245 -13.96 66.33 4.50
C GLY C 245 -14.85 66.37 5.72
N GLY C 246 -16.15 66.52 5.51
CA GLY C 246 -17.13 66.44 6.57
C GLY C 246 -17.73 65.06 6.65
N GLU C 247 -16.88 64.06 6.53
CA GLU C 247 -17.27 62.66 6.35
C GLU C 247 -17.62 61.98 7.67
N ASN C 248 -17.20 62.59 8.80
CA ASN C 248 -17.38 61.99 10.13
C ASN C 248 -18.83 61.80 10.51
N ARG C 249 -19.74 62.59 9.93
CA ARG C 249 -21.15 62.48 10.24
C ARG C 249 -21.75 61.20 9.66
N PHE C 250 -21.62 61.01 8.34
CA PHE C 250 -22.13 59.80 7.70
C PHE C 250 -21.32 58.56 8.08
N ARG C 251 -20.05 58.74 8.44
CA ARG C 251 -19.27 57.64 8.98
C ARG C 251 -19.88 57.11 10.28
N LEU C 252 -20.28 58.03 11.17
CA LEU C 252 -20.89 57.62 12.43
C LEU C 252 -22.30 57.11 12.22
N ARG C 253 -23.05 57.66 11.27
CA ARG C 253 -24.40 57.16 10.99
C ARG C 253 -24.35 55.77 10.39
N PHE C 254 -23.32 55.48 9.59
CA PHE C 254 -23.21 54.17 8.98
C PHE C 254 -22.84 53.11 10.00
N GLU C 255 -21.88 53.43 10.88
CA GLU C 255 -21.43 52.47 11.87
C GLU C 255 -22.45 52.26 12.97
N SER C 256 -23.25 53.30 13.27
CA SER C 256 -24.35 53.10 14.21
C SER C 256 -25.45 52.26 13.60
N TYR C 257 -25.71 52.44 12.30
CA TYR C 257 -26.78 51.68 11.67
C TYR C 257 -26.42 50.21 11.50
N VAL C 258 -25.13 49.91 11.31
CA VAL C 258 -24.70 48.51 11.31
C VAL C 258 -24.78 47.96 12.73
N ALA C 259 -24.55 48.79 13.73
CA ALA C 259 -24.77 48.36 15.12
C ALA C 259 -26.24 48.13 15.46
N GLN C 260 -27.17 48.60 14.62
CA GLN C 260 -28.58 48.32 14.86
C GLN C 260 -28.96 46.90 14.48
N GLN C 261 -28.30 46.34 13.47
CA GLN C 261 -28.81 45.16 12.80
C GLN C 261 -28.36 43.87 13.48
N LYS C 262 -29.12 42.80 13.20
CA LYS C 262 -29.01 41.53 13.91
C LYS C 262 -28.25 40.51 13.07
N THR C 263 -27.48 39.68 13.75
CA THR C 263 -26.66 38.65 13.12
C THR C 263 -27.52 37.45 12.78
N GLY C 264 -27.38 36.93 11.57
CA GLY C 264 -28.03 35.68 11.24
C GLY C 264 -28.59 35.72 9.83
N VAL C 265 -29.47 34.77 9.55
CA VAL C 265 -30.07 34.69 8.22
C VAL C 265 -31.23 35.67 8.10
N GLY C 266 -32.28 35.48 8.92
CA GLY C 266 -33.37 36.41 8.97
C GLY C 266 -33.25 37.27 10.21
N GLY C 267 -32.04 37.72 10.51
CA GLY C 267 -31.78 38.31 11.80
C GLY C 267 -31.74 37.22 12.84
N THR C 268 -32.56 37.37 13.89
CA THR C 268 -32.78 36.38 14.95
C THR C 268 -31.46 36.00 15.64
N GLY C 269 -30.63 36.99 15.89
CA GLY C 269 -29.42 36.80 16.66
C GLY C 269 -29.09 38.04 17.45
N ILE C 270 -27.90 38.10 18.03
CA ILE C 270 -27.53 39.31 18.75
C ILE C 270 -27.07 40.33 17.73
N ASP C 271 -26.95 41.58 18.14
CA ASP C 271 -26.60 42.63 17.20
C ASP C 271 -25.12 42.58 16.84
N ILE C 272 -24.81 43.08 15.66
CA ILE C 272 -23.46 43.05 15.09
C ILE C 272 -22.56 43.96 15.91
N PRO C 273 -21.57 43.43 16.60
CA PRO C 273 -20.74 44.28 17.47
C PRO C 273 -19.78 45.14 16.68
N VAL C 274 -19.72 46.41 17.06
CA VAL C 274 -18.95 47.43 16.36
C VAL C 274 -17.87 47.92 17.29
N LEU C 275 -16.62 47.84 16.84
CA LEU C 275 -15.47 48.27 17.62
C LEU C 275 -14.70 49.31 16.83
N LEU C 276 -13.96 50.17 17.52
CA LEU C 276 -13.06 51.12 16.89
C LEU C 276 -11.63 50.80 17.30
N LEU C 277 -10.70 50.95 16.37
CA LEU C 277 -9.29 50.76 16.66
C LEU C 277 -8.56 52.07 16.40
N LEU C 278 -7.86 52.56 17.41
CA LEU C 278 -7.19 53.84 17.33
C LEU C 278 -5.68 53.66 17.22
N ILE C 279 -5.09 54.48 16.36
CA ILE C 279 -3.65 54.66 16.26
C ILE C 279 -3.47 56.14 16.57
N ASP C 280 -2.26 56.68 16.44
CA ASP C 280 -1.82 57.86 17.20
C ASP C 280 -2.63 59.11 16.87
N GLY C 281 -2.63 59.54 15.61
CA GLY C 281 -3.60 60.52 15.16
C GLY C 281 -3.32 61.96 15.59
N ASP C 282 -4.39 62.75 15.57
CA ASP C 282 -4.33 64.21 15.68
C ASP C 282 -5.45 64.66 16.62
N GLU C 283 -5.72 65.97 16.64
CA GLU C 283 -6.79 66.49 17.50
C GLU C 283 -8.17 66.19 16.91
N LYS C 284 -8.30 66.22 15.58
CA LYS C 284 -9.54 65.84 14.93
C LYS C 284 -9.85 64.36 15.12
N MET C 285 -8.83 63.54 15.37
CA MET C 285 -9.07 62.18 15.79
C MET C 285 -9.71 62.12 17.17
N LEU C 286 -9.30 62.99 18.09
CA LEU C 286 -9.93 63.04 19.40
C LEU C 286 -11.37 63.53 19.34
N LYS C 287 -11.67 64.46 18.42
CA LYS C 287 -13.06 64.84 18.22
C LYS C 287 -13.84 63.72 17.54
N ARG C 288 -13.16 62.92 16.73
CA ARG C 288 -13.76 61.73 16.16
C ARG C 288 -14.03 60.66 17.23
N ILE C 289 -13.17 60.61 18.26
CA ILE C 289 -13.38 59.70 19.38
C ILE C 289 -14.66 60.05 20.13
N GLU C 290 -14.80 61.31 20.53
CA GLU C 290 -15.94 61.66 21.39
C GLU C 290 -17.24 61.68 20.60
N ASP C 291 -17.20 62.05 19.33
CA ASP C 291 -18.37 61.90 18.47
C ASP C 291 -18.76 60.44 18.32
N ALA C 292 -17.79 59.52 18.35
CA ALA C 292 -18.12 58.10 18.24
C ALA C 292 -18.73 57.57 19.53
N THR C 293 -18.12 57.87 20.66
CA THR C 293 -18.57 57.27 21.91
C THR C 293 -19.84 57.90 22.46
N GLN C 294 -20.29 59.04 21.91
CA GLN C 294 -21.63 59.52 22.24
C GLN C 294 -22.73 58.62 21.71
N ALA C 295 -22.45 57.84 20.67
CA ALA C 295 -23.44 56.96 20.07
C ALA C 295 -23.28 55.50 20.49
N GLN C 296 -22.66 55.24 21.64
CA GLN C 296 -22.49 53.91 22.23
C GLN C 296 -21.78 52.94 21.29
N LEU C 297 -20.53 53.24 21.00
CA LEU C 297 -19.66 52.37 20.21
C LEU C 297 -18.36 52.17 20.97
N PRO C 298 -18.04 50.96 21.41
CA PRO C 298 -16.79 50.74 22.15
C PRO C 298 -15.57 50.87 21.26
N CYS C 299 -14.41 50.90 21.90
CA CYS C 299 -13.17 51.19 21.20
C CYS C 299 -12.02 50.39 21.82
N LEU C 300 -10.83 50.56 21.24
CA LEU C 300 -9.64 49.89 21.73
C LEU C 300 -8.43 50.72 21.33
N LEU C 301 -7.38 50.65 22.14
CA LEU C 301 -6.25 51.57 22.07
C LEU C 301 -4.98 50.81 21.77
N VAL C 302 -4.02 51.48 21.13
CA VAL C 302 -2.67 50.96 21.01
C VAL C 302 -1.77 51.75 21.96
N ALA C 303 -0.51 51.33 22.06
CA ALA C 303 0.48 52.07 22.81
C ALA C 303 1.59 52.64 21.95
N GLY C 304 1.27 53.12 20.75
CA GLY C 304 2.32 53.70 19.92
C GLY C 304 2.82 55.03 20.43
N SER C 305 2.01 56.07 20.28
CA SER C 305 2.34 57.45 20.67
C SER C 305 1.05 58.26 20.58
N GLY C 306 1.19 59.58 20.68
CA GLY C 306 0.11 60.49 20.32
C GLY C 306 -1.04 60.47 21.31
N GLY C 307 -2.25 60.66 20.77
CA GLY C 307 -3.44 60.69 21.59
C GLY C 307 -3.79 59.34 22.19
N ALA C 308 -3.31 58.25 21.57
CA ALA C 308 -3.55 56.92 22.11
C ALA C 308 -2.79 56.71 23.42
N ALA C 309 -1.48 56.98 23.41
CA ALA C 309 -0.70 56.91 24.64
C ALA C 309 -1.07 58.01 25.62
N ASP C 310 -1.58 59.15 25.11
CA ASP C 310 -2.13 60.19 25.97
C ASP C 310 -3.31 59.65 26.78
N CYS C 311 -4.22 58.95 26.12
CA CYS C 311 -5.37 58.39 26.84
C CYS C 311 -4.99 57.20 27.70
N LEU C 312 -3.89 56.52 27.37
CA LEU C 312 -3.44 55.41 28.21
C LEU C 312 -2.94 55.90 29.56
N VAL C 313 -2.08 56.92 29.55
CA VAL C 313 -1.60 57.48 30.82
C VAL C 313 -2.72 58.25 31.51
N GLU C 314 -3.71 58.73 30.74
CA GLU C 314 -4.92 59.29 31.32
C GLU C 314 -5.73 58.24 32.07
N THR C 315 -5.69 56.98 31.62
CA THR C 315 -6.36 55.93 32.36
C THR C 315 -5.44 55.19 33.33
N LEU C 316 -4.14 55.49 33.31
CA LEU C 316 -3.26 54.92 34.33
C LEU C 316 -3.21 55.77 35.59
N GLU C 317 -3.96 56.87 35.63
CA GLU C 317 -4.02 57.72 36.81
C GLU C 317 -5.47 57.93 37.24
N GLU C 331 -3.67 71.44 35.89
CA GLU C 331 -2.62 70.77 36.64
C GLU C 331 -1.69 70.01 35.71
N ALA C 332 -1.13 68.90 36.22
CA ALA C 332 -0.24 68.06 35.42
C ALA C 332 -0.99 67.33 34.31
N ARG C 333 -2.31 67.19 34.42
CA ARG C 333 -3.10 66.66 33.32
C ARG C 333 -3.21 67.66 32.17
N ASP C 334 -3.39 68.94 32.50
CA ASP C 334 -3.23 70.01 31.52
C ASP C 334 -1.82 70.01 30.94
N ARG C 335 -0.81 69.69 31.75
CA ARG C 335 0.57 69.64 31.27
C ARG C 335 0.80 68.48 30.30
N ILE C 336 0.18 67.33 30.56
CA ILE C 336 0.29 66.19 29.64
C ILE C 336 -0.38 66.53 28.32
N ARG C 337 -1.46 67.31 28.36
CA ARG C 337 -2.05 67.87 27.15
C ARG C 337 -1.09 68.80 26.41
N ARG C 338 -0.21 69.49 27.13
CA ARG C 338 0.60 70.55 26.54
C ARG C 338 1.78 70.06 25.70
N TYR C 339 1.97 68.75 25.55
CA TYR C 339 3.09 68.34 24.71
C TYR C 339 2.79 67.21 23.73
N PHE C 340 1.61 66.60 23.73
CA PHE C 340 1.37 65.65 22.65
C PHE C 340 0.90 66.37 21.37
N PRO C 341 -0.14 67.28 21.37
CA PRO C 341 -0.41 68.02 20.12
C PRO C 341 0.36 69.33 20.04
N LYS C 342 0.76 69.85 21.19
CA LYS C 342 1.27 71.22 21.38
C LYS C 342 0.29 72.25 20.82
N GLY C 343 -0.86 72.34 21.49
CA GLY C 343 -1.80 73.40 21.20
C GLY C 343 -3.19 73.21 21.80
N ASP C 344 -3.84 74.34 22.14
CA ASP C 344 -5.23 74.47 22.56
C ASP C 344 -5.60 73.55 23.72
N PRO C 345 -5.11 73.82 24.94
CA PRO C 345 -5.23 72.82 26.01
C PRO C 345 -6.61 72.62 26.62
N GLU C 346 -7.39 73.70 26.81
CA GLU C 346 -8.53 73.62 27.72
C GLU C 346 -9.80 73.06 27.06
N VAL C 347 -10.02 73.33 25.76
CA VAL C 347 -11.14 72.71 25.06
C VAL C 347 -10.93 71.21 24.96
N LEU C 348 -9.69 70.80 24.69
CA LEU C 348 -9.34 69.39 24.69
C LEU C 348 -9.37 68.80 26.08
N GLN C 349 -9.13 69.62 27.11
CA GLN C 349 -9.32 69.17 28.48
C GLN C 349 -10.80 68.91 28.76
N ALA C 350 -11.70 69.67 28.13
CA ALA C 350 -13.11 69.33 28.19
C ALA C 350 -13.42 68.04 27.43
N GLN C 351 -12.56 67.66 26.48
CA GLN C 351 -12.76 66.38 25.81
C GLN C 351 -12.19 65.22 26.63
N VAL C 352 -11.17 65.50 27.46
CA VAL C 352 -10.75 64.52 28.46
C VAL C 352 -11.84 64.38 29.52
N GLU C 353 -12.56 65.47 29.79
CA GLU C 353 -13.74 65.39 30.66
C GLU C 353 -14.78 64.46 30.06
N ARG C 354 -14.99 64.55 28.75
CA ARG C 354 -15.96 63.66 28.10
C ARG C 354 -15.47 62.21 28.06
N ILE C 355 -14.14 62.01 28.01
CA ILE C 355 -13.55 60.68 28.18
C ILE C 355 -13.95 60.10 29.53
N MET C 356 -13.88 60.90 30.58
CA MET C 356 -14.29 60.42 31.89
C MET C 356 -15.80 60.41 32.08
N THR C 357 -16.58 61.01 31.17
CA THR C 357 -18.01 60.79 31.22
C THR C 357 -18.36 59.38 30.79
N ARG C 358 -17.65 58.82 29.81
CA ARG C 358 -17.94 57.44 29.43
C ARG C 358 -17.24 56.44 30.33
N LYS C 359 -15.90 56.44 30.33
CA LYS C 359 -15.02 55.79 31.32
C LYS C 359 -15.02 54.26 31.25
N GLU C 360 -15.97 53.67 30.50
CA GLU C 360 -16.12 52.23 30.46
C GLU C 360 -16.05 51.64 29.07
N LEU C 361 -16.01 52.47 28.02
CA LEU C 361 -15.85 52.00 26.66
C LEU C 361 -14.40 52.09 26.19
N LEU C 362 -13.45 52.00 27.10
CA LEU C 362 -12.04 52.20 26.80
C LEU C 362 -11.22 51.03 27.34
N THR C 363 -10.46 50.39 26.46
CA THR C 363 -9.67 49.21 26.79
C THR C 363 -8.20 49.44 26.44
N VAL C 364 -7.34 48.66 27.09
CA VAL C 364 -5.89 48.78 26.94
C VAL C 364 -5.37 47.46 26.38
N TYR C 365 -4.68 47.55 25.24
CA TYR C 365 -4.17 46.37 24.56
C TYR C 365 -2.78 45.96 24.99
N SER C 366 -1.92 46.93 25.36
CA SER C 366 -0.49 46.66 25.40
C SER C 366 -0.07 45.81 26.59
N SER C 367 -0.96 45.61 27.57
CA SER C 367 -0.62 44.79 28.73
C SER C 367 -0.47 43.32 28.35
N GLU C 368 -1.31 42.83 27.45
CA GLU C 368 -1.25 41.44 27.01
C GLU C 368 -1.27 41.43 25.49
N ASP C 369 -0.21 40.90 24.88
CA ASP C 369 -0.08 40.85 23.43
C ASP C 369 0.13 39.40 23.02
N GLY C 370 -0.40 39.04 21.85
CA GLY C 370 -0.31 37.67 21.38
C GLY C 370 -0.97 37.54 20.03
N SER C 371 -0.98 36.30 19.53
CA SER C 371 -1.54 36.05 18.21
C SER C 371 -3.06 36.02 18.24
N GLU C 372 -3.64 35.03 18.92
CA GLU C 372 -5.09 34.92 19.03
C GLU C 372 -5.61 35.55 20.30
N GLU C 373 -4.76 36.24 21.05
CA GLU C 373 -5.17 37.02 22.21
C GLU C 373 -6.05 38.19 21.80
N PHE C 374 -5.92 38.64 20.55
CA PHE C 374 -6.65 39.80 20.04
C PHE C 374 -8.16 39.60 20.08
N GLU C 375 -8.64 38.44 19.61
CA GLU C 375 -10.08 38.18 19.59
C GLU C 375 -10.66 38.06 21.00
N THR C 376 -9.89 37.47 21.92
CA THR C 376 -10.35 37.37 23.30
C THR C 376 -10.39 38.75 23.96
N ILE C 377 -9.49 39.65 23.56
CA ILE C 377 -9.54 41.02 24.04
C ILE C 377 -10.76 41.75 23.49
N VAL C 378 -11.16 41.43 22.26
CA VAL C 378 -12.36 42.03 21.68
C VAL C 378 -13.61 41.57 22.43
N LEU C 379 -13.67 40.29 22.80
CA LEU C 379 -14.80 39.79 23.56
C LEU C 379 -14.86 40.40 24.96
N ARG C 380 -13.70 40.55 25.60
CA ARG C 380 -13.67 41.21 26.91
C ARG C 380 -13.96 42.70 26.80
N ALA C 381 -13.72 43.29 25.63
CA ALA C 381 -14.17 44.65 25.37
C ALA C 381 -15.67 44.71 25.16
N LEU C 382 -16.30 43.59 24.87
CA LEU C 382 -17.76 43.55 24.84
C LEU C 382 -18.34 43.15 26.19
N VAL C 383 -17.56 42.48 27.03
CA VAL C 383 -17.99 42.20 28.39
C VAL C 383 -18.01 43.48 29.21
N LYS C 384 -16.95 44.27 29.09
CA LYS C 384 -16.85 45.50 29.86
C LYS C 384 -17.84 46.55 29.35
N ALA C 385 -18.15 46.52 28.06
CA ALA C 385 -19.07 47.49 27.48
C ALA C 385 -20.48 46.95 27.31
N CYS C 386 -20.95 46.06 28.18
CA CYS C 386 -22.33 45.61 28.09
C CYS C 386 -23.28 46.59 28.78
N GLY C 387 -22.85 47.15 29.89
CA GLY C 387 -23.72 48.07 30.63
C GLY C 387 -24.49 47.41 31.76
N SER C 388 -25.72 47.01 31.49
CA SER C 388 -26.64 46.64 32.57
C SER C 388 -26.34 45.25 33.13
N SER C 389 -26.53 44.21 32.33
CA SER C 389 -26.62 42.85 32.87
C SER C 389 -25.40 42.02 32.51
N GLU C 390 -24.92 41.24 33.48
CA GLU C 390 -23.86 40.28 33.21
C GLU C 390 -24.42 39.01 32.59
N ALA C 391 -25.65 38.64 32.95
CA ALA C 391 -26.27 37.46 32.39
C ALA C 391 -26.55 37.62 30.90
N SER C 392 -26.96 38.81 30.47
CA SER C 392 -27.07 39.08 29.05
C SER C 392 -25.71 39.33 28.43
N ALA C 393 -24.70 39.67 29.23
CA ALA C 393 -23.35 39.82 28.69
C ALA C 393 -22.75 38.46 28.34
N TYR C 394 -22.91 37.47 29.21
CA TYR C 394 -22.46 36.12 28.88
C TYR C 394 -23.36 35.48 27.83
N LEU C 395 -24.64 35.86 27.81
CA LEU C 395 -25.52 35.43 26.72
C LEU C 395 -25.03 35.99 25.39
N ASP C 396 -24.60 37.25 25.39
CA ASP C 396 -23.98 37.82 24.20
C ASP C 396 -22.70 37.09 23.83
N GLU C 397 -21.89 36.71 24.83
CA GLU C 397 -20.59 36.12 24.53
C GLU C 397 -20.73 34.70 24.00
N LEU C 398 -21.71 33.96 24.50
CA LEU C 398 -21.93 32.61 24.00
C LEU C 398 -22.52 32.64 22.60
N ARG C 399 -23.53 33.49 22.37
CA ARG C 399 -24.14 33.55 21.04
C ARG C 399 -23.21 34.18 20.01
N LEU C 400 -22.24 34.97 20.44
CA LEU C 400 -21.28 35.52 19.49
C LEU C 400 -20.16 34.54 19.21
N ALA C 401 -19.80 33.72 20.19
CA ALA C 401 -18.84 32.65 19.92
C ALA C 401 -19.41 31.62 18.97
N VAL C 402 -20.72 31.38 19.05
CA VAL C 402 -21.37 30.55 18.03
C VAL C 402 -21.41 31.28 16.70
N ALA C 403 -21.68 32.59 16.72
CA ALA C 403 -21.76 33.35 15.47
C ALA C 403 -20.41 33.45 14.78
N TRP C 404 -19.32 33.54 15.54
CA TRP C 404 -18.00 33.59 14.94
C TRP C 404 -17.49 32.23 14.50
N ASN C 405 -18.19 31.15 14.87
CA ASN C 405 -17.85 29.76 14.54
C ASN C 405 -16.44 29.42 15.03
N ARG C 406 -16.21 29.71 16.32
CA ARG C 406 -14.93 29.44 16.95
C ARG C 406 -15.17 28.72 18.27
N VAL C 407 -15.09 27.39 18.26
CA VAL C 407 -15.32 26.57 19.44
C VAL C 407 -14.24 26.79 20.48
N ASP C 408 -13.00 27.00 20.04
CA ASP C 408 -11.83 27.01 20.90
C ASP C 408 -11.81 28.17 21.88
N ILE C 409 -12.65 29.18 21.65
CA ILE C 409 -12.83 30.23 22.64
C ILE C 409 -13.91 29.83 23.64
N ALA C 410 -15.04 29.34 23.13
CA ALA C 410 -16.21 29.13 23.97
C ALA C 410 -16.02 27.95 24.92
N GLN C 411 -15.41 26.86 24.44
CA GLN C 411 -15.16 25.71 25.28
C GLN C 411 -14.18 26.04 26.40
N SER C 412 -13.17 26.83 26.10
CA SER C 412 -12.04 27.02 26.98
C SER C 412 -12.13 28.29 27.80
N GLU C 413 -13.20 29.05 27.67
CA GLU C 413 -13.38 30.24 28.49
C GLU C 413 -14.76 30.37 29.12
N LEU C 414 -15.76 29.66 28.62
CA LEU C 414 -17.12 29.83 29.09
C LEU C 414 -17.73 28.56 29.68
N PHE C 415 -16.98 27.48 29.78
CA PHE C 415 -17.47 26.26 30.40
C PHE C 415 -16.42 25.68 31.32
N ARG C 416 -15.63 26.54 31.94
CA ARG C 416 -14.71 26.07 32.97
C ARG C 416 -15.43 25.81 34.27
N GLY C 417 -16.59 26.44 34.45
CA GLY C 417 -17.38 26.16 35.63
C GLY C 417 -17.56 27.38 36.52
N ASP C 418 -16.97 28.51 36.11
CA ASP C 418 -17.11 29.75 36.87
C ASP C 418 -18.53 30.29 36.82
N ILE C 419 -19.21 30.13 35.70
CA ILE C 419 -20.55 30.66 35.50
C ILE C 419 -21.52 29.49 35.59
N GLN C 420 -22.49 29.59 36.50
CA GLN C 420 -23.57 28.60 36.51
C GLN C 420 -24.57 29.00 35.44
N TRP C 421 -24.54 28.27 34.33
CA TRP C 421 -25.41 28.55 33.20
C TRP C 421 -26.80 27.99 33.44
N ARG C 422 -27.81 28.80 33.16
CA ARG C 422 -29.17 28.31 33.20
C ARG C 422 -29.53 27.66 31.87
N SER C 423 -30.78 27.21 31.75
CA SER C 423 -31.18 26.39 30.62
C SER C 423 -31.46 27.22 29.38
N PHE C 424 -32.29 28.25 29.53
CA PHE C 424 -32.69 29.05 28.37
C PHE C 424 -31.55 29.89 27.81
N HIS C 425 -30.50 30.14 28.62
CA HIS C 425 -29.26 30.71 28.09
C HIS C 425 -28.61 29.76 27.09
N LEU C 426 -28.72 28.46 27.32
CA LEU C 426 -28.19 27.51 26.36
C LEU C 426 -29.13 27.29 25.19
N GLU C 427 -30.44 27.30 25.43
CA GLU C 427 -31.41 26.98 24.39
C GLU C 427 -31.45 28.05 23.31
N ALA C 428 -31.27 29.33 23.68
CA ALA C 428 -31.24 30.37 22.68
C ALA C 428 -30.00 30.27 21.81
N SER C 429 -28.87 29.94 22.41
CA SER C 429 -27.65 29.72 21.65
C SER C 429 -27.72 28.49 20.78
N LEU C 430 -28.47 27.47 21.20
CA LEU C 430 -28.62 26.28 20.39
C LEU C 430 -29.51 26.56 19.18
N MET C 431 -30.50 27.43 19.33
CA MET C 431 -31.28 27.86 18.18
C MET C 431 -30.46 28.68 17.21
N ASP C 432 -29.52 29.48 17.72
CA ASP C 432 -28.60 30.17 16.82
C ASP C 432 -27.65 29.20 16.14
N ALA C 433 -27.35 28.07 16.78
CA ALA C 433 -26.47 27.07 16.22
C ALA C 433 -27.17 26.11 15.27
N LEU C 434 -28.49 26.02 15.34
CA LEU C 434 -29.25 25.18 14.42
C LEU C 434 -29.69 25.92 13.17
N LEU C 435 -29.99 27.21 13.29
CA LEU C 435 -30.35 27.98 12.09
C LEU C 435 -29.14 28.19 11.20
N ASN C 436 -27.99 28.49 11.79
CA ASN C 436 -26.75 28.47 11.06
C ASN C 436 -26.20 27.04 11.09
N ASP C 437 -25.08 26.82 10.39
CA ASP C 437 -24.59 25.47 10.18
C ASP C 437 -23.29 25.27 10.98
N ARG C 438 -23.46 24.89 12.25
CA ARG C 438 -22.33 24.63 13.15
C ARG C 438 -22.56 23.31 13.85
N PRO C 439 -22.03 22.21 13.33
CA PRO C 439 -22.20 20.91 14.02
C PRO C 439 -21.43 20.82 15.33
N GLU C 440 -20.31 21.53 15.43
CA GLU C 440 -19.46 21.41 16.61
C GLU C 440 -20.11 22.06 17.83
N PHE C 441 -20.78 23.18 17.64
CA PHE C 441 -21.45 23.82 18.76
C PHE C 441 -22.69 23.05 19.17
N VAL C 442 -23.34 22.35 18.25
CA VAL C 442 -24.51 21.55 18.60
C VAL C 442 -24.09 20.40 19.52
N ARG C 443 -22.99 19.74 19.17
CA ARG C 443 -22.46 18.67 20.01
C ARG C 443 -22.01 19.20 21.36
N LEU C 444 -21.45 20.41 21.37
CA LEU C 444 -20.92 20.99 22.60
C LEU C 444 -22.04 21.40 23.54
N LEU C 445 -23.16 21.87 23.00
CA LEU C 445 -24.24 22.35 23.86
C LEU C 445 -25.13 21.22 24.34
N ILE C 446 -25.31 20.16 23.54
CA ILE C 446 -26.08 19.01 24.03
C ILE C 446 -25.28 18.27 25.10
N SER C 447 -23.95 18.34 25.03
CA SER C 447 -23.10 17.64 25.98
C SER C 447 -23.18 18.21 27.41
N HIS C 448 -23.78 19.38 27.59
CA HIS C 448 -23.89 19.99 28.91
C HIS C 448 -25.25 19.77 29.55
N GLY C 449 -25.87 18.62 29.33
CA GLY C 449 -27.01 18.21 30.10
C GLY C 449 -28.29 18.95 29.79
N LEU C 450 -28.60 19.11 28.51
CA LEU C 450 -29.81 19.78 28.06
C LEU C 450 -30.84 18.72 27.67
N SER C 451 -32.11 19.04 27.88
CA SER C 451 -33.20 18.16 27.47
C SER C 451 -33.91 18.76 26.27
N LEU C 452 -34.15 17.93 25.26
CA LEU C 452 -34.89 18.38 24.09
C LEU C 452 -36.40 18.30 24.27
N GLY C 453 -36.87 17.70 25.35
CA GLY C 453 -38.30 17.60 25.58
C GLY C 453 -38.96 18.93 25.84
N HIS C 454 -38.20 19.89 26.37
CA HIS C 454 -38.67 21.26 26.48
C HIS C 454 -38.16 22.12 25.34
N PHE C 455 -37.17 21.66 24.58
CA PHE C 455 -36.55 22.51 23.57
C PHE C 455 -37.44 22.66 22.34
N LEU C 456 -37.78 21.57 21.69
CA LEU C 456 -38.44 21.64 20.38
C LEU C 456 -39.91 22.03 20.53
N THR C 457 -40.12 23.30 20.84
CA THR C 457 -41.42 23.91 20.71
C THR C 457 -41.79 23.97 19.22
N PRO C 458 -43.05 23.72 18.86
CA PRO C 458 -43.46 23.86 17.45
C PRO C 458 -43.27 25.26 16.87
N VAL C 459 -43.16 26.29 17.71
CA VAL C 459 -42.67 27.58 17.24
C VAL C 459 -41.25 27.46 16.69
N ARG C 460 -40.35 26.85 17.48
CA ARG C 460 -38.97 26.67 17.04
C ARG C 460 -38.85 25.71 15.85
N LEU C 461 -39.73 24.71 15.79
CA LEU C 461 -39.68 23.76 14.68
C LEU C 461 -40.10 24.43 13.38
N ALA C 462 -41.12 25.29 13.44
CA ALA C 462 -41.48 26.10 12.29
C ALA C 462 -40.36 27.08 11.93
N GLN C 463 -39.63 27.57 12.93
CA GLN C 463 -38.49 28.44 12.64
C GLN C 463 -37.34 27.68 12.02
N LEU C 464 -37.21 26.38 12.30
CA LEU C 464 -36.15 25.61 11.67
C LEU C 464 -36.43 25.39 10.20
N TYR C 465 -37.70 25.19 9.84
CA TYR C 465 -38.01 25.13 8.42
C TYR C 465 -38.17 26.50 7.79
N SER C 466 -37.99 27.57 8.55
CA SER C 466 -38.05 28.90 7.96
C SER C 466 -36.79 29.25 7.18
N ALA C 467 -35.62 28.93 7.75
CA ALA C 467 -34.35 29.33 7.17
C ALA C 467 -33.99 28.40 6.01
N VAL C 468 -34.64 28.65 4.88
CA VAL C 468 -34.50 27.84 3.68
C VAL C 468 -33.99 28.75 2.57
N SER C 469 -32.99 28.30 1.82
CA SER C 469 -32.41 29.08 0.74
C SER C 469 -33.44 29.33 -0.36
N PRO C 470 -33.37 30.49 -1.04
CA PRO C 470 -34.39 30.83 -2.04
C PRO C 470 -34.38 29.94 -3.27
N ASN C 471 -33.21 29.57 -3.79
CA ASN C 471 -33.14 28.74 -4.98
C ASN C 471 -32.87 27.27 -4.63
N SER C 472 -33.44 26.78 -3.54
CA SER C 472 -33.24 25.40 -3.13
C SER C 472 -34.37 24.53 -3.65
N LEU C 473 -34.33 23.25 -3.28
CA LEU C 473 -35.36 22.30 -3.69
C LEU C 473 -36.52 22.28 -2.71
N ILE C 474 -36.20 22.28 -1.40
CA ILE C 474 -37.22 22.22 -0.37
C ILE C 474 -38.05 23.51 -0.34
N ARG C 475 -37.49 24.62 -0.81
CA ARG C 475 -38.26 25.85 -0.97
C ARG C 475 -39.39 25.64 -1.97
N ASN C 476 -39.10 24.98 -3.08
CA ASN C 476 -40.12 24.69 -4.08
C ASN C 476 -41.09 23.63 -3.59
N LEU C 477 -40.61 22.64 -2.83
CA LEU C 477 -41.49 21.57 -2.39
C LEU C 477 -42.44 22.05 -1.30
N LEU C 478 -41.97 22.92 -0.42
CA LEU C 478 -42.84 23.49 0.59
C LEU C 478 -43.81 24.51 0.00
N ASP C 479 -43.43 25.19 -1.08
CA ASP C 479 -44.36 26.09 -1.72
C ASP C 479 -45.43 25.32 -2.49
N GLN C 480 -45.12 24.08 -2.89
CA GLN C 480 -46.16 23.23 -3.46
C GLN C 480 -46.97 22.50 -2.38
N ALA C 481 -46.47 22.46 -1.15
CA ALA C 481 -47.30 22.01 -0.03
C ALA C 481 -48.22 23.11 0.48
N SER C 482 -47.84 24.36 0.29
CA SER C 482 -48.72 25.49 0.60
C SER C 482 -49.82 25.65 -0.44
N HIS C 483 -49.71 24.95 -1.58
CA HIS C 483 -50.78 24.93 -2.55
C HIS C 483 -52.00 24.17 -2.03
N ALA C 484 -51.78 23.23 -1.12
CA ALA C 484 -52.86 22.50 -0.47
C ALA C 484 -52.72 22.58 1.05
N PRO C 501 -44.85 24.03 9.04
CA PRO C 501 -45.74 24.17 7.89
C PRO C 501 -46.47 22.87 7.55
N ASN C 502 -46.16 22.30 6.38
CA ASN C 502 -46.85 21.11 5.88
C ASN C 502 -45.85 20.02 5.49
N VAL C 503 -44.93 19.69 6.41
CA VAL C 503 -43.83 18.78 6.11
C VAL C 503 -44.33 17.37 5.81
N GLY C 504 -45.36 16.93 6.54
CA GLY C 504 -45.89 15.59 6.34
C GLY C 504 -46.50 15.37 4.97
N GLN C 505 -46.99 16.43 4.33
CA GLN C 505 -47.48 16.28 2.97
C GLN C 505 -46.32 16.22 1.99
N VAL C 506 -45.19 16.87 2.29
CA VAL C 506 -44.02 16.78 1.44
C VAL C 506 -43.43 15.37 1.50
N LEU C 507 -43.45 14.78 2.69
CA LEU C 507 -43.04 13.39 2.82
C LEU C 507 -44.00 12.44 2.12
N ARG C 508 -45.30 12.74 2.19
CA ARG C 508 -46.29 11.88 1.55
C ARG C 508 -46.18 11.93 0.04
N THR C 509 -45.99 13.12 -0.52
CA THR C 509 -45.86 13.23 -1.97
C THR C 509 -44.54 12.68 -2.49
N LEU C 510 -43.46 12.76 -1.70
CA LEU C 510 -42.20 12.19 -2.16
C LEU C 510 -42.17 10.67 -2.03
N LEU C 511 -42.88 10.13 -1.04
CA LEU C 511 -42.68 8.73 -0.69
C LEU C 511 -43.93 7.86 -0.79
N GLY C 512 -45.12 8.43 -0.72
CA GLY C 512 -46.33 7.64 -0.91
C GLY C 512 -47.17 7.46 0.34
N GLU C 513 -48.12 6.54 0.23
CA GLU C 513 -49.00 6.22 1.35
C GLU C 513 -48.21 5.48 2.43
N THR C 514 -47.51 4.42 2.05
CA THR C 514 -46.53 3.82 2.92
C THR C 514 -45.23 4.60 2.84
N CYS C 515 -44.27 4.19 3.66
CA CYS C 515 -42.88 4.68 3.68
C CYS C 515 -42.79 6.18 3.92
N ALA C 516 -43.78 6.77 4.59
CA ALA C 516 -43.81 8.20 4.81
C ALA C 516 -44.10 8.45 6.29
N PRO C 517 -43.28 9.24 6.96
CA PRO C 517 -43.58 9.60 8.35
C PRO C 517 -44.75 10.55 8.46
N ARG C 518 -45.20 10.75 9.70
CA ARG C 518 -46.40 11.53 9.94
C ARG C 518 -46.12 13.03 9.91
N TYR C 519 -45.25 13.50 10.79
CA TYR C 519 -44.93 14.92 10.88
C TYR C 519 -43.56 15.11 11.52
N ALA C 557 -38.28 10.65 20.35
CA ALA C 557 -39.26 11.54 19.73
C ALA C 557 -38.72 12.90 19.20
N PRO C 558 -37.79 13.62 19.92
CA PRO C 558 -37.25 14.83 19.29
C PRO C 558 -36.22 14.52 18.22
N TRP C 559 -35.46 13.45 18.43
CA TRP C 559 -34.34 13.15 17.55
C TRP C 559 -34.80 12.71 16.17
N SER C 560 -36.01 12.16 16.08
CA SER C 560 -36.54 11.79 14.78
C SER C 560 -36.91 13.03 13.98
N ASP C 561 -37.44 14.05 14.64
CA ASP C 561 -37.81 15.27 13.95
C ASP C 561 -36.58 16.05 13.52
N LEU C 562 -35.51 16.00 14.32
CA LEU C 562 -34.29 16.65 13.91
C LEU C 562 -33.56 15.88 12.81
N LEU C 563 -33.71 14.56 12.79
CA LEU C 563 -33.08 13.79 11.72
C LEU C 563 -33.74 14.06 10.38
N ILE C 564 -35.08 14.09 10.36
CA ILE C 564 -35.78 14.39 9.14
C ILE C 564 -35.52 15.83 8.71
N TRP C 565 -35.35 16.72 9.69
CA TRP C 565 -34.98 18.10 9.41
C TRP C 565 -33.63 18.19 8.69
N ALA C 566 -32.63 17.46 9.16
CA ALA C 566 -31.31 17.56 8.58
C ALA C 566 -31.25 16.92 7.18
N LEU C 567 -32.05 15.88 6.95
CA LEU C 567 -32.07 15.27 5.63
C LEU C 567 -32.76 16.17 4.61
N LEU C 568 -33.87 16.78 5.00
CA LEU C 568 -34.62 17.63 4.09
C LEU C 568 -33.86 18.89 3.69
N LEU C 569 -32.95 19.39 4.51
CA LEU C 569 -32.17 20.58 4.17
C LEU C 569 -30.76 20.27 3.73
N ASN C 570 -30.39 18.98 3.61
CA ASN C 570 -29.10 18.52 3.10
C ASN C 570 -27.92 19.03 3.94
N ARG C 571 -27.88 18.60 5.19
CA ARG C 571 -26.77 18.91 6.09
C ARG C 571 -26.14 17.62 6.57
N ALA C 572 -24.81 17.52 6.44
CA ALA C 572 -24.14 16.23 6.54
C ALA C 572 -23.90 15.80 7.98
N GLN C 573 -23.06 16.53 8.71
CA GLN C 573 -22.71 16.10 10.06
C GLN C 573 -23.85 16.30 11.04
N MET C 574 -24.80 17.16 10.68
CA MET C 574 -26.03 17.28 11.47
C MET C 574 -26.82 15.99 11.42
N ALA C 575 -26.96 15.41 10.23
CA ALA C 575 -27.73 14.18 10.09
C ALA C 575 -27.01 12.99 10.71
N ILE C 576 -25.68 12.94 10.60
CA ILE C 576 -24.93 11.83 11.19
C ILE C 576 -24.99 11.88 12.71
N TYR C 577 -24.89 13.07 13.28
CA TYR C 577 -24.97 13.21 14.73
C TYR C 577 -26.36 12.86 15.25
N PHE C 578 -27.40 13.32 14.56
CA PHE C 578 -28.75 13.05 15.01
C PHE C 578 -29.12 11.59 14.84
N TRP C 579 -28.47 10.90 13.91
CA TRP C 579 -28.66 9.45 13.82
C TRP C 579 -27.97 8.74 14.97
N GLU C 580 -26.82 9.26 15.41
CA GLU C 580 -26.09 8.60 16.48
C GLU C 580 -26.79 8.76 17.82
N LYS C 581 -27.49 9.86 18.04
CA LYS C 581 -28.18 10.05 19.31
C LYS C 581 -29.55 9.41 19.36
N GLY C 582 -30.23 9.28 18.24
CA GLY C 582 -31.59 8.77 18.23
C GLY C 582 -31.67 7.27 18.42
N SER C 583 -32.89 6.76 18.26
CA SER C 583 -33.21 5.35 18.47
C SER C 583 -33.90 4.80 17.23
N ASN C 584 -34.14 3.48 17.25
CA ASN C 584 -34.70 2.71 16.14
C ASN C 584 -33.84 2.92 14.88
N SER C 585 -32.62 2.40 14.96
CA SER C 585 -31.52 2.88 14.14
C SER C 585 -31.48 2.32 12.72
N VAL C 586 -31.75 1.02 12.55
CA VAL C 586 -31.51 0.39 11.24
C VAL C 586 -32.55 0.85 10.23
N ALA C 587 -33.82 0.89 10.63
CA ALA C 587 -34.86 1.37 9.74
C ALA C 587 -34.72 2.85 9.44
N SER C 588 -34.18 3.61 10.38
CA SER C 588 -33.96 5.03 10.11
C SER C 588 -32.79 5.25 9.17
N ALA C 589 -31.81 4.35 9.16
CA ALA C 589 -30.71 4.49 8.23
C ALA C 589 -31.13 4.14 6.81
N LEU C 590 -31.90 3.07 6.63
CA LEU C 590 -32.38 2.72 5.31
C LEU C 590 -33.40 3.72 4.80
N GLY C 591 -34.25 4.25 5.68
CA GLY C 591 -35.17 5.30 5.27
C GLY C 591 -34.47 6.60 4.94
N ALA C 592 -33.33 6.85 5.58
CA ALA C 592 -32.52 8.01 5.22
C ALA C 592 -31.96 7.88 3.82
N CYS C 593 -31.45 6.69 3.49
CA CYS C 593 -30.91 6.45 2.15
C CYS C 593 -32.00 6.53 1.09
N LEU C 594 -33.22 6.13 1.45
CA LEU C 594 -34.35 6.23 0.53
C LEU C 594 -34.68 7.68 0.20
N LEU C 595 -34.82 8.51 1.23
CA LEU C 595 -35.22 9.90 1.04
C LEU C 595 -34.14 10.69 0.31
N LEU C 596 -32.88 10.38 0.56
CA LEU C 596 -31.79 11.09 -0.12
C LEU C 596 -31.71 10.74 -1.59
N ARG C 597 -31.90 9.47 -1.95
CA ARG C 597 -31.80 9.13 -3.36
C ARG C 597 -33.03 9.56 -4.16
N VAL C 598 -34.19 9.67 -3.51
CA VAL C 598 -35.36 10.25 -4.18
C VAL C 598 -35.12 11.71 -4.50
N MET C 599 -34.58 12.47 -3.54
CA MET C 599 -34.29 13.87 -3.82
C MET C 599 -33.13 14.03 -4.79
N ALA C 600 -32.23 13.06 -4.83
CA ALA C 600 -31.10 13.16 -5.74
C ALA C 600 -31.53 13.05 -7.20
N ARG C 601 -32.60 12.30 -7.47
CA ARG C 601 -33.14 12.31 -8.83
C ARG C 601 -33.88 13.60 -9.12
N LEU C 602 -34.68 14.05 -8.16
CA LEU C 602 -35.44 15.28 -8.29
C LEU C 602 -34.58 16.45 -7.84
N GLU C 603 -33.54 16.72 -8.60
CA GLU C 603 -32.63 17.81 -8.29
C GLU C 603 -32.25 18.52 -9.58
N SER C 604 -31.98 19.81 -9.49
CA SER C 604 -31.60 20.58 -10.66
C SER C 604 -30.09 20.67 -10.83
N GLU C 605 -29.35 20.95 -9.76
CA GLU C 605 -27.94 21.26 -9.86
C GLU C 605 -27.07 20.03 -9.63
N ALA C 606 -26.02 19.90 -10.43
CA ALA C 606 -25.17 18.71 -10.39
C ALA C 606 -24.29 18.66 -9.15
N GLU C 607 -23.95 19.80 -8.56
CA GLU C 607 -23.16 19.78 -7.33
C GLU C 607 -23.97 19.26 -6.17
N GLU C 608 -25.22 19.71 -6.04
CA GLU C 608 -26.05 19.25 -4.94
C GLU C 608 -26.61 17.86 -5.19
N ALA C 609 -26.78 17.47 -6.45
CA ALA C 609 -27.15 16.08 -6.74
C ALA C 609 -26.03 15.12 -6.37
N ALA C 610 -24.78 15.51 -6.63
CA ALA C 610 -23.65 14.72 -6.20
C ALA C 610 -23.52 14.69 -4.69
N ARG C 611 -23.90 15.79 -4.02
CA ARG C 611 -23.77 15.85 -2.58
C ARG C 611 -24.78 14.94 -1.90
N ARG C 612 -25.99 14.83 -2.48
CA ARG C 612 -27.00 13.97 -1.89
C ARG C 612 -26.69 12.50 -2.08
N LYS C 613 -26.13 12.12 -3.23
CA LYS C 613 -25.81 10.71 -3.43
C LYS C 613 -24.65 10.27 -2.54
N ASP C 614 -23.69 11.16 -2.26
CA ASP C 614 -22.61 10.79 -1.37
C ASP C 614 -23.10 10.61 0.06
N LEU C 615 -24.01 11.48 0.51
CA LEU C 615 -24.49 11.35 1.88
C LEU C 615 -25.43 10.16 2.02
N ALA C 616 -26.08 9.78 0.93
CA ALA C 616 -26.89 8.56 0.92
C ALA C 616 -26.02 7.31 1.06
N ALA C 617 -24.87 7.30 0.40
CA ALA C 617 -23.97 6.15 0.53
C ALA C 617 -23.36 6.06 1.92
N THR C 618 -23.23 7.18 2.63
CA THR C 618 -22.77 7.13 4.01
C THR C 618 -23.80 6.44 4.90
N PHE C 619 -25.09 6.74 4.71
CA PHE C 619 -26.11 6.09 5.54
C PHE C 619 -26.31 4.62 5.19
N GLU C 620 -26.13 4.24 3.92
CA GLU C 620 -26.19 2.82 3.59
C GLU C 620 -25.07 2.04 4.26
N SER C 621 -23.88 2.63 4.32
CA SER C 621 -22.76 1.95 4.94
C SER C 621 -22.94 1.78 6.45
N MET C 622 -23.58 2.74 7.11
CA MET C 622 -23.75 2.64 8.56
C MET C 622 -24.79 1.59 8.92
N SER C 623 -25.83 1.43 8.09
CA SER C 623 -26.78 0.36 8.34
C SER C 623 -26.14 -1.01 8.15
N VAL C 624 -25.22 -1.12 7.19
CA VAL C 624 -24.51 -2.39 6.97
C VAL C 624 -23.66 -2.76 8.18
N ASP C 625 -22.94 -1.79 8.74
CA ASP C 625 -22.03 -2.09 9.84
C ASP C 625 -22.78 -2.41 11.13
N LEU C 626 -23.84 -1.65 11.41
CA LEU C 626 -24.63 -1.89 12.62
C LEU C 626 -25.33 -3.24 12.59
N PHE C 627 -25.97 -3.57 11.46
CA PHE C 627 -26.62 -4.88 11.36
C PHE C 627 -25.61 -6.01 11.36
N GLY C 628 -24.36 -5.74 10.97
CA GLY C 628 -23.30 -6.72 11.13
C GLY C 628 -23.11 -7.13 12.59
N GLU C 629 -22.94 -6.16 13.49
CA GLU C 629 -22.69 -6.52 14.88
C GLU C 629 -23.92 -7.08 15.57
N CYS C 630 -25.12 -6.57 15.22
CA CYS C 630 -26.35 -7.17 15.75
C CYS C 630 -26.57 -8.59 15.25
N TYR C 631 -25.96 -8.97 14.14
CA TYR C 631 -26.05 -10.34 13.68
C TYR C 631 -25.00 -11.23 14.34
N HIS C 632 -23.84 -10.67 14.66
CA HIS C 632 -22.82 -11.50 15.30
C HIS C 632 -23.13 -11.80 16.76
N ASN C 633 -23.98 -11.01 17.41
CA ASN C 633 -24.43 -11.42 18.73
C ASN C 633 -25.43 -12.56 18.62
N SER C 634 -26.57 -12.31 17.99
CA SER C 634 -27.62 -13.32 17.86
C SER C 634 -28.09 -13.36 16.43
N GLU C 635 -28.65 -14.49 16.01
CA GLU C 635 -29.30 -14.58 14.71
C GLU C 635 -30.81 -14.48 14.80
N GLU C 636 -31.41 -15.12 15.81
CA GLU C 636 -32.86 -15.13 15.94
C GLU C 636 -33.38 -13.76 16.35
N ARG C 637 -32.60 -13.04 17.14
CA ARG C 637 -33.02 -11.74 17.61
C ARG C 637 -32.85 -10.69 16.51
N ALA C 638 -31.81 -10.81 15.69
CA ALA C 638 -31.68 -9.96 14.52
C ALA C 638 -32.73 -10.28 13.47
N ALA C 639 -33.15 -11.54 13.41
CA ALA C 639 -34.27 -11.91 12.53
C ALA C 639 -35.55 -11.24 12.98
N ARG C 640 -35.75 -11.12 14.29
CA ARG C 640 -36.90 -10.35 14.77
C ARG C 640 -36.68 -8.86 14.62
N LEU C 641 -35.44 -8.42 14.42
CA LEU C 641 -35.19 -7.00 14.21
C LEU C 641 -35.60 -6.55 12.82
N LEU C 642 -35.27 -7.32 11.78
CA LEU C 642 -35.60 -6.89 10.42
C LEU C 642 -37.08 -6.97 10.14
N LEU C 643 -37.69 -8.11 10.48
CA LEU C 643 -39.04 -8.43 10.03
C LEU C 643 -40.05 -7.83 11.00
N ARG C 644 -40.15 -6.51 10.98
CA ARG C 644 -40.93 -5.79 11.98
C ARG C 644 -41.37 -4.46 11.38
N ARG C 645 -42.59 -4.06 11.65
CA ARG C 645 -43.11 -2.79 11.12
C ARG C 645 -42.57 -1.64 11.93
N CYS C 646 -41.79 -0.78 11.30
CA CYS C 646 -41.30 0.41 11.97
C CYS C 646 -42.40 1.46 12.03
N PRO C 647 -42.85 1.88 13.21
CA PRO C 647 -44.02 2.77 13.28
C PRO C 647 -43.74 4.22 12.89
N LEU C 648 -42.48 4.58 12.62
CA LEU C 648 -42.18 5.90 12.12
C LEU C 648 -42.19 5.97 10.60
N TRP C 649 -42.02 4.84 9.92
CA TRP C 649 -41.92 4.87 8.46
C TRP C 649 -43.11 4.21 7.80
N GLY C 650 -44.31 4.43 8.33
CA GLY C 650 -45.51 3.90 7.71
C GLY C 650 -45.70 2.42 7.84
N GLU C 651 -45.11 1.82 8.90
CA GLU C 651 -45.17 0.38 9.18
C GLU C 651 -44.70 -0.46 8.00
N ALA C 652 -43.64 -0.01 7.35
CA ALA C 652 -42.97 -0.78 6.31
C ALA C 652 -41.77 -1.50 6.91
N THR C 653 -41.62 -2.76 6.52
CA THR C 653 -40.53 -3.61 6.98
C THR C 653 -39.21 -3.07 6.42
N CYS C 654 -38.11 -3.33 7.14
CA CYS C 654 -36.79 -2.85 6.73
C CYS C 654 -36.37 -3.38 5.38
N LEU C 655 -36.78 -4.60 5.03
CA LEU C 655 -36.47 -5.14 3.71
C LEU C 655 -37.18 -4.37 2.61
N GLN C 656 -38.40 -3.88 2.88
CA GLN C 656 -39.12 -3.11 1.88
C GLN C 656 -38.45 -1.77 1.62
N LEU C 657 -37.94 -1.14 2.66
CA LEU C 657 -37.22 0.13 2.50
C LEU C 657 -35.92 -0.08 1.74
N ALA C 658 -35.19 -1.15 2.05
CA ALA C 658 -33.95 -1.41 1.31
C ALA C 658 -34.24 -1.84 -0.11
N MET C 659 -35.41 -2.42 -0.37
CA MET C 659 -35.80 -2.73 -1.73
C MET C 659 -36.07 -1.48 -2.54
N GLN C 660 -36.86 -0.55 -2.01
CA GLN C 660 -37.20 0.65 -2.75
C GLN C 660 -36.04 1.61 -2.88
N ALA C 661 -35.12 1.61 -1.92
CA ALA C 661 -33.99 2.54 -1.95
C ALA C 661 -32.85 2.06 -2.83
N ASP C 662 -32.97 0.85 -3.41
CA ASP C 662 -31.93 0.20 -4.19
C ASP C 662 -30.62 0.09 -3.40
N ALA C 663 -30.76 -0.31 -2.14
CA ALA C 663 -29.59 -0.57 -1.30
C ALA C 663 -29.10 -1.95 -1.67
N ARG C 664 -28.25 -2.01 -2.69
CA ARG C 664 -27.74 -3.30 -3.12
C ARG C 664 -26.68 -3.84 -2.18
N ALA C 665 -25.96 -2.98 -1.48
CA ALA C 665 -24.94 -3.47 -0.55
C ALA C 665 -25.55 -3.98 0.75
N PHE C 666 -26.80 -3.65 1.03
CA PHE C 666 -27.42 -4.17 2.24
C PHE C 666 -27.87 -5.61 2.05
N PHE C 667 -28.53 -5.90 0.93
CA PHE C 667 -28.97 -7.27 0.65
C PHE C 667 -27.81 -8.23 0.41
N ALA C 668 -26.66 -7.73 -0.01
CA ALA C 668 -25.55 -8.57 -0.39
C ALA C 668 -24.70 -9.05 0.77
N GLN C 669 -25.24 -9.04 1.99
CA GLN C 669 -24.50 -9.51 3.14
C GLN C 669 -24.58 -11.03 3.25
N ASP C 670 -24.28 -11.53 4.45
CA ASP C 670 -24.42 -12.95 4.70
C ASP C 670 -25.64 -13.27 5.54
N GLY C 671 -25.94 -12.43 6.52
CA GLY C 671 -27.07 -12.71 7.39
C GLY C 671 -28.40 -12.49 6.69
N VAL C 672 -28.46 -11.48 5.81
CA VAL C 672 -29.70 -11.20 5.12
C VAL C 672 -30.02 -12.32 4.15
N GLN C 673 -28.99 -12.91 3.55
CA GLN C 673 -29.20 -14.04 2.66
C GLN C 673 -29.63 -15.28 3.40
N SER C 674 -29.14 -15.47 4.64
CA SER C 674 -29.60 -16.61 5.42
C SER C 674 -31.03 -16.43 5.90
N LEU C 675 -31.42 -15.20 6.20
CA LEU C 675 -32.82 -14.98 6.57
C LEU C 675 -33.74 -15.05 5.38
N LEU C 676 -33.27 -14.72 4.18
CA LEU C 676 -34.07 -14.97 3.00
C LEU C 676 -34.20 -16.46 2.71
N THR C 677 -33.21 -17.25 3.09
CA THR C 677 -33.34 -18.70 2.98
C THR C 677 -34.39 -19.23 3.95
N GLN C 678 -34.37 -18.76 5.21
CA GLN C 678 -35.37 -19.20 6.17
C GLN C 678 -36.77 -18.71 5.81
N LYS C 679 -36.88 -17.55 5.17
CA LYS C 679 -38.20 -17.13 4.73
C LYS C 679 -38.64 -17.95 3.53
N TRP C 680 -37.68 -18.39 2.71
CA TRP C 680 -37.99 -19.22 1.55
C TRP C 680 -38.55 -20.56 1.97
N TRP C 681 -37.82 -21.28 2.84
CA TRP C 681 -38.31 -22.57 3.33
C TRP C 681 -39.52 -22.46 4.23
N GLY C 682 -39.73 -21.32 4.87
CA GLY C 682 -40.92 -21.16 5.70
C GLY C 682 -40.79 -21.92 7.00
N GLU C 683 -41.81 -22.72 7.30
CA GLU C 683 -41.88 -23.42 8.57
C GLU C 683 -40.90 -24.58 8.66
N MET C 684 -40.45 -25.10 7.53
CA MET C 684 -39.59 -26.27 7.50
C MET C 684 -38.17 -25.92 7.96
N ASP C 685 -37.36 -26.96 8.09
CA ASP C 685 -35.94 -26.77 8.33
C ASP C 685 -35.27 -26.27 7.07
N SER C 686 -34.42 -25.25 7.22
CA SER C 686 -33.75 -24.64 6.09
C SER C 686 -32.60 -25.48 5.55
N THR C 687 -32.24 -26.56 6.25
CA THR C 687 -31.19 -27.46 5.80
C THR C 687 -31.76 -28.75 5.22
N THR C 688 -33.05 -28.78 4.92
CA THR C 688 -33.67 -29.97 4.36
C THR C 688 -33.18 -30.18 2.93
N PRO C 689 -32.71 -31.37 2.58
CA PRO C 689 -32.29 -31.62 1.20
C PRO C 689 -33.47 -31.68 0.25
N ILE C 690 -33.15 -31.66 -1.05
CA ILE C 690 -34.19 -31.56 -2.06
C ILE C 690 -34.89 -32.89 -2.26
N TRP C 691 -34.17 -34.01 -2.08
CA TRP C 691 -34.78 -35.32 -2.31
C TRP C 691 -35.85 -35.64 -1.28
N ALA C 692 -35.65 -35.25 -0.02
CA ALA C 692 -36.67 -35.48 1.00
C ALA C 692 -37.89 -34.62 0.75
N LEU C 693 -37.68 -33.45 0.15
CA LEU C 693 -38.79 -32.57 -0.19
C LEU C 693 -39.61 -33.16 -1.32
N LEU C 694 -38.95 -33.79 -2.30
CA LEU C 694 -39.69 -34.39 -3.41
C LEU C 694 -40.45 -35.63 -2.98
N LEU C 695 -39.84 -36.45 -2.14
CA LEU C 695 -40.50 -37.65 -1.66
C LEU C 695 -41.65 -37.30 -0.73
N ALA C 696 -41.55 -36.20 -0.01
CA ALA C 696 -42.70 -35.71 0.73
C ALA C 696 -43.73 -35.07 -0.17
N PHE C 697 -43.33 -34.65 -1.37
CA PHE C 697 -44.27 -33.99 -2.26
C PHE C 697 -45.19 -34.98 -2.93
N PHE C 698 -44.66 -36.10 -3.41
CA PHE C 698 -45.47 -37.07 -4.13
C PHE C 698 -46.21 -38.04 -3.21
N CYS C 699 -45.97 -37.99 -1.91
CA CYS C 699 -46.67 -38.83 -0.93
C CYS C 699 -47.26 -37.92 0.14
N PRO C 700 -48.46 -37.39 -0.07
CA PRO C 700 -49.07 -36.46 0.89
C PRO C 700 -49.37 -37.07 2.26
N PRO C 701 -49.55 -38.39 2.41
CA PRO C 701 -49.45 -38.97 3.76
C PRO C 701 -48.04 -39.29 4.23
N LEU C 702 -46.99 -38.74 3.65
CA LEU C 702 -45.66 -38.92 4.24
C LEU C 702 -45.20 -37.67 4.98
N ILE C 703 -46.04 -36.63 5.02
CA ILE C 703 -45.72 -35.41 5.73
C ILE C 703 -45.66 -35.67 7.23
N TYR C 704 -46.58 -36.50 7.73
CA TYR C 704 -46.69 -36.79 9.16
C TYR C 704 -45.71 -37.87 9.58
N THR C 705 -44.44 -37.70 9.24
CA THR C 705 -43.41 -38.72 9.48
C THR C 705 -42.21 -38.03 10.10
N ASN C 706 -41.14 -38.79 10.29
CA ASN C 706 -39.88 -38.27 10.80
C ASN C 706 -38.89 -38.06 9.64
N LEU C 707 -39.25 -37.15 8.73
CA LEU C 707 -38.39 -36.83 7.60
C LEU C 707 -37.98 -35.37 7.56
N ILE C 708 -38.91 -34.45 7.79
CA ILE C 708 -38.63 -33.03 7.68
C ILE C 708 -38.82 -32.40 9.05
N VAL C 709 -37.76 -31.77 9.55
CA VAL C 709 -37.83 -31.14 10.86
C VAL C 709 -38.58 -29.83 10.76
N PHE C 710 -39.60 -29.65 11.57
CA PHE C 710 -40.38 -28.42 11.54
C PHE C 710 -40.02 -27.54 12.72
N ARG C 711 -40.75 -26.43 12.83
CA ARG C 711 -40.60 -25.40 13.86
C ARG C 711 -39.20 -24.80 13.87
N LYS C 712 -38.53 -24.81 12.72
CA LYS C 712 -37.14 -24.37 12.51
C LYS C 712 -36.13 -24.96 13.50
N SER C 765 -54.43 -29.92 10.51
CA SER C 765 -54.86 -28.56 10.21
C SER C 765 -53.71 -27.59 10.34
N LYS C 766 -52.64 -27.98 11.02
CA LYS C 766 -51.49 -27.11 11.18
C LYS C 766 -50.23 -27.68 10.53
N ARG C 767 -49.96 -28.97 10.74
CA ARG C 767 -48.79 -29.57 10.11
C ARG C 767 -49.00 -29.74 8.61
N TRP C 768 -50.23 -30.10 8.21
CA TRP C 768 -50.60 -30.11 6.81
C TRP C 768 -50.54 -28.72 6.21
N SER C 769 -50.98 -27.72 6.97
CA SER C 769 -50.98 -26.36 6.43
C SER C 769 -49.60 -25.74 6.42
N ASP C 770 -48.67 -26.25 7.22
CA ASP C 770 -47.32 -25.70 7.23
C ASP C 770 -46.35 -26.50 6.39
N PHE C 771 -46.82 -27.54 5.71
CA PHE C 771 -46.03 -28.08 4.60
C PHE C 771 -46.35 -27.33 3.32
N TRP C 772 -47.62 -27.16 3.02
CA TRP C 772 -48.07 -26.54 1.78
C TRP C 772 -48.15 -25.03 1.89
N GLY C 773 -47.75 -24.45 3.01
CA GLY C 773 -47.84 -23.01 3.18
C GLY C 773 -46.54 -22.30 2.84
N ALA C 774 -45.46 -23.07 2.72
CA ALA C 774 -44.17 -22.52 2.40
C ALA C 774 -44.15 -22.03 0.95
N PRO C 775 -43.31 -21.03 0.64
CA PRO C 775 -43.16 -20.64 -0.76
C PRO C 775 -42.45 -21.65 -1.61
N VAL C 776 -41.74 -22.61 -1.02
CA VAL C 776 -41.01 -23.60 -1.79
C VAL C 776 -41.98 -24.53 -2.51
N THR C 777 -42.91 -25.12 -1.77
CA THR C 777 -43.86 -26.06 -2.38
C THR C 777 -44.84 -25.37 -3.30
N ALA C 778 -45.04 -24.07 -3.17
CA ALA C 778 -45.79 -23.35 -4.18
C ALA C 778 -44.99 -23.21 -5.46
N PHE C 779 -43.68 -22.98 -5.33
CA PHE C 779 -42.80 -22.96 -6.49
C PHE C 779 -42.72 -24.32 -7.16
N LEU C 780 -42.60 -25.38 -6.36
CA LEU C 780 -42.43 -26.71 -6.90
C LEU C 780 -43.71 -27.20 -7.56
N GLY C 781 -44.87 -26.87 -6.98
CA GLY C 781 -46.11 -27.16 -7.64
C GLY C 781 -46.32 -26.33 -8.89
N ASN C 782 -45.77 -25.13 -8.92
CA ASN C 782 -45.85 -24.30 -10.12
C ASN C 782 -45.03 -24.89 -11.25
N VAL C 783 -43.86 -25.46 -10.94
CA VAL C 783 -43.02 -26.06 -11.96
C VAL C 783 -43.65 -27.33 -12.49
N VAL C 784 -44.12 -28.22 -11.61
CA VAL C 784 -44.66 -29.51 -12.01
C VAL C 784 -45.93 -29.34 -12.84
N SER C 785 -46.77 -28.39 -12.45
CA SER C 785 -47.96 -28.10 -13.26
C SER C 785 -47.60 -27.50 -14.60
N TYR C 786 -46.54 -26.68 -14.66
CA TYR C 786 -46.15 -26.09 -15.94
C TYR C 786 -45.50 -27.10 -16.87
N LEU C 787 -44.74 -28.05 -16.31
CA LEU C 787 -44.19 -29.14 -17.13
C LEU C 787 -45.27 -30.02 -17.70
N LEU C 788 -46.35 -30.26 -16.93
CA LEU C 788 -47.44 -31.06 -17.46
C LEU C 788 -48.22 -30.31 -18.52
N PHE C 789 -48.23 -28.98 -18.47
CA PHE C 789 -48.79 -28.20 -19.56
C PHE C 789 -47.99 -28.38 -20.85
N LEU C 790 -46.66 -28.41 -20.75
CA LEU C 790 -45.86 -28.60 -21.95
C LEU C 790 -45.98 -30.01 -22.48
N LEU C 791 -46.13 -31.00 -21.59
CA LEU C 791 -46.32 -32.38 -22.03
C LEU C 791 -47.65 -32.56 -22.76
N LEU C 792 -48.70 -31.90 -22.28
CA LEU C 792 -49.98 -31.94 -22.97
C LEU C 792 -49.91 -31.23 -24.31
N PHE C 793 -49.19 -30.10 -24.37
CA PHE C 793 -49.14 -29.32 -25.59
C PHE C 793 -48.37 -30.07 -26.67
N ALA C 794 -47.39 -30.88 -26.27
CA ALA C 794 -46.68 -31.73 -27.21
C ALA C 794 -47.51 -32.93 -27.64
N HIS C 795 -48.28 -33.51 -26.72
CA HIS C 795 -49.14 -34.64 -27.08
C HIS C 795 -50.20 -34.24 -28.08
N VAL C 796 -50.74 -33.03 -27.95
CA VAL C 796 -51.69 -32.53 -28.93
C VAL C 796 -50.99 -32.27 -30.26
N LEU C 797 -49.84 -31.60 -30.23
CA LEU C 797 -49.27 -31.08 -31.45
C LEU C 797 -48.50 -32.14 -32.23
N LEU C 798 -48.26 -33.31 -31.64
CA LEU C 798 -47.51 -34.35 -32.32
C LEU C 798 -48.30 -35.61 -32.61
N VAL C 799 -49.31 -35.93 -31.82
CA VAL C 799 -49.98 -37.21 -31.97
C VAL C 799 -51.37 -37.05 -32.57
N ASP C 800 -52.26 -36.36 -31.87
CA ASP C 800 -53.66 -36.23 -32.29
C ASP C 800 -54.00 -34.78 -32.58
N PHE C 801 -53.75 -34.36 -33.82
CA PHE C 801 -54.09 -33.00 -34.27
C PHE C 801 -54.97 -33.18 -35.49
N GLN C 802 -56.28 -33.13 -35.28
CA GLN C 802 -57.24 -33.56 -36.28
C GLN C 802 -57.70 -32.38 -37.12
N PRO C 803 -57.89 -32.59 -38.44
CA PRO C 803 -58.11 -31.44 -39.34
C PRO C 803 -59.50 -30.85 -39.28
N THR C 804 -60.53 -31.60 -38.91
CA THR C 804 -61.90 -31.13 -38.97
C THR C 804 -62.39 -30.63 -37.62
N LYS C 805 -62.36 -31.48 -36.60
CA LYS C 805 -62.96 -31.19 -35.32
C LYS C 805 -61.95 -31.44 -34.21
N PRO C 806 -61.84 -30.54 -33.24
CA PRO C 806 -60.90 -30.74 -32.13
C PRO C 806 -61.32 -31.91 -31.26
N SER C 807 -60.33 -32.65 -30.77
CA SER C 807 -60.60 -33.80 -29.93
C SER C 807 -60.74 -33.35 -28.48
N VAL C 808 -60.70 -34.31 -27.57
CA VAL C 808 -60.89 -34.02 -26.15
C VAL C 808 -59.67 -33.31 -25.58
N SER C 809 -58.47 -33.81 -25.90
CA SER C 809 -57.25 -33.29 -25.31
C SER C 809 -56.94 -31.88 -25.79
N GLU C 810 -57.32 -31.54 -27.02
CA GLU C 810 -57.15 -30.17 -27.49
C GLU C 810 -58.10 -29.22 -26.78
N LEU C 811 -59.29 -29.70 -26.40
CA LEU C 811 -60.22 -28.88 -25.64
C LEU C 811 -59.73 -28.65 -24.22
N LEU C 812 -59.17 -29.69 -23.60
CA LEU C 812 -58.57 -29.53 -22.28
C LEU C 812 -57.39 -28.57 -22.32
N LEU C 813 -56.66 -28.56 -23.43
CA LEU C 813 -55.60 -27.58 -23.64
C LEU C 813 -56.16 -26.17 -23.73
N TYR C 814 -57.30 -26.00 -24.40
CA TYR C 814 -57.92 -24.68 -24.50
C TYR C 814 -58.39 -24.16 -23.15
N PHE C 815 -58.87 -25.05 -22.29
CA PHE C 815 -59.25 -24.65 -20.94
C PHE C 815 -58.03 -24.25 -20.11
N TRP C 816 -56.89 -24.89 -20.37
CA TRP C 816 -55.69 -24.58 -19.60
C TRP C 816 -55.18 -23.19 -19.95
N ALA C 817 -55.10 -22.87 -21.25
CA ALA C 817 -54.68 -21.54 -21.68
C ALA C 817 -55.66 -20.45 -21.25
N PHE C 818 -56.93 -20.80 -21.04
CA PHE C 818 -57.85 -19.83 -20.46
C PHE C 818 -57.47 -19.53 -19.01
N THR C 819 -57.02 -20.54 -18.27
CA THR C 819 -56.63 -20.29 -16.88
C THR C 819 -55.32 -19.51 -16.80
N LEU C 820 -54.39 -19.73 -17.72
CA LEU C 820 -53.16 -18.93 -17.73
C LEU C 820 -53.46 -17.50 -18.15
N LEU C 821 -54.46 -17.30 -18.99
CA LEU C 821 -54.89 -15.94 -19.32
C LEU C 821 -55.51 -15.26 -18.09
N CYS C 822 -56.19 -16.04 -17.25
CA CYS C 822 -56.78 -15.47 -16.04
C CYS C 822 -55.73 -15.10 -15.00
N GLU C 823 -54.70 -15.94 -14.81
CA GLU C 823 -53.72 -15.63 -13.77
C GLU C 823 -52.77 -14.53 -14.22
N GLU C 824 -52.53 -14.43 -15.53
CA GLU C 824 -51.87 -13.24 -16.07
C GLU C 824 -52.73 -12.00 -15.86
N LEU C 825 -54.05 -12.14 -16.00
CA LEU C 825 -54.94 -11.00 -15.75
C LEU C 825 -55.00 -10.66 -14.26
N ARG C 826 -54.67 -11.62 -13.40
CA ARG C 826 -54.69 -11.36 -11.96
C ARG C 826 -53.40 -10.72 -11.49
N GLN C 827 -52.29 -10.94 -12.22
CA GLN C 827 -51.06 -10.19 -11.96
C GLN C 827 -50.96 -8.93 -12.80
N GLY C 828 -51.81 -8.78 -13.81
CA GLY C 828 -51.83 -7.57 -14.61
C GLY C 828 -52.70 -6.53 -13.94
N LEU C 829 -53.84 -6.97 -13.42
CA LEU C 829 -54.66 -6.08 -12.59
C LEU C 829 -54.06 -5.92 -11.20
N GLY C 830 -53.54 -7.00 -10.63
CA GLY C 830 -52.96 -6.96 -9.30
C GLY C 830 -51.62 -6.27 -9.23
N LEU C 848 -56.88 2.34 -13.51
CA LEU C 848 -55.69 1.55 -13.23
C LEU C 848 -54.71 1.56 -14.40
N ARG C 849 -54.44 2.76 -14.93
CA ARG C 849 -53.53 2.90 -16.06
C ARG C 849 -52.07 2.71 -15.66
N HIS C 850 -51.70 3.06 -14.42
CA HIS C 850 -50.30 3.02 -14.03
C HIS C 850 -49.80 1.60 -13.84
N ARG C 851 -50.67 0.70 -13.36
CA ARG C 851 -50.31 -0.71 -13.22
C ARG C 851 -50.04 -1.35 -14.57
N LEU C 852 -50.80 -0.94 -15.60
CA LEU C 852 -50.59 -1.50 -16.91
C LEU C 852 -49.45 -0.82 -17.64
N HIS C 853 -49.11 0.42 -17.27
CA HIS C 853 -47.89 1.03 -17.80
C HIS C 853 -46.64 0.37 -17.25
N LEU C 854 -46.64 0.00 -15.96
CA LEU C 854 -45.56 -0.84 -15.45
C LEU C 854 -45.61 -2.24 -16.03
N TYR C 855 -46.79 -2.68 -16.47
CA TYR C 855 -46.90 -4.02 -17.03
C TYR C 855 -46.40 -4.07 -18.46
N LEU C 856 -46.50 -2.97 -19.19
CA LEU C 856 -46.00 -2.95 -20.56
C LEU C 856 -44.54 -2.54 -20.63
N SER C 857 -44.02 -1.91 -19.58
CA SER C 857 -42.63 -1.48 -19.60
C SER C 857 -41.63 -2.63 -19.43
N ASP C 858 -42.10 -3.83 -19.08
CA ASP C 858 -41.21 -4.94 -18.75
C ASP C 858 -40.76 -5.66 -20.02
N THR C 859 -40.14 -6.83 -19.88
CA THR C 859 -39.74 -7.66 -21.00
C THR C 859 -40.32 -9.06 -20.94
N TRP C 860 -40.37 -9.67 -19.76
CA TRP C 860 -40.92 -11.00 -19.64
C TRP C 860 -42.43 -11.02 -19.47
N ASN C 861 -43.03 -9.89 -19.14
CA ASN C 861 -44.47 -9.78 -19.30
C ASN C 861 -44.86 -9.49 -20.73
N GLN C 862 -43.95 -8.88 -21.50
CA GLN C 862 -44.16 -8.80 -22.95
C GLN C 862 -43.99 -10.17 -23.58
N CYS C 863 -43.13 -11.02 -23.00
CA CYS C 863 -42.99 -12.38 -23.48
C CYS C 863 -44.23 -13.21 -23.20
N ASP C 864 -44.73 -13.16 -21.96
CA ASP C 864 -45.90 -13.93 -21.60
C ASP C 864 -47.17 -13.38 -22.25
N LEU C 865 -47.18 -12.10 -22.60
CA LEU C 865 -48.24 -11.57 -23.45
C LEU C 865 -48.12 -12.12 -24.87
N LEU C 866 -46.89 -12.29 -25.36
CA LEU C 866 -46.67 -12.72 -26.73
C LEU C 866 -47.11 -14.17 -26.94
N ALA C 867 -46.95 -15.00 -25.91
CA ALA C 867 -47.33 -16.42 -26.04
C ALA C 867 -48.83 -16.59 -26.17
N LEU C 868 -49.62 -15.66 -25.61
CA LEU C 868 -51.06 -15.82 -25.70
C LEU C 868 -51.64 -15.08 -26.89
N THR C 869 -50.96 -14.07 -27.41
CA THR C 869 -51.36 -13.54 -28.71
C THR C 869 -51.14 -14.56 -29.82
N CYS C 870 -49.99 -15.24 -29.80
CA CYS C 870 -49.74 -16.28 -30.79
C CYS C 870 -50.60 -17.51 -30.55
N PHE C 871 -51.04 -17.75 -29.32
CA PHE C 871 -51.95 -18.86 -29.08
C PHE C 871 -53.31 -18.59 -29.71
N LEU C 872 -53.87 -17.40 -29.46
CA LEU C 872 -55.20 -17.11 -29.98
C LEU C 872 -55.18 -16.91 -31.49
N LEU C 873 -54.05 -16.45 -32.03
CA LEU C 873 -53.89 -16.42 -33.48
C LEU C 873 -53.86 -17.82 -34.07
N GLY C 874 -53.21 -18.74 -33.36
CA GLY C 874 -53.12 -20.11 -33.85
C GLY C 874 -54.44 -20.83 -33.83
N VAL C 875 -55.20 -20.71 -32.74
CA VAL C 875 -56.49 -21.37 -32.64
C VAL C 875 -57.50 -20.69 -33.55
N GLY C 876 -57.40 -19.37 -33.68
CA GLY C 876 -58.32 -18.64 -34.54
C GLY C 876 -58.15 -18.98 -36.01
N CYS C 877 -56.92 -19.30 -36.43
CA CYS C 877 -56.73 -19.82 -37.78
C CYS C 877 -57.11 -21.28 -37.88
N ARG C 878 -56.97 -22.03 -36.78
CA ARG C 878 -57.13 -23.48 -36.83
C ARG C 878 -58.59 -23.88 -36.98
N LEU C 879 -59.51 -23.12 -36.40
CA LEU C 879 -60.92 -23.49 -36.52
C LEU C 879 -61.54 -23.02 -37.82
N THR C 880 -60.90 -22.10 -38.54
CA THR C 880 -61.37 -21.76 -39.88
C THR C 880 -61.04 -22.90 -40.83
N PRO C 881 -61.88 -23.17 -41.82
CA PRO C 881 -61.64 -24.34 -42.68
C PRO C 881 -60.57 -24.10 -43.74
N GLY C 882 -60.21 -22.85 -43.98
CA GLY C 882 -59.29 -22.56 -45.07
C GLY C 882 -57.87 -22.31 -44.61
N LEU C 883 -57.62 -22.38 -43.31
CA LEU C 883 -56.33 -22.04 -42.74
C LEU C 883 -55.87 -23.08 -41.73
N PHE C 884 -55.93 -24.36 -42.10
CA PHE C 884 -55.51 -25.39 -41.15
C PHE C 884 -53.99 -25.42 -41.00
N ASP C 885 -53.27 -25.32 -42.13
CA ASP C 885 -51.82 -25.40 -42.09
C ASP C 885 -51.19 -24.17 -41.43
N LEU C 886 -51.82 -23.00 -41.57
CA LEU C 886 -51.32 -21.81 -40.91
C LEU C 886 -51.48 -21.91 -39.40
N GLY C 887 -52.58 -22.48 -38.95
CA GLY C 887 -52.79 -22.63 -37.51
C GLY C 887 -51.87 -23.64 -36.88
N ARG C 888 -51.59 -24.73 -37.58
CA ARG C 888 -50.66 -25.73 -37.06
C ARG C 888 -49.23 -25.19 -37.00
N THR C 889 -48.84 -24.37 -37.98
CA THR C 889 -47.51 -23.78 -37.97
C THR C 889 -47.35 -22.77 -36.84
N VAL C 890 -48.36 -21.94 -36.61
CA VAL C 890 -48.27 -20.91 -35.57
C VAL C 890 -48.28 -21.54 -34.18
N LEU C 891 -49.01 -22.64 -34.00
CA LEU C 891 -48.92 -23.34 -32.71
C LEU C 891 -47.53 -23.95 -32.51
N CYS C 892 -46.88 -24.40 -33.58
CA CYS C 892 -45.55 -24.97 -33.45
C CYS C 892 -44.52 -23.89 -33.14
N LEU C 893 -44.73 -22.67 -33.59
CA LEU C 893 -43.89 -21.57 -33.14
C LEU C 893 -44.24 -21.11 -31.74
N ASP C 894 -45.44 -21.40 -31.27
CA ASP C 894 -45.82 -20.93 -29.94
C ASP C 894 -45.20 -21.80 -28.85
N PHE C 895 -44.94 -23.07 -29.16
CA PHE C 895 -44.40 -23.98 -28.16
C PHE C 895 -43.00 -23.57 -27.73
N MET C 896 -42.24 -22.93 -28.61
CA MET C 896 -40.92 -22.47 -28.22
C MET C 896 -41.00 -21.33 -27.24
N ILE C 897 -42.01 -20.47 -27.36
CA ILE C 897 -42.14 -19.34 -26.47
C ILE C 897 -42.59 -19.78 -25.09
N PHE C 898 -43.51 -20.76 -25.04
CA PHE C 898 -43.87 -21.33 -23.74
C PHE C 898 -42.74 -22.12 -23.12
N THR C 899 -41.77 -22.58 -23.92
CA THR C 899 -40.64 -23.29 -23.34
C THR C 899 -39.58 -22.32 -22.83
N LEU C 900 -39.36 -21.22 -23.54
CA LEU C 900 -38.40 -20.23 -23.09
C LEU C 900 -38.87 -19.44 -21.87
N ARG C 901 -40.16 -19.50 -21.52
CA ARG C 901 -40.64 -18.94 -20.26
C ARG C 901 -40.04 -19.69 -19.06
N LEU C 902 -39.69 -20.96 -19.26
CA LEU C 902 -39.21 -21.82 -18.19
C LEU C 902 -37.80 -21.45 -17.74
N LEU C 903 -37.07 -20.64 -18.50
CA LEU C 903 -35.81 -20.10 -18.01
C LEU C 903 -36.01 -19.00 -17.00
N HIS C 904 -37.08 -18.23 -17.13
CA HIS C 904 -37.32 -17.15 -16.18
C HIS C 904 -37.87 -17.68 -14.87
N ILE C 905 -38.54 -18.82 -14.90
CA ILE C 905 -39.06 -19.43 -13.67
C ILE C 905 -37.93 -19.85 -12.74
N PHE C 906 -36.86 -20.41 -13.29
CA PHE C 906 -35.76 -20.95 -12.49
C PHE C 906 -34.73 -19.91 -12.07
N THR C 907 -35.04 -18.61 -12.14
CA THR C 907 -34.06 -17.64 -11.68
C THR C 907 -34.08 -17.45 -10.18
N VAL C 908 -35.01 -18.08 -9.48
CA VAL C 908 -35.10 -17.98 -8.03
C VAL C 908 -34.17 -18.99 -7.35
N ASN C 909 -33.77 -20.04 -8.07
CA ASN C 909 -32.91 -21.07 -7.51
C ASN C 909 -31.52 -20.51 -7.21
N LYS C 910 -30.87 -21.12 -6.22
CA LYS C 910 -29.54 -20.65 -5.82
C LYS C 910 -28.47 -21.02 -6.83
N GLN C 911 -28.45 -22.28 -7.25
CA GLN C 911 -27.37 -22.80 -8.08
C GLN C 911 -27.49 -22.33 -9.53
N LEU C 912 -28.69 -22.30 -10.08
CA LEU C 912 -28.85 -21.92 -11.49
C LEU C 912 -29.18 -20.45 -11.66
N GLY C 913 -29.39 -19.73 -10.57
CA GLY C 913 -29.87 -18.36 -10.61
C GLY C 913 -28.96 -17.34 -11.28
N PRO C 914 -27.80 -17.05 -10.66
CA PRO C 914 -26.95 -15.99 -11.21
C PRO C 914 -26.37 -16.29 -12.57
N LYS C 915 -26.27 -17.56 -12.95
CA LYS C 915 -25.74 -17.90 -14.26
C LYS C 915 -26.71 -17.51 -15.37
N ILE C 916 -28.01 -17.73 -15.13
CA ILE C 916 -29.04 -17.30 -16.08
C ILE C 916 -29.07 -15.77 -16.18
N VAL C 917 -28.70 -15.08 -15.11
CA VAL C 917 -28.57 -13.63 -15.18
C VAL C 917 -27.45 -13.21 -16.13
N ILE C 918 -26.31 -13.92 -16.11
CA ILE C 918 -25.16 -13.52 -16.92
C ILE C 918 -25.34 -13.90 -18.40
N VAL C 919 -26.35 -14.72 -18.74
CA VAL C 919 -26.53 -15.12 -20.13
C VAL C 919 -26.92 -13.95 -21.04
N SER C 920 -27.76 -13.03 -20.54
CA SER C 920 -28.23 -11.94 -21.38
C SER C 920 -27.17 -10.88 -21.66
N LYS C 921 -26.11 -10.83 -20.86
CA LYS C 921 -25.10 -9.79 -21.01
C LYS C 921 -23.99 -10.18 -21.97
N MET C 922 -24.17 -11.26 -22.72
CA MET C 922 -23.21 -11.73 -23.69
C MET C 922 -23.61 -11.39 -25.11
N MET C 923 -24.79 -10.81 -25.28
CA MET C 923 -25.33 -10.64 -26.63
C MET C 923 -24.65 -9.53 -27.40
N LYS C 924 -23.96 -8.61 -26.73
CA LYS C 924 -23.22 -7.60 -27.47
C LYS C 924 -21.98 -8.19 -28.12
N ASP C 925 -21.39 -9.21 -27.50
CA ASP C 925 -20.28 -9.89 -28.14
C ASP C 925 -20.77 -10.78 -29.28
N VAL C 926 -21.96 -11.37 -29.13
CA VAL C 926 -22.52 -12.19 -30.19
C VAL C 926 -22.88 -11.33 -31.40
N PHE C 927 -23.37 -10.12 -31.16
CA PHE C 927 -23.75 -9.25 -32.26
C PHE C 927 -22.53 -8.72 -33.01
N PHE C 928 -21.39 -8.55 -32.32
CA PHE C 928 -20.17 -8.29 -33.07
C PHE C 928 -19.78 -9.47 -33.93
N PHE C 929 -19.93 -10.70 -33.41
CA PHE C 929 -19.59 -11.89 -34.17
C PHE C 929 -20.44 -12.00 -35.43
N LEU C 930 -21.73 -11.69 -35.32
CA LEU C 930 -22.60 -11.77 -36.48
C LEU C 930 -22.31 -10.67 -37.49
N PHE C 931 -21.85 -9.51 -37.03
CA PHE C 931 -21.48 -8.47 -37.98
C PHE C 931 -20.27 -8.85 -38.80
N PHE C 932 -19.22 -9.35 -38.13
CA PHE C 932 -18.01 -9.71 -38.84
C PHE C 932 -18.24 -10.93 -39.71
N LEU C 933 -19.14 -11.82 -39.26
CA LEU C 933 -19.45 -13.01 -40.03
C LEU C 933 -20.24 -12.68 -41.28
N CYS C 934 -21.31 -11.90 -41.15
CA CYS C 934 -22.19 -11.63 -42.28
C CYS C 934 -21.52 -10.80 -43.36
N VAL C 935 -20.58 -9.93 -43.00
CA VAL C 935 -19.79 -9.25 -44.01
C VAL C 935 -18.91 -10.24 -44.76
N TRP C 936 -18.19 -11.07 -44.01
CA TRP C 936 -17.29 -12.03 -44.64
C TRP C 936 -18.03 -13.16 -45.35
N LEU C 937 -19.28 -13.41 -44.99
CA LEU C 937 -20.07 -14.46 -45.61
C LEU C 937 -20.65 -13.99 -46.92
N VAL C 938 -21.01 -12.71 -47.02
CA VAL C 938 -21.38 -12.11 -48.29
C VAL C 938 -20.21 -12.15 -49.27
N ALA C 939 -19.01 -11.79 -48.78
CA ALA C 939 -17.86 -11.64 -49.68
C ALA C 939 -17.42 -12.99 -50.25
N TYR C 940 -17.27 -14.00 -49.41
CA TYR C 940 -16.94 -15.33 -49.88
C TYR C 940 -18.07 -15.92 -50.71
N GLY C 941 -19.31 -15.67 -50.32
CA GLY C 941 -20.43 -16.31 -50.99
C GLY C 941 -20.60 -15.85 -52.43
N VAL C 942 -20.60 -14.54 -52.65
CA VAL C 942 -20.86 -14.02 -53.99
C VAL C 942 -19.65 -14.22 -54.89
N ALA C 943 -18.44 -14.22 -54.32
CA ALA C 943 -17.27 -14.47 -55.15
C ALA C 943 -17.20 -15.92 -55.62
N THR C 944 -17.57 -16.87 -54.75
CA THR C 944 -17.52 -18.26 -55.16
C THR C 944 -18.66 -18.61 -56.10
N GLU C 945 -19.84 -18.05 -55.85
CA GLU C 945 -20.97 -18.18 -56.76
C GLU C 945 -20.71 -17.50 -58.11
N GLY C 946 -19.80 -16.53 -58.15
CA GLY C 946 -19.49 -15.85 -59.39
C GLY C 946 -18.43 -16.51 -60.24
N ILE C 947 -17.39 -17.08 -59.62
CA ILE C 947 -16.34 -17.74 -60.38
C ILE C 947 -16.87 -19.04 -61.00
N LEU C 948 -17.56 -19.83 -60.20
CA LEU C 948 -18.42 -20.87 -60.74
C LEU C 948 -19.54 -20.21 -61.53
N ARG C 949 -20.09 -20.92 -62.50
CA ARG C 949 -21.23 -20.41 -63.26
C ARG C 949 -22.28 -21.51 -63.34
N PRO C 950 -23.13 -21.63 -62.33
CA PRO C 950 -24.17 -22.66 -62.37
C PRO C 950 -25.25 -22.29 -63.36
N GLN C 951 -25.86 -23.32 -63.96
CA GLN C 951 -26.87 -23.08 -64.97
C GLN C 951 -28.26 -22.95 -64.38
N ASP C 952 -28.58 -23.70 -63.33
CA ASP C 952 -29.83 -23.49 -62.60
C ASP C 952 -29.70 -22.18 -61.84
N ARG C 953 -30.38 -21.15 -62.34
CA ARG C 953 -30.24 -19.80 -61.81
C ARG C 953 -31.56 -19.24 -61.30
N SER C 954 -32.29 -20.02 -60.51
CA SER C 954 -33.43 -19.46 -59.80
C SER C 954 -32.94 -18.48 -58.75
N LEU C 955 -33.83 -17.58 -58.34
CA LEU C 955 -33.49 -16.70 -57.23
C LEU C 955 -33.28 -17.43 -55.91
N PRO C 956 -34.17 -18.32 -55.42
CA PRO C 956 -33.86 -18.96 -54.13
C PRO C 956 -32.75 -19.98 -54.19
N SER C 957 -32.42 -20.50 -55.37
CA SER C 957 -31.28 -21.40 -55.46
C SER C 957 -29.97 -20.64 -55.33
N ILE C 958 -29.93 -19.41 -55.85
CA ILE C 958 -28.75 -18.58 -55.66
C ILE C 958 -28.64 -18.17 -54.19
N LEU C 959 -29.76 -17.83 -53.56
CA LEU C 959 -29.74 -17.45 -52.14
C LEU C 959 -29.31 -18.61 -51.26
N ARG C 960 -29.61 -19.84 -51.66
CA ARG C 960 -29.10 -20.99 -50.92
C ARG C 960 -27.59 -21.12 -51.08
N ARG C 961 -27.09 -21.02 -52.32
CA ARG C 961 -25.67 -21.24 -52.55
C ARG C 961 -24.81 -20.06 -52.12
N VAL C 962 -25.39 -18.93 -51.80
CA VAL C 962 -24.59 -17.80 -51.36
C VAL C 962 -24.61 -17.67 -49.85
N PHE C 963 -25.78 -17.79 -49.23
CA PHE C 963 -25.87 -17.54 -47.80
C PHE C 963 -25.98 -18.79 -46.96
N TYR C 964 -26.55 -19.87 -47.49
CA TYR C 964 -26.81 -21.00 -46.63
C TYR C 964 -25.67 -22.00 -46.60
N ARG C 965 -25.05 -22.26 -47.73
CA ARG C 965 -23.95 -23.22 -47.77
C ARG C 965 -22.68 -22.72 -47.08
N PRO C 966 -22.21 -21.46 -47.25
CA PRO C 966 -21.05 -21.04 -46.46
C PRO C 966 -21.33 -20.88 -44.98
N TYR C 967 -22.60 -20.80 -44.57
CA TYR C 967 -22.90 -20.79 -43.16
C TYR C 967 -22.65 -22.15 -42.53
N LEU C 968 -23.03 -23.22 -43.23
CA LEU C 968 -22.82 -24.54 -42.68
C LEU C 968 -21.38 -25.00 -42.77
N GLN C 969 -20.53 -24.32 -43.55
CA GLN C 969 -19.13 -24.70 -43.57
C GLN C 969 -18.38 -24.33 -42.29
N ILE C 970 -18.96 -23.47 -41.45
CA ILE C 970 -18.35 -23.21 -40.15
C ILE C 970 -18.50 -24.44 -39.26
N PHE C 971 -19.61 -25.14 -39.38
CA PHE C 971 -19.93 -26.23 -38.49
C PHE C 971 -19.50 -27.58 -39.06
N GLY C 972 -18.52 -27.58 -39.94
CA GLY C 972 -17.95 -28.81 -40.43
C GLY C 972 -18.73 -29.50 -41.52
N GLN C 973 -19.64 -28.79 -42.19
CA GLN C 973 -20.40 -29.34 -43.30
C GLN C 973 -19.76 -28.77 -44.57
N ILE C 974 -18.79 -29.47 -45.11
CA ILE C 974 -18.04 -28.97 -46.25
C ILE C 974 -18.32 -29.84 -47.47
N PRO C 975 -19.16 -29.41 -48.39
CA PRO C 975 -19.35 -30.18 -49.63
C PRO C 975 -18.24 -29.87 -50.62
N GLN C 976 -17.36 -30.84 -50.82
CA GLN C 976 -16.30 -30.69 -51.79
C GLN C 976 -16.74 -31.04 -53.20
N GLU C 977 -17.65 -31.99 -53.31
CA GLU C 977 -18.14 -32.46 -54.59
C GLU C 977 -19.08 -31.47 -55.26
N GLU C 978 -19.56 -30.47 -54.55
CA GLU C 978 -20.38 -29.43 -55.14
C GLU C 978 -19.58 -28.28 -55.71
N MET C 979 -18.31 -28.16 -55.35
CA MET C 979 -17.57 -26.97 -55.73
C MET C 979 -16.12 -27.26 -56.11
N ASP C 980 -15.81 -28.46 -56.59
CA ASP C 980 -14.45 -28.80 -57.03
C ASP C 980 -14.55 -29.77 -58.19
N VAL C 981 -14.00 -29.38 -59.33
CA VAL C 981 -14.12 -30.12 -60.59
C VAL C 981 -13.40 -31.46 -60.52
N ALA C 982 -12.29 -31.52 -59.79
CA ALA C 982 -11.48 -32.74 -59.73
C ALA C 982 -12.20 -33.89 -59.04
N LEU C 983 -13.20 -33.61 -58.22
CA LEU C 983 -14.04 -34.64 -57.62
C LEU C 983 -15.32 -34.85 -58.39
N MET C 984 -15.39 -34.35 -59.62
CA MET C 984 -16.58 -34.40 -60.45
C MET C 984 -16.24 -35.08 -61.75
N ILE C 985 -17.25 -35.26 -62.59
CA ILE C 985 -17.06 -35.77 -63.94
C ILE C 985 -17.29 -34.63 -64.92
N PRO C 986 -16.57 -34.57 -66.03
CA PRO C 986 -16.86 -33.52 -67.02
C PRO C 986 -18.08 -33.83 -67.84
N GLY C 987 -18.37 -33.00 -68.83
CA GLY C 987 -19.53 -33.22 -69.67
C GLY C 987 -19.82 -32.00 -70.50
N ASN C 988 -20.58 -32.24 -71.58
CA ASN C 988 -20.98 -31.21 -72.52
C ASN C 988 -22.34 -30.62 -72.11
N CYS C 989 -22.41 -30.19 -70.85
CA CYS C 989 -23.68 -29.85 -70.24
C CYS C 989 -24.13 -28.42 -70.51
N SER C 990 -23.40 -27.65 -71.30
CA SER C 990 -23.80 -26.27 -71.57
C SER C 990 -23.64 -25.94 -73.04
N MET C 991 -24.65 -25.28 -73.60
CA MET C 991 -24.61 -24.80 -74.97
C MET C 991 -23.96 -23.42 -75.01
N GLU C 992 -22.65 -23.42 -74.71
CA GLU C 992 -21.93 -22.18 -74.51
C GLU C 992 -20.45 -22.50 -74.63
N ARG C 993 -19.65 -21.46 -74.85
CA ARG C 993 -18.22 -21.63 -75.05
C ARG C 993 -17.51 -21.79 -73.71
N GLY C 994 -16.61 -22.77 -73.64
CA GLY C 994 -15.83 -23.04 -72.45
C GLY C 994 -15.97 -24.48 -71.99
N SER C 995 -15.19 -24.82 -70.97
CA SER C 995 -15.29 -26.13 -70.35
C SER C 995 -16.37 -26.11 -69.30
N TRP C 996 -17.04 -27.25 -69.14
CA TRP C 996 -18.14 -27.35 -68.19
C TRP C 996 -18.11 -28.73 -67.56
N ALA C 997 -18.66 -28.82 -66.35
CA ALA C 997 -18.67 -30.10 -65.64
C ALA C 997 -19.94 -30.19 -64.80
N HIS C 998 -20.24 -31.42 -64.38
CA HIS C 998 -21.56 -31.77 -63.84
C HIS C 998 -21.46 -32.25 -62.40
N PRO C 999 -21.91 -31.49 -61.41
CA PRO C 999 -21.72 -31.90 -60.02
C PRO C 999 -22.85 -32.78 -59.50
N GLU C 1000 -22.67 -33.21 -58.25
CA GLU C 1000 -23.62 -34.07 -57.57
C GLU C 1000 -24.50 -33.23 -56.64
N GLY C 1001 -25.80 -33.50 -56.65
CA GLY C 1001 -26.72 -32.79 -55.81
C GLY C 1001 -27.84 -32.16 -56.60
N PRO C 1002 -29.06 -32.16 -56.03
CA PRO C 1002 -30.19 -31.56 -56.75
C PRO C 1002 -30.15 -30.05 -56.82
N VAL C 1003 -29.58 -29.38 -55.81
CA VAL C 1003 -29.60 -27.93 -55.75
C VAL C 1003 -28.23 -27.31 -55.98
N ALA C 1004 -27.21 -28.12 -56.29
CA ALA C 1004 -25.86 -27.67 -56.49
C ALA C 1004 -25.61 -27.05 -57.87
N GLY C 1005 -26.65 -26.78 -58.63
CA GLY C 1005 -26.49 -26.32 -59.99
C GLY C 1005 -26.23 -27.47 -60.95
N SER C 1006 -26.91 -27.42 -62.09
CA SER C 1006 -26.92 -28.58 -62.97
C SER C 1006 -25.65 -28.74 -63.78
N CYS C 1007 -24.86 -27.68 -63.90
CA CYS C 1007 -23.70 -27.66 -64.78
C CYS C 1007 -22.85 -26.47 -64.38
N VAL C 1008 -21.56 -26.69 -64.12
CA VAL C 1008 -20.75 -25.64 -63.53
C VAL C 1008 -19.47 -25.51 -64.35
N SER C 1009 -18.81 -24.37 -64.22
CA SER C 1009 -17.66 -24.04 -65.06
C SER C 1009 -16.37 -24.58 -64.48
N GLN C 1010 -15.40 -24.83 -65.36
CA GLN C 1010 -14.10 -25.34 -64.95
C GLN C 1010 -13.00 -24.31 -64.99
N TYR C 1011 -13.26 -23.12 -65.50
CA TYR C 1011 -12.20 -22.14 -65.65
C TYR C 1011 -11.77 -21.59 -64.29
N ALA C 1012 -10.46 -21.66 -64.05
CA ALA C 1012 -9.80 -21.08 -62.87
C ALA C 1012 -10.37 -21.63 -61.57
N ASN C 1013 -10.47 -22.95 -61.51
CA ASN C 1013 -11.07 -23.61 -60.36
C ASN C 1013 -10.18 -23.56 -59.13
N TRP C 1014 -8.86 -23.46 -59.32
CA TRP C 1014 -7.94 -23.41 -58.20
C TRP C 1014 -8.17 -22.20 -57.31
N LEU C 1015 -8.71 -21.12 -57.86
CA LEU C 1015 -9.05 -19.97 -57.06
C LEU C 1015 -10.27 -20.24 -56.18
N VAL C 1016 -11.15 -21.15 -56.60
CA VAL C 1016 -12.27 -21.53 -55.75
C VAL C 1016 -11.76 -22.36 -54.58
N VAL C 1017 -10.85 -23.28 -54.84
CA VAL C 1017 -10.24 -24.08 -53.77
C VAL C 1017 -9.45 -23.18 -52.82
N LEU C 1018 -8.78 -22.16 -53.36
CA LEU C 1018 -8.01 -21.27 -52.51
C LEU C 1018 -8.90 -20.35 -51.69
N LEU C 1019 -10.09 -20.00 -52.21
CA LEU C 1019 -11.02 -19.26 -51.38
C LEU C 1019 -11.61 -20.13 -50.28
N LEU C 1020 -11.70 -21.44 -50.50
CA LEU C 1020 -12.20 -22.32 -49.45
C LEU C 1020 -11.21 -22.43 -48.31
N ILE C 1021 -9.92 -22.42 -48.62
CA ILE C 1021 -8.90 -22.46 -47.58
C ILE C 1021 -8.88 -21.17 -46.78
N VAL C 1022 -9.00 -20.02 -47.46
CA VAL C 1022 -8.96 -18.74 -46.77
C VAL C 1022 -10.20 -18.54 -45.91
N PHE C 1023 -11.36 -19.01 -46.38
CA PHE C 1023 -12.58 -18.88 -45.61
C PHE C 1023 -12.54 -19.72 -44.33
N LEU C 1024 -12.05 -20.96 -44.42
CA LEU C 1024 -11.96 -21.79 -43.22
C LEU C 1024 -10.93 -21.25 -42.25
N LEU C 1025 -9.90 -20.57 -42.75
CA LEU C 1025 -8.92 -19.95 -41.87
C LEU C 1025 -9.51 -18.79 -41.10
N VAL C 1026 -10.17 -17.86 -41.79
CA VAL C 1026 -10.66 -16.67 -41.09
C VAL C 1026 -11.86 -17.02 -40.22
N ALA C 1027 -12.81 -17.79 -40.74
CA ALA C 1027 -14.02 -18.09 -39.97
C ALA C 1027 -13.73 -19.02 -38.82
N ASN C 1028 -13.17 -20.19 -39.10
CA ASN C 1028 -13.03 -21.20 -38.05
C ASN C 1028 -11.83 -21.02 -37.15
N ILE C 1029 -11.00 -19.99 -37.32
CA ILE C 1029 -9.87 -19.77 -36.44
C ILE C 1029 -9.88 -18.36 -35.84
N LEU C 1030 -9.97 -17.33 -36.69
CA LEU C 1030 -10.01 -15.97 -36.16
C LEU C 1030 -11.30 -15.69 -35.41
N LEU C 1031 -12.44 -15.88 -36.06
CA LEU C 1031 -13.69 -15.38 -35.50
C LEU C 1031 -14.14 -16.20 -34.30
N LEU C 1032 -13.95 -17.51 -34.34
CA LEU C 1032 -14.42 -18.31 -33.22
C LEU C 1032 -13.51 -18.16 -32.01
N ASN C 1033 -12.19 -18.12 -32.22
CA ASN C 1033 -11.33 -18.05 -31.06
C ASN C 1033 -11.26 -16.64 -30.50
N LEU C 1034 -11.48 -15.63 -31.33
CA LEU C 1034 -11.62 -14.28 -30.79
C LEU C 1034 -12.94 -14.11 -30.06
N LEU C 1035 -13.94 -14.92 -30.40
CA LEU C 1035 -15.18 -14.86 -29.64
C LEU C 1035 -15.03 -15.51 -28.28
N ILE C 1036 -14.25 -16.58 -28.17
CA ILE C 1036 -13.99 -17.19 -26.86
C ILE C 1036 -13.21 -16.24 -25.98
N ALA C 1037 -12.27 -15.49 -26.56
CA ALA C 1037 -11.51 -14.52 -25.79
C ALA C 1037 -12.37 -13.37 -25.30
N MET C 1038 -13.35 -12.95 -26.10
CA MET C 1038 -14.22 -11.88 -25.64
C MET C 1038 -15.23 -12.35 -24.61
N PHE C 1039 -15.65 -13.63 -24.67
CA PHE C 1039 -16.52 -14.13 -23.62
C PHE C 1039 -15.76 -14.31 -22.31
N SER C 1040 -14.48 -14.65 -22.37
CA SER C 1040 -13.70 -14.78 -21.15
C SER C 1040 -13.48 -13.42 -20.50
N TYR C 1041 -13.18 -12.40 -21.31
CA TYR C 1041 -12.96 -11.07 -20.77
C TYR C 1041 -14.24 -10.50 -20.17
N THR C 1042 -15.35 -10.59 -20.90
CA THR C 1042 -16.59 -10.00 -20.42
C THR C 1042 -17.11 -10.72 -19.19
N PHE C 1043 -16.91 -12.03 -19.09
CA PHE C 1043 -17.42 -12.78 -17.95
C PHE C 1043 -16.70 -12.40 -16.67
N SER C 1044 -15.39 -12.21 -16.74
CA SER C 1044 -14.69 -11.79 -15.53
C SER C 1044 -14.94 -10.33 -15.21
N LYS C 1045 -15.30 -9.51 -16.20
CA LYS C 1045 -15.59 -8.12 -15.92
C LYS C 1045 -16.95 -7.94 -15.27
N VAL C 1046 -17.90 -8.79 -15.60
CA VAL C 1046 -19.30 -8.59 -15.24
C VAL C 1046 -19.71 -9.35 -13.99
N HIS C 1047 -19.00 -10.43 -13.63
CA HIS C 1047 -19.47 -11.42 -12.68
C HIS C 1047 -19.72 -10.86 -11.28
N GLY C 1048 -19.02 -9.81 -10.88
CA GLY C 1048 -19.27 -9.19 -9.60
C GLY C 1048 -20.59 -8.45 -9.51
N ASN C 1049 -20.86 -7.59 -10.49
CA ASN C 1049 -22.11 -6.83 -10.49
C ASN C 1049 -23.31 -7.71 -10.75
N SER C 1050 -23.14 -8.82 -11.46
CA SER C 1050 -24.29 -9.69 -11.67
C SER C 1050 -24.63 -10.48 -10.41
N ASP C 1051 -23.65 -10.77 -9.56
CA ASP C 1051 -24.00 -11.38 -8.28
C ASP C 1051 -24.68 -10.40 -7.35
N LEU C 1052 -24.24 -9.12 -7.32
CA LEU C 1052 -24.92 -8.13 -6.50
C LEU C 1052 -26.34 -7.88 -6.99
N TYR C 1053 -26.53 -7.85 -8.31
CA TYR C 1053 -27.85 -7.58 -8.83
C TYR C 1053 -28.79 -8.75 -8.61
N TRP C 1054 -28.28 -9.98 -8.64
CA TRP C 1054 -29.14 -11.13 -8.35
C TRP C 1054 -29.53 -11.16 -6.88
N LYS C 1055 -28.59 -10.86 -5.98
CA LYS C 1055 -28.92 -10.87 -4.56
C LYS C 1055 -29.88 -9.74 -4.19
N ALA C 1056 -29.93 -8.68 -4.98
CA ALA C 1056 -30.91 -7.64 -4.71
C ALA C 1056 -32.28 -8.04 -5.22
N GLN C 1057 -32.37 -8.65 -6.40
CA GLN C 1057 -33.67 -9.01 -6.95
C GLN C 1057 -34.29 -10.23 -6.30
N ARG C 1058 -33.51 -10.98 -5.52
CA ARG C 1058 -33.97 -12.26 -5.00
C ARG C 1058 -35.07 -12.08 -3.95
N TYR C 1059 -35.12 -10.93 -3.29
CA TYR C 1059 -36.21 -10.64 -2.37
C TYR C 1059 -37.53 -10.50 -3.12
N SER C 1060 -37.51 -9.80 -4.27
CA SER C 1060 -38.72 -9.60 -5.04
C SER C 1060 -39.26 -10.91 -5.58
N LEU C 1061 -38.37 -11.84 -5.90
CA LEU C 1061 -38.83 -13.12 -6.44
C LEU C 1061 -39.49 -13.96 -5.36
N ILE C 1062 -38.92 -13.99 -4.15
CA ILE C 1062 -39.52 -14.76 -3.06
C ILE C 1062 -40.84 -14.14 -2.63
N ARG C 1063 -40.89 -12.80 -2.55
CA ARG C 1063 -42.11 -12.14 -2.12
C ARG C 1063 -43.26 -12.32 -3.11
N GLU C 1064 -42.97 -12.35 -4.41
CA GLU C 1064 -44.07 -12.56 -5.34
C GLU C 1064 -44.51 -14.01 -5.40
N PHE C 1065 -43.68 -14.97 -4.98
CA PHE C 1065 -44.21 -16.32 -4.76
C PHE C 1065 -44.97 -16.43 -3.46
N HIS C 1066 -44.87 -15.44 -2.58
CA HIS C 1066 -45.66 -15.50 -1.35
C HIS C 1066 -47.08 -14.99 -1.59
N SER C 1067 -47.25 -14.03 -2.48
CA SER C 1067 -48.55 -13.41 -2.72
C SER C 1067 -49.20 -14.05 -3.95
N ARG C 1068 -49.43 -15.35 -3.86
CA ARG C 1068 -49.98 -16.13 -4.95
C ARG C 1068 -51.20 -16.89 -4.46
N PRO C 1069 -52.13 -17.24 -5.36
CA PRO C 1069 -53.13 -18.25 -5.02
C PRO C 1069 -52.44 -19.60 -4.86
N ALA C 1070 -52.70 -20.27 -3.75
CA ALA C 1070 -51.97 -21.48 -3.41
C ALA C 1070 -52.58 -22.72 -4.05
N LEU C 1071 -52.83 -22.67 -5.36
CA LEU C 1071 -53.29 -23.83 -6.11
C LEU C 1071 -52.61 -23.87 -7.47
N ALA C 1072 -52.79 -25.01 -8.13
CA ALA C 1072 -52.18 -25.24 -9.42
C ALA C 1072 -52.94 -24.48 -10.52
N PRO C 1073 -52.29 -24.20 -11.64
CA PRO C 1073 -52.99 -23.57 -12.78
C PRO C 1073 -54.12 -24.40 -13.39
N PRO C 1074 -54.19 -25.74 -13.24
CA PRO C 1074 -55.49 -26.37 -13.54
C PRO C 1074 -56.51 -26.21 -12.43
N LEU C 1075 -56.11 -25.74 -11.25
CA LEU C 1075 -57.05 -25.57 -10.15
C LEU C 1075 -57.12 -24.13 -9.65
N ILE C 1076 -56.44 -23.18 -10.30
CA ILE C 1076 -56.51 -21.78 -9.87
C ILE C 1076 -57.86 -21.14 -10.13
N ILE C 1077 -58.67 -21.72 -11.02
CA ILE C 1077 -59.90 -21.04 -11.42
C ILE C 1077 -60.92 -21.04 -10.28
N ILE C 1078 -60.85 -22.04 -9.39
CA ILE C 1078 -61.75 -22.04 -8.24
C ILE C 1078 -61.35 -20.95 -7.23
N SER C 1079 -60.07 -20.57 -7.22
CA SER C 1079 -59.62 -19.45 -6.40
C SER C 1079 -59.76 -18.11 -7.10
N HIS C 1080 -59.81 -18.11 -8.44
CA HIS C 1080 -60.18 -16.88 -9.13
C HIS C 1080 -61.67 -16.57 -8.96
N VAL C 1081 -62.51 -17.60 -8.93
CA VAL C 1081 -63.94 -17.37 -8.69
C VAL C 1081 -64.17 -17.02 -7.22
N ARG C 1082 -63.41 -17.64 -6.31
CA ARG C 1082 -63.43 -17.26 -4.90
C ARG C 1082 -63.02 -15.80 -4.72
N LEU C 1083 -62.01 -15.36 -5.48
CA LEU C 1083 -61.61 -13.97 -5.46
C LEU C 1083 -62.66 -13.07 -6.09
N LEU C 1084 -63.44 -13.60 -7.05
CA LEU C 1084 -64.43 -12.80 -7.75
C LEU C 1084 -65.70 -12.61 -6.90
N ILE C 1085 -66.15 -13.65 -6.21
CA ILE C 1085 -67.31 -13.47 -5.33
C ILE C 1085 -66.93 -12.69 -4.09
N LYS C 1086 -65.65 -12.75 -3.68
CA LYS C 1086 -65.17 -11.89 -2.62
C LYS C 1086 -65.08 -10.44 -3.10
N TRP C 1087 -64.88 -10.23 -4.40
CA TRP C 1087 -65.01 -8.89 -4.98
C TRP C 1087 -66.47 -8.46 -5.05
N LEU C 1088 -67.40 -9.40 -5.24
CA LEU C 1088 -68.81 -9.06 -5.39
C LEU C 1088 -69.52 -8.86 -4.07
N ARG C 1089 -68.96 -9.37 -2.95
CA ARG C 1089 -69.60 -9.11 -1.66
C ARG C 1089 -69.32 -7.71 -1.17
N ARG C 1090 -68.21 -7.11 -1.60
CA ARG C 1090 -67.87 -5.77 -1.18
C ARG C 1090 -68.72 -4.74 -1.92
N LEU C 1112 -45.51 -8.48 16.98
CA LEU C 1112 -44.95 -8.69 18.31
C LEU C 1112 -45.81 -8.06 19.38
N SER C 1113 -45.33 -8.15 20.62
CA SER C 1113 -45.97 -7.49 21.74
C SER C 1113 -45.43 -6.06 21.84
N LYS C 1114 -45.68 -5.39 22.96
CA LYS C 1114 -45.09 -4.08 23.17
C LYS C 1114 -43.81 -4.18 23.99
N GLU C 1115 -43.78 -5.06 24.98
CA GLU C 1115 -42.62 -5.18 25.84
C GLU C 1115 -41.46 -5.92 25.20
N ALA C 1116 -41.73 -6.87 24.30
CA ALA C 1116 -40.66 -7.46 23.52
C ALA C 1116 -40.08 -6.46 22.53
N GLU C 1117 -40.91 -5.52 22.06
CA GLU C 1117 -40.42 -4.44 21.21
C GLU C 1117 -39.48 -3.53 21.98
N ARG C 1118 -39.81 -3.24 23.24
CA ARG C 1118 -38.94 -2.38 24.04
C ARG C 1118 -37.62 -3.07 24.36
N LYS C 1119 -37.66 -4.36 24.68
CA LYS C 1119 -36.42 -5.09 24.95
C LYS C 1119 -35.58 -5.24 23.70
N LEU C 1120 -36.22 -5.37 22.53
CA LEU C 1120 -35.51 -5.43 21.27
C LEU C 1120 -34.78 -4.13 20.97
N LEU C 1121 -35.47 -2.99 21.14
CA LEU C 1121 -34.86 -1.72 20.77
C LEU C 1121 -33.76 -1.31 21.73
N THR C 1122 -33.85 -1.69 23.01
CA THR C 1122 -32.73 -1.43 23.90
C THR C 1122 -31.53 -2.28 23.55
N TRP C 1123 -31.77 -3.52 23.10
CA TRP C 1123 -30.67 -4.39 22.69
C TRP C 1123 -29.97 -3.85 21.45
N GLU C 1124 -30.74 -3.30 20.52
CA GLU C 1124 -30.17 -2.66 19.34
C GLU C 1124 -29.30 -1.48 19.73
N SER C 1125 -29.78 -0.66 20.66
CA SER C 1125 -29.07 0.57 21.00
C SER C 1125 -27.79 0.28 21.78
N VAL C 1126 -27.73 -0.84 22.49
CA VAL C 1126 -26.50 -1.24 23.16
C VAL C 1126 -25.42 -1.57 22.12
N HIS C 1127 -25.77 -2.37 21.11
CA HIS C 1127 -24.79 -2.70 20.08
C HIS C 1127 -24.44 -1.52 19.21
N LYS C 1128 -25.33 -0.55 19.09
CA LYS C 1128 -25.00 0.71 18.45
C LYS C 1128 -23.92 1.46 19.22
N GLU C 1129 -24.02 1.48 20.56
CA GLU C 1129 -23.07 2.26 21.34
C GLU C 1129 -21.71 1.60 21.39
N ASN C 1130 -21.67 0.26 21.39
CA ASN C 1130 -20.38 -0.42 21.34
C ASN C 1130 -19.71 -0.23 20.00
N PHE C 1131 -20.50 -0.16 18.92
CA PHE C 1131 -19.91 0.04 17.60
C PHE C 1131 -19.34 1.44 17.45
N LEU C 1132 -20.03 2.45 17.97
CA LEU C 1132 -19.50 3.80 17.85
C LEU C 1132 -18.28 4.01 18.73
N LEU C 1133 -18.22 3.35 19.89
CA LEU C 1133 -17.02 3.46 20.72
C LEU C 1133 -15.84 2.75 20.08
N ALA C 1134 -16.09 1.64 19.40
CA ALA C 1134 -14.98 0.94 18.74
C ALA C 1134 -14.45 1.74 17.56
N GLN C 1135 -15.33 2.36 16.78
CA GLN C 1135 -14.88 3.16 15.64
C GLN C 1135 -14.15 4.42 16.09
N ALA C 1136 -14.54 4.98 17.24
CA ALA C 1136 -13.85 6.16 17.74
C ALA C 1136 -12.44 5.84 18.20
N ARG C 1137 -12.24 4.71 18.87
CA ARG C 1137 -10.89 4.30 19.26
C ARG C 1137 -10.04 3.95 18.05
N ASP C 1138 -10.67 3.45 16.99
CA ASP C 1138 -9.90 3.07 15.82
C ASP C 1138 -9.47 4.28 15.01
N LYS C 1139 -10.21 5.39 15.08
CA LYS C 1139 -9.71 6.59 14.43
C LYS C 1139 -8.62 7.25 15.27
N ARG C 1140 -8.83 7.33 16.59
CA ARG C 1140 -7.92 8.09 17.45
C ARG C 1140 -6.54 7.45 17.56
N ASP C 1141 -6.46 6.13 17.54
CA ASP C 1141 -5.19 5.44 17.75
C ASP C 1141 -4.45 5.16 16.45
N SER C 1142 -4.83 5.81 15.36
CA SER C 1142 -4.09 5.67 14.11
C SER C 1142 -2.84 6.52 14.14
N ASP C 1143 -2.03 6.40 13.09
CA ASP C 1143 -0.77 7.13 13.07
C ASP C 1143 -0.91 8.59 12.71
N SER C 1144 -1.82 8.93 11.79
CA SER C 1144 -1.94 10.32 11.36
C SER C 1144 -2.56 11.19 12.44
N GLU C 1145 -3.49 10.64 13.21
CA GLU C 1145 -4.08 11.39 14.31
C GLU C 1145 -3.08 11.58 15.43
N ARG C 1146 -2.23 10.59 15.64
CA ARG C 1146 -1.18 10.70 16.65
C ARG C 1146 -0.13 11.71 16.22
N LEU C 1147 0.10 11.84 14.91
CA LEU C 1147 1.00 12.86 14.41
C LEU C 1147 0.40 14.26 14.57
N LYS C 1148 -0.93 14.36 14.49
CA LYS C 1148 -1.58 15.65 14.74
C LYS C 1148 -1.46 16.05 16.20
N ARG C 1149 -1.67 15.10 17.11
CA ARG C 1149 -1.62 15.41 18.54
C ARG C 1149 -0.21 15.76 18.97
N THR C 1150 0.79 15.08 18.39
CA THR C 1150 2.17 15.38 18.73
C THR C 1150 2.59 16.74 18.20
N SER C 1151 2.10 17.11 17.01
CA SER C 1151 2.41 18.43 16.45
C SER C 1151 1.81 19.55 17.29
N GLN C 1152 0.64 19.30 17.88
CA GLN C 1152 0.07 20.28 18.81
C GLN C 1152 0.91 20.36 20.09
N LYS C 1153 1.44 19.24 20.55
CA LYS C 1153 2.23 19.24 21.78
C LYS C 1153 3.56 19.96 21.60
N VAL C 1154 4.18 19.83 20.43
CA VAL C 1154 5.45 20.50 20.19
C VAL C 1154 5.22 22.00 20.02
N ASP C 1155 4.11 22.39 19.40
CA ASP C 1155 3.76 23.81 19.33
C ASP C 1155 3.49 24.40 20.71
N THR C 1156 2.95 23.60 21.62
CA THR C 1156 2.77 24.05 23.00
C THR C 1156 4.13 24.25 23.69
N ALA C 1157 5.07 23.34 23.46
CA ALA C 1157 6.38 23.48 24.07
C ALA C 1157 7.16 24.64 23.49
N LEU C 1158 6.92 24.98 22.22
CA LEU C 1158 7.52 26.19 21.66
C LEU C 1158 6.93 27.45 22.26
N LYS C 1159 5.64 27.40 22.64
CA LYS C 1159 5.06 28.53 23.34
C LYS C 1159 5.63 28.66 24.74
N GLN C 1160 5.96 27.53 25.37
CA GLN C 1160 6.48 27.58 26.73
C GLN C 1160 7.93 28.07 26.78
N LEU C 1161 8.74 27.67 25.80
CA LEU C 1161 10.14 28.10 25.80
C LEU C 1161 10.27 29.58 25.48
N GLY C 1162 9.33 30.13 24.71
CA GLY C 1162 9.41 31.52 24.34
C GLY C 1162 9.20 32.48 25.50
N GLN C 1163 8.40 32.07 26.48
CA GLN C 1163 8.17 32.91 27.65
C GLN C 1163 9.42 33.02 28.50
N ILE C 1164 10.08 31.88 28.77
CA ILE C 1164 11.24 31.89 29.63
C ILE C 1164 12.48 32.48 28.97
N ARG C 1165 12.47 32.64 27.65
CA ARG C 1165 13.62 33.22 26.96
C ARG C 1165 13.74 34.70 27.24
N GLU C 1166 12.62 35.42 27.17
CA GLU C 1166 12.66 36.87 27.36
C GLU C 1166 12.44 37.26 28.81
N TYR C 1167 11.56 36.55 29.53
CA TYR C 1167 11.19 36.99 30.87
C TYR C 1167 12.32 36.75 31.87
N ASP C 1168 13.15 35.74 31.64
CA ASP C 1168 14.31 35.56 32.50
C ASP C 1168 15.38 36.60 32.20
N ARG C 1169 15.40 37.15 30.99
CA ARG C 1169 16.40 38.15 30.64
C ARG C 1169 16.16 39.45 31.39
N ARG C 1170 14.90 39.81 31.61
CA ARG C 1170 14.59 40.94 32.47
C ARG C 1170 14.91 40.61 33.93
N LEU C 1171 14.61 39.38 34.35
CA LEU C 1171 14.80 39.01 35.75
C LEU C 1171 16.28 38.88 36.09
N ARG C 1172 17.09 38.43 35.12
CA ARG C 1172 18.53 38.42 35.34
C ARG C 1172 19.09 39.84 35.36
N GLY C 1173 18.47 40.74 34.60
CA GLY C 1173 18.87 42.15 34.66
C GLY C 1173 18.46 42.77 35.98
N LEU C 1174 17.32 42.34 36.54
CA LEU C 1174 16.83 42.90 37.79
C LEU C 1174 17.72 42.50 38.96
N GLU C 1175 18.14 41.23 39.01
CA GLU C 1175 19.10 40.81 40.02
C GLU C 1175 20.45 41.46 39.77
N ARG C 1176 20.79 41.74 38.52
CA ARG C 1176 22.01 42.49 38.24
C ARG C 1176 21.85 43.95 38.62
N GLU C 1177 20.62 44.48 38.55
CA GLU C 1177 20.37 45.87 38.93
C GLU C 1177 20.55 46.06 40.42
N VAL C 1178 20.19 45.06 41.21
CA VAL C 1178 20.42 45.16 42.65
C VAL C 1178 21.88 44.97 42.99
N GLN C 1179 22.53 44.00 42.33
CA GLN C 1179 23.91 43.66 42.68
C GLN C 1179 24.89 44.72 42.21
N HIS C 1180 24.48 45.58 41.28
CA HIS C 1180 25.34 46.68 40.85
C HIS C 1180 25.52 47.70 41.96
N CYS C 1181 24.43 48.11 42.60
CA CYS C 1181 24.52 49.12 43.64
C CYS C 1181 24.84 48.51 45.00
N SER C 1182 24.61 47.21 45.15
CA SER C 1182 24.92 46.56 46.42
C SER C 1182 26.42 46.47 46.64
N ARG C 1183 27.20 46.35 45.56
CA ARG C 1183 28.64 46.38 45.71
C ARG C 1183 29.15 47.79 45.95
N VAL C 1184 28.53 48.79 45.32
CA VAL C 1184 28.94 50.17 45.55
C VAL C 1184 28.54 50.64 46.93
N LEU C 1185 27.40 50.15 47.44
CA LEU C 1185 27.07 50.42 48.84
C LEU C 1185 28.01 49.65 49.77
N THR C 1186 28.44 48.46 49.36
CA THR C 1186 29.52 47.79 50.08
C THR C 1186 30.81 48.57 49.95
N TRP C 1187 31.03 49.20 48.79
CA TRP C 1187 32.14 50.13 48.69
C TRP C 1187 31.87 51.41 49.47
N MET C 1188 30.60 51.81 49.61
CA MET C 1188 30.28 52.91 50.49
C MET C 1188 30.39 52.49 51.95
N ALA C 1189 30.13 51.22 52.25
CA ALA C 1189 30.54 50.67 53.53
C ALA C 1189 32.06 50.60 53.63
N GLU C 1190 32.73 50.31 52.52
CA GLU C 1190 34.19 50.40 52.51
C GLU C 1190 34.65 51.85 52.52
N ALA C 1191 33.81 52.77 52.04
CA ALA C 1191 34.10 54.19 52.24
C ALA C 1191 33.94 54.57 53.70
N LEU C 1192 33.09 53.85 54.43
CA LEU C 1192 33.01 54.02 55.87
C LEU C 1192 34.10 53.23 56.60
N SER C 1193 34.81 52.35 55.90
CA SER C 1193 35.89 51.59 56.50
C SER C 1193 37.21 52.33 56.37
N PRO D 12 -38.58 -12.94 43.86
CA PRO D 12 -37.49 -12.21 43.20
C PRO D 12 -37.71 -10.71 43.31
N LYS D 13 -38.69 -10.23 42.54
CA LYS D 13 -39.15 -8.86 42.67
C LYS D 13 -40.14 -8.70 43.83
N ILE D 14 -40.87 -9.77 44.15
CA ILE D 14 -41.68 -9.79 45.36
C ILE D 14 -40.79 -9.90 46.58
N PHE D 15 -39.66 -10.61 46.42
CA PHE D 15 -38.68 -10.82 47.49
C PHE D 15 -38.13 -9.53 48.05
N ARG D 16 -38.03 -8.49 47.21
CA ARG D 16 -37.54 -7.19 47.65
C ARG D 16 -38.50 -6.54 48.64
N LYS D 17 -39.79 -6.79 48.50
CA LYS D 17 -40.76 -6.35 49.50
C LYS D 17 -40.77 -7.24 50.73
N LYS D 18 -40.64 -8.55 50.55
CA LYS D 18 -40.75 -9.47 51.68
C LYS D 18 -39.58 -9.37 52.63
N VAL D 19 -38.41 -8.96 52.16
CA VAL D 19 -37.29 -8.75 53.06
C VAL D 19 -37.40 -7.37 53.69
N CYS D 20 -37.47 -6.34 52.86
CA CYS D 20 -37.42 -4.96 53.33
C CYS D 20 -38.73 -4.58 54.00
N THR D 21 -38.66 -4.39 55.32
CA THR D 21 -39.78 -3.88 56.08
C THR D 21 -39.44 -2.48 56.57
N THR D 22 -40.41 -1.57 56.42
CA THR D 22 -40.22 -0.16 56.70
C THR D 22 -41.15 0.27 57.82
N PHE D 23 -40.68 1.19 58.66
CA PHE D 23 -41.41 1.58 59.85
C PHE D 23 -41.93 3.01 59.74
N ILE D 24 -43.14 3.22 60.25
CA ILE D 24 -43.81 4.51 60.21
C ILE D 24 -43.84 5.13 61.60
N THR D 68 -42.50 2.05 66.60
CA THR D 68 -42.85 2.44 65.23
C THR D 68 -43.48 1.29 64.46
N THR D 69 -44.59 1.60 63.79
CA THR D 69 -45.37 0.60 63.08
C THR D 69 -44.62 0.14 61.83
N GLU D 70 -44.04 -1.06 61.89
CA GLU D 70 -43.22 -1.57 60.81
C GLU D 70 -44.06 -2.40 59.84
N LYS D 71 -43.79 -2.23 58.54
CA LYS D 71 -44.53 -2.86 57.47
C LYS D 71 -43.59 -3.15 56.31
N PRO D 72 -43.74 -4.30 55.63
CA PRO D 72 -42.99 -4.53 54.40
C PRO D 72 -43.29 -3.47 53.34
N THR D 73 -42.27 -3.18 52.54
CA THR D 73 -42.32 -2.02 51.67
C THR D 73 -43.09 -2.31 50.38
N ASP D 74 -43.09 -1.30 49.50
CA ASP D 74 -43.68 -1.43 48.18
C ASP D 74 -42.78 -0.82 47.10
N ALA D 75 -41.83 0.03 47.46
CA ALA D 75 -41.10 0.87 46.52
C ALA D 75 -39.78 0.21 46.17
N TYR D 76 -39.83 -0.70 45.22
CA TYR D 76 -38.65 -1.23 44.55
C TYR D 76 -38.78 -0.87 43.07
N GLY D 77 -37.80 -0.18 42.54
CA GLY D 77 -38.00 0.58 41.31
C GLY D 77 -37.04 0.25 40.20
N ASP D 78 -37.60 0.14 38.99
CA ASP D 78 -36.82 0.28 37.77
C ASP D 78 -36.92 1.75 37.34
N LEU D 79 -36.29 2.60 38.13
CA LEU D 79 -36.49 4.03 38.04
C LEU D 79 -35.70 4.61 36.88
N ASP D 80 -36.30 5.60 36.22
CA ASP D 80 -35.62 6.37 35.19
C ASP D 80 -36.26 7.75 35.09
N PHE D 81 -35.69 8.59 34.23
CA PHE D 81 -35.99 10.01 34.22
C PHE D 81 -36.68 10.40 32.92
N THR D 82 -37.66 11.24 33.07
CA THR D 82 -38.50 11.68 31.97
C THR D 82 -37.73 12.63 31.06
N TYR D 83 -37.90 12.43 29.75
CA TYR D 83 -37.46 13.34 28.69
C TYR D 83 -35.94 13.55 28.71
N SER D 84 -35.23 12.49 29.09
CA SER D 84 -33.78 12.46 29.20
C SER D 84 -33.21 11.11 28.72
N GLY D 85 -31.91 11.09 28.43
CA GLY D 85 -31.24 9.89 27.93
C GLY D 85 -30.58 8.90 28.89
N ARG D 86 -30.66 9.14 30.19
CA ARG D 86 -30.03 8.25 31.17
C ARG D 86 -30.62 6.83 31.15
N LYS D 87 -29.75 5.85 31.37
CA LYS D 87 -30.17 4.45 31.41
C LYS D 87 -31.03 4.28 32.65
N HIS D 88 -31.91 3.27 32.65
CA HIS D 88 -32.77 3.05 33.80
C HIS D 88 -31.92 2.82 35.03
N SER D 89 -32.29 3.41 36.20
CA SER D 89 -31.54 3.30 37.44
C SER D 89 -32.27 2.33 38.36
N ASN D 90 -31.53 1.36 38.87
CA ASN D 90 -32.10 0.43 39.82
C ASN D 90 -32.32 1.14 41.16
N PHE D 91 -33.36 0.71 41.88
CA PHE D 91 -33.89 1.55 42.93
C PHE D 91 -34.60 0.72 44.00
N LEU D 92 -34.44 1.13 45.26
CA LEU D 92 -35.12 0.51 46.38
C LEU D 92 -35.23 1.50 47.52
N ARG D 93 -36.43 1.60 48.10
CA ARG D 93 -36.66 2.31 49.35
C ARG D 93 -36.34 1.34 50.49
N LEU D 94 -35.61 1.82 51.49
CA LEU D 94 -35.10 0.95 52.54
C LEU D 94 -35.26 1.64 53.89
N SER D 95 -35.57 0.85 54.90
CA SER D 95 -35.66 1.37 56.24
C SER D 95 -34.29 1.44 56.91
N ASP D 96 -34.19 2.30 57.91
CA ASP D 96 -33.00 2.38 58.74
C ASP D 96 -32.96 1.18 59.68
N ARG D 97 -31.81 0.99 60.33
CA ARG D 97 -31.54 -0.08 61.29
C ARG D 97 -31.68 -1.46 60.64
N THR D 98 -31.34 -1.54 59.36
CA THR D 98 -31.45 -2.81 58.65
C THR D 98 -30.06 -3.44 58.48
N ASP D 99 -30.07 -4.65 57.94
CA ASP D 99 -28.84 -5.43 57.82
C ASP D 99 -28.22 -5.22 56.44
N PRO D 100 -26.95 -4.78 56.36
CA PRO D 100 -26.35 -4.52 55.05
C PRO D 100 -25.96 -5.76 54.28
N ALA D 101 -26.10 -6.95 54.87
CA ALA D 101 -25.75 -8.18 54.17
C ALA D 101 -26.69 -8.44 53.00
N THR D 102 -27.99 -8.40 53.27
CA THR D 102 -28.98 -8.59 52.21
C THR D 102 -29.02 -7.41 51.25
N VAL D 103 -28.56 -6.23 51.66
CA VAL D 103 -28.52 -5.08 50.77
C VAL D 103 -27.38 -5.23 49.77
N TYR D 104 -26.23 -5.73 50.23
CA TYR D 104 -25.13 -6.00 49.33
C TYR D 104 -25.46 -7.16 48.39
N SER D 105 -26.21 -8.15 48.89
CA SER D 105 -26.62 -9.24 48.00
C SER D 105 -27.64 -8.76 46.97
N LEU D 106 -28.43 -7.75 47.31
CA LEU D 106 -29.28 -7.09 46.32
C LEU D 106 -28.44 -6.48 45.21
N VAL D 107 -27.36 -5.79 45.58
CA VAL D 107 -26.56 -5.05 44.61
C VAL D 107 -25.80 -6.00 43.69
N THR D 108 -25.18 -7.02 44.25
CA THR D 108 -24.34 -7.88 43.43
C THR D 108 -25.07 -9.08 42.84
N ARG D 109 -26.31 -9.36 43.24
CA ARG D 109 -27.05 -10.43 42.59
C ARG D 109 -28.32 -9.96 41.88
N SER D 110 -29.22 -9.26 42.58
CA SER D 110 -30.54 -8.97 42.03
C SER D 110 -30.49 -7.84 41.00
N TRP D 111 -29.79 -6.76 41.33
CA TRP D 111 -29.47 -5.77 40.32
C TRP D 111 -28.30 -6.25 39.46
N GLY D 112 -27.19 -6.54 40.10
CA GLY D 112 -26.02 -7.15 39.50
C GLY D 112 -24.98 -6.11 39.19
N PHE D 113 -24.07 -5.90 40.13
CA PHE D 113 -22.93 -4.99 40.00
C PHE D 113 -21.69 -5.78 40.37
N ARG D 114 -20.54 -5.36 39.85
CA ARG D 114 -19.32 -6.03 40.24
C ARG D 114 -18.80 -5.46 41.54
N ALA D 115 -17.86 -6.19 42.15
CA ALA D 115 -17.37 -5.82 43.47
C ALA D 115 -16.43 -4.63 43.36
N PRO D 116 -16.44 -3.76 44.37
CA PRO D 116 -15.54 -2.61 44.35
C PRO D 116 -14.09 -3.02 44.57
N ASN D 117 -13.21 -2.36 43.85
CA ASN D 117 -11.79 -2.41 44.17
C ASN D 117 -11.36 -1.27 45.08
N LEU D 118 -12.26 -0.31 45.32
CA LEU D 118 -12.02 0.87 46.13
C LEU D 118 -13.37 1.53 46.38
N VAL D 119 -13.56 2.07 47.58
CA VAL D 119 -14.77 2.80 47.92
C VAL D 119 -14.37 4.14 48.52
N VAL D 120 -14.76 5.22 47.85
CA VAL D 120 -14.51 6.57 48.34
C VAL D 120 -15.87 7.23 48.56
N SER D 121 -16.10 7.71 49.78
CA SER D 121 -17.34 8.35 50.16
C SER D 121 -17.08 9.82 50.47
N VAL D 122 -17.74 10.71 49.73
CA VAL D 122 -17.42 12.13 49.72
C VAL D 122 -18.39 12.87 50.63
N LEU D 123 -17.87 13.75 51.47
CA LEU D 123 -18.64 14.57 52.40
C LEU D 123 -18.33 16.04 52.18
N GLY D 124 -19.18 16.91 52.74
CA GLY D 124 -19.00 18.33 52.67
C GLY D 124 -20.32 19.06 52.45
N GLY D 125 -20.23 20.30 51.96
CA GLY D 125 -21.41 21.06 51.61
C GLY D 125 -21.57 22.42 52.27
N SER D 126 -20.46 23.04 52.65
CA SER D 126 -20.53 24.36 53.27
C SER D 126 -20.78 25.45 52.24
N GLY D 127 -19.91 25.54 51.23
CA GLY D 127 -20.14 26.47 50.13
C GLY D 127 -21.27 25.98 49.25
N GLY D 128 -22.40 26.69 49.28
CA GLY D 128 -23.65 26.14 48.80
C GLY D 128 -23.77 25.94 47.30
N PRO D 129 -23.96 27.03 46.54
CA PRO D 129 -24.37 26.85 45.14
C PRO D 129 -23.24 26.51 44.18
N VAL D 130 -22.08 27.13 44.31
CA VAL D 130 -21.00 27.01 43.33
C VAL D 130 -19.69 26.74 44.06
N LEU D 131 -19.01 25.67 43.67
CA LEU D 131 -17.72 25.31 44.21
C LEU D 131 -16.63 25.95 43.36
N GLN D 132 -15.46 26.12 43.96
CA GLN D 132 -14.30 26.66 43.25
C GLN D 132 -13.84 25.67 42.18
N THR D 133 -13.42 26.21 41.03
CA THR D 133 -13.02 25.39 39.88
C THR D 133 -11.75 24.60 40.13
N TRP D 134 -10.91 25.02 41.08
CA TRP D 134 -9.76 24.23 41.48
C TRP D 134 -10.20 22.91 42.11
N LEU D 135 -11.23 22.95 42.97
CA LEU D 135 -11.79 21.74 43.51
C LEU D 135 -12.64 20.98 42.50
N GLN D 136 -13.23 21.69 41.52
CA GLN D 136 -13.95 21.01 40.44
C GLN D 136 -12.99 20.23 39.56
N ASP D 137 -11.79 20.77 39.32
CA ASP D 137 -10.76 20.01 38.62
C ASP D 137 -10.28 18.84 39.47
N LEU D 138 -10.29 19.01 40.80
CA LEU D 138 -9.92 17.92 41.69
C LEU D 138 -10.95 16.80 41.65
N LEU D 139 -12.23 17.14 41.57
CA LEU D 139 -13.23 16.08 41.48
C LEU D 139 -13.24 15.42 40.11
N ARG D 140 -13.25 16.21 39.04
CA ARG D 140 -13.36 15.69 37.68
C ARG D 140 -12.13 14.90 37.26
N ARG D 141 -10.93 15.43 37.49
CA ARG D 141 -9.72 14.78 37.03
C ARG D 141 -8.90 14.17 38.16
N GLY D 142 -9.38 14.19 39.39
CA GLY D 142 -8.74 13.38 40.40
C GLY D 142 -9.51 12.13 40.73
N LEU D 143 -10.80 12.28 41.00
CA LEU D 143 -11.61 11.24 41.62
C LEU D 143 -12.41 10.42 40.61
N VAL D 144 -12.95 11.06 39.59
CA VAL D 144 -13.83 10.35 38.66
C VAL D 144 -13.03 9.48 37.71
N ARG D 145 -11.86 9.96 37.27
CA ARG D 145 -11.03 9.12 36.42
C ARG D 145 -10.28 8.08 37.25
N ALA D 146 -10.12 8.30 38.55
CA ALA D 146 -9.63 7.22 39.39
C ALA D 146 -10.68 6.12 39.54
N ALA D 147 -11.93 6.50 39.75
CA ALA D 147 -12.99 5.50 39.83
C ALA D 147 -13.28 4.89 38.46
N GLN D 148 -12.94 5.58 37.38
CA GLN D 148 -13.02 4.99 36.06
C GLN D 148 -11.93 3.94 35.87
N SER D 149 -10.72 4.22 36.37
CA SER D 149 -9.59 3.34 36.12
C SER D 149 -9.63 2.10 36.99
N THR D 150 -9.71 2.28 38.31
CA THR D 150 -9.63 1.15 39.21
C THR D 150 -10.89 0.30 39.17
N GLY D 151 -12.04 0.93 39.06
CA GLY D 151 -13.31 0.24 39.16
C GLY D 151 -13.74 0.37 40.60
N ALA D 152 -14.64 1.29 40.88
CA ALA D 152 -14.81 1.75 42.25
C ALA D 152 -16.21 2.31 42.41
N TRP D 153 -16.53 2.64 43.66
CA TRP D 153 -17.81 3.23 44.01
C TRP D 153 -17.59 4.62 44.59
N ILE D 154 -18.54 5.51 44.33
CA ILE D 154 -18.56 6.84 44.91
C ILE D 154 -19.87 6.97 45.67
N VAL D 155 -19.79 7.12 46.98
CA VAL D 155 -20.97 7.25 47.83
C VAL D 155 -21.09 8.72 48.20
N THR D 156 -22.16 9.35 47.74
CA THR D 156 -22.43 10.75 48.01
C THR D 156 -23.93 10.87 48.21
N GLY D 157 -24.40 12.03 48.67
CA GLY D 157 -25.82 12.31 48.66
C GLY D 157 -26.37 12.32 47.25
N GLY D 158 -27.47 11.61 47.04
CA GLY D 158 -28.02 11.47 45.70
C GLY D 158 -29.00 12.56 45.30
N LEU D 159 -28.81 13.75 45.86
CA LEU D 159 -29.70 14.88 45.59
C LEU D 159 -29.05 15.83 44.59
N HIS D 160 -29.77 16.90 44.28
CA HIS D 160 -29.26 17.92 43.38
C HIS D 160 -28.68 19.07 44.23
N THR D 161 -28.65 18.87 45.54
CA THR D 161 -28.19 19.89 46.47
C THR D 161 -26.87 19.45 47.12
N GLY D 162 -26.07 20.43 47.51
CA GLY D 162 -24.85 20.15 48.23
C GLY D 162 -23.72 19.65 47.35
N ILE D 163 -23.17 18.48 47.70
CA ILE D 163 -21.99 17.98 47.02
C ILE D 163 -22.36 17.16 45.79
N GLY D 164 -23.50 16.46 45.85
CA GLY D 164 -23.91 15.60 44.75
C GLY D 164 -24.22 16.33 43.46
N ARG D 165 -24.54 17.63 43.56
CA ARG D 165 -24.63 18.46 42.37
C ARG D 165 -23.27 18.56 41.67
N HIS D 166 -22.23 18.90 42.42
CA HIS D 166 -20.90 19.07 41.82
C HIS D 166 -20.32 17.72 41.42
N VAL D 167 -20.68 16.66 42.13
CA VAL D 167 -20.24 15.32 41.76
C VAL D 167 -20.86 14.89 40.43
N GLY D 168 -22.17 15.09 40.28
CA GLY D 168 -22.84 14.71 39.04
C GLY D 168 -22.41 15.55 37.87
N VAL D 169 -22.05 16.81 38.10
CA VAL D 169 -21.41 17.62 37.07
C VAL D 169 -20.06 17.03 36.70
N ALA D 170 -19.32 16.51 37.69
CA ALA D 170 -18.00 15.96 37.40
C ALA D 170 -18.09 14.64 36.64
N VAL D 171 -19.06 13.79 36.98
CA VAL D 171 -19.19 12.50 36.30
C VAL D 171 -19.67 12.69 34.87
N ARG D 172 -20.62 13.61 34.66
CA ARG D 172 -21.11 13.87 33.32
C ARG D 172 -20.06 14.53 32.45
N ASP D 173 -19.28 15.45 33.03
CA ASP D 173 -18.21 16.10 32.29
C ASP D 173 -17.10 15.12 31.93
N HIS D 174 -16.83 14.13 32.79
CA HIS D 174 -15.80 13.17 32.47
C HIS D 174 -16.27 12.18 31.41
N GLN D 175 -17.56 11.85 31.40
CA GLN D 175 -18.08 10.98 30.35
C GLN D 175 -18.09 11.68 28.99
N THR D 176 -18.03 13.02 28.99
CA THR D 176 -17.86 13.73 27.73
C THR D 176 -16.50 13.43 27.11
N ALA D 177 -15.42 13.72 27.85
CA ALA D 177 -14.07 13.74 27.30
C ALA D 177 -13.27 12.47 27.57
N SER D 178 -13.92 11.31 27.58
CA SER D 178 -13.20 10.05 27.81
C SER D 178 -13.99 8.92 27.18
N THR D 179 -13.29 8.07 26.42
CA THR D 179 -13.89 6.92 25.76
C THR D 179 -13.22 5.66 26.29
N GLY D 180 -13.72 5.16 27.42
CA GLY D 180 -13.19 3.95 28.01
C GLY D 180 -14.19 2.81 27.98
N SER D 181 -15.37 3.09 27.41
CA SER D 181 -16.45 2.13 27.19
C SER D 181 -16.98 1.51 28.49
N SER D 182 -16.89 2.26 29.59
CA SER D 182 -17.42 1.78 30.85
C SER D 182 -17.78 2.97 31.72
N LYS D 183 -18.97 2.92 32.31
CA LYS D 183 -19.50 3.99 33.15
C LYS D 183 -18.78 4.04 34.49
N VAL D 184 -19.08 5.08 35.26
CA VAL D 184 -18.53 5.27 36.59
C VAL D 184 -19.65 5.00 37.59
N VAL D 185 -19.47 3.99 38.42
CA VAL D 185 -20.54 3.52 39.30
C VAL D 185 -20.67 4.52 40.45
N ALA D 186 -21.63 5.43 40.34
CA ALA D 186 -21.90 6.39 41.38
C ALA D 186 -23.17 5.97 42.11
N MET D 187 -23.06 5.79 43.43
CA MET D 187 -24.17 5.34 44.24
C MET D 187 -24.56 6.42 45.23
N GLY D 188 -25.85 6.71 45.28
CA GLY D 188 -26.32 7.81 46.11
C GLY D 188 -27.33 7.41 47.15
N VAL D 189 -27.15 7.91 48.37
CA VAL D 189 -28.07 7.68 49.47
C VAL D 189 -28.73 9.01 49.83
N ALA D 190 -29.98 8.94 50.29
CA ALA D 190 -30.75 10.12 50.63
C ALA D 190 -31.90 9.71 51.53
N PRO D 191 -32.31 10.56 52.49
CA PRO D 191 -33.42 10.18 53.36
C PRO D 191 -34.76 10.32 52.66
N TRP D 192 -35.70 9.45 53.04
CA TRP D 192 -37.01 9.38 52.38
C TRP D 192 -37.85 10.62 52.59
N GLY D 193 -37.65 11.36 53.68
CA GLY D 193 -38.51 12.48 53.98
C GLY D 193 -38.29 13.73 53.14
N VAL D 194 -37.05 13.97 52.72
CA VAL D 194 -36.68 15.20 52.00
C VAL D 194 -36.91 15.06 50.49
N VAL D 195 -37.33 13.88 50.04
CA VAL D 195 -37.56 13.61 48.62
C VAL D 195 -38.69 14.45 48.07
N ARG D 196 -38.44 15.09 46.92
CA ARG D 196 -39.44 15.93 46.28
C ARG D 196 -40.66 15.14 45.84
N ASN D 197 -40.45 14.11 45.03
CA ASN D 197 -41.54 13.50 44.28
C ASN D 197 -41.62 12.02 44.60
N ARG D 198 -41.60 11.68 45.89
CA ARG D 198 -41.70 10.30 46.34
C ARG D 198 -43.08 9.70 46.12
N ASP D 199 -44.07 10.53 45.80
CA ASP D 199 -45.44 10.08 45.62
C ASP D 199 -45.61 9.22 44.38
N MET D 200 -44.69 9.31 43.44
CA MET D 200 -44.80 8.55 42.20
C MET D 200 -44.07 7.21 42.30
N LEU D 201 -43.75 6.78 43.51
CA LEU D 201 -42.97 5.57 43.79
C LEU D 201 -43.73 4.55 44.62
N ILE D 202 -44.96 4.22 44.28
CA ILE D 202 -45.83 3.47 45.17
C ILE D 202 -46.04 2.03 44.73
N ASN D 203 -46.33 1.81 43.44
CA ASN D 203 -46.86 0.56 42.87
C ASN D 203 -45.99 -0.67 43.14
N PRO D 204 -46.55 -1.70 43.77
CA PRO D 204 -45.75 -2.89 44.10
C PRO D 204 -45.62 -3.89 42.96
N LYS D 205 -45.88 -3.47 41.72
CA LYS D 205 -45.94 -4.42 40.59
C LYS D 205 -44.59 -5.07 40.31
N GLY D 206 -43.61 -4.28 39.87
CA GLY D 206 -42.32 -4.85 39.56
C GLY D 206 -41.73 -4.46 38.23
N SER D 207 -40.50 -3.92 38.27
CA SER D 207 -39.72 -3.49 37.11
C SER D 207 -40.46 -2.44 36.29
N PHE D 208 -41.23 -1.62 36.97
CA PHE D 208 -42.08 -0.61 36.33
C PHE D 208 -41.26 0.64 36.04
N PRO D 209 -41.40 1.24 34.87
CA PRO D 209 -40.78 2.56 34.68
C PRO D 209 -41.62 3.65 35.32
N ALA D 210 -41.19 4.12 36.48
CA ALA D 210 -41.88 5.22 37.15
C ALA D 210 -41.40 6.52 36.54
N ARG D 211 -42.31 7.21 35.83
CA ARG D 211 -41.92 8.39 35.04
C ARG D 211 -41.64 9.56 35.97
N TYR D 212 -40.47 9.50 36.61
CA TYR D 212 -40.09 10.42 37.69
C TYR D 212 -39.85 11.82 37.13
N ARG D 213 -40.67 12.77 37.56
CA ARG D 213 -40.61 14.14 37.05
C ARG D 213 -39.55 14.92 37.82
N TRP D 214 -38.38 15.05 37.20
CA TRP D 214 -37.39 16.01 37.65
C TRP D 214 -37.65 17.35 36.99
N ARG D 215 -36.91 18.38 37.44
CA ARG D 215 -36.86 19.74 36.89
C ARG D 215 -38.14 20.55 37.16
N GLY D 216 -39.17 19.92 37.73
CA GLY D 216 -40.42 20.60 37.98
C GLY D 216 -40.59 21.01 39.43
N ASP D 217 -41.57 21.91 39.64
CA ASP D 217 -41.98 22.49 40.92
C ASP D 217 -40.83 23.12 41.69
N PRO D 218 -40.30 24.27 41.27
CA PRO D 218 -39.15 24.85 41.97
C PRO D 218 -39.52 25.48 43.32
N GLU D 219 -39.17 24.79 44.40
CA GLU D 219 -39.33 25.30 45.76
C GLU D 219 -38.07 25.00 46.55
N ASP D 220 -37.67 25.94 47.40
CA ASP D 220 -36.37 25.89 48.05
C ASP D 220 -36.50 25.57 49.53
N GLY D 221 -35.52 24.83 50.06
CA GLY D 221 -35.34 24.60 51.47
C GLY D 221 -35.89 23.28 51.97
N VAL D 222 -37.03 22.83 51.46
CA VAL D 222 -37.78 21.75 52.09
C VAL D 222 -37.56 20.43 51.37
N GLU D 223 -37.99 20.35 50.10
CA GLU D 223 -37.92 19.12 49.34
C GLU D 223 -36.96 19.28 48.18
N PHE D 224 -36.13 18.26 47.97
CA PHE D 224 -35.06 18.26 46.99
C PHE D 224 -35.27 17.13 45.98
N PRO D 225 -34.99 17.35 44.70
CA PRO D 225 -35.09 16.28 43.72
C PRO D 225 -33.87 15.38 43.74
N LEU D 226 -33.83 14.46 42.78
CA LEU D 226 -32.71 13.54 42.65
C LEU D 226 -31.82 13.93 41.47
N ASP D 227 -30.52 13.70 41.63
CA ASP D 227 -29.60 13.84 40.53
C ASP D 227 -29.72 12.64 39.61
N TYR D 228 -29.75 12.89 38.30
CA TYR D 228 -29.88 11.81 37.33
C TYR D 228 -28.54 11.23 36.90
N ASN D 229 -27.48 11.48 37.68
CA ASN D 229 -26.15 10.98 37.40
C ASN D 229 -25.73 9.87 38.34
N TYR D 230 -26.66 9.03 38.77
CA TYR D 230 -26.37 7.94 39.69
C TYR D 230 -26.97 6.66 39.17
N SER D 231 -26.22 5.56 39.33
CA SER D 231 -26.63 4.27 38.78
C SER D 231 -27.46 3.46 39.77
N ALA D 232 -27.55 3.90 41.01
CA ALA D 232 -28.38 3.25 42.01
C ALA D 232 -28.76 4.29 43.06
N PHE D 233 -29.83 4.01 43.77
CA PHE D 233 -30.32 4.90 44.82
C PHE D 233 -30.76 4.08 46.03
N PHE D 234 -30.40 4.54 47.21
CA PHE D 234 -30.77 3.93 48.48
C PHE D 234 -31.53 4.96 49.30
N LEU D 235 -32.85 4.95 49.23
CA LEU D 235 -33.64 5.92 49.97
C LEU D 235 -33.91 5.40 51.37
N VAL D 236 -33.24 6.00 52.35
CA VAL D 236 -33.32 5.59 53.75
C VAL D 236 -34.63 6.10 54.34
N ASP D 237 -35.42 5.18 54.87
CA ASP D 237 -36.67 5.52 55.54
C ASP D 237 -36.39 5.75 57.02
N ASP D 238 -36.71 6.96 57.49
CA ASP D 238 -36.59 7.30 58.90
C ASP D 238 -37.95 7.42 59.57
N GLY D 239 -39.01 7.63 58.81
CA GLY D 239 -40.32 7.92 59.37
C GLY D 239 -40.50 9.34 59.84
N THR D 240 -39.50 10.20 59.65
CA THR D 240 -39.52 11.54 60.22
C THR D 240 -40.17 12.57 59.29
N TYR D 241 -39.95 12.43 57.97
CA TYR D 241 -40.65 13.17 56.92
C TYR D 241 -40.46 14.68 57.06
N GLY D 242 -39.22 15.11 56.89
CA GLY D 242 -38.96 16.53 56.82
C GLY D 242 -37.70 16.99 57.51
N ARG D 243 -37.19 16.19 58.44
CA ARG D 243 -35.98 16.56 59.15
C ARG D 243 -34.74 16.24 58.31
N LEU D 244 -33.57 16.43 58.94
CA LEU D 244 -32.31 16.30 58.20
C LEU D 244 -31.96 14.85 57.92
N GLY D 245 -32.17 13.97 58.89
CA GLY D 245 -31.94 12.55 58.67
C GLY D 245 -31.02 11.89 59.66
N GLY D 246 -31.41 10.72 60.16
CA GLY D 246 -30.58 9.90 61.02
C GLY D 246 -29.87 8.83 60.22
N GLU D 247 -29.37 9.22 59.06
CA GLU D 247 -28.84 8.33 58.04
C GLU D 247 -27.40 7.90 58.33
N ASN D 248 -26.71 8.63 59.21
CA ASN D 248 -25.28 8.40 59.51
C ASN D 248 -25.03 7.02 60.10
N ARG D 249 -26.03 6.43 60.75
CA ARG D 249 -25.86 5.11 61.37
C ARG D 249 -25.76 4.02 60.30
N PHE D 250 -26.77 3.92 59.43
CA PHE D 250 -26.75 2.93 58.36
C PHE D 250 -25.70 3.25 57.30
N ARG D 251 -25.34 4.52 57.14
CA ARG D 251 -24.22 4.88 56.28
C ARG D 251 -22.92 4.27 56.78
N LEU D 252 -22.68 4.34 58.09
CA LEU D 252 -21.47 3.77 58.65
C LEU D 252 -21.53 2.24 58.68
N ARG D 253 -22.71 1.67 58.90
CA ARG D 253 -22.83 0.21 58.88
C ARG D 253 -22.63 -0.35 57.48
N PHE D 254 -23.03 0.41 56.46
CA PHE D 254 -22.87 -0.04 55.09
C PHE D 254 -21.42 0.02 54.66
N GLU D 255 -20.73 1.11 55.00
CA GLU D 255 -19.35 1.27 54.59
C GLU D 255 -18.41 0.37 55.40
N SER D 256 -18.78 0.07 56.65
CA SER D 256 -18.00 -0.92 57.40
C SER D 256 -18.20 -2.31 56.84
N TYR D 257 -19.43 -2.63 56.41
CA TYR D 257 -19.69 -3.96 55.90
C TYR D 257 -19.03 -4.21 54.55
N VAL D 258 -18.91 -3.16 53.72
CA VAL D 258 -18.13 -3.29 52.50
C VAL D 258 -16.65 -3.42 52.83
N ALA D 259 -16.20 -2.78 53.91
CA ALA D 259 -14.83 -2.98 54.37
C ALA D 259 -14.59 -4.38 54.93
N GLN D 260 -15.63 -5.16 55.20
CA GLN D 260 -15.45 -6.54 55.64
C GLN D 260 -15.08 -7.47 54.49
N GLN D 261 -15.56 -7.17 53.30
CA GLN D 261 -15.59 -8.16 52.23
C GLN D 261 -14.30 -8.16 51.42
N LYS D 262 -14.06 -9.28 50.73
CA LYS D 262 -12.80 -9.59 50.08
C LYS D 262 -12.90 -9.36 48.58
N THR D 263 -11.81 -8.90 48.00
CA THR D 263 -11.73 -8.60 46.58
C THR D 263 -11.49 -9.88 45.80
N GLY D 264 -12.23 -10.08 44.72
CA GLY D 264 -11.94 -11.19 43.83
C GLY D 264 -13.22 -11.83 43.35
N VAL D 265 -13.07 -13.03 42.80
CA VAL D 265 -14.22 -13.76 42.28
C VAL D 265 -14.95 -14.47 43.41
N GLY D 266 -14.28 -15.41 44.07
CA GLY D 266 -14.83 -16.07 45.23
C GLY D 266 -14.20 -15.50 46.49
N GLY D 267 -14.06 -14.19 46.54
CA GLY D 267 -13.23 -13.58 47.56
C GLY D 267 -11.78 -13.84 47.24
N THR D 268 -11.05 -14.42 48.21
CA THR D 268 -9.66 -14.88 48.07
C THR D 268 -8.74 -13.73 47.64
N GLY D 269 -8.95 -12.56 48.22
CA GLY D 269 -8.06 -11.45 48.01
C GLY D 269 -8.00 -10.59 49.25
N ILE D 270 -7.41 -9.40 49.15
CA ILE D 270 -7.36 -8.52 50.31
C ILE D 270 -8.72 -7.84 50.40
N ASP D 271 -9.00 -7.21 51.53
CA ASP D 271 -10.30 -6.59 51.72
C ASP D 271 -10.41 -5.29 50.94
N ILE D 272 -11.65 -4.94 50.60
CA ILE D 272 -11.97 -3.79 49.78
C ILE D 272 -11.65 -2.52 50.56
N PRO D 273 -10.67 -1.72 50.13
CA PRO D 273 -10.28 -0.56 50.92
C PRO D 273 -11.30 0.56 50.83
N VAL D 274 -11.62 1.14 51.97
CA VAL D 274 -12.66 2.15 52.10
C VAL D 274 -12.00 3.45 52.56
N LEU D 275 -12.20 4.51 51.80
CA LEU D 275 -11.63 5.81 52.10
C LEU D 275 -12.77 6.82 52.19
N LEU D 276 -12.54 7.90 52.94
CA LEU D 276 -13.47 9.02 53.00
C LEU D 276 -12.80 10.26 52.43
N LEU D 277 -13.57 11.07 51.72
CA LEU D 277 -13.07 12.33 51.19
C LEU D 277 -13.88 13.46 51.80
N LEU D 278 -13.20 14.40 52.42
CA LEU D 278 -13.85 15.49 53.11
C LEU D 278 -13.69 16.80 52.36
N ILE D 279 -14.77 17.56 52.32
CA ILE D 279 -14.80 18.95 51.86
C ILE D 279 -15.28 19.69 53.11
N ASP D 280 -15.54 21.00 52.99
CA ASP D 280 -15.46 21.93 54.13
C ASP D 280 -16.46 21.61 55.22
N GLY D 281 -17.76 21.64 54.90
CA GLY D 281 -18.76 21.07 55.79
C GLY D 281 -19.11 21.91 57.02
N ASP D 282 -19.64 21.22 58.02
CA ASP D 282 -20.29 21.84 59.18
C ASP D 282 -19.85 21.08 60.43
N GLU D 283 -20.53 21.32 61.55
CA GLU D 283 -20.20 20.63 62.79
C GLU D 283 -20.68 19.18 62.77
N LYS D 284 -21.85 18.94 62.17
CA LYS D 284 -22.34 17.57 62.00
C LYS D 284 -21.45 16.75 61.08
N MET D 285 -20.70 17.41 60.19
CA MET D 285 -19.66 16.73 59.44
C MET D 285 -18.54 16.26 60.36
N LEU D 286 -18.16 17.08 61.35
CA LEU D 286 -17.14 16.66 62.30
C LEU D 286 -17.60 15.51 63.19
N LYS D 287 -18.89 15.49 63.54
CA LYS D 287 -19.41 14.32 64.25
C LYS D 287 -19.50 13.12 63.34
N ARG D 288 -19.70 13.34 62.04
CA ARG D 288 -19.64 12.28 61.06
C ARG D 288 -18.20 11.76 60.89
N ILE D 289 -17.21 12.64 61.07
CA ILE D 289 -15.80 12.22 61.02
C ILE D 289 -15.50 11.25 62.15
N GLU D 290 -15.81 11.65 63.38
CA GLU D 290 -15.40 10.83 64.51
C GLU D 290 -16.22 9.55 64.63
N ASP D 291 -17.49 9.59 64.23
CA ASP D 291 -18.26 8.36 64.11
C ASP D 291 -17.68 7.43 63.05
N ALA D 292 -17.08 7.98 62.00
CA ALA D 292 -16.48 7.13 60.97
C ALA D 292 -15.18 6.51 61.45
N THR D 293 -14.29 7.32 62.05
CA THR D 293 -12.97 6.81 62.40
C THR D 293 -12.98 5.94 63.65
N GLN D 294 -14.08 5.90 64.40
CA GLN D 294 -14.19 4.88 65.46
C GLN D 294 -14.29 3.47 64.90
N ALA D 295 -14.75 3.32 63.65
CA ALA D 295 -14.91 2.01 63.04
C ALA D 295 -13.79 1.66 62.08
N GLN D 296 -12.61 2.26 62.23
CA GLN D 296 -11.39 1.97 61.46
C GLN D 296 -11.62 2.16 59.95
N LEU D 297 -11.89 3.40 59.56
CA LEU D 297 -12.00 3.78 58.17
C LEU D 297 -11.12 4.99 57.91
N PRO D 298 -10.09 4.88 57.08
CA PRO D 298 -9.20 6.02 56.83
C PRO D 298 -9.90 7.09 56.00
N CYS D 299 -9.25 8.24 55.92
CA CYS D 299 -9.84 9.42 55.31
C CYS D 299 -8.79 10.24 54.59
N LEU D 300 -9.24 11.34 53.98
CA LEU D 300 -8.35 12.24 53.27
C LEU D 300 -8.99 13.62 53.25
N LEU D 301 -8.14 14.65 53.22
CA LEU D 301 -8.56 16.02 53.46
C LEU D 301 -8.28 16.88 52.24
N VAL D 302 -9.06 17.94 52.07
CA VAL D 302 -8.76 18.98 51.10
C VAL D 302 -8.25 20.19 51.86
N ALA D 303 -7.81 21.21 51.12
CA ALA D 303 -7.44 22.48 51.69
C ALA D 303 -8.35 23.62 51.28
N GLY D 304 -9.65 23.39 51.14
CA GLY D 304 -10.54 24.47 50.77
C GLY D 304 -10.74 25.49 51.88
N SER D 305 -11.50 25.12 52.90
CA SER D 305 -11.83 25.98 54.03
C SER D 305 -12.48 25.10 55.10
N GLY D 306 -13.06 25.73 56.12
CA GLY D 306 -13.94 25.03 57.04
C GLY D 306 -13.22 24.08 57.96
N GLY D 307 -13.91 22.98 58.29
CA GLY D 307 -13.36 21.98 59.17
C GLY D 307 -12.18 21.22 58.58
N ALA D 308 -12.10 21.19 57.24
CA ALA D 308 -10.98 20.53 56.58
C ALA D 308 -9.69 21.28 56.82
N ALA D 309 -9.68 22.59 56.52
CA ALA D 309 -8.52 23.42 56.81
C ALA D 309 -8.30 23.61 58.30
N ASP D 310 -9.36 23.50 59.11
CA ASP D 310 -9.23 23.48 60.55
C ASP D 310 -8.40 22.29 61.01
N CYS D 311 -8.69 21.11 60.46
CA CYS D 311 -7.93 19.92 60.85
C CYS D 311 -6.53 19.92 60.22
N LEU D 312 -6.34 20.64 59.11
CA LEU D 312 -5.01 20.72 58.53
C LEU D 312 -4.06 21.52 59.42
N VAL D 313 -4.50 22.70 59.87
CA VAL D 313 -3.66 23.49 60.77
C VAL D 313 -3.59 22.82 62.14
N GLU D 314 -4.61 22.00 62.49
CA GLU D 314 -4.53 21.16 63.67
C GLU D 314 -3.43 20.11 63.55
N THR D 315 -3.16 19.62 62.34
CA THR D 315 -2.06 18.69 62.16
C THR D 315 -0.77 19.37 61.74
N LEU D 316 -0.79 20.67 61.47
CA LEU D 316 0.46 21.39 61.24
C LEU D 316 1.10 21.89 62.52
N GLU D 317 0.48 21.62 63.66
CA GLU D 317 1.04 22.00 64.96
C GLU D 317 1.15 20.80 65.88
N GLU D 331 -6.79 27.39 74.91
CA GLU D 331 -5.69 28.18 74.38
C GLU D 331 -5.98 28.65 72.97
N ALA D 332 -4.91 28.81 72.18
CA ALA D 332 -5.06 29.21 70.78
C ALA D 332 -5.71 28.13 69.92
N ARG D 333 -5.70 26.88 70.37
CA ARG D 333 -6.44 25.83 69.69
C ARG D 333 -7.94 25.98 69.91
N ASP D 334 -8.33 26.33 71.14
CA ASP D 334 -9.71 26.78 71.39
C ASP D 334 -10.05 28.02 70.57
N ARG D 335 -9.07 28.91 70.36
CA ARG D 335 -9.31 30.10 69.55
C ARG D 335 -9.51 29.77 68.07
N ILE D 336 -8.75 28.80 67.55
CA ILE D 336 -8.95 28.36 66.16
C ILE D 336 -10.33 27.74 65.99
N ARG D 337 -10.80 27.03 67.02
CA ARG D 337 -12.19 26.57 67.05
C ARG D 337 -13.19 27.72 67.02
N ARG D 338 -12.84 28.88 67.60
CA ARG D 338 -13.80 29.95 67.80
C ARG D 338 -14.12 30.76 66.55
N TYR D 339 -13.55 30.43 65.38
CA TYR D 339 -13.94 31.21 64.22
C TYR D 339 -14.23 30.40 62.96
N PHE D 340 -14.04 29.08 62.93
CA PHE D 340 -14.50 28.39 61.74
C PHE D 340 -16.01 28.08 61.80
N PRO D 341 -16.58 27.47 62.90
CA PRO D 341 -18.05 27.37 62.92
C PRO D 341 -18.71 28.56 63.60
N LYS D 342 -17.96 29.25 64.45
CA LYS D 342 -18.45 30.26 65.40
C LYS D 342 -19.57 29.67 66.28
N GLY D 343 -19.17 28.72 67.13
CA GLY D 343 -20.06 28.22 68.15
C GLY D 343 -19.62 26.95 68.83
N ASP D 344 -19.97 26.81 70.12
CA ASP D 344 -19.84 25.62 70.96
C ASP D 344 -18.42 25.06 70.99
N PRO D 345 -17.47 25.74 71.64
CA PRO D 345 -16.05 25.38 71.47
C PRO D 345 -15.58 24.10 72.16
N GLU D 346 -16.06 23.81 73.36
CA GLU D 346 -15.38 22.83 74.21
C GLU D 346 -15.79 21.39 73.91
N VAL D 347 -17.04 21.14 73.54
CA VAL D 347 -17.45 19.80 73.12
C VAL D 347 -16.74 19.42 71.83
N LEU D 348 -16.62 20.38 70.92
CA LEU D 348 -15.86 20.16 69.69
C LEU D 348 -14.37 20.07 69.98
N GLN D 349 -13.89 20.72 71.04
CA GLN D 349 -12.52 20.52 71.47
C GLN D 349 -12.30 19.09 71.97
N ALA D 350 -13.33 18.47 72.56
CA ALA D 350 -13.26 17.05 72.86
C ALA D 350 -13.27 16.21 71.60
N GLN D 351 -13.79 16.74 70.49
CA GLN D 351 -13.72 16.01 69.23
C GLN D 351 -12.37 16.20 68.55
N VAL D 352 -11.70 17.32 68.81
CA VAL D 352 -10.30 17.45 68.42
C VAL D 352 -9.44 16.52 69.26
N GLU D 353 -9.84 16.30 70.52
CA GLU D 353 -9.21 15.28 71.34
C GLU D 353 -9.34 13.89 70.72
N ARG D 354 -10.53 13.59 70.18
CA ARG D 354 -10.72 12.29 69.53
C ARG D 354 -9.96 12.20 68.21
N ILE D 355 -9.75 13.34 67.53
CA ILE D 355 -8.86 13.40 66.38
C ILE D 355 -7.45 12.97 66.77
N MET D 356 -6.97 13.45 67.90
CA MET D 356 -5.65 13.04 68.36
C MET D 356 -5.65 11.66 69.02
N THR D 357 -6.82 11.07 69.31
CA THR D 357 -6.82 9.67 69.70
C THR D 357 -6.49 8.77 68.52
N ARG D 358 -6.96 9.11 67.32
CA ARG D 358 -6.61 8.28 66.17
C ARG D 358 -5.24 8.65 65.60
N LYS D 359 -5.10 9.88 65.09
CA LYS D 359 -3.83 10.56 64.78
C LYS D 359 -3.10 9.96 63.56
N GLU D 360 -3.54 8.80 63.08
CA GLU D 360 -2.84 8.11 62.00
C GLU D 360 -3.72 7.80 60.80
N LEU D 361 -5.02 8.03 60.90
CA LEU D 361 -5.93 7.86 59.77
C LEU D 361 -6.21 9.17 59.05
N LEU D 362 -5.28 10.12 59.09
CA LEU D 362 -5.50 11.46 58.56
C LEU D 362 -4.35 11.83 57.63
N THR D 363 -4.68 12.19 56.40
CA THR D 363 -3.70 12.51 55.37
C THR D 363 -3.95 13.90 54.81
N VAL D 364 -2.90 14.47 54.22
CA VAL D 364 -2.93 15.84 53.69
C VAL D 364 -2.67 15.78 52.19
N TYR D 365 -3.62 16.31 51.41
CA TYR D 365 -3.53 16.26 49.96
C TYR D 365 -2.80 17.44 49.34
N SER D 366 -2.88 18.63 49.95
CA SER D 366 -2.57 19.85 49.23
C SER D 366 -1.06 20.05 49.03
N SER D 367 -0.24 19.26 49.72
CA SER D 367 1.21 19.39 49.56
C SER D 367 1.67 18.93 48.18
N GLU D 368 1.07 17.87 47.65
CA GLU D 368 1.41 17.36 46.33
C GLU D 368 0.13 17.17 45.55
N ASP D 369 -0.01 17.87 44.42
CA ASP D 369 -1.19 17.83 43.59
C ASP D 369 -0.78 17.42 42.17
N GLY D 370 -1.64 16.67 41.51
CA GLY D 370 -1.33 16.19 40.17
C GLY D 370 -2.48 15.39 39.62
N SER D 371 -2.27 14.85 38.42
CA SER D 371 -3.32 14.09 37.74
C SER D 371 -3.45 12.69 38.32
N GLU D 372 -2.42 11.87 38.12
CA GLU D 372 -2.42 10.50 38.64
C GLU D 372 -1.72 10.40 39.98
N GLU D 373 -1.35 11.53 40.57
CA GLU D 373 -0.81 11.56 41.92
C GLU D 373 -1.86 11.16 42.94
N PHE D 374 -3.15 11.30 42.60
CA PHE D 374 -4.26 11.01 43.50
C PHE D 374 -4.28 9.55 43.93
N GLU D 375 -4.14 8.62 42.98
CA GLU D 375 -4.17 7.20 43.31
C GLU D 375 -2.98 6.78 44.16
N THR D 376 -1.82 7.35 43.90
CA THR D 376 -0.64 7.04 44.71
C THR D 376 -0.78 7.60 46.12
N ILE D 377 -1.50 8.72 46.27
CA ILE D 377 -1.79 9.25 47.59
C ILE D 377 -2.77 8.34 48.33
N VAL D 378 -3.70 7.71 47.60
CA VAL D 378 -4.63 6.77 48.21
C VAL D 378 -3.90 5.53 48.72
N LEU D 379 -2.93 5.05 47.94
CA LEU D 379 -2.14 3.89 48.38
C LEU D 379 -1.28 4.23 49.58
N ARG D 380 -0.68 5.42 49.61
CA ARG D 380 0.09 5.83 50.77
C ARG D 380 -0.80 6.11 51.97
N ALA D 381 -2.08 6.43 51.73
CA ALA D 381 -3.04 6.50 52.82
C ALA D 381 -3.42 5.12 53.33
N LEU D 382 -3.16 4.07 52.54
CA LEU D 382 -3.31 2.72 53.05
C LEU D 382 -2.02 2.18 53.64
N VAL D 383 -0.88 2.75 53.27
CA VAL D 383 0.38 2.39 53.92
C VAL D 383 0.41 2.94 55.34
N LYS D 384 0.01 4.21 55.49
CA LYS D 384 0.05 4.84 56.80
C LYS D 384 -1.04 4.26 57.71
N ALA D 385 -2.16 3.84 57.14
CA ALA D 385 -3.25 3.29 57.93
C ALA D 385 -3.28 1.76 57.95
N CYS D 386 -2.13 1.10 57.90
CA CYS D 386 -2.13 -0.35 58.03
C CYS D 386 -2.14 -0.78 59.48
N GLY D 387 -1.44 -0.06 60.34
CA GLY D 387 -1.38 -0.43 61.74
C GLY D 387 -0.17 -1.25 62.11
N SER D 388 -0.32 -2.58 62.13
CA SER D 388 0.69 -3.44 62.75
C SER D 388 1.91 -3.62 61.85
N SER D 389 1.74 -4.28 60.71
CA SER D 389 2.90 -4.80 59.97
C SER D 389 3.14 -4.04 58.69
N GLU D 390 4.43 -3.78 58.41
CA GLU D 390 4.81 -3.19 57.13
C GLU D 390 4.88 -4.25 56.04
N ALA D 391 5.24 -5.49 56.41
CA ALA D 391 5.31 -6.57 55.44
C ALA D 391 3.92 -6.92 54.90
N SER D 392 2.91 -6.91 55.76
CA SER D 392 1.54 -7.06 55.28
C SER D 392 1.04 -5.78 54.63
N ALA D 393 1.66 -4.63 54.92
CA ALA D 393 1.27 -3.39 54.26
C ALA D 393 1.72 -3.40 52.80
N TYR D 394 2.98 -3.82 52.55
CA TYR D 394 3.43 -3.95 51.17
C TYR D 394 2.77 -5.14 50.48
N LEU D 395 2.42 -6.18 51.24
CA LEU D 395 1.61 -7.26 50.68
C LEU D 395 0.25 -6.76 50.24
N ASP D 396 -0.35 -5.88 51.05
CA ASP D 396 -1.59 -5.22 50.64
C ASP D 396 -1.38 -4.35 49.40
N GLU D 397 -0.26 -3.65 49.32
CA GLU D 397 -0.07 -2.70 48.22
C GLU D 397 0.21 -3.42 46.91
N LEU D 398 0.91 -4.55 46.97
CA LEU D 398 1.15 -5.32 45.76
C LEU D 398 -0.12 -6.00 45.27
N ARG D 399 -0.86 -6.64 46.19
CA ARG D 399 -2.09 -7.32 45.79
C ARG D 399 -3.19 -6.35 45.39
N LEU D 400 -3.13 -5.10 45.86
CA LEU D 400 -4.12 -4.13 45.42
C LEU D 400 -3.73 -3.49 44.10
N ALA D 401 -2.42 -3.36 43.83
CA ALA D 401 -2.00 -2.90 42.53
C ALA D 401 -2.34 -3.93 41.45
N VAL D 402 -2.29 -5.21 41.79
CA VAL D 402 -2.80 -6.23 40.89
C VAL D 402 -4.31 -6.14 40.77
N ALA D 403 -5.00 -5.90 41.89
CA ALA D 403 -6.45 -5.81 41.86
C ALA D 403 -6.95 -4.62 41.07
N TRP D 404 -6.23 -3.50 41.12
CA TRP D 404 -6.62 -2.33 40.36
C TRP D 404 -6.24 -2.42 38.90
N ASN D 405 -5.45 -3.43 38.52
CA ASN D 405 -4.98 -3.68 37.15
C ASN D 405 -4.22 -2.45 36.62
N ARG D 406 -3.25 -1.99 37.41
CA ARG D 406 -2.44 -0.84 37.04
C ARG D 406 -0.97 -1.18 37.27
N VAL D 407 -0.29 -1.61 36.20
CA VAL D 407 1.11 -2.01 36.27
C VAL D 407 2.00 -0.82 36.57
N ASP D 408 1.65 0.35 36.04
CA ASP D 408 2.51 1.52 36.05
C ASP D 408 2.75 2.09 37.43
N ILE D 409 1.94 1.68 38.41
CA ILE D 409 2.21 2.01 39.80
C ILE D 409 3.15 0.99 40.40
N ALA D 410 2.86 -0.30 40.20
CA ALA D 410 3.56 -1.37 40.90
C ALA D 410 4.98 -1.53 40.43
N GLN D 411 5.20 -1.43 39.11
CA GLN D 411 6.54 -1.54 38.55
C GLN D 411 7.43 -0.40 39.02
N SER D 412 6.87 0.80 39.09
CA SER D 412 7.64 2.01 39.27
C SER D 412 7.69 2.49 40.70
N GLU D 413 7.05 1.78 41.63
CA GLU D 413 7.12 2.15 43.03
C GLU D 413 7.45 1.00 43.97
N LEU D 414 7.27 -0.24 43.54
CA LEU D 414 7.44 -1.38 44.42
C LEU D 414 8.52 -2.34 43.99
N PHE D 415 9.25 -2.06 42.93
CA PHE D 415 10.35 -2.90 42.49
C PHE D 415 11.55 -2.05 42.11
N ARG D 416 11.72 -0.92 42.80
CA ARG D 416 12.93 -0.14 42.62
C ARG D 416 14.09 -0.75 43.38
N GLY D 417 13.81 -1.57 44.38
CA GLY D 417 14.86 -2.27 45.09
C GLY D 417 14.97 -1.89 46.54
N ASP D 418 14.10 -0.97 46.98
CA ASP D 418 14.09 -0.55 48.37
C ASP D 418 13.61 -1.65 49.30
N ILE D 419 12.66 -2.46 48.84
CA ILE D 419 12.07 -3.52 49.66
C ILE D 419 12.65 -4.84 49.18
N GLN D 420 13.27 -5.59 50.08
CA GLN D 420 13.67 -6.95 49.73
C GLN D 420 12.45 -7.85 49.86
N TRP D 421 11.88 -8.22 48.72
CA TRP D 421 10.68 -9.03 48.68
C TRP D 421 11.02 -10.50 48.90
N ARG D 422 10.25 -11.16 49.75
CA ARG D 422 10.40 -12.59 49.91
C ARG D 422 9.56 -13.31 48.86
N SER D 423 9.56 -14.64 48.92
CA SER D 423 8.98 -15.44 47.85
C SER D 423 7.46 -15.52 47.96
N PHE D 424 6.96 -15.87 49.16
CA PHE D 424 5.52 -16.07 49.31
C PHE D 424 4.75 -14.76 49.25
N HIS D 425 5.42 -13.63 49.46
CA HIS D 425 4.81 -12.33 49.15
C HIS D 425 4.52 -12.20 47.67
N LEU D 426 5.37 -12.76 46.82
CA LEU D 426 5.10 -12.74 45.40
C LEU D 426 4.12 -13.82 44.97
N GLU D 427 4.18 -14.99 45.61
CA GLU D 427 3.34 -16.12 45.19
C GLU D 427 1.88 -15.86 45.47
N ALA D 428 1.56 -15.18 46.57
CA ALA D 428 0.16 -14.88 46.86
C ALA D 428 -0.39 -13.87 45.87
N SER D 429 0.42 -12.88 45.49
CA SER D 429 0.02 -11.92 44.47
C SER D 429 -0.10 -12.55 43.09
N LEU D 430 0.71 -13.58 42.82
CA LEU D 430 0.62 -14.25 41.54
C LEU D 430 -0.65 -15.09 41.46
N MET D 431 -1.08 -15.66 42.57
CA MET D 431 -2.36 -16.35 42.61
C MET D 431 -3.52 -15.39 42.43
N ASP D 432 -3.40 -14.16 42.96
CA ASP D 432 -4.42 -13.16 42.69
C ASP D 432 -4.39 -12.73 41.23
N ALA D 433 -3.23 -12.80 40.58
CA ALA D 433 -3.10 -12.43 39.18
C ALA D 433 -3.49 -13.54 38.22
N LEU D 434 -3.52 -14.79 38.69
CA LEU D 434 -3.96 -15.89 37.84
C LEU D 434 -5.45 -16.16 37.94
N LEU D 435 -6.05 -15.94 39.11
CA LEU D 435 -7.49 -16.11 39.22
C LEU D 435 -8.24 -15.02 38.45
N ASN D 436 -7.77 -13.79 38.57
CA ASN D 436 -8.24 -12.73 37.70
C ASN D 436 -7.42 -12.75 36.42
N ASP D 437 -7.78 -11.89 35.46
CA ASP D 437 -7.20 -11.96 34.12
C ASP D 437 -6.28 -10.76 33.92
N ARG D 438 -5.02 -10.91 34.33
CA ARG D 438 -4.01 -9.88 34.17
C ARG D 438 -2.74 -10.51 33.59
N PRO D 439 -2.56 -10.50 32.28
CA PRO D 439 -1.32 -11.06 31.71
C PRO D 439 -0.09 -10.25 32.02
N GLU D 440 -0.24 -8.94 32.20
CA GLU D 440 0.92 -8.07 32.39
C GLU D 440 1.55 -8.28 33.76
N PHE D 441 0.74 -8.50 34.79
CA PHE D 441 1.28 -8.75 36.11
C PHE D 441 1.91 -10.14 36.20
N VAL D 442 1.39 -11.10 35.43
CA VAL D 442 2.00 -12.44 35.43
C VAL D 442 3.40 -12.38 34.85
N ARG D 443 3.57 -11.66 33.75
CA ARG D 443 4.89 -11.48 33.16
C ARG D 443 5.81 -10.71 34.09
N LEU D 444 5.26 -9.75 34.82
CA LEU D 444 6.07 -8.91 35.70
C LEU D 444 6.53 -9.68 36.93
N LEU D 445 5.70 -10.60 37.43
CA LEU D 445 6.07 -11.32 38.64
C LEU D 445 6.97 -12.51 38.37
N ILE D 446 6.82 -13.16 37.21
CA ILE D 446 7.74 -14.24 36.86
C ILE D 446 9.12 -13.67 36.54
N SER D 447 9.17 -12.43 36.05
CA SER D 447 10.44 -11.80 35.69
C SER D 447 11.34 -11.51 36.88
N HIS D 448 10.82 -11.59 38.11
CA HIS D 448 11.62 -11.32 39.31
C HIS D 448 12.13 -12.59 39.98
N GLY D 449 12.47 -13.61 39.20
CA GLY D 449 13.21 -14.74 39.73
C GLY D 449 12.41 -15.67 40.62
N LEU D 450 11.22 -16.02 40.19
CA LEU D 450 10.37 -16.94 40.93
C LEU D 450 10.46 -18.33 40.31
N SER D 451 10.33 -19.36 41.13
CA SER D 451 10.33 -20.74 40.66
C SER D 451 8.92 -21.30 40.77
N LEU D 452 8.46 -21.94 39.70
CA LEU D 452 7.15 -22.58 39.72
C LEU D 452 7.18 -23.97 40.32
N GLY D 453 8.36 -24.52 40.59
CA GLY D 453 8.44 -25.85 41.16
C GLY D 453 7.91 -25.92 42.58
N HIS D 454 7.95 -24.81 43.30
CA HIS D 454 7.28 -24.71 44.58
C HIS D 454 5.92 -24.04 44.47
N PHE D 455 5.63 -23.39 43.35
CA PHE D 455 4.40 -22.61 43.25
C PHE D 455 3.18 -23.51 43.07
N LEU D 456 3.15 -24.31 42.02
CA LEU D 456 1.93 -25.03 41.65
C LEU D 456 1.69 -26.22 42.57
N THR D 457 1.28 -25.90 43.79
CA THR D 457 0.71 -26.89 44.68
C THR D 457 -0.62 -27.36 44.10
N PRO D 458 -0.93 -28.67 44.20
CA PRO D 458 -2.25 -29.15 43.74
C PRO D 458 -3.44 -28.50 44.43
N VAL D 459 -3.24 -27.91 45.62
CA VAL D 459 -4.25 -27.04 46.20
C VAL D 459 -4.51 -25.84 45.29
N ARG D 460 -3.43 -25.15 44.88
CA ARG D 460 -3.57 -24.00 44.00
C ARG D 460 -4.05 -24.38 42.62
N LEU D 461 -3.69 -25.57 42.13
CA LEU D 461 -4.14 -26.00 40.82
C LEU D 461 -5.63 -26.28 40.81
N ALA D 462 -6.15 -26.89 41.89
CA ALA D 462 -7.58 -27.04 42.05
C ALA D 462 -8.27 -25.68 42.20
N GLN D 463 -7.59 -24.71 42.83
CA GLN D 463 -8.16 -23.38 42.92
C GLN D 463 -8.16 -22.67 41.57
N LEU D 464 -7.24 -23.00 40.67
CA LEU D 464 -7.25 -22.39 39.36
C LEU D 464 -8.43 -22.90 38.54
N TYR D 465 -8.78 -24.18 38.67
CA TYR D 465 -9.99 -24.64 38.01
C TYR D 465 -11.25 -24.34 38.79
N SER D 466 -11.14 -23.69 39.95
CA SER D 466 -12.33 -23.31 40.70
C SER D 466 -13.02 -22.10 40.09
N ALA D 467 -12.25 -21.08 39.69
CA ALA D 467 -12.82 -19.82 39.22
C ALA D 467 -13.28 -19.99 37.78
N VAL D 468 -14.44 -20.61 37.63
CA VAL D 468 -15.03 -20.90 36.33
C VAL D 468 -16.39 -20.23 36.27
N SER D 469 -16.68 -19.55 35.16
CA SER D 469 -17.93 -18.85 34.98
C SER D 469 -19.12 -19.81 34.99
N PRO D 470 -20.27 -19.39 35.51
CA PRO D 470 -21.41 -20.32 35.64
C PRO D 470 -22.00 -20.78 34.32
N ASN D 471 -22.13 -19.90 33.34
CA ASN D 471 -22.69 -20.27 32.04
C ASN D 471 -21.62 -20.54 31.00
N SER D 472 -20.49 -21.12 31.40
CA SER D 472 -19.42 -21.41 30.47
C SER D 472 -19.53 -22.85 29.96
N LEU D 473 -18.55 -23.24 29.15
CA LEU D 473 -18.53 -24.58 28.59
C LEU D 473 -17.81 -25.55 29.51
N ILE D 474 -16.67 -25.13 30.06
CA ILE D 474 -15.87 -25.96 30.95
C ILE D 474 -16.59 -26.25 32.26
N ARG D 475 -17.50 -25.36 32.67
CA ARG D 475 -18.36 -25.63 33.82
C ARG D 475 -19.22 -26.86 33.56
N ASN D 476 -19.80 -26.95 32.36
CA ASN D 476 -20.61 -28.12 32.02
C ASN D 476 -19.75 -29.36 31.82
N LEU D 477 -18.55 -29.20 31.27
CA LEU D 477 -17.71 -30.37 31.00
C LEU D 477 -17.14 -30.94 32.29
N LEU D 478 -16.78 -30.08 33.24
CA LEU D 478 -16.32 -30.57 34.53
C LEU D 478 -17.46 -31.13 35.37
N ASP D 479 -18.68 -30.63 35.20
CA ASP D 479 -19.79 -31.24 35.91
C ASP D 479 -20.17 -32.59 35.31
N GLN D 480 -19.83 -32.82 34.04
CA GLN D 480 -19.98 -34.16 33.49
C GLN D 480 -18.79 -35.05 33.78
N ALA D 481 -17.66 -34.49 34.20
CA ALA D 481 -16.58 -35.29 34.73
C ALA D 481 -16.80 -35.67 36.19
N SER D 482 -17.57 -34.86 36.93
CA SER D 482 -17.99 -35.22 38.27
C SER D 482 -19.07 -36.28 38.29
N HIS D 483 -19.66 -36.57 37.12
CA HIS D 483 -20.60 -37.67 36.99
C HIS D 483 -19.90 -39.01 37.14
N ALA D 484 -18.61 -39.07 36.81
CA ALA D 484 -17.80 -40.27 36.98
C ALA D 484 -16.54 -39.95 37.77
N PRO D 501 -9.64 -31.26 40.06
CA PRO D 501 -10.78 -32.17 39.91
C PRO D 501 -10.48 -33.36 39.00
N ASN D 502 -11.15 -33.43 37.85
CA ASN D 502 -11.03 -34.55 36.93
C ASN D 502 -10.70 -34.08 35.51
N VAL D 503 -9.65 -33.28 35.39
CA VAL D 503 -9.32 -32.63 34.11
C VAL D 503 -8.88 -33.65 33.07
N GLY D 504 -8.16 -34.69 33.49
CA GLY D 504 -7.69 -35.70 32.55
C GLY D 504 -8.81 -36.50 31.90
N GLN D 505 -9.95 -36.62 32.57
CA GLN D 505 -11.09 -37.26 31.95
C GLN D 505 -11.77 -36.33 30.95
N VAL D 506 -11.72 -35.02 31.20
CA VAL D 506 -12.27 -34.07 30.23
C VAL D 506 -11.42 -34.05 28.97
N LEU D 507 -10.10 -34.16 29.12
CA LEU D 507 -9.23 -34.29 27.97
C LEU D 507 -9.45 -35.61 27.25
N ARG D 508 -9.68 -36.69 27.99
CA ARG D 508 -9.88 -37.98 27.38
C ARG D 508 -11.19 -38.04 26.60
N THR D 509 -12.26 -37.47 27.15
CA THR D 509 -13.53 -37.48 26.44
C THR D 509 -13.55 -36.52 25.27
N LEU D 510 -12.80 -35.42 25.32
CA LEU D 510 -12.76 -34.52 24.17
C LEU D 510 -11.87 -35.05 23.06
N LEU D 511 -10.81 -35.79 23.41
CA LEU D 511 -9.78 -36.10 22.44
C LEU D 511 -9.55 -37.59 22.18
N GLY D 512 -9.91 -38.46 23.11
CA GLY D 512 -9.81 -39.89 22.86
C GLY D 512 -8.75 -40.59 23.68
N GLU D 513 -8.47 -41.83 23.27
CA GLU D 513 -7.43 -42.63 23.94
C GLU D 513 -6.06 -42.07 23.63
N THR D 514 -5.76 -41.87 22.35
CA THR D 514 -4.60 -41.09 21.98
C THR D 514 -4.93 -39.61 22.04
N CYS D 515 -3.91 -38.79 21.78
CA CYS D 515 -4.00 -37.33 21.65
C CYS D 515 -4.56 -36.65 22.91
N ALA D 516 -4.41 -37.27 24.07
CA ALA D 516 -4.95 -36.73 25.29
C ALA D 516 -3.86 -36.75 26.35
N PRO D 517 -3.61 -35.62 27.02
CA PRO D 517 -2.64 -35.61 28.11
C PRO D 517 -3.17 -36.32 29.34
N ARG D 518 -2.27 -36.51 30.31
CA ARG D 518 -2.60 -37.30 31.49
C ARG D 518 -3.37 -36.49 32.51
N TYR D 519 -2.76 -35.41 33.01
CA TYR D 519 -3.38 -34.57 34.02
C TYR D 519 -2.79 -33.16 33.99
N ALA D 557 7.59 -29.01 33.11
CA ALA D 557 6.50 -29.64 33.85
C ALA D 557 5.41 -28.69 34.43
N PRO D 558 5.75 -27.50 34.99
CA PRO D 558 4.65 -26.62 35.40
C PRO D 558 4.01 -25.91 34.22
N TRP D 559 4.82 -25.57 33.21
CA TRP D 559 4.34 -24.75 32.11
C TRP D 559 3.36 -25.50 31.24
N SER D 560 3.43 -26.83 31.22
CA SER D 560 2.46 -27.60 30.46
C SER D 560 1.10 -27.57 31.14
N ASP D 561 1.09 -27.59 32.47
CA ASP D 561 -0.19 -27.55 33.20
C ASP D 561 -0.81 -26.17 33.11
N LEU D 562 0.01 -25.13 33.09
CA LEU D 562 -0.54 -23.79 32.92
C LEU D 562 -0.99 -23.54 31.48
N LEU D 563 -0.36 -24.17 30.50
CA LEU D 563 -0.79 -24.01 29.11
C LEU D 563 -2.14 -24.65 28.89
N ILE D 564 -2.32 -25.88 29.41
CA ILE D 564 -3.60 -26.54 29.27
C ILE D 564 -4.66 -25.81 30.06
N TRP D 565 -4.28 -25.21 31.19
CA TRP D 565 -5.19 -24.37 31.97
C TRP D 565 -5.71 -23.18 31.16
N ALA D 566 -4.81 -22.49 30.47
CA ALA D 566 -5.22 -21.30 29.73
C ALA D 566 -6.06 -21.64 28.52
N LEU D 567 -5.81 -22.79 27.89
CA LEU D 567 -6.63 -23.18 26.75
C LEU D 567 -8.02 -23.59 27.16
N LEU D 568 -8.14 -24.34 28.26
CA LEU D 568 -9.43 -24.81 28.73
C LEU D 568 -10.34 -23.68 29.20
N LEU D 569 -9.79 -22.57 29.68
CA LEU D 569 -10.61 -21.44 30.12
C LEU D 569 -10.68 -20.30 29.12
N ASN D 570 -10.07 -20.46 27.94
CA ASN D 570 -10.12 -19.51 26.83
C ASN D 570 -9.55 -18.14 27.21
N ARG D 571 -8.25 -18.12 27.51
CA ARG D 571 -7.53 -16.89 27.80
C ARG D 571 -6.38 -16.74 26.81
N ALA D 572 -6.30 -15.56 26.17
CA ALA D 572 -5.48 -15.43 24.97
C ALA D 572 -4.00 -15.21 25.29
N GLN D 573 -3.67 -14.08 25.92
CA GLN D 573 -2.26 -13.77 26.14
C GLN D 573 -1.67 -14.64 27.24
N MET D 574 -2.51 -15.23 28.07
CA MET D 574 -2.03 -16.22 29.03
C MET D 574 -1.50 -17.45 28.32
N ALA D 575 -2.23 -17.93 27.30
CA ALA D 575 -1.79 -19.11 26.56
C ALA D 575 -0.57 -18.82 25.70
N ILE D 576 -0.50 -17.64 25.11
CA ILE D 576 0.66 -17.30 24.27
C ILE D 576 1.91 -17.17 25.12
N TYR D 577 1.79 -16.56 26.30
CA TYR D 577 2.95 -16.43 27.18
C TYR D 577 3.41 -17.77 27.71
N PHE D 578 2.48 -18.64 28.10
CA PHE D 578 2.86 -19.94 28.63
C PHE D 578 3.43 -20.84 27.55
N TRP D 579 3.06 -20.61 26.29
CA TRP D 579 3.71 -21.33 25.21
C TRP D 579 5.13 -20.84 24.99
N GLU D 580 5.36 -19.54 25.19
CA GLU D 580 6.69 -18.99 24.96
C GLU D 580 7.67 -19.43 26.03
N LYS D 581 7.22 -19.64 27.25
CA LYS D 581 8.13 -20.06 28.32
C LYS D 581 8.34 -21.56 28.36
N GLY D 582 7.38 -22.36 27.94
CA GLY D 582 7.49 -23.80 28.05
C GLY D 582 8.41 -24.42 27.03
N SER D 583 8.41 -25.74 27.02
CA SER D 583 9.28 -26.54 26.16
C SER D 583 8.43 -27.53 25.36
N ASN D 584 9.11 -28.24 24.44
CA ASN D 584 8.50 -29.17 23.48
C ASN D 584 7.41 -28.45 22.67
N SER D 585 7.88 -27.51 21.85
CA SER D 585 7.05 -26.41 21.39
C SER D 585 6.16 -26.73 20.21
N VAL D 586 6.64 -27.48 19.22
CA VAL D 586 5.89 -27.65 17.98
C VAL D 586 4.68 -28.54 18.20
N ALA D 587 4.86 -29.65 18.91
CA ALA D 587 3.73 -30.52 19.21
C ALA D 587 2.73 -29.86 20.14
N SER D 588 3.19 -28.98 21.02
CA SER D 588 2.27 -28.28 21.88
C SER D 588 1.47 -27.23 21.12
N ALA D 589 2.04 -26.67 20.06
CA ALA D 589 1.29 -25.70 19.27
C ALA D 589 0.22 -26.37 18.42
N LEU D 590 0.55 -27.51 17.81
CA LEU D 590 -0.46 -28.22 17.03
C LEU D 590 -1.53 -28.83 17.93
N GLY D 591 -1.13 -29.32 19.10
CA GLY D 591 -2.13 -29.83 20.04
C GLY D 591 -2.99 -28.73 20.62
N ALA D 592 -2.46 -27.51 20.70
CA ALA D 592 -3.28 -26.38 21.11
C ALA D 592 -4.33 -26.06 20.08
N CYS D 593 -3.95 -26.07 18.80
CA CYS D 593 -4.90 -25.82 17.72
C CYS D 593 -5.97 -26.90 17.65
N LEU D 594 -5.59 -28.14 17.98
CA LEU D 594 -6.55 -29.24 18.01
C LEU D 594 -7.60 -29.03 19.09
N LEU D 595 -7.17 -28.74 20.31
CA LEU D 595 -8.10 -28.61 21.43
C LEU D 595 -9.01 -27.40 21.25
N LEU D 596 -8.50 -26.32 20.67
CA LEU D 596 -9.31 -25.14 20.46
C LEU D 596 -10.38 -25.35 19.39
N ARG D 597 -10.06 -26.05 18.31
CA ARG D 597 -11.08 -26.23 17.28
C ARG D 597 -12.10 -27.28 17.67
N VAL D 598 -11.73 -28.23 18.52
CA VAL D 598 -12.73 -29.17 19.05
C VAL D 598 -13.73 -28.44 19.94
N MET D 599 -13.25 -27.55 20.80
CA MET D 599 -14.17 -26.78 21.63
C MET D 599 -14.96 -25.77 20.83
N ALA D 600 -14.39 -25.31 19.72
CA ALA D 600 -15.09 -24.33 18.89
C ALA D 600 -16.32 -24.92 18.22
N ARG D 601 -16.28 -26.23 17.90
CA ARG D 601 -17.49 -26.87 17.42
C ARG D 601 -18.49 -27.09 18.54
N LEU D 602 -17.98 -27.56 19.68
CA LEU D 602 -18.82 -27.82 20.84
C LEU D 602 -18.95 -26.53 21.65
N GLU D 603 -19.62 -25.55 21.07
CA GLU D 603 -19.82 -24.28 21.73
C GLU D 603 -21.24 -23.80 21.46
N SER D 604 -21.80 -23.06 22.41
CA SER D 604 -23.15 -22.54 22.24
C SER D 604 -23.17 -21.13 21.67
N GLU D 605 -22.33 -20.24 22.16
CA GLU D 605 -22.43 -18.84 21.82
C GLU D 605 -21.49 -18.47 20.67
N ALA D 606 -22.00 -17.64 19.75
CA ALA D 606 -21.26 -17.31 18.54
C ALA D 606 -20.08 -16.37 18.80
N GLU D 607 -20.13 -15.57 19.86
CA GLU D 607 -18.99 -14.71 20.18
C GLU D 607 -17.82 -15.53 20.69
N GLU D 608 -18.08 -16.50 21.57
CA GLU D 608 -17.00 -17.31 22.10
C GLU D 608 -16.55 -18.37 21.11
N ALA D 609 -17.44 -18.82 20.21
CA ALA D 609 -17.01 -19.71 19.15
C ALA D 609 -16.08 -18.99 18.18
N ALA D 610 -16.37 -17.74 17.87
CA ALA D 610 -15.47 -16.94 17.05
C ALA D 610 -14.16 -16.67 17.76
N ARG D 611 -14.20 -16.52 19.09
CA ARG D 611 -12.99 -16.22 19.84
C ARG D 611 -12.06 -17.43 19.87
N ARG D 612 -12.62 -18.64 19.95
CA ARG D 612 -11.79 -19.83 19.97
C ARG D 612 -11.15 -20.11 18.61
N LYS D 613 -11.88 -19.88 17.52
CA LYS D 613 -11.29 -20.14 16.21
C LYS D 613 -10.17 -19.14 15.89
N ASP D 614 -10.30 -17.89 16.36
CA ASP D 614 -9.23 -16.93 16.13
C ASP D 614 -7.98 -17.29 16.91
N LEU D 615 -8.14 -17.75 18.15
CA LEU D 615 -6.97 -18.10 18.95
C LEU D 615 -6.33 -19.38 18.45
N ALA D 616 -7.13 -20.26 17.84
CA ALA D 616 -6.59 -21.45 17.21
C ALA D 616 -5.74 -21.11 15.99
N ALA D 617 -6.17 -20.13 15.20
CA ALA D 617 -5.37 -19.71 14.05
C ALA D 617 -4.08 -19.04 14.46
N THR D 618 -4.04 -18.41 15.64
CA THR D 618 -2.78 -17.87 16.15
C THR D 618 -1.79 -18.98 16.46
N PHE D 619 -2.24 -20.07 17.08
CA PHE D 619 -1.32 -21.16 17.39
C PHE D 619 -0.88 -21.94 16.17
N GLU D 620 -1.74 -22.04 15.14
CA GLU D 620 -1.30 -22.68 13.90
C GLU D 620 -0.20 -21.88 13.23
N SER D 621 -0.32 -20.55 13.26
CA SER D 621 0.69 -19.70 12.63
C SER D 621 2.02 -19.76 13.35
N MET D 622 2.02 -19.91 14.68
CA MET D 622 3.29 -19.95 15.40
C MET D 622 4.02 -21.27 15.18
N SER D 623 3.28 -22.37 15.01
CA SER D 623 3.96 -23.62 14.67
C SER D 623 4.55 -23.57 13.28
N VAL D 624 3.91 -22.87 12.35
CA VAL D 624 4.45 -22.71 10.99
C VAL D 624 5.76 -21.95 11.01
N ASP D 625 5.81 -20.85 11.78
CA ASP D 625 7.01 -20.01 11.77
C ASP D 625 8.18 -20.68 12.47
N LEU D 626 7.91 -21.33 13.60
CA LEU D 626 8.97 -22.02 14.34
C LEU D 626 9.56 -23.17 13.55
N PHE D 627 8.72 -24.01 12.95
CA PHE D 627 9.24 -25.10 12.14
C PHE D 627 9.93 -24.60 10.89
N GLY D 628 9.59 -23.40 10.44
CA GLY D 628 10.35 -22.77 9.37
C GLY D 628 11.81 -22.59 9.72
N GLU D 629 12.10 -21.97 10.87
CA GLU D 629 13.50 -21.72 11.22
C GLU D 629 14.24 -23.00 11.60
N CYS D 630 13.56 -23.95 12.26
CA CYS D 630 14.17 -25.24 12.54
C CYS D 630 14.46 -26.04 11.27
N TYR D 631 13.77 -25.73 10.17
CA TYR D 631 14.09 -26.39 8.92
C TYR D 631 15.22 -25.69 8.18
N HIS D 632 15.34 -24.37 8.33
CA HIS D 632 16.41 -23.66 7.64
C HIS D 632 17.76 -23.90 8.28
N ASN D 633 17.82 -24.32 9.55
CA ASN D 633 19.11 -24.75 10.08
C ASN D 633 19.49 -26.11 9.52
N SER D 634 18.71 -27.14 9.81
CA SER D 634 19.01 -28.49 9.36
C SER D 634 17.75 -29.10 8.78
N GLU D 635 17.92 -30.08 7.91
CA GLU D 635 16.79 -30.85 7.40
C GLU D 635 16.66 -32.19 8.09
N GLU D 636 17.77 -32.88 8.34
CA GLU D 636 17.72 -34.20 8.95
C GLU D 636 17.32 -34.11 10.41
N ARG D 637 17.71 -33.04 11.08
CA ARG D 637 17.38 -32.89 12.48
C ARG D 637 15.93 -32.47 12.66
N ALA D 638 15.41 -31.64 11.76
CA ALA D 638 13.99 -31.33 11.76
C ALA D 638 13.15 -32.53 11.37
N ALA D 639 13.70 -33.40 10.53
CA ALA D 639 13.03 -34.65 10.20
C ALA D 639 12.92 -35.54 11.44
N ARG D 640 13.95 -35.54 12.28
CA ARG D 640 13.82 -36.25 13.54
C ARG D 640 12.95 -35.51 14.53
N LEU D 641 12.70 -34.22 14.30
CA LEU D 641 11.82 -33.48 15.19
C LEU D 641 10.35 -33.85 14.98
N LEU D 642 9.91 -33.95 13.74
CA LEU D 642 8.49 -34.22 13.48
C LEU D 642 8.14 -35.66 13.83
N LEU D 643 8.94 -36.61 13.36
CA LEU D 643 8.57 -38.02 13.39
C LEU D 643 8.98 -38.62 14.73
N ARG D 644 8.27 -38.21 15.78
CA ARG D 644 8.67 -38.56 17.14
C ARG D 644 7.43 -38.53 18.02
N ARG D 645 7.32 -39.47 18.93
CA ARG D 645 6.16 -39.54 19.83
C ARG D 645 6.31 -38.50 20.92
N CYS D 646 5.41 -37.53 20.97
CA CYS D 646 5.43 -36.57 22.04
C CYS D 646 4.81 -37.18 23.30
N PRO D 647 5.55 -37.30 24.40
CA PRO D 647 5.02 -38.04 25.56
C PRO D 647 3.97 -37.28 26.37
N LEU D 648 3.70 -36.03 26.04
CA LEU D 648 2.61 -35.29 26.68
C LEU D 648 1.30 -35.44 25.95
N TRP D 649 1.31 -35.79 24.67
CA TRP D 649 0.07 -35.84 23.91
C TRP D 649 -0.28 -37.26 23.51
N GLY D 650 -0.08 -38.22 24.40
CA GLY D 650 -0.47 -39.58 24.12
C GLY D 650 0.41 -40.31 23.12
N GLU D 651 1.66 -39.88 22.98
CA GLU D 651 2.64 -40.45 22.04
C GLU D 651 2.12 -40.46 20.60
N ALA D 652 1.46 -39.38 20.21
CA ALA D 652 1.05 -39.17 18.84
C ALA D 652 2.06 -38.28 18.15
N THR D 653 2.40 -38.65 16.91
CA THR D 653 3.34 -37.91 16.09
C THR D 653 2.73 -36.57 15.71
N CYS D 654 3.59 -35.57 15.47
CA CYS D 654 3.15 -34.22 15.14
C CYS D 654 2.31 -34.17 13.87
N LEU D 655 2.59 -35.05 12.91
CA LEU D 655 1.79 -35.12 11.70
C LEU D 655 0.39 -35.60 11.99
N GLN D 656 0.23 -36.51 12.95
CA GLN D 656 -1.10 -36.99 13.32
C GLN D 656 -1.95 -35.90 13.95
N LEU D 657 -1.32 -35.07 14.79
CA LEU D 657 -2.03 -33.96 15.41
C LEU D 657 -2.44 -32.92 14.37
N ALA D 658 -1.54 -32.62 13.43
CA ALA D 658 -1.89 -31.66 12.39
C ALA D 658 -2.92 -32.24 11.43
N MET D 659 -2.96 -33.57 11.29
CA MET D 659 -4.00 -34.20 10.49
C MET D 659 -5.37 -34.06 11.15
N GLN D 660 -5.47 -34.38 12.43
CA GLN D 660 -6.77 -34.32 13.10
C GLN D 660 -7.25 -32.90 13.34
N ALA D 661 -6.33 -31.95 13.49
CA ALA D 661 -6.70 -30.57 13.75
C ALA D 661 -7.10 -29.80 12.50
N ASP D 662 -6.96 -30.42 11.33
CA ASP D 662 -7.18 -29.79 10.02
C ASP D 662 -6.31 -28.56 9.86
N ALA D 663 -5.05 -28.69 10.25
CA ALA D 663 -4.07 -27.63 10.05
C ALA D 663 -3.62 -27.72 8.60
N ARG D 664 -4.36 -27.08 7.72
CA ARG D 664 -4.01 -27.14 6.30
C ARG D 664 -2.82 -26.27 5.97
N ALA D 665 -2.59 -25.19 6.72
CA ALA D 665 -1.43 -24.35 6.46
C ALA D 665 -0.13 -24.95 6.95
N PHE D 666 -0.19 -25.95 7.83
CA PHE D 666 1.03 -26.59 8.28
C PHE D 666 1.56 -27.57 7.24
N PHE D 667 0.69 -28.41 6.69
CA PHE D 667 1.10 -29.35 5.66
C PHE D 667 1.52 -28.68 4.36
N ALA D 668 1.04 -27.47 4.10
CA ALA D 668 1.27 -26.81 2.83
C ALA D 668 2.59 -26.08 2.75
N GLN D 669 3.56 -26.43 3.58
CA GLN D 669 4.88 -25.80 3.53
C GLN D 669 5.74 -26.44 2.45
N ASP D 670 7.05 -26.22 2.58
CA ASP D 670 7.98 -26.85 1.65
C ASP D 670 8.72 -28.00 2.31
N GLY D 671 9.10 -27.86 3.57
CA GLY D 671 9.84 -28.91 4.23
C GLY D 671 8.99 -30.11 4.55
N VAL D 672 7.72 -29.90 4.88
CA VAL D 672 6.84 -31.01 5.21
C VAL D 672 6.57 -31.83 3.97
N GLN D 673 6.48 -31.17 2.82
CA GLN D 673 6.28 -31.88 1.57
C GLN D 673 7.51 -32.66 1.15
N SER D 674 8.71 -32.15 1.46
CA SER D 674 9.91 -32.91 1.16
C SER D 674 10.07 -34.11 2.09
N LEU D 675 9.65 -33.97 3.33
CA LEU D 675 9.69 -35.13 4.22
C LEU D 675 8.62 -36.15 3.89
N LEU D 676 7.48 -35.72 3.36
CA LEU D 676 6.52 -36.69 2.86
C LEU D 676 7.02 -37.39 1.62
N THR D 677 7.87 -36.73 0.83
CA THR D 677 8.51 -37.41 -0.30
C THR D 677 9.49 -38.46 0.19
N GLN D 678 10.31 -38.14 1.19
CA GLN D 678 11.26 -39.12 1.73
C GLN D 678 10.55 -40.26 2.44
N LYS D 679 9.39 -40.00 3.05
CA LYS D 679 8.66 -41.10 3.64
C LYS D 679 8.00 -41.95 2.57
N TRP D 680 7.64 -41.33 1.44
CA TRP D 680 7.05 -42.05 0.32
C TRP D 680 8.05 -43.02 -0.30
N TRP D 681 9.22 -42.52 -0.66
CA TRP D 681 10.26 -43.39 -1.22
C TRP D 681 10.83 -44.37 -0.21
N GLY D 682 10.77 -44.07 1.07
CA GLY D 682 11.25 -45.02 2.06
C GLY D 682 12.77 -45.03 2.10
N GLU D 683 13.33 -46.23 2.02
CA GLU D 683 14.77 -46.43 2.17
C GLU D 683 15.55 -45.94 0.95
N MET D 684 14.90 -45.86 -0.22
CA MET D 684 15.57 -45.51 -1.45
C MET D 684 15.94 -44.03 -1.48
N ASP D 685 16.67 -43.65 -2.52
CA ASP D 685 16.94 -42.24 -2.77
C ASP D 685 15.67 -41.58 -3.29
N SER D 686 15.36 -40.41 -2.74
CA SER D 686 14.16 -39.68 -3.12
C SER D 686 14.27 -39.00 -4.48
N THR D 687 15.46 -38.99 -5.08
CA THR D 687 15.65 -38.42 -6.40
C THR D 687 15.78 -39.48 -7.47
N THR D 688 15.38 -40.72 -7.17
CA THR D 688 15.45 -41.80 -8.14
C THR D 688 14.39 -41.58 -9.22
N PRO D 689 14.76 -41.63 -10.50
CA PRO D 689 13.77 -41.49 -11.56
C PRO D 689 12.86 -42.70 -11.65
N ILE D 690 11.79 -42.55 -12.42
CA ILE D 690 10.76 -43.58 -12.47
C ILE D 690 11.20 -44.74 -13.34
N TRP D 691 12.01 -44.49 -14.38
CA TRP D 691 12.43 -45.56 -15.27
C TRP D 691 13.35 -46.56 -14.59
N ALA D 692 14.24 -46.09 -13.72
CA ALA D 692 15.11 -47.00 -12.99
C ALA D 692 14.32 -47.82 -12.00
N LEU D 693 13.24 -47.25 -11.47
CA LEU D 693 12.37 -47.99 -10.57
C LEU D 693 11.62 -49.09 -11.29
N LEU D 694 11.19 -48.83 -12.52
CA LEU D 694 10.47 -49.84 -13.28
C LEU D 694 11.39 -50.96 -13.72
N LEU D 695 12.61 -50.62 -14.15
CA LEU D 695 13.56 -51.63 -14.58
C LEU D 695 14.04 -52.46 -13.41
N ALA D 696 14.10 -51.86 -12.22
CA ALA D 696 14.35 -52.66 -11.03
C ALA D 696 13.13 -53.47 -10.63
N PHE D 697 11.95 -53.07 -11.06
CA PHE D 697 10.75 -53.79 -10.65
C PHE D 697 10.59 -55.08 -11.42
N PHE D 698 10.82 -55.07 -12.73
CA PHE D 698 10.61 -56.27 -13.54
C PHE D 698 11.81 -57.21 -13.53
N CYS D 699 12.92 -56.82 -12.93
CA CYS D 699 14.11 -57.67 -12.80
C CYS D 699 14.49 -57.75 -11.33
N PRO D 700 13.89 -58.68 -10.58
CA PRO D 700 14.18 -58.79 -9.14
C PRO D 700 15.62 -59.13 -8.79
N PRO D 701 16.41 -59.80 -9.65
CA PRO D 701 17.86 -59.77 -9.43
C PRO D 701 18.59 -58.54 -9.98
N LEU D 702 17.91 -57.42 -10.25
CA LEU D 702 18.66 -56.22 -10.58
C LEU D 702 18.70 -55.23 -9.41
N ILE D 703 18.10 -55.61 -8.28
CA ILE D 703 18.11 -54.78 -7.08
C ILE D 703 19.52 -54.66 -6.53
N TYR D 704 20.28 -55.76 -6.57
CA TYR D 704 21.62 -55.81 -6.01
C TYR D 704 22.65 -55.27 -7.00
N THR D 705 22.41 -54.08 -7.54
CA THR D 705 23.25 -53.49 -8.56
C THR D 705 23.56 -52.05 -8.18
N ASN D 706 24.23 -51.34 -9.07
CA ASN D 706 24.52 -49.92 -8.87
C ASN D 706 23.55 -49.07 -9.68
N LEU D 707 22.27 -49.15 -9.31
CA LEU D 707 21.24 -48.36 -9.97
C LEU D 707 20.49 -47.45 -9.02
N ILE D 708 20.11 -47.92 -7.85
CA ILE D 708 19.30 -47.15 -6.92
C ILE D 708 20.12 -46.94 -5.66
N VAL D 709 20.35 -45.67 -5.31
CA VAL D 709 21.13 -45.36 -4.13
C VAL D 709 20.28 -45.56 -2.88
N PHE D 710 20.77 -46.35 -1.94
CA PHE D 710 20.02 -46.60 -0.72
C PHE D 710 20.61 -45.81 0.44
N ARG D 711 20.06 -46.06 1.63
CA ARG D 711 20.42 -45.41 2.89
C ARG D 711 20.27 -43.89 2.83
N LYS D 712 19.37 -43.41 1.96
CA LYS D 712 19.11 -42.00 1.68
C LYS D 712 20.36 -41.18 1.36
N SER D 765 18.39 -60.21 2.87
CA SER D 765 17.39 -60.13 3.93
C SER D 765 17.12 -58.68 4.33
N LYS D 766 18.02 -57.77 3.96
CA LYS D 766 17.83 -56.37 4.28
C LYS D 766 17.71 -55.50 3.04
N ARG D 767 18.58 -55.70 2.04
CA ARG D 767 18.48 -54.93 0.82
C ARG D 767 17.27 -55.35 -0.01
N TRP D 768 16.99 -56.66 -0.03
CA TRP D 768 15.76 -57.16 -0.62
C TRP D 768 14.54 -56.64 0.12
N SER D 769 14.62 -56.59 1.45
CA SER D 769 13.47 -56.15 2.22
C SER D 769 13.28 -54.64 2.18
N ASP D 770 14.32 -53.89 1.84
CA ASP D 770 14.20 -52.44 1.76
C ASP D 770 14.00 -51.94 0.35
N PHE D 771 13.91 -52.84 -0.62
CA PHE D 771 13.34 -52.44 -1.91
C PHE D 771 11.83 -52.58 -1.87
N TRP D 772 11.35 -53.73 -1.42
CA TRP D 772 9.92 -54.04 -1.41
C TRP D 772 9.23 -53.53 -0.16
N GLY D 773 9.92 -52.82 0.71
CA GLY D 773 9.32 -52.35 1.94
C GLY D 773 8.80 -50.92 1.82
N ALA D 774 9.22 -50.24 0.76
CA ALA D 774 8.79 -48.87 0.54
C ALA D 774 7.32 -48.83 0.17
N PRO D 775 6.64 -47.72 0.45
CA PRO D 775 5.25 -47.59 -0.02
C PRO D 775 5.14 -47.41 -1.52
N VAL D 776 6.21 -47.05 -2.20
CA VAL D 776 6.14 -46.84 -3.64
C VAL D 776 5.91 -48.15 -4.37
N THR D 777 6.73 -49.16 -4.09
CA THR D 777 6.60 -50.43 -4.77
C THR D 777 5.35 -51.18 -4.35
N ALA D 778 4.77 -50.86 -3.20
CA ALA D 778 3.46 -51.41 -2.88
C ALA D 778 2.39 -50.75 -3.73
N PHE D 779 2.53 -49.45 -3.99
CA PHE D 779 1.62 -48.76 -4.90
C PHE D 779 1.76 -49.27 -6.32
N LEU D 780 3.00 -49.46 -6.77
CA LEU D 780 3.26 -49.87 -8.14
C LEU D 780 2.81 -51.31 -8.38
N GLY D 781 3.00 -52.18 -7.39
CA GLY D 781 2.45 -53.51 -7.49
C GLY D 781 0.94 -53.53 -7.42
N ASN D 782 0.35 -52.57 -6.70
CA ASN D 782 -1.10 -52.47 -6.65
C ASN D 782 -1.66 -52.06 -8.00
N VAL D 783 -0.98 -51.16 -8.71
CA VAL D 783 -1.44 -50.73 -10.02
C VAL D 783 -1.32 -51.85 -11.04
N VAL D 784 -0.16 -52.51 -11.09
CA VAL D 784 0.11 -53.54 -12.09
C VAL D 784 -0.83 -54.72 -11.91
N SER D 785 -1.08 -55.11 -10.66
CA SER D 785 -2.04 -56.17 -10.41
C SER D 785 -3.46 -55.76 -10.78
N TYR D 786 -3.81 -54.50 -10.58
CA TYR D 786 -5.15 -54.06 -10.92
C TYR D 786 -5.35 -53.94 -12.43
N LEU D 787 -4.31 -53.54 -13.16
CA LEU D 787 -4.37 -53.52 -14.62
C LEU D 787 -4.53 -54.92 -15.18
N LEU D 788 -3.88 -55.91 -14.57
CA LEU D 788 -4.04 -57.28 -15.05
C LEU D 788 -5.41 -57.84 -14.72
N PHE D 789 -6.04 -57.33 -13.67
CA PHE D 789 -7.43 -57.68 -13.43
C PHE D 789 -8.35 -57.15 -14.52
N LEU D 790 -8.10 -55.92 -14.99
CA LEU D 790 -8.94 -55.39 -16.07
C LEU D 790 -8.68 -56.09 -17.39
N LEU D 791 -7.43 -56.50 -17.62
CA LEU D 791 -7.11 -57.24 -18.83
C LEU D 791 -7.78 -58.61 -18.85
N LEU D 792 -7.83 -59.27 -17.70
CA LEU D 792 -8.53 -60.55 -17.62
C LEU D 792 -10.03 -60.37 -17.79
N PHE D 793 -10.58 -59.29 -17.22
CA PHE D 793 -12.02 -59.07 -17.26
C PHE D 793 -12.47 -58.78 -18.68
N ALA D 794 -11.60 -58.13 -19.47
CA ALA D 794 -11.87 -57.90 -20.88
C ALA D 794 -11.72 -59.16 -21.71
N HIS D 795 -10.72 -59.99 -21.40
CA HIS D 795 -10.53 -61.25 -22.12
C HIS D 795 -11.72 -62.18 -21.93
N VAL D 796 -12.29 -62.20 -20.73
CA VAL D 796 -13.49 -62.99 -20.51
C VAL D 796 -14.67 -62.40 -21.25
N LEU D 797 -14.86 -61.09 -21.14
CA LEU D 797 -16.10 -60.50 -21.58
C LEU D 797 -16.14 -60.28 -23.09
N LEU D 798 -15.00 -60.43 -23.78
CA LEU D 798 -14.97 -60.21 -25.21
C LEU D 798 -14.65 -61.45 -26.04
N VAL D 799 -13.92 -62.41 -25.50
CA VAL D 799 -13.46 -63.53 -26.31
C VAL D 799 -14.21 -64.80 -25.97
N ASP D 800 -14.07 -65.29 -24.74
CA ASP D 800 -14.64 -66.56 -24.34
C ASP D 800 -15.67 -66.37 -23.24
N PHE D 801 -16.92 -66.12 -23.64
CA PHE D 801 -18.03 -65.96 -22.71
C PHE D 801 -19.08 -66.99 -23.15
N GLN D 802 -19.07 -68.15 -22.51
CA GLN D 802 -19.80 -69.30 -23.00
C GLN D 802 -21.18 -69.39 -22.35
N PRO D 803 -22.21 -69.77 -23.12
CA PRO D 803 -23.59 -69.65 -22.62
C PRO D 803 -24.00 -70.69 -21.60
N THR D 804 -23.41 -71.88 -21.61
CA THR D 804 -23.85 -72.97 -20.75
C THR D 804 -23.01 -73.09 -19.49
N LYS D 805 -21.71 -73.27 -19.63
CA LYS D 805 -20.83 -73.56 -18.52
C LYS D 805 -19.64 -72.61 -18.52
N PRO D 806 -19.28 -72.06 -17.37
CA PRO D 806 -18.13 -71.16 -17.31
C PRO D 806 -16.83 -71.89 -17.59
N SER D 807 -15.93 -71.20 -18.29
CA SER D 807 -14.65 -71.79 -18.64
C SER D 807 -13.66 -71.59 -17.49
N VAL D 808 -12.39 -71.81 -17.78
CA VAL D 808 -11.36 -71.72 -16.76
C VAL D 808 -11.10 -70.27 -16.37
N SER D 809 -10.99 -69.39 -17.37
CA SER D 809 -10.62 -68.01 -17.12
C SER D 809 -11.72 -67.23 -16.40
N GLU D 810 -12.98 -67.60 -16.63
CA GLU D 810 -14.07 -66.99 -15.89
C GLU D 810 -14.06 -67.42 -14.42
N LEU D 811 -13.61 -68.65 -14.16
CA LEU D 811 -13.50 -69.12 -12.78
C LEU D 811 -12.36 -68.42 -12.05
N LEU D 812 -11.24 -68.23 -12.75
CA LEU D 812 -10.12 -67.47 -12.17
C LEU D 812 -10.52 -66.03 -11.90
N LEU D 813 -11.40 -65.48 -12.73
CA LEU D 813 -11.96 -64.16 -12.49
C LEU D 813 -12.83 -64.14 -11.24
N TYR D 814 -13.61 -65.21 -11.02
CA TYR D 814 -14.45 -65.30 -9.82
C TYR D 814 -13.61 -65.38 -8.56
N PHE D 815 -12.48 -66.06 -8.61
CA PHE D 815 -11.58 -66.12 -7.45
C PHE D 815 -10.96 -64.76 -7.19
N TRP D 816 -10.72 -63.98 -8.24
CA TRP D 816 -10.10 -62.67 -8.06
C TRP D 816 -11.04 -61.71 -7.36
N ALA D 817 -12.30 -61.66 -7.81
CA ALA D 817 -13.32 -60.82 -7.17
C ALA D 817 -13.62 -61.26 -5.75
N PHE D 818 -13.40 -62.54 -5.43
CA PHE D 818 -13.51 -62.96 -4.04
C PHE D 818 -12.39 -62.34 -3.20
N THR D 819 -11.18 -62.22 -3.76
CA THR D 819 -10.10 -61.61 -3.01
C THR D 819 -10.28 -60.10 -2.85
N LEU D 820 -10.85 -59.44 -3.85
CA LEU D 820 -11.14 -58.02 -3.70
C LEU D 820 -12.27 -57.79 -2.70
N LEU D 821 -13.20 -58.73 -2.60
CA LEU D 821 -14.21 -58.66 -1.55
C LEU D 821 -13.60 -58.84 -0.18
N CYS D 822 -12.55 -59.66 -0.08
CA CYS D 822 -11.88 -59.86 1.20
C CYS D 822 -11.08 -58.63 1.63
N GLU D 823 -10.37 -57.99 0.69
CA GLU D 823 -9.53 -56.85 1.09
C GLU D 823 -10.39 -55.62 1.35
N GLU D 824 -11.52 -55.50 0.66
CA GLU D 824 -12.52 -54.50 1.05
C GLU D 824 -13.07 -54.80 2.43
N LEU D 825 -13.26 -56.08 2.76
CA LEU D 825 -13.73 -56.45 4.09
C LEU D 825 -12.66 -56.21 5.15
N ARG D 826 -11.39 -56.18 4.73
CA ARG D 826 -10.30 -55.94 5.67
C ARG D 826 -10.10 -54.45 5.92
N GLN D 827 -10.48 -53.60 4.97
CA GLN D 827 -10.52 -52.16 5.22
C GLN D 827 -11.87 -51.68 5.70
N GLY D 828 -12.89 -52.52 5.63
CA GLY D 828 -14.20 -52.17 6.16
C GLY D 828 -14.27 -52.51 7.63
N LEU D 829 -13.71 -53.67 8.00
CA LEU D 829 -13.56 -54.00 9.41
C LEU D 829 -12.41 -53.23 10.02
N GLY D 830 -11.30 -53.10 9.29
CA GLY D 830 -10.13 -52.40 9.80
C GLY D 830 -10.26 -50.89 9.85
N LEU D 848 -18.93 -52.98 16.25
CA LEU D 848 -18.16 -52.15 15.34
C LEU D 848 -19.04 -51.37 14.38
N ARG D 849 -20.08 -50.73 14.93
CA ARG D 849 -21.01 -49.96 14.10
C ARG D 849 -20.42 -48.65 13.61
N HIS D 850 -19.52 -48.04 14.39
CA HIS D 850 -19.00 -46.73 14.04
C HIS D 850 -18.05 -46.78 12.85
N ARG D 851 -17.27 -47.87 12.73
CA ARG D 851 -16.39 -48.05 11.58
C ARG D 851 -17.18 -48.18 10.29
N LEU D 852 -18.34 -48.83 10.37
CA LEU D 852 -19.15 -49.01 9.18
C LEU D 852 -20.00 -47.77 8.89
N HIS D 853 -20.28 -46.96 9.91
CA HIS D 853 -20.91 -45.67 9.66
C HIS D 853 -19.97 -44.70 8.96
N LEU D 854 -18.70 -44.70 9.34
CA LEU D 854 -17.70 -43.97 8.55
C LEU D 854 -17.47 -44.60 7.19
N TYR D 855 -17.75 -45.90 7.06
CA TYR D 855 -17.54 -46.57 5.79
C TYR D 855 -18.68 -46.28 4.82
N LEU D 856 -19.89 -46.04 5.34
CA LEU D 856 -21.00 -45.73 4.45
C LEU D 856 -21.12 -44.24 4.18
N SER D 857 -20.49 -43.40 5.02
CA SER D 857 -20.57 -41.96 4.82
C SER D 857 -19.72 -41.46 3.64
N ASP D 858 -18.86 -42.31 3.06
CA ASP D 858 -17.92 -41.88 2.05
C ASP D 858 -18.58 -41.85 0.67
N THR D 859 -17.79 -41.71 -0.38
CA THR D 859 -18.27 -41.78 -1.76
C THR D 859 -17.56 -42.84 -2.59
N TRP D 860 -16.25 -42.98 -2.41
CA TRP D 860 -15.51 -43.97 -3.19
C TRP D 860 -15.52 -45.35 -2.54
N ASN D 861 -15.90 -45.44 -1.27
CA ASN D 861 -16.24 -46.74 -0.73
C ASN D 861 -17.66 -47.15 -1.09
N GLN D 862 -18.52 -46.17 -1.36
CA GLN D 862 -19.81 -46.49 -1.98
C GLN D 862 -19.62 -46.94 -3.42
N CYS D 863 -18.61 -46.39 -4.09
CA CYS D 863 -18.29 -46.82 -5.45
C CYS D 863 -17.77 -48.25 -5.47
N ASP D 864 -16.79 -48.55 -4.61
CA ASP D 864 -16.20 -49.89 -4.57
C ASP D 864 -17.19 -50.91 -4.01
N LEU D 865 -18.14 -50.47 -3.20
CA LEU D 865 -19.25 -51.34 -2.83
C LEU D 865 -20.17 -51.59 -4.03
N LEU D 866 -20.37 -50.58 -4.87
CA LEU D 866 -21.29 -50.70 -6.00
C LEU D 866 -20.76 -51.67 -7.05
N ALA D 867 -19.44 -51.72 -7.23
CA ALA D 867 -18.86 -52.61 -8.24
C ALA D 867 -19.05 -54.07 -7.88
N LEU D 868 -19.14 -54.39 -6.58
CA LEU D 868 -19.29 -55.78 -6.20
C LEU D 868 -20.74 -56.17 -6.03
N THR D 869 -21.64 -55.22 -5.78
CA THR D 869 -23.05 -55.53 -5.89
C THR D 869 -23.45 -55.84 -7.33
N CYS D 870 -22.96 -55.03 -8.27
CA CYS D 870 -23.22 -55.31 -9.68
C CYS D 870 -22.49 -56.53 -10.18
N PHE D 871 -21.36 -56.89 -9.56
CA PHE D 871 -20.69 -58.11 -9.95
C PHE D 871 -21.50 -59.34 -9.55
N LEU D 872 -21.97 -59.38 -8.30
CA LEU D 872 -22.71 -60.55 -7.85
C LEU D 872 -24.10 -60.62 -8.48
N LEU D 873 -24.67 -59.47 -8.83
CA LEU D 873 -25.90 -59.47 -9.60
C LEU D 873 -25.67 -60.02 -11.00
N GLY D 874 -24.51 -59.70 -11.59
CA GLY D 874 -24.22 -60.18 -12.93
C GLY D 874 -23.97 -61.67 -12.98
N VAL D 875 -23.20 -62.20 -12.04
CA VAL D 875 -22.92 -63.63 -12.01
C VAL D 875 -24.14 -64.41 -11.58
N GLY D 876 -24.93 -63.83 -10.66
CA GLY D 876 -26.14 -64.49 -10.20
C GLY D 876 -27.20 -64.63 -11.29
N CYS D 877 -27.25 -63.67 -12.21
CA CYS D 877 -28.11 -63.84 -13.37
C CYS D 877 -27.47 -64.74 -14.41
N ARG D 878 -26.14 -64.77 -14.48
CA ARG D 878 -25.46 -65.48 -15.55
C ARG D 878 -25.54 -66.98 -15.39
N LEU D 879 -25.54 -67.48 -14.16
CA LEU D 879 -25.60 -68.92 -13.99
C LEU D 879 -27.02 -69.47 -14.05
N THR D 880 -28.03 -68.62 -13.95
CA THR D 880 -29.39 -69.06 -14.21
C THR D 880 -29.58 -69.29 -15.70
N PRO D 881 -30.39 -70.28 -16.10
CA PRO D 881 -30.48 -70.58 -17.54
C PRO D 881 -31.38 -69.63 -18.30
N GLY D 882 -32.20 -68.86 -17.60
CA GLY D 882 -33.17 -68.03 -18.28
C GLY D 882 -32.76 -66.56 -18.39
N LEU D 883 -31.59 -66.23 -17.87
CA LEU D 883 -31.13 -64.84 -17.79
C LEU D 883 -29.69 -64.70 -18.26
N PHE D 884 -29.34 -65.28 -19.40
CA PHE D 884 -27.96 -65.17 -19.87
C PHE D 884 -27.66 -63.77 -20.38
N ASP D 885 -28.58 -63.19 -21.15
CA ASP D 885 -28.36 -61.89 -21.74
C ASP D 885 -28.36 -60.78 -20.70
N LEU D 886 -29.15 -60.94 -19.63
CA LEU D 886 -29.15 -59.93 -18.56
C LEU D 886 -27.83 -59.96 -17.79
N GLY D 887 -27.27 -61.15 -17.60
CA GLY D 887 -26.01 -61.23 -16.88
C GLY D 887 -24.84 -60.70 -17.68
N ARG D 888 -24.84 -60.92 -18.99
CA ARG D 888 -23.78 -60.39 -19.84
C ARG D 888 -23.85 -58.87 -19.93
N THR D 889 -25.07 -58.30 -19.95
CA THR D 889 -25.21 -56.86 -20.00
C THR D 889 -24.76 -56.21 -18.69
N VAL D 890 -25.10 -56.80 -17.55
CA VAL D 890 -24.75 -56.22 -16.27
C VAL D 890 -23.24 -56.30 -16.02
N LEU D 891 -22.59 -57.37 -16.50
CA LEU D 891 -21.13 -57.40 -16.41
C LEU D 891 -20.50 -56.34 -17.29
N CYS D 892 -21.10 -56.03 -18.45
CA CYS D 892 -20.54 -55.00 -19.31
C CYS D 892 -20.72 -53.61 -18.71
N LEU D 893 -21.77 -53.40 -17.92
CA LEU D 893 -21.85 -52.17 -17.17
C LEU D 893 -20.95 -52.17 -15.95
N ASP D 894 -20.52 -53.33 -15.48
CA ASP D 894 -19.68 -53.36 -14.29
C ASP D 894 -18.25 -52.99 -14.63
N PHE D 895 -17.82 -53.26 -15.86
CA PHE D 895 -16.45 -52.99 -16.26
C PHE D 895 -16.13 -51.51 -16.24
N MET D 896 -17.13 -50.66 -16.50
CA MET D 896 -16.89 -49.23 -16.44
C MET D 896 -16.65 -48.77 -15.01
N ILE D 897 -17.32 -49.39 -14.04
CA ILE D 897 -17.16 -48.98 -12.66
C ILE D 897 -15.80 -49.42 -12.13
N PHE D 898 -15.35 -50.62 -12.51
CA PHE D 898 -13.99 -51.03 -12.14
C PHE D 898 -12.93 -50.20 -12.85
N THR D 899 -13.27 -49.58 -13.97
CA THR D 899 -12.29 -48.75 -14.66
C THR D 899 -12.23 -47.35 -14.05
N LEU D 900 -13.38 -46.82 -13.65
CA LEU D 900 -13.42 -45.51 -13.01
C LEU D 900 -12.84 -45.51 -11.60
N ARG D 901 -12.64 -46.68 -10.99
CA ARG D 901 -11.91 -46.77 -9.73
C ARG D 901 -10.45 -46.37 -9.90
N LEU D 902 -9.92 -46.55 -11.11
CA LEU D 902 -8.52 -46.31 -11.40
C LEU D 902 -8.17 -44.82 -11.41
N LEU D 903 -9.15 -43.93 -11.46
CA LEU D 903 -8.88 -42.51 -11.28
C LEU D 903 -8.60 -42.18 -9.82
N HIS D 904 -9.23 -42.88 -8.90
CA HIS D 904 -9.01 -42.60 -7.49
C HIS D 904 -7.68 -43.15 -7.01
N ILE D 905 -7.18 -44.21 -7.65
CA ILE D 905 -5.89 -44.77 -7.29
C ILE D 905 -4.76 -43.78 -7.56
N PHE D 906 -4.82 -43.09 -8.68
CA PHE D 906 -3.75 -42.19 -9.09
C PHE D 906 -3.81 -40.81 -8.46
N THR D 907 -4.57 -40.61 -7.39
CA THR D 907 -4.58 -39.28 -6.78
C THR D 907 -3.40 -39.06 -5.85
N VAL D 908 -2.58 -40.09 -5.62
CA VAL D 908 -1.41 -39.97 -4.76
C VAL D 908 -0.22 -39.43 -5.54
N ASN D 909 -0.23 -39.52 -6.86
CA ASN D 909 0.85 -39.06 -7.70
C ASN D 909 0.99 -37.54 -7.63
N LYS D 910 2.21 -37.05 -7.83
CA LYS D 910 2.45 -35.61 -7.76
C LYS D 910 1.90 -34.87 -8.98
N GLN D 911 2.19 -35.38 -10.17
CA GLN D 911 1.87 -34.68 -11.41
C GLN D 911 0.38 -34.76 -11.75
N LEU D 912 -0.23 -35.92 -11.56
CA LEU D 912 -1.64 -36.07 -11.93
C LEU D 912 -2.57 -35.85 -10.75
N GLY D 913 -2.05 -35.66 -9.55
CA GLY D 913 -2.84 -35.58 -8.35
C GLY D 913 -3.83 -34.44 -8.24
N PRO D 914 -3.34 -33.19 -8.14
CA PRO D 914 -4.25 -32.07 -7.93
C PRO D 914 -5.19 -31.79 -9.08
N LYS D 915 -4.85 -32.22 -10.30
CA LYS D 915 -5.73 -32.00 -11.43
C LYS D 915 -6.98 -32.88 -11.34
N ILE D 916 -6.81 -34.13 -10.90
CA ILE D 916 -7.94 -35.02 -10.66
C ILE D 916 -8.82 -34.48 -9.53
N VAL D 917 -8.23 -33.77 -8.59
CA VAL D 917 -9.02 -33.11 -7.54
C VAL D 917 -9.92 -32.02 -8.15
N ILE D 918 -9.40 -31.25 -9.10
CA ILE D 918 -10.18 -30.13 -9.64
C ILE D 918 -11.26 -30.60 -10.63
N VAL D 919 -11.24 -31.87 -11.06
CA VAL D 919 -12.24 -32.35 -12.02
C VAL D 919 -13.64 -32.36 -11.44
N SER D 920 -13.80 -32.73 -10.16
CA SER D 920 -15.13 -32.84 -9.58
C SER D 920 -15.79 -31.50 -9.30
N LYS D 921 -15.03 -30.41 -9.24
CA LYS D 921 -15.57 -29.11 -8.91
C LYS D 921 -16.07 -28.35 -10.12
N MET D 922 -16.16 -29.00 -11.26
CA MET D 922 -16.65 -28.39 -12.49
C MET D 922 -18.08 -28.79 -12.80
N MET D 923 -18.65 -29.68 -12.01
CA MET D 923 -19.93 -30.27 -12.37
C MET D 923 -21.08 -29.31 -12.16
N LYS D 924 -20.91 -28.25 -11.38
CA LYS D 924 -21.99 -27.28 -11.25
C LYS D 924 -22.10 -26.42 -12.51
N ASP D 925 -20.99 -26.19 -13.20
CA ASP D 925 -21.05 -25.51 -14.47
C ASP D 925 -21.62 -26.41 -15.56
N VAL D 926 -21.32 -27.71 -15.48
CA VAL D 926 -21.86 -28.66 -16.46
C VAL D 926 -23.37 -28.79 -16.28
N PHE D 927 -23.84 -28.77 -15.04
CA PHE D 927 -25.28 -28.90 -14.80
C PHE D 927 -26.04 -27.67 -15.23
N PHE D 928 -25.41 -26.49 -15.18
CA PHE D 928 -26.05 -25.34 -15.82
C PHE D 928 -26.13 -25.52 -17.32
N PHE D 929 -25.07 -26.06 -17.93
CA PHE D 929 -25.08 -26.28 -19.38
C PHE D 929 -26.18 -27.24 -19.79
N LEU D 930 -26.38 -28.31 -19.02
CA LEU D 930 -27.43 -29.25 -19.35
C LEU D 930 -28.81 -28.69 -19.13
N PHE D 931 -28.98 -27.78 -18.18
CA PHE D 931 -30.29 -27.16 -18.00
C PHE D 931 -30.64 -26.28 -19.17
N PHE D 932 -29.71 -25.43 -19.60
CA PHE D 932 -29.99 -24.52 -20.70
C PHE D 932 -30.13 -25.29 -22.00
N LEU D 933 -29.40 -26.40 -22.12
CA LEU D 933 -29.46 -27.22 -23.32
C LEU D 933 -30.79 -27.95 -23.40
N CYS D 934 -31.19 -28.64 -22.34
CA CYS D 934 -32.39 -29.47 -22.38
C CYS D 934 -33.65 -28.66 -22.56
N VAL D 935 -33.69 -27.43 -22.05
CA VAL D 935 -34.83 -26.55 -22.34
C VAL D 935 -34.85 -26.20 -23.82
N TRP D 936 -33.71 -25.76 -24.35
CA TRP D 936 -33.64 -25.37 -25.75
C TRP D 936 -33.76 -26.55 -26.71
N LEU D 937 -33.45 -27.76 -26.24
CA LEU D 937 -33.52 -28.95 -27.07
C LEU D 937 -34.94 -29.45 -27.17
N VAL D 938 -35.72 -29.31 -26.10
CA VAL D 938 -37.16 -29.56 -26.15
C VAL D 938 -37.83 -28.61 -27.12
N ALA D 939 -37.48 -27.32 -27.06
CA ALA D 939 -38.19 -26.30 -27.84
C ALA D 939 -37.94 -26.46 -29.33
N TYR D 940 -36.68 -26.61 -29.73
CA TYR D 940 -36.35 -26.86 -31.13
C TYR D 940 -36.89 -28.21 -31.58
N GLY D 941 -36.82 -29.22 -30.72
CA GLY D 941 -37.19 -30.56 -31.14
C GLY D 941 -38.66 -30.70 -31.45
N VAL D 942 -39.52 -30.23 -30.57
CA VAL D 942 -40.95 -30.43 -30.76
C VAL D 942 -41.48 -29.49 -31.84
N ALA D 943 -40.87 -28.31 -31.99
CA ALA D 943 -41.32 -27.42 -33.05
C ALA D 943 -40.97 -27.96 -34.43
N THR D 944 -39.78 -28.56 -34.58
CA THR D 944 -39.40 -29.08 -35.89
C THR D 944 -40.14 -30.36 -36.21
N GLU D 945 -40.35 -31.21 -35.19
CA GLU D 945 -41.18 -32.40 -35.35
C GLU D 945 -42.64 -32.04 -35.62
N GLY D 946 -43.08 -30.85 -35.24
CA GLY D 946 -44.45 -30.45 -35.47
C GLY D 946 -44.71 -29.81 -36.81
N ILE D 947 -43.78 -29.00 -37.32
CA ILE D 947 -43.97 -28.37 -38.62
C ILE D 947 -43.89 -29.41 -39.73
N LEU D 948 -42.88 -30.26 -39.67
CA LEU D 948 -42.90 -31.50 -40.42
C LEU D 948 -44.03 -32.36 -39.91
N ARG D 949 -44.55 -33.25 -40.75
CA ARG D 949 -45.58 -34.19 -40.32
C ARG D 949 -45.19 -35.58 -40.81
N PRO D 950 -44.37 -36.29 -40.06
CA PRO D 950 -43.98 -37.63 -40.49
C PRO D 950 -45.13 -38.61 -40.31
N GLN D 951 -45.17 -39.61 -41.19
CA GLN D 951 -46.26 -40.57 -41.14
C GLN D 951 -45.99 -41.74 -40.21
N ASP D 952 -44.74 -42.21 -40.12
CA ASP D 952 -44.37 -43.18 -39.11
C ASP D 952 -44.39 -42.50 -37.76
N ARG D 953 -45.42 -42.79 -36.97
CA ARG D 953 -45.64 -42.09 -35.71
C ARG D 953 -45.64 -43.04 -34.53
N SER D 954 -44.65 -43.92 -34.44
CA SER D 954 -44.46 -44.67 -33.22
C SER D 954 -44.02 -43.75 -32.09
N LEU D 955 -44.23 -44.18 -30.87
CA LEU D 955 -43.71 -43.42 -29.74
C LEU D 955 -42.18 -43.35 -29.70
N PRO D 956 -41.40 -44.45 -29.81
CA PRO D 956 -39.95 -44.27 -29.74
C PRO D 956 -39.35 -43.63 -30.98
N SER D 957 -40.05 -43.65 -32.11
CA SER D 957 -39.54 -42.95 -33.29
C SER D 957 -39.68 -41.45 -33.12
N ILE D 958 -40.75 -41.00 -32.47
CA ILE D 958 -40.88 -39.58 -32.16
C ILE D 958 -39.84 -39.17 -31.14
N LEU D 959 -39.60 -40.00 -30.12
CA LEU D 959 -38.59 -39.69 -29.11
C LEU D 959 -37.19 -39.62 -29.70
N ARG D 960 -36.92 -40.40 -30.75
CA ARG D 960 -35.65 -40.29 -31.44
C ARG D 960 -35.56 -38.98 -32.20
N ARG D 961 -36.61 -38.62 -32.94
CA ARG D 961 -36.54 -37.41 -33.77
C ARG D 961 -36.68 -36.13 -32.97
N VAL D 962 -37.06 -36.20 -31.70
CA VAL D 962 -37.19 -34.98 -30.90
C VAL D 962 -35.96 -34.79 -30.02
N PHE D 963 -35.50 -35.85 -29.36
CA PHE D 963 -34.43 -35.68 -28.39
C PHE D 963 -33.08 -36.17 -28.89
N TYR D 964 -33.04 -37.15 -29.77
CA TYR D 964 -31.75 -37.72 -30.11
C TYR D 964 -31.09 -37.04 -31.28
N ARG D 965 -31.84 -36.69 -32.31
CA ARG D 965 -31.26 -36.05 -33.46
C ARG D 965 -30.79 -34.60 -33.21
N PRO D 966 -31.54 -33.72 -32.51
CA PRO D 966 -30.96 -32.41 -32.21
C PRO D 966 -29.82 -32.45 -31.21
N TYR D 967 -29.65 -33.54 -30.48
CA TYR D 967 -28.48 -33.66 -29.61
C TYR D 967 -27.23 -33.88 -30.44
N LEU D 968 -27.31 -34.70 -31.48
CA LEU D 968 -26.13 -34.94 -32.29
C LEU D 968 -25.81 -33.79 -33.23
N GLN D 969 -26.74 -32.85 -33.43
CA GLN D 969 -26.40 -31.70 -34.27
C GLN D 969 -25.44 -30.74 -33.59
N ILE D 970 -25.22 -30.85 -32.29
CA ILE D 970 -24.18 -30.05 -31.65
C ILE D 970 -22.81 -30.55 -32.08
N PHE D 971 -22.68 -31.85 -32.25
CA PHE D 971 -21.39 -32.46 -32.51
C PHE D 971 -21.13 -32.64 -34.01
N GLY D 972 -21.76 -31.83 -34.84
CA GLY D 972 -21.48 -31.82 -36.25
C GLY D 972 -22.14 -32.93 -37.04
N GLN D 973 -23.17 -33.55 -36.51
CA GLN D 973 -23.93 -34.59 -37.22
C GLN D 973 -25.22 -33.93 -37.66
N ILE D 974 -25.22 -33.36 -38.85
CA ILE D 974 -26.37 -32.60 -39.33
C ILE D 974 -26.97 -33.32 -40.53
N PRO D 975 -28.07 -34.04 -40.36
CA PRO D 975 -28.76 -34.63 -41.52
C PRO D 975 -29.64 -33.61 -42.21
N GLN D 976 -29.21 -33.19 -43.40
CA GLN D 976 -30.00 -32.25 -44.18
C GLN D 976 -31.05 -32.95 -45.00
N GLU D 977 -30.76 -34.16 -45.45
CA GLU D 977 -31.66 -34.92 -46.29
C GLU D 977 -32.84 -35.49 -45.52
N GLU D 978 -32.81 -35.48 -44.19
CA GLU D 978 -33.93 -35.91 -43.39
C GLU D 978 -34.92 -34.80 -43.11
N MET D 979 -34.54 -33.54 -43.31
CA MET D 979 -35.40 -32.45 -42.87
C MET D 979 -35.41 -31.27 -43.83
N ASP D 980 -35.17 -31.50 -45.12
CA ASP D 980 -35.22 -30.43 -46.11
C ASP D 980 -35.71 -31.01 -47.42
N VAL D 981 -36.83 -30.47 -47.92
CA VAL D 981 -37.52 -31.01 -49.09
C VAL D 981 -36.70 -30.83 -50.37
N ALA D 982 -35.91 -29.75 -50.45
CA ALA D 982 -35.15 -29.46 -51.66
C ALA D 982 -34.05 -30.49 -51.92
N LEU D 983 -33.61 -31.20 -50.90
CA LEU D 983 -32.66 -32.30 -51.07
C LEU D 983 -33.35 -33.65 -51.15
N MET D 984 -34.66 -33.66 -51.37
CA MET D 984 -35.47 -34.86 -51.38
C MET D 984 -36.19 -34.95 -52.71
N ILE D 985 -36.92 -36.03 -52.90
CA ILE D 985 -37.78 -36.21 -54.07
C ILE D 985 -39.22 -36.09 -53.60
N PRO D 986 -40.12 -35.52 -54.40
CA PRO D 986 -41.53 -35.50 -53.99
C PRO D 986 -42.21 -36.84 -54.21
N GLY D 987 -43.50 -36.91 -53.95
CA GLY D 987 -44.23 -38.15 -54.13
C GLY D 987 -45.61 -38.05 -53.51
N ASN D 988 -46.47 -38.95 -53.96
CA ASN D 988 -47.85 -39.04 -53.51
C ASN D 988 -47.95 -40.02 -52.33
N CYS D 989 -47.11 -39.79 -51.32
CA CYS D 989 -46.91 -40.76 -50.26
C CYS D 989 -47.93 -40.67 -49.13
N SER D 990 -48.92 -39.79 -49.22
CA SER D 990 -49.90 -39.67 -48.14
C SER D 990 -51.30 -39.56 -48.71
N MET D 991 -52.22 -40.30 -48.11
CA MET D 991 -53.64 -40.24 -48.47
C MET D 991 -54.31 -39.12 -47.67
N GLU D 992 -53.91 -37.89 -48.00
CA GLU D 992 -54.30 -36.73 -47.22
C GLU D 992 -54.08 -35.50 -48.08
N ARG D 993 -54.72 -34.40 -47.69
CA ARG D 993 -54.64 -33.18 -48.47
C ARG D 993 -53.35 -32.43 -48.17
N GLY D 994 -52.67 -31.96 -49.23
CA GLY D 994 -51.44 -31.22 -49.11
C GLY D 994 -50.33 -31.84 -49.93
N SER D 995 -49.20 -31.14 -49.96
CA SER D 995 -48.00 -31.65 -50.61
C SER D 995 -47.24 -32.53 -49.65
N TRP D 996 -46.59 -33.55 -50.19
CA TRP D 996 -45.86 -34.50 -49.37
C TRP D 996 -44.60 -34.92 -50.11
N ALA D 997 -43.58 -35.32 -49.36
CA ALA D 997 -42.33 -35.73 -49.96
C ALA D 997 -41.71 -36.85 -49.13
N HIS D 998 -40.75 -37.54 -49.74
CA HIS D 998 -40.25 -38.82 -49.24
C HIS D 998 -38.77 -38.76 -48.90
N PRO D 999 -38.37 -38.77 -47.64
CA PRO D 999 -36.95 -38.60 -47.31
C PRO D 999 -36.19 -39.91 -47.30
N GLU D 1000 -34.88 -39.78 -47.05
CA GLU D 1000 -33.95 -40.90 -47.00
C GLU D 1000 -33.71 -41.29 -45.55
N GLY D 1001 -33.71 -42.59 -45.27
CA GLY D 1001 -33.46 -43.08 -43.94
C GLY D 1001 -34.58 -43.96 -43.45
N PRO D 1002 -34.24 -45.01 -42.70
CA PRO D 1002 -35.27 -45.91 -42.18
C PRO D 1002 -36.11 -45.31 -41.07
N VAL D 1003 -35.54 -44.42 -40.25
CA VAL D 1003 -36.22 -43.89 -39.08
C VAL D 1003 -36.60 -42.42 -39.25
N ALA D 1004 -36.32 -41.83 -40.41
CA ALA D 1004 -36.59 -40.42 -40.67
C ALA D 1004 -38.05 -40.12 -41.01
N GLY D 1005 -38.96 -41.06 -40.80
CA GLY D 1005 -40.33 -40.89 -41.21
C GLY D 1005 -40.52 -41.19 -42.68
N SER D 1006 -41.59 -41.92 -42.98
CA SER D 1006 -41.74 -42.46 -44.32
C SER D 1006 -42.21 -41.45 -45.34
N CYS D 1007 -42.77 -40.33 -44.88
CA CYS D 1007 -43.40 -39.35 -45.75
C CYS D 1007 -43.59 -38.09 -44.95
N VAL D 1008 -43.11 -36.95 -45.47
CA VAL D 1008 -43.06 -35.75 -44.67
C VAL D 1008 -43.68 -34.61 -45.47
N SER D 1009 -44.08 -33.55 -44.78
CA SER D 1009 -44.84 -32.47 -45.38
C SER D 1009 -43.93 -31.42 -45.98
N GLN D 1010 -44.45 -30.72 -46.99
CA GLN D 1010 -43.69 -29.67 -47.68
C GLN D 1010 -44.14 -28.27 -47.31
N TYR D 1011 -45.21 -28.12 -46.55
CA TYR D 1011 -45.74 -26.79 -46.27
C TYR D 1011 -44.82 -26.04 -45.33
N ALA D 1012 -44.42 -24.83 -45.74
CA ALA D 1012 -43.65 -23.88 -44.93
C ALA D 1012 -42.33 -24.47 -44.47
N ASN D 1013 -41.61 -25.05 -45.42
CA ASN D 1013 -40.35 -25.72 -45.11
C ASN D 1013 -39.23 -24.75 -44.77
N TRP D 1014 -39.31 -23.52 -45.28
CA TRP D 1014 -38.28 -22.53 -45.01
C TRP D 1014 -38.17 -22.19 -43.54
N LEU D 1015 -39.26 -22.35 -42.80
CA LEU D 1015 -39.20 -22.14 -41.36
C LEU D 1015 -38.45 -23.27 -40.67
N VAL D 1016 -38.45 -24.47 -41.25
CA VAL D 1016 -37.64 -25.55 -40.68
C VAL D 1016 -36.16 -25.27 -40.90
N VAL D 1017 -35.81 -24.79 -42.09
CA VAL D 1017 -34.43 -24.41 -42.37
C VAL D 1017 -33.99 -23.24 -41.50
N LEU D 1018 -34.90 -22.31 -41.24
CA LEU D 1018 -34.56 -21.16 -40.41
C LEU D 1018 -34.44 -21.55 -38.94
N LEU D 1019 -35.18 -22.56 -38.50
CA LEU D 1019 -34.96 -23.05 -37.15
C LEU D 1019 -33.64 -23.81 -37.02
N LEU D 1020 -33.17 -24.40 -38.12
CA LEU D 1020 -31.89 -25.09 -38.07
C LEU D 1020 -30.74 -24.09 -37.94
N ILE D 1021 -30.88 -22.93 -38.56
CA ILE D 1021 -29.86 -21.89 -38.46
C ILE D 1021 -29.84 -21.30 -37.04
N VAL D 1022 -31.02 -21.05 -36.48
CA VAL D 1022 -31.09 -20.46 -35.14
C VAL D 1022 -30.59 -21.43 -34.08
N PHE D 1023 -30.88 -22.72 -34.25
CA PHE D 1023 -30.42 -23.72 -33.29
C PHE D 1023 -28.91 -23.85 -33.30
N LEU D 1024 -28.29 -23.88 -34.49
CA LEU D 1024 -26.83 -23.97 -34.54
C LEU D 1024 -26.17 -22.71 -34.01
N LEU D 1025 -26.83 -21.57 -34.13
CA LEU D 1025 -26.29 -20.34 -33.57
C LEU D 1025 -26.30 -20.36 -32.05
N VAL D 1026 -27.43 -20.69 -31.44
CA VAL D 1026 -27.52 -20.63 -29.99
C VAL D 1026 -26.73 -21.76 -29.35
N ALA D 1027 -26.87 -22.98 -29.86
CA ALA D 1027 -26.20 -24.12 -29.24
C ALA D 1027 -24.70 -24.08 -29.47
N ASN D 1028 -24.27 -24.03 -30.73
CA ASN D 1028 -22.85 -24.17 -31.02
C ASN D 1028 -22.05 -22.90 -30.87
N ILE D 1029 -22.64 -21.77 -30.47
CA ILE D 1029 -21.88 -20.55 -30.27
C ILE D 1029 -22.10 -19.97 -28.87
N LEU D 1030 -23.36 -19.75 -28.48
CA LEU D 1030 -23.61 -19.23 -27.15
C LEU D 1030 -23.26 -20.22 -26.06
N LEU D 1031 -23.85 -21.41 -26.11
CA LEU D 1031 -23.76 -22.31 -24.96
C LEU D 1031 -22.37 -22.90 -24.81
N LEU D 1032 -21.71 -23.23 -25.91
CA LEU D 1032 -20.39 -23.83 -25.78
C LEU D 1032 -19.35 -22.80 -25.38
N ASN D 1033 -19.40 -21.60 -25.95
CA ASN D 1033 -18.36 -20.65 -25.62
C ASN D 1033 -18.59 -20.00 -24.28
N LEU D 1034 -19.85 -19.92 -23.84
CA LEU D 1034 -20.09 -19.47 -22.48
C LEU D 1034 -19.71 -20.55 -21.47
N LEU D 1035 -19.68 -21.80 -21.90
CA LEU D 1035 -19.21 -22.84 -20.99
C LEU D 1035 -17.70 -22.81 -20.84
N ILE D 1036 -16.97 -22.47 -21.90
CA ILE D 1036 -15.53 -22.32 -21.80
C ILE D 1036 -15.17 -21.15 -20.90
N ALA D 1037 -15.95 -20.06 -20.98
CA ALA D 1037 -15.71 -18.91 -20.13
C ALA D 1037 -15.99 -19.22 -18.66
N MET D 1038 -16.99 -20.05 -18.38
CA MET D 1038 -17.25 -20.40 -16.99
C MET D 1038 -16.24 -21.40 -16.44
N PHE D 1039 -15.69 -22.26 -17.30
CA PHE D 1039 -14.62 -23.14 -16.82
C PHE D 1039 -13.34 -22.37 -16.57
N SER D 1040 -13.07 -21.32 -17.34
CA SER D 1040 -11.88 -20.51 -17.11
C SER D 1040 -12.01 -19.73 -15.81
N TYR D 1041 -13.18 -19.17 -15.55
CA TYR D 1041 -13.38 -18.41 -14.33
C TYR D 1041 -13.31 -19.29 -13.11
N THR D 1042 -13.99 -20.43 -13.13
CA THR D 1042 -14.04 -21.31 -11.97
C THR D 1042 -12.68 -21.91 -11.68
N PHE D 1043 -11.90 -22.21 -12.73
CA PHE D 1043 -10.60 -22.84 -12.52
C PHE D 1043 -9.63 -21.89 -11.83
N SER D 1044 -9.63 -20.61 -12.22
CA SER D 1044 -8.75 -19.69 -11.54
C SER D 1044 -9.26 -19.33 -10.15
N LYS D 1045 -10.56 -19.46 -9.90
CA LYS D 1045 -11.07 -19.17 -8.57
C LYS D 1045 -10.76 -20.28 -7.58
N VAL D 1046 -10.71 -21.53 -8.06
CA VAL D 1046 -10.66 -22.70 -7.19
C VAL D 1046 -9.25 -23.22 -6.97
N HIS D 1047 -8.31 -22.93 -7.90
CA HIS D 1047 -7.03 -23.63 -7.98
C HIS D 1047 -6.16 -23.51 -6.73
N GLY D 1048 -6.29 -22.42 -5.99
CA GLY D 1048 -5.56 -22.27 -4.74
C GLY D 1048 -6.00 -23.20 -3.64
N ASN D 1049 -7.31 -23.23 -3.38
CA ASN D 1049 -7.84 -24.10 -2.33
C ASN D 1049 -7.73 -25.57 -2.68
N SER D 1050 -7.74 -25.90 -3.97
CA SER D 1050 -7.59 -27.31 -4.31
C SER D 1050 -6.16 -27.78 -4.15
N ASP D 1051 -5.18 -26.89 -4.30
CA ASP D 1051 -3.81 -27.30 -3.98
C ASP D 1051 -3.60 -27.46 -2.48
N LEU D 1052 -4.19 -26.57 -1.66
CA LEU D 1052 -4.08 -26.74 -0.21
C LEU D 1052 -4.78 -28.00 0.26
N TYR D 1053 -5.94 -28.30 -0.33
CA TYR D 1053 -6.67 -29.48 0.11
C TYR D 1053 -5.98 -30.76 -0.32
N TRP D 1054 -5.31 -30.75 -1.47
CA TRP D 1054 -4.57 -31.94 -1.89
C TRP D 1054 -3.35 -32.16 -1.01
N LYS D 1055 -2.63 -31.08 -0.67
CA LYS D 1055 -1.45 -31.23 0.19
C LYS D 1055 -1.82 -31.64 1.60
N ALA D 1056 -3.05 -31.38 2.03
CA ALA D 1056 -3.47 -31.87 3.33
C ALA D 1056 -3.84 -33.34 3.29
N GLN D 1057 -4.55 -33.77 2.24
CA GLN D 1057 -4.97 -35.17 2.16
C GLN D 1057 -3.85 -36.12 1.79
N ARG D 1058 -2.71 -35.60 1.33
CA ARG D 1058 -1.66 -36.44 0.78
C ARG D 1058 -0.99 -37.27 1.87
N TYR D 1059 -1.03 -36.81 3.12
CA TYR D 1059 -0.51 -37.62 4.22
C TYR D 1059 -1.37 -38.85 4.46
N SER D 1060 -2.69 -38.69 4.39
CA SER D 1060 -3.59 -39.82 4.59
C SER D 1060 -3.43 -40.87 3.51
N LEU D 1061 -3.13 -40.44 2.29
CA LEU D 1061 -2.98 -41.40 1.21
C LEU D 1061 -1.70 -42.21 1.36
N ILE D 1062 -0.60 -41.55 1.76
CA ILE D 1062 0.66 -42.28 1.95
C ILE D 1062 0.56 -43.22 3.15
N ARG D 1063 -0.06 -42.76 4.22
CA ARG D 1063 -0.18 -43.57 5.43
C ARG D 1063 -1.05 -44.80 5.21
N GLU D 1064 -2.11 -44.70 4.41
CA GLU D 1064 -2.90 -45.89 4.18
C GLU D 1064 -2.26 -46.85 3.19
N PHE D 1065 -1.31 -46.40 2.36
CA PHE D 1065 -0.49 -47.37 1.64
C PHE D 1065 0.60 -47.97 2.51
N HIS D 1066 0.84 -47.41 3.69
CA HIS D 1066 1.83 -48.02 4.57
C HIS D 1066 1.21 -49.16 5.37
N SER D 1067 -0.06 -49.05 5.72
CA SER D 1067 -0.73 -50.05 6.56
C SER D 1067 -1.51 -51.02 5.67
N ARG D 1068 -0.79 -51.71 4.80
CA ARG D 1068 -1.37 -52.63 3.85
C ARG D 1068 -0.70 -54.00 3.98
N PRO D 1069 -1.38 -55.06 3.59
CA PRO D 1069 -0.68 -56.33 3.36
C PRO D 1069 0.22 -56.18 2.15
N ALA D 1070 1.49 -56.56 2.31
CA ALA D 1070 2.48 -56.30 1.27
C ALA D 1070 2.51 -57.40 0.21
N LEU D 1071 1.34 -57.75 -0.33
CA LEU D 1071 1.26 -58.70 -1.43
C LEU D 1071 0.19 -58.24 -2.42
N ALA D 1072 0.19 -58.90 -3.56
CA ALA D 1072 -0.72 -58.56 -4.65
C ALA D 1072 -2.11 -59.10 -4.34
N PRO D 1073 -3.15 -58.51 -4.94
CA PRO D 1073 -4.52 -59.06 -4.79
C PRO D 1073 -4.73 -60.48 -5.30
N PRO D 1074 -3.92 -61.02 -6.25
CA PRO D 1074 -4.00 -62.49 -6.39
C PRO D 1074 -3.25 -63.25 -5.31
N LEU D 1075 -2.44 -62.57 -4.49
CA LEU D 1075 -1.70 -63.25 -3.43
C LEU D 1075 -2.01 -62.72 -2.04
N ILE D 1076 -2.98 -61.81 -1.91
CA ILE D 1076 -3.35 -61.30 -0.59
C ILE D 1076 -4.05 -62.33 0.28
N ILE D 1077 -4.60 -63.39 -0.31
CA ILE D 1077 -5.42 -64.31 0.47
C ILE D 1077 -4.56 -65.12 1.44
N ILE D 1078 -3.29 -65.33 1.11
CA ILE D 1078 -2.41 -66.04 2.04
C ILE D 1078 -2.07 -65.16 3.23
N SER D 1079 -2.12 -63.83 3.07
CA SER D 1079 -1.95 -62.92 4.17
C SER D 1079 -3.25 -62.61 4.89
N HIS D 1080 -4.39 -62.80 4.22
CA HIS D 1080 -5.65 -62.75 4.96
C HIS D 1080 -5.83 -63.99 5.83
N VAL D 1081 -5.37 -65.15 5.39
CA VAL D 1081 -5.43 -66.34 6.22
C VAL D 1081 -4.40 -66.27 7.33
N ARG D 1082 -3.22 -65.70 7.03
CA ARG D 1082 -2.22 -65.42 8.07
C ARG D 1082 -2.77 -64.48 9.12
N LEU D 1083 -3.53 -63.46 8.70
CA LEU D 1083 -4.20 -62.57 9.63
C LEU D 1083 -5.31 -63.27 10.39
N LEU D 1084 -5.94 -64.28 9.78
CA LEU D 1084 -7.04 -64.98 10.41
C LEU D 1084 -6.57 -65.97 11.47
N ILE D 1085 -5.48 -66.71 11.20
CA ILE D 1085 -4.96 -67.62 12.22
C ILE D 1085 -4.27 -66.83 13.32
N LYS D 1086 -3.76 -65.64 13.00
CA LYS D 1086 -3.24 -64.75 14.03
C LYS D 1086 -4.39 -64.18 14.86
N TRP D 1087 -5.57 -64.06 14.28
CA TRP D 1087 -6.77 -63.74 15.06
C TRP D 1087 -7.22 -64.93 15.91
N LEU D 1088 -7.00 -66.15 15.43
CA LEU D 1088 -7.46 -67.34 16.15
C LEU D 1088 -6.50 -67.77 17.26
N ARG D 1089 -5.23 -67.34 17.23
CA ARG D 1089 -4.34 -67.69 18.33
C ARG D 1089 -4.62 -66.84 19.56
N ARG D 1090 -5.16 -65.65 19.37
CA ARG D 1090 -5.46 -64.77 20.50
C ARG D 1090 -6.72 -65.25 21.24
N LEU D 1112 13.80 -43.23 19.37
CA LEU D 1112 15.10 -42.64 19.67
C LEU D 1112 15.59 -43.08 21.03
N SER D 1113 16.74 -42.54 21.42
CA SER D 1113 17.29 -42.75 22.76
C SER D 1113 16.70 -41.71 23.69
N LYS D 1114 17.28 -41.58 24.89
CA LYS D 1114 16.84 -40.51 25.78
C LYS D 1114 17.73 -39.28 25.65
N GLU D 1115 19.03 -39.48 25.47
CA GLU D 1115 19.95 -38.36 25.39
C GLU D 1115 19.91 -37.63 24.05
N ALA D 1116 19.61 -38.35 22.96
CA ALA D 1116 19.36 -37.67 21.70
C ALA D 1116 18.07 -36.86 21.75
N GLU D 1117 17.10 -37.33 22.54
CA GLU D 1117 15.87 -36.57 22.74
C GLU D 1117 16.15 -35.28 23.49
N ARG D 1118 17.04 -35.32 24.48
CA ARG D 1118 17.38 -34.11 25.23
C ARG D 1118 18.14 -33.12 24.37
N LYS D 1119 19.08 -33.61 23.55
CA LYS D 1119 19.82 -32.72 22.67
C LYS D 1119 18.92 -32.13 21.59
N LEU D 1120 17.93 -32.91 21.14
CA LEU D 1120 16.97 -32.40 20.16
C LEU D 1120 16.12 -31.28 20.74
N LEU D 1121 15.62 -31.47 21.96
CA LEU D 1121 14.71 -30.47 22.52
C LEU D 1121 15.43 -29.20 22.91
N THR D 1122 16.69 -29.29 23.32
CA THR D 1122 17.44 -28.06 23.56
C THR D 1122 17.72 -27.32 22.27
N TRP D 1123 17.95 -28.05 21.17
CA TRP D 1123 18.16 -27.41 19.88
C TRP D 1123 16.92 -26.69 19.39
N GLU D 1124 15.75 -27.31 19.62
CA GLU D 1124 14.48 -26.66 19.30
C GLU D 1124 14.31 -25.38 20.08
N SER D 1125 14.61 -25.41 21.38
CA SER D 1125 14.35 -24.25 22.22
C SER D 1125 15.30 -23.10 21.92
N VAL D 1126 16.49 -23.39 21.41
CA VAL D 1126 17.40 -22.34 20.97
C VAL D 1126 16.80 -21.58 19.78
N HIS D 1127 16.32 -22.32 18.78
CA HIS D 1127 15.73 -21.66 17.62
C HIS D 1127 14.41 -20.97 17.95
N LYS D 1128 13.71 -21.46 18.97
CA LYS D 1128 12.56 -20.74 19.49
C LYS D 1128 12.94 -19.38 20.05
N GLU D 1129 14.05 -19.32 20.80
CA GLU D 1129 14.42 -18.07 21.44
C GLU D 1129 14.95 -17.06 20.45
N ASN D 1130 15.64 -17.52 19.41
CA ASN D 1130 16.09 -16.60 18.37
C ASN D 1130 14.93 -16.05 17.58
N PHE D 1131 13.89 -16.87 17.36
CA PHE D 1131 12.74 -16.40 16.63
C PHE D 1131 11.95 -15.37 17.41
N LEU D 1132 11.79 -15.56 18.71
CA LEU D 1132 11.05 -14.59 19.49
C LEU D 1132 11.82 -13.28 19.65
N LEU D 1133 13.15 -13.35 19.71
CA LEU D 1133 13.94 -12.12 19.78
C LEU D 1133 13.88 -11.37 18.46
N ALA D 1134 13.85 -12.09 17.34
CA ALA D 1134 13.77 -11.41 16.05
C ALA D 1134 12.41 -10.74 15.86
N GLN D 1135 11.33 -11.40 16.27
CA GLN D 1135 10.01 -10.83 16.12
C GLN D 1135 9.82 -9.62 17.04
N ALA D 1136 10.46 -9.64 18.20
CA ALA D 1136 10.36 -8.51 19.12
C ALA D 1136 11.06 -7.28 18.58
N ARG D 1137 12.25 -7.46 17.98
CA ARG D 1137 12.93 -6.32 17.36
C ARG D 1137 12.18 -5.81 16.15
N ASP D 1138 11.46 -6.68 15.45
CA ASP D 1138 10.75 -6.24 14.26
C ASP D 1138 9.49 -5.48 14.62
N LYS D 1139 8.89 -5.74 15.79
CA LYS D 1139 7.78 -4.89 16.19
C LYS D 1139 8.27 -3.56 16.72
N ARG D 1140 9.33 -3.57 17.54
CA ARG D 1140 9.76 -2.36 18.23
C ARG D 1140 10.34 -1.31 17.28
N ASP D 1141 11.01 -1.74 16.22
CA ASP D 1141 11.67 -0.82 15.32
C ASP D 1141 10.81 -0.38 14.16
N SER D 1142 9.49 -0.61 14.24
CA SER D 1142 8.59 -0.12 13.21
C SER D 1142 8.31 1.37 13.40
N ASP D 1143 7.57 1.95 12.47
CA ASP D 1143 7.32 3.38 12.54
C ASP D 1143 6.24 3.75 13.54
N SER D 1144 5.18 2.95 13.66
CA SER D 1144 4.09 3.31 14.55
C SER D 1144 4.49 3.19 16.02
N GLU D 1145 5.33 2.21 16.34
CA GLU D 1145 5.80 2.07 17.71
C GLU D 1145 6.77 3.18 18.07
N ARG D 1146 7.56 3.62 17.08
CA ARG D 1146 8.47 4.73 17.28
C ARG D 1146 7.70 6.04 17.44
N LEU D 1147 6.54 6.15 16.79
CA LEU D 1147 5.69 7.30 16.98
C LEU D 1147 5.04 7.29 18.37
N LYS D 1148 4.77 6.10 18.91
CA LYS D 1148 4.25 6.02 20.27
C LYS D 1148 5.30 6.44 21.29
N ARG D 1149 6.54 5.98 21.10
CA ARG D 1149 7.59 6.31 22.05
C ARG D 1149 7.94 7.78 22.01
N THR D 1150 7.90 8.38 20.82
CA THR D 1150 8.19 9.80 20.71
C THR D 1150 7.08 10.64 21.32
N SER D 1151 5.83 10.20 21.18
CA SER D 1151 4.71 10.92 21.78
C SER D 1151 4.78 10.88 23.30
N GLN D 1152 5.27 9.78 23.87
CA GLN D 1152 5.51 9.73 25.31
C GLN D 1152 6.63 10.67 25.72
N LYS D 1153 7.67 10.79 24.89
CA LYS D 1153 8.80 11.65 25.24
C LYS D 1153 8.42 13.12 25.21
N VAL D 1154 7.56 13.51 24.25
CA VAL D 1154 7.14 14.90 24.17
C VAL D 1154 6.21 15.25 25.32
N ASP D 1155 5.35 14.29 25.73
CA ASP D 1155 4.52 14.50 26.91
C ASP D 1155 5.36 14.63 28.17
N THR D 1156 6.49 13.92 28.23
CA THR D 1156 7.41 14.09 29.36
C THR D 1156 8.04 15.47 29.36
N ALA D 1157 8.43 15.98 28.18
CA ALA D 1157 9.02 17.31 28.12
C ALA D 1157 8.00 18.41 28.42
N LEU D 1158 6.72 18.16 28.12
CA LEU D 1158 5.69 19.10 28.53
C LEU D 1158 5.49 19.10 30.03
N LYS D 1159 5.69 17.95 30.67
CA LYS D 1159 5.64 17.92 32.13
C LYS D 1159 6.82 18.64 32.73
N GLN D 1160 7.98 18.60 32.07
CA GLN D 1160 9.17 19.25 32.61
C GLN D 1160 9.11 20.76 32.46
N LEU D 1161 8.58 21.25 31.34
CA LEU D 1161 8.50 22.69 31.15
C LEU D 1161 7.48 23.34 32.07
N GLY D 1162 6.45 22.59 32.46
CA GLY D 1162 5.42 23.15 33.32
C GLY D 1162 5.89 23.43 34.72
N GLN D 1163 6.86 22.66 35.22
CA GLN D 1163 7.38 22.90 36.56
C GLN D 1163 8.21 24.18 36.60
N ILE D 1164 9.07 24.39 35.61
CA ILE D 1164 9.94 25.56 35.63
C ILE D 1164 9.20 26.85 35.28
N ARG D 1165 7.99 26.75 34.72
CA ARG D 1165 7.24 27.95 34.37
C ARG D 1165 6.72 28.65 35.62
N GLU D 1166 6.16 27.88 36.56
CA GLU D 1166 5.58 28.48 37.76
C GLU D 1166 6.59 28.58 38.90
N TYR D 1167 7.48 27.59 39.04
CA TYR D 1167 8.35 27.56 40.21
C TYR D 1167 9.44 28.62 40.13
N ASP D 1168 9.85 28.97 38.91
CA ASP D 1168 10.81 30.07 38.78
C ASP D 1168 10.14 31.42 39.02
N ARG D 1169 8.82 31.50 38.82
CA ARG D 1169 8.12 32.76 39.03
C ARG D 1169 8.06 33.11 40.51
N ARG D 1170 7.93 32.11 41.37
CA ARG D 1170 8.05 32.35 42.80
C ARG D 1170 9.48 32.68 43.18
N LEU D 1171 10.43 31.99 42.56
CA LEU D 1171 11.84 32.17 42.93
C LEU D 1171 12.37 33.52 42.44
N ARG D 1172 11.86 34.00 41.29
CA ARG D 1172 12.21 35.34 40.86
C ARG D 1172 11.55 36.39 41.75
N GLY D 1173 10.38 36.08 42.29
CA GLY D 1173 9.75 36.98 43.25
C GLY D 1173 10.51 36.98 44.57
N LEU D 1174 11.08 35.84 44.95
CA LEU D 1174 11.79 35.74 46.21
C LEU D 1174 13.09 36.53 46.17
N GLU D 1175 13.83 36.44 45.06
CA GLU D 1175 15.01 37.29 44.90
C GLU D 1175 14.62 38.74 44.77
N ARG D 1176 13.45 39.02 44.20
CA ARG D 1176 12.96 40.39 44.18
C ARG D 1176 12.51 40.84 45.56
N GLU D 1177 12.04 39.89 46.38
CA GLU D 1177 11.62 40.23 47.74
C GLU D 1177 12.80 40.63 48.60
N VAL D 1178 13.96 40.01 48.38
CA VAL D 1178 15.15 40.42 49.11
C VAL D 1178 15.70 41.73 48.58
N GLN D 1179 15.71 41.89 47.26
CA GLN D 1179 16.32 43.07 46.65
C GLN D 1179 15.49 44.32 46.87
N HIS D 1180 14.21 44.16 47.20
CA HIS D 1180 13.37 45.31 47.49
C HIS D 1180 13.81 46.00 48.78
N CYS D 1181 14.03 45.20 49.84
CA CYS D 1181 14.39 45.79 51.13
C CYS D 1181 15.90 46.01 51.24
N SER D 1182 16.68 45.31 50.40
CA SER D 1182 18.12 45.50 50.44
C SER D 1182 18.52 46.87 49.92
N ARG D 1183 17.75 47.42 48.98
CA ARG D 1183 18.02 48.78 48.52
C ARG D 1183 17.55 49.81 49.54
N VAL D 1184 16.44 49.54 50.22
CA VAL D 1184 15.96 50.46 51.25
C VAL D 1184 16.86 50.41 52.48
N LEU D 1185 17.41 49.25 52.79
CA LEU D 1185 18.42 49.19 53.83
C LEU D 1185 19.70 49.88 53.38
N THR D 1186 20.03 49.79 52.09
CA THR D 1186 21.10 50.59 51.55
C THR D 1186 20.73 52.06 51.58
N TRP D 1187 19.45 52.38 51.39
CA TRP D 1187 18.99 53.74 51.64
C TRP D 1187 18.98 54.05 53.13
N MET D 1188 18.74 53.05 53.98
CA MET D 1188 18.89 53.26 55.41
C MET D 1188 20.36 53.37 55.79
N ALA D 1189 21.24 52.69 55.07
CA ALA D 1189 22.66 53.00 55.16
C ALA D 1189 22.96 54.37 54.58
N GLU D 1190 22.22 54.77 53.53
CA GLU D 1190 22.33 56.14 53.05
C GLU D 1190 21.64 57.10 53.99
N ALA D 1191 20.67 56.63 54.77
CA ALA D 1191 20.13 57.45 55.85
C ALA D 1191 21.16 57.61 56.96
N LEU D 1192 22.06 56.64 57.11
CA LEU D 1192 23.19 56.79 58.01
C LEU D 1192 24.34 57.57 57.36
N SER D 1193 24.27 57.82 56.07
CA SER D 1193 25.29 58.59 55.37
C SER D 1193 24.94 60.07 55.38
#